data_2AQ0
#
_entry.id   2AQ0
#
_entity_poly.entity_id   1
_entity_poly.type   'polypeptide(L)'
_entity_poly.pdbx_seq_one_letter_code
;MDSETLPESEKYNPGPQDFLLKMPGVNAKNCRSLMHHVKNIAELAALSQDELTSILGNAANAKQLYDFIHTSFAEVVSKG
KGKK
;
_entity_poly.pdbx_strand_id   A,B
#
# COMPACT_ATOMS: atom_id res chain seq x y z
N MET A 1 4.22 -15.83 -8.58
CA MET A 1 4.39 -17.27 -8.80
C MET A 1 5.48 -17.54 -9.84
N ASP A 2 6.29 -16.54 -10.13
CA ASP A 2 7.37 -16.67 -11.06
C ASP A 2 8.62 -17.03 -10.28
N SER A 3 9.74 -17.16 -10.96
CA SER A 3 11.00 -17.57 -10.36
C SER A 3 11.45 -16.62 -9.23
N GLU A 4 11.10 -15.36 -9.32
CA GLU A 4 11.48 -14.37 -8.33
C GLU A 4 10.55 -14.38 -7.11
N THR A 5 9.32 -14.77 -7.31
CA THR A 5 8.37 -14.77 -6.22
C THR A 5 8.33 -16.08 -5.47
N LEU A 6 8.83 -17.12 -6.10
CA LEU A 6 8.96 -18.43 -5.46
C LEU A 6 10.19 -18.46 -4.55
N PRO A 7 9.99 -18.46 -3.22
CA PRO A 7 11.07 -18.45 -2.27
C PRO A 7 11.69 -19.83 -2.05
N GLU A 8 12.97 -19.97 -2.37
CA GLU A 8 13.66 -21.25 -2.19
C GLU A 8 13.74 -21.61 -0.70
N SER A 9 14.35 -20.71 0.04
CA SER A 9 14.60 -20.87 1.45
C SER A 9 13.31 -20.79 2.26
N GLU A 10 12.33 -20.07 1.72
CA GLU A 10 11.01 -19.90 2.30
C GLU A 10 11.05 -19.40 3.76
N LYS A 11 11.31 -18.13 3.85
CA LYS A 11 11.34 -17.40 5.09
C LYS A 11 10.05 -16.66 5.27
N TYR A 12 9.60 -16.00 4.18
CA TYR A 12 8.41 -15.15 4.22
C TYR A 12 8.69 -13.93 5.06
N ASN A 13 9.07 -12.88 4.38
CA ASN A 13 9.48 -11.64 5.00
C ASN A 13 8.29 -10.95 5.67
N PRO A 14 8.39 -10.74 7.01
CA PRO A 14 7.32 -10.13 7.82
C PRO A 14 7.19 -8.63 7.59
N GLY A 15 7.84 -8.14 6.62
CA GLY A 15 7.65 -6.80 6.20
C GLY A 15 6.40 -6.72 5.33
N PRO A 16 6.51 -7.06 4.04
CA PRO A 16 5.39 -7.03 3.09
C PRO A 16 4.23 -8.03 3.44
N GLN A 17 4.56 -9.23 3.93
CA GLN A 17 3.52 -10.23 4.30
C GLN A 17 2.64 -9.70 5.42
N ASP A 18 3.29 -9.30 6.48
CA ASP A 18 2.65 -8.71 7.66
C ASP A 18 1.91 -7.44 7.30
N PHE A 19 2.43 -6.76 6.27
CA PHE A 19 1.86 -5.51 5.80
C PHE A 19 0.45 -5.76 5.28
N LEU A 20 0.25 -6.93 4.70
CA LEU A 20 -1.06 -7.35 4.25
C LEU A 20 -1.96 -7.67 5.42
N LEU A 21 -1.46 -8.50 6.32
CA LEU A 21 -2.26 -9.02 7.44
C LEU A 21 -2.78 -7.92 8.38
N LYS A 22 -2.23 -6.74 8.29
CA LYS A 22 -2.65 -5.65 9.12
C LYS A 22 -3.68 -4.79 8.41
N MET A 23 -3.91 -5.07 7.14
CA MET A 23 -4.84 -4.30 6.36
C MET A 23 -6.26 -4.80 6.63
N PRO A 24 -7.24 -3.89 6.75
CA PRO A 24 -8.64 -4.27 6.91
C PRO A 24 -9.14 -5.00 5.66
N GLY A 25 -9.58 -6.23 5.84
CA GLY A 25 -10.03 -7.01 4.72
C GLY A 25 -9.12 -8.18 4.48
N VAL A 26 -8.06 -8.27 5.23
CA VAL A 26 -7.10 -9.32 5.05
C VAL A 26 -7.11 -10.29 6.23
N ASN A 27 -7.06 -11.57 5.89
CA ASN A 27 -6.92 -12.68 6.82
C ASN A 27 -5.83 -13.50 6.24
N ALA A 28 -5.26 -14.40 7.00
CA ALA A 28 -4.16 -15.21 6.52
C ALA A 28 -4.57 -16.09 5.34
N LYS A 29 -5.84 -16.51 5.32
CA LYS A 29 -6.30 -17.38 4.25
C LYS A 29 -6.30 -16.65 2.92
N ASN A 30 -6.76 -15.45 2.95
CA ASN A 30 -6.88 -14.69 1.75
C ASN A 30 -5.63 -13.89 1.48
N CYS A 31 -4.76 -13.85 2.45
CA CYS A 31 -3.44 -13.27 2.31
C CYS A 31 -2.57 -14.21 1.48
N ARG A 32 -2.64 -15.50 1.76
CA ARG A 32 -1.83 -16.47 1.05
C ARG A 32 -2.29 -16.61 -0.38
N SER A 33 -3.59 -16.63 -0.58
CA SER A 33 -4.13 -16.69 -1.91
C SER A 33 -3.78 -15.40 -2.66
N LEU A 34 -3.79 -14.31 -1.91
CA LEU A 34 -3.47 -12.99 -2.44
C LEU A 34 -2.04 -13.00 -2.89
N MET A 35 -1.25 -13.58 -2.07
CA MET A 35 0.19 -13.63 -2.20
C MET A 35 0.58 -14.36 -3.47
N HIS A 36 -0.27 -15.28 -3.86
CA HIS A 36 -0.08 -16.01 -5.08
C HIS A 36 -0.68 -15.27 -6.28
N HIS A 37 -1.62 -14.36 -6.03
CA HIS A 37 -2.29 -13.66 -7.14
C HIS A 37 -1.82 -12.22 -7.32
N VAL A 38 -0.97 -11.74 -6.45
CA VAL A 38 -0.48 -10.39 -6.54
C VAL A 38 1.01 -10.38 -6.23
N LYS A 39 1.70 -9.34 -6.66
CA LYS A 39 3.12 -9.20 -6.40
C LYS A 39 3.33 -8.61 -5.04
N ASN A 40 2.91 -7.38 -4.87
CA ASN A 40 3.00 -6.65 -3.65
C ASN A 40 2.06 -5.45 -3.78
N ILE A 41 2.15 -4.55 -2.81
CA ILE A 41 1.44 -3.27 -2.69
C ILE A 41 1.02 -2.66 -4.02
N ALA A 42 1.99 -2.44 -4.95
CA ALA A 42 1.67 -1.82 -6.26
C ALA A 42 0.55 -2.52 -7.01
N GLU A 43 0.68 -3.81 -7.18
CA GLU A 43 -0.29 -4.56 -7.92
C GLU A 43 -1.54 -4.74 -7.09
N LEU A 44 -1.38 -4.83 -5.78
CA LEU A 44 -2.50 -4.93 -4.86
C LEU A 44 -3.41 -3.72 -4.99
N ALA A 45 -2.82 -2.55 -5.07
CA ALA A 45 -3.55 -1.32 -5.20
C ALA A 45 -3.99 -1.11 -6.63
N ALA A 46 -3.39 -1.85 -7.54
CA ALA A 46 -3.74 -1.77 -8.94
C ALA A 46 -4.93 -2.68 -9.24
N LEU A 47 -5.13 -3.67 -8.38
CA LEU A 47 -6.21 -4.60 -8.53
C LEU A 47 -7.58 -3.95 -8.24
N SER A 48 -8.58 -4.37 -8.99
CA SER A 48 -9.94 -3.91 -8.78
C SER A 48 -10.55 -4.68 -7.61
N GLN A 49 -11.62 -4.14 -7.02
CA GLN A 49 -12.27 -4.77 -5.88
C GLN A 49 -12.74 -6.16 -6.26
N ASP A 50 -13.23 -6.28 -7.48
CA ASP A 50 -13.76 -7.55 -7.99
C ASP A 50 -12.67 -8.62 -8.06
N GLU A 51 -11.44 -8.20 -8.26
CA GLU A 51 -10.33 -9.12 -8.33
C GLU A 51 -10.05 -9.62 -6.92
N LEU A 52 -10.18 -8.70 -5.98
CA LEU A 52 -10.01 -9.01 -4.57
C LEU A 52 -11.09 -9.98 -4.14
N THR A 53 -12.31 -9.77 -4.59
CA THR A 53 -13.40 -10.67 -4.28
C THR A 53 -13.11 -12.08 -4.81
N SER A 54 -12.42 -12.16 -5.92
CA SER A 54 -12.08 -13.44 -6.50
C SER A 54 -10.97 -14.13 -5.66
N ILE A 55 -10.00 -13.35 -5.24
CA ILE A 55 -8.87 -13.83 -4.47
C ILE A 55 -9.26 -14.19 -3.03
N LEU A 56 -9.93 -13.27 -2.38
CA LEU A 56 -10.29 -13.42 -0.99
C LEU A 56 -11.51 -14.31 -0.88
N GLY A 57 -12.39 -14.18 -1.85
CA GLY A 57 -13.59 -14.97 -1.93
C GLY A 57 -14.76 -14.35 -1.22
N ASN A 58 -14.59 -13.12 -0.75
CA ASN A 58 -15.67 -12.41 -0.06
C ASN A 58 -15.62 -10.99 -0.48
N ALA A 59 -16.77 -10.43 -0.80
CA ALA A 59 -16.87 -9.04 -1.19
C ALA A 59 -16.64 -8.15 0.00
N ALA A 60 -16.86 -8.69 1.19
CA ALA A 60 -16.66 -7.96 2.43
C ALA A 60 -15.21 -7.58 2.55
N ASN A 61 -14.36 -8.59 2.52
CA ASN A 61 -12.92 -8.43 2.63
C ASN A 61 -12.41 -7.54 1.51
N ALA A 62 -12.94 -7.78 0.31
CA ALA A 62 -12.54 -7.07 -0.89
C ALA A 62 -12.87 -5.61 -0.79
N LYS A 63 -14.06 -5.30 -0.27
CA LYS A 63 -14.50 -3.94 -0.19
C LYS A 63 -13.71 -3.23 0.85
N GLN A 64 -13.49 -3.89 1.97
CA GLN A 64 -12.73 -3.35 3.07
C GLN A 64 -11.33 -2.95 2.64
N LEU A 65 -10.71 -3.85 1.91
CA LEU A 65 -9.36 -3.65 1.44
C LEU A 65 -9.32 -2.59 0.34
N TYR A 66 -10.16 -2.75 -0.69
CA TYR A 66 -10.23 -1.81 -1.82
C TYR A 66 -10.49 -0.38 -1.35
N ASP A 67 -11.39 -0.26 -0.40
CA ASP A 67 -11.76 1.02 0.18
C ASP A 67 -10.61 1.62 0.96
N PHE A 68 -9.88 0.78 1.69
CA PHE A 68 -8.73 1.23 2.46
C PHE A 68 -7.63 1.74 1.53
N ILE A 69 -7.51 1.10 0.39
CA ILE A 69 -6.54 1.45 -0.66
C ILE A 69 -6.88 2.82 -1.31
N HIS A 70 -8.15 3.14 -1.37
CA HIS A 70 -8.61 4.38 -2.00
C HIS A 70 -8.99 5.52 -1.02
N THR A 71 -9.07 5.23 0.26
CA THR A 71 -9.41 6.24 1.26
C THR A 71 -8.26 7.22 1.52
N SER A 72 -8.36 8.41 0.91
CA SER A 72 -7.36 9.46 1.04
C SER A 72 -7.12 9.82 2.51
N PHE A 73 -5.91 10.27 2.79
CA PHE A 73 -5.50 10.66 4.14
C PHE A 73 -6.34 11.86 4.59
N ALA A 74 -6.87 12.58 3.61
CA ALA A 74 -7.71 13.73 3.86
C ALA A 74 -9.12 13.51 3.27
N GLU A 75 -9.61 12.27 3.33
CA GLU A 75 -11.00 11.99 2.90
C GLU A 75 -11.97 11.97 4.08
N VAL A 76 -11.80 10.97 4.94
CA VAL A 76 -12.72 10.71 6.08
C VAL A 76 -12.57 11.80 7.16
N VAL A 77 -11.56 12.61 6.97
CA VAL A 77 -11.30 13.71 7.77
C VAL A 77 -12.46 14.75 7.67
N SER A 78 -13.18 14.71 6.58
CA SER A 78 -14.31 15.53 6.38
C SER A 78 -15.52 14.69 6.68
N LYS A 79 -16.60 15.32 7.02
CA LYS A 79 -17.75 14.58 7.49
C LYS A 79 -18.73 14.36 6.35
N GLY A 80 -18.66 15.22 5.38
CA GLY A 80 -19.50 15.06 4.23
C GLY A 80 -20.01 16.38 3.77
N LYS A 81 -19.13 17.14 3.17
CA LYS A 81 -19.51 18.41 2.60
C LYS A 81 -20.24 18.13 1.31
N GLY A 82 -19.69 17.21 0.57
CA GLY A 82 -20.35 16.70 -0.59
C GLY A 82 -20.96 15.39 -0.19
N LYS A 83 -22.20 15.43 0.22
CA LYS A 83 -22.88 14.26 0.76
C LYS A 83 -23.12 13.18 -0.26
N LYS A 84 -22.44 12.08 -0.09
CA LYS A 84 -22.61 10.93 -0.91
C LYS A 84 -23.50 9.98 -0.13
N MET B 1 -5.68 19.41 -4.81
CA MET B 1 -6.30 20.23 -3.78
C MET B 1 -7.51 20.93 -4.32
N ASP B 2 -8.57 20.90 -3.54
CA ASP B 2 -9.84 21.50 -3.90
C ASP B 2 -10.64 21.51 -2.60
N SER B 3 -11.92 21.80 -2.66
CA SER B 3 -12.79 21.80 -1.50
C SER B 3 -12.87 20.37 -0.95
N GLU B 4 -12.66 19.42 -1.86
CA GLU B 4 -12.65 17.99 -1.58
C GLU B 4 -11.67 17.64 -0.47
N THR B 5 -10.44 18.07 -0.66
CA THR B 5 -9.35 17.76 0.21
C THR B 5 -9.40 18.55 1.52
N LEU B 6 -10.12 19.66 1.52
CA LEU B 6 -10.19 20.51 2.70
C LEU B 6 -10.97 19.83 3.82
N PRO B 7 -10.28 19.50 4.91
CA PRO B 7 -10.86 18.77 6.01
C PRO B 7 -11.81 19.61 6.84
N GLU B 8 -13.03 19.14 6.96
CA GLU B 8 -14.02 19.85 7.74
C GLU B 8 -13.70 19.75 9.22
N SER B 9 -13.56 18.53 9.70
CA SER B 9 -13.32 18.30 11.11
C SER B 9 -11.83 18.54 11.45
N GLU B 10 -10.97 18.40 10.43
CA GLU B 10 -9.50 18.48 10.58
C GLU B 10 -9.08 17.50 11.65
N LYS B 11 -9.38 16.28 11.37
CA LYS B 11 -9.12 15.17 12.21
C LYS B 11 -7.84 14.48 11.82
N TYR B 12 -7.58 14.49 10.51
CA TYR B 12 -6.51 13.73 9.90
C TYR B 12 -6.53 12.29 10.33
N ASN B 13 -7.33 11.52 9.63
CA ASN B 13 -7.56 10.12 9.92
C ASN B 13 -6.27 9.33 9.95
N PRO B 14 -5.87 8.89 11.17
CA PRO B 14 -4.57 8.28 11.44
C PRO B 14 -4.28 7.03 10.63
N GLY B 15 -5.29 6.22 10.38
CA GLY B 15 -5.15 4.93 9.66
C GLY B 15 -4.20 4.99 8.46
N PRO B 16 -4.59 5.62 7.35
CA PRO B 16 -3.73 5.72 6.15
C PRO B 16 -2.53 6.70 6.36
N GLN B 17 -2.71 7.70 7.21
CA GLN B 17 -1.67 8.71 7.51
C GLN B 17 -0.45 8.00 8.14
N ASP B 18 -0.75 7.27 9.17
CA ASP B 18 0.22 6.48 9.93
C ASP B 18 0.74 5.35 9.08
N PHE B 19 -0.09 4.91 8.14
CA PHE B 19 0.24 3.80 7.26
C PHE B 19 1.44 4.17 6.42
N LEU B 20 1.51 5.43 6.04
CA LEU B 20 2.63 5.97 5.31
C LEU B 20 3.83 6.06 6.20
N LEU B 21 3.65 6.68 7.36
CA LEU B 21 4.73 6.98 8.30
C LEU B 21 5.50 5.74 8.76
N LYS B 22 4.91 4.59 8.65
CA LYS B 22 5.56 3.38 9.06
C LYS B 22 6.35 2.74 7.93
N MET B 23 6.17 3.24 6.73
CA MET B 23 6.81 2.69 5.57
C MET B 23 8.27 3.14 5.53
N PRO B 24 9.21 2.25 5.16
CA PRO B 24 10.61 2.62 5.02
C PRO B 24 10.79 3.61 3.88
N GLY B 25 11.23 4.79 4.20
CA GLY B 25 11.37 5.81 3.23
C GLY B 25 10.43 6.96 3.51
N VAL B 26 9.62 6.80 4.51
CA VAL B 26 8.66 7.84 4.86
C VAL B 26 8.95 8.46 6.22
N ASN B 27 8.97 9.78 6.23
CA ASN B 27 9.11 10.59 7.43
C ASN B 27 8.02 11.58 7.38
N ALA B 28 7.69 12.21 8.49
CA ALA B 28 6.59 13.15 8.57
C ALA B 28 6.71 14.29 7.58
N LYS B 29 7.94 14.69 7.27
CA LYS B 29 8.13 15.85 6.41
C LYS B 29 7.77 15.50 4.96
N ASN B 30 8.16 14.33 4.57
CA ASN B 30 7.95 13.90 3.24
C ASN B 30 6.62 13.20 3.10
N CYS B 31 6.05 12.85 4.22
CA CYS B 31 4.71 12.29 4.30
C CYS B 31 3.70 13.37 4.05
N ARG B 32 3.87 14.52 4.68
CA ARG B 32 2.94 15.63 4.48
C ARG B 32 2.99 16.11 3.04
N SER B 33 4.19 16.18 2.52
CA SER B 33 4.39 16.52 1.14
C SER B 33 3.71 15.45 0.23
N LEU B 34 3.86 14.19 0.63
CA LEU B 34 3.30 13.07 -0.11
C LEU B 34 1.80 13.15 -0.09
N MET B 35 1.30 13.48 1.03
CA MET B 35 -0.12 13.59 1.33
C MET B 35 -0.78 14.62 0.45
N HIS B 36 0.00 15.61 0.07
CA HIS B 36 -0.48 16.65 -0.83
C HIS B 36 -0.34 16.22 -2.30
N HIS B 37 0.52 15.25 -2.56
CA HIS B 37 0.73 14.79 -3.96
C HIS B 37 0.06 13.45 -4.25
N VAL B 38 -0.39 12.79 -3.22
CA VAL B 38 -0.92 11.44 -3.33
C VAL B 38 -2.29 11.37 -2.67
N LYS B 39 -3.22 10.71 -3.34
CA LYS B 39 -4.55 10.47 -2.83
C LYS B 39 -4.46 9.56 -1.61
N ASN B 40 -4.01 8.36 -1.85
CA ASN B 40 -3.79 7.37 -0.86
C ASN B 40 -2.90 6.31 -1.50
N ILE B 41 -2.71 5.21 -0.78
CA ILE B 41 -1.96 4.00 -1.15
C ILE B 41 -1.89 3.77 -2.66
N ALA B 42 -3.05 3.74 -3.34
CA ALA B 42 -3.11 3.49 -4.79
C ALA B 42 -2.19 4.41 -5.61
N GLU B 43 -2.25 5.71 -5.36
CA GLU B 43 -1.42 6.68 -6.08
C GLU B 43 0.01 6.56 -5.66
N LEU B 44 0.24 6.24 -4.40
CA LEU B 44 1.59 6.06 -3.89
C LEU B 44 2.26 4.91 -4.60
N ALA B 45 1.54 3.82 -4.70
CA ALA B 45 2.04 2.65 -5.34
C ALA B 45 2.04 2.78 -6.85
N ALA B 46 1.36 3.80 -7.34
CA ALA B 46 1.31 4.09 -8.75
C ALA B 46 2.45 5.02 -9.14
N LEU B 47 2.96 5.75 -8.17
CA LEU B 47 4.03 6.67 -8.44
C LEU B 47 5.39 5.98 -8.58
N SER B 48 6.23 6.54 -9.42
CA SER B 48 7.55 6.04 -9.66
C SER B 48 8.55 6.67 -8.67
N GLN B 49 9.79 6.15 -8.63
CA GLN B 49 10.81 6.61 -7.70
C GLN B 49 11.18 8.05 -8.03
N ASP B 50 11.02 8.41 -9.30
CA ASP B 50 11.24 9.78 -9.79
C ASP B 50 10.36 10.73 -9.05
N GLU B 51 9.11 10.35 -8.94
CA GLU B 51 8.09 11.16 -8.31
C GLU B 51 8.35 11.24 -6.83
N LEU B 52 8.74 10.11 -6.24
CA LEU B 52 9.05 10.06 -4.82
C LEU B 52 10.23 10.98 -4.50
N THR B 53 11.25 10.98 -5.35
CA THR B 53 12.42 11.85 -5.13
C THR B 53 12.00 13.32 -5.23
N SER B 54 11.00 13.59 -6.03
CA SER B 54 10.50 14.95 -6.18
C SER B 54 9.73 15.36 -4.91
N ILE B 55 8.85 14.48 -4.46
CA ILE B 55 8.00 14.71 -3.32
C ILE B 55 8.78 14.70 -2.01
N LEU B 56 9.55 13.64 -1.81
CA LEU B 56 10.26 13.46 -0.56
C LEU B 56 11.50 14.31 -0.56
N GLY B 57 12.00 14.57 -1.75
CA GLY B 57 13.16 15.41 -1.94
C GLY B 57 14.45 14.67 -1.67
N ASN B 58 14.32 13.40 -1.36
CA ASN B 58 15.48 12.58 -1.04
C ASN B 58 15.43 11.37 -1.89
N ALA B 59 16.54 11.01 -2.46
CA ALA B 59 16.64 9.80 -3.25
C ALA B 59 16.66 8.61 -2.32
N ALA B 60 17.12 8.82 -1.09
CA ALA B 60 17.25 7.75 -0.12
C ALA B 60 15.89 7.25 0.25
N ASN B 61 15.03 8.18 0.57
CA ASN B 61 13.67 7.88 0.97
C ASN B 61 12.90 7.30 -0.18
N ALA B 62 13.11 7.88 -1.36
CA ALA B 62 12.45 7.47 -2.57
C ALA B 62 12.80 6.04 -2.93
N LYS B 63 14.06 5.71 -2.81
CA LYS B 63 14.53 4.40 -3.18
C LYS B 63 14.04 3.36 -2.18
N GLN B 64 14.04 3.72 -0.91
CA GLN B 64 13.58 2.82 0.15
C GLN B 64 12.10 2.51 -0.01
N LEU B 65 11.33 3.53 -0.31
CA LEU B 65 9.91 3.40 -0.45
C LEU B 65 9.55 2.68 -1.75
N TYR B 66 10.22 3.07 -2.84
CA TYR B 66 9.99 2.46 -4.15
C TYR B 66 10.24 0.97 -4.10
N ASP B 67 11.33 0.60 -3.44
CA ASP B 67 11.70 -0.80 -3.22
C ASP B 67 10.60 -1.51 -2.46
N PHE B 68 10.16 -0.91 -1.37
CA PHE B 68 9.14 -1.50 -0.51
C PHE B 68 7.82 -1.71 -1.26
N ILE B 69 7.44 -0.75 -2.09
CA ILE B 69 6.22 -0.82 -2.91
C ILE B 69 6.28 -1.96 -3.96
N HIS B 70 7.46 -2.22 -4.46
CA HIS B 70 7.64 -3.16 -5.57
C HIS B 70 8.35 -4.46 -5.18
N THR B 71 8.43 -4.76 -3.93
CA THR B 71 9.03 -6.00 -3.50
C THR B 71 7.97 -6.97 -3.00
N SER B 72 7.77 -8.06 -3.74
CA SER B 72 6.82 -9.08 -3.36
C SER B 72 7.09 -9.59 -1.95
N PHE B 73 6.04 -10.08 -1.35
CA PHE B 73 6.02 -10.60 0.02
C PHE B 73 7.13 -11.65 0.25
N ALA B 74 7.49 -12.36 -0.78
CA ALA B 74 8.50 -13.38 -0.65
C ALA B 74 9.74 -13.09 -1.48
N GLU B 75 9.79 -11.92 -2.09
CA GLU B 75 10.87 -11.57 -3.03
C GLU B 75 12.22 -11.39 -2.35
N VAL B 76 12.22 -10.90 -1.12
CA VAL B 76 13.49 -10.71 -0.41
C VAL B 76 14.02 -12.08 0.04
N VAL B 77 13.10 -13.01 0.17
CA VAL B 77 13.34 -14.29 0.64
C VAL B 77 13.87 -15.18 -0.50
N SER B 78 13.41 -14.89 -1.68
CA SER B 78 13.84 -15.53 -2.87
C SER B 78 15.31 -15.25 -3.14
N LYS B 79 16.10 -16.29 -3.06
CA LYS B 79 17.52 -16.21 -3.32
C LYS B 79 17.76 -16.42 -4.82
N GLY B 80 16.70 -16.67 -5.54
CA GLY B 80 16.78 -16.82 -6.95
C GLY B 80 16.94 -15.48 -7.65
N LYS B 81 16.48 -14.42 -7.04
CA LYS B 81 16.59 -13.11 -7.65
C LYS B 81 17.76 -12.31 -7.10
N GLY B 82 18.00 -12.42 -5.82
CA GLY B 82 19.02 -11.63 -5.20
C GLY B 82 19.77 -12.40 -4.16
N LYS B 83 20.59 -11.68 -3.40
CA LYS B 83 21.42 -12.23 -2.33
C LYS B 83 22.52 -13.14 -2.89
N LYS B 84 23.10 -13.94 -2.04
CA LYS B 84 24.13 -14.86 -2.42
C LYS B 84 23.64 -16.24 -2.08
N MET A 1 6.11 -10.84 -11.30
CA MET A 1 6.36 -12.04 -10.50
C MET A 1 7.11 -13.00 -11.36
N ASP A 2 8.11 -13.63 -10.80
CA ASP A 2 8.98 -14.54 -11.55
C ASP A 2 9.27 -15.71 -10.68
N SER A 3 10.29 -16.47 -11.07
CA SER A 3 10.77 -17.58 -10.29
C SER A 3 11.30 -17.06 -8.93
N GLU A 4 11.68 -15.77 -8.91
CA GLU A 4 12.13 -15.08 -7.70
C GLU A 4 11.03 -15.10 -6.63
N THR A 5 9.79 -15.09 -7.07
CA THR A 5 8.66 -15.04 -6.19
C THR A 5 8.18 -16.47 -5.84
N LEU A 6 8.86 -17.46 -6.36
CA LEU A 6 8.53 -18.83 -6.06
C LEU A 6 9.45 -19.29 -4.96
N PRO A 7 8.94 -19.30 -3.72
CA PRO A 7 9.75 -19.54 -2.55
C PRO A 7 10.27 -20.96 -2.45
N GLU A 8 11.52 -21.13 -2.84
CA GLU A 8 12.20 -22.40 -2.77
C GLU A 8 12.34 -22.84 -1.31
N SER A 9 12.84 -21.93 -0.52
CA SER A 9 13.12 -22.15 0.87
C SER A 9 11.90 -21.88 1.77
N GLU A 10 11.05 -20.98 1.29
CA GLU A 10 9.88 -20.52 2.04
C GLU A 10 10.31 -19.77 3.29
N LYS A 11 10.82 -18.60 3.07
CA LYS A 11 11.25 -17.75 4.14
C LYS A 11 10.10 -16.90 4.62
N TYR A 12 9.46 -16.15 3.69
CA TYR A 12 8.32 -15.31 4.02
C TYR A 12 8.74 -14.16 4.91
N ASN A 13 9.10 -13.10 4.24
CA ASN A 13 9.60 -11.88 4.83
C ASN A 13 8.45 -11.18 5.50
N PRO A 14 8.56 -10.96 6.81
CA PRO A 14 7.49 -10.35 7.60
C PRO A 14 7.11 -8.97 7.11
N GLY A 15 8.08 -8.23 6.58
CA GLY A 15 7.87 -6.86 6.13
C GLY A 15 6.64 -6.68 5.24
N PRO A 16 6.68 -7.18 4.00
CA PRO A 16 5.55 -7.06 3.08
C PRO A 16 4.35 -8.01 3.46
N GLN A 17 4.66 -9.17 4.02
CA GLN A 17 3.63 -10.16 4.41
C GLN A 17 2.73 -9.61 5.51
N ASP A 18 3.35 -9.16 6.57
CA ASP A 18 2.68 -8.57 7.72
C ASP A 18 2.01 -7.28 7.32
N PHE A 19 2.56 -6.64 6.27
CA PHE A 19 2.03 -5.39 5.78
C PHE A 19 0.63 -5.60 5.26
N LEU A 20 0.41 -6.76 4.67
CA LEU A 20 -0.90 -7.14 4.21
C LEU A 20 -1.81 -7.41 5.38
N LEU A 21 -1.34 -8.21 6.31
CA LEU A 21 -2.15 -8.68 7.45
C LEU A 21 -2.71 -7.57 8.34
N LYS A 22 -2.18 -6.39 8.22
CA LYS A 22 -2.65 -5.28 9.02
C LYS A 22 -3.64 -4.42 8.26
N MET A 23 -3.81 -4.72 6.98
CA MET A 23 -4.69 -3.96 6.15
C MET A 23 -6.12 -4.43 6.44
N PRO A 24 -7.10 -3.51 6.50
CA PRO A 24 -8.49 -3.86 6.73
C PRO A 24 -9.04 -4.72 5.60
N GLY A 25 -9.44 -5.93 5.90
CA GLY A 25 -9.97 -6.79 4.89
C GLY A 25 -9.09 -8.01 4.73
N VAL A 26 -7.87 -7.90 5.18
CA VAL A 26 -6.90 -8.96 5.03
C VAL A 26 -6.85 -9.87 6.24
N ASN A 27 -6.86 -11.14 5.96
CA ASN A 27 -6.76 -12.21 6.94
C ASN A 27 -5.72 -13.15 6.47
N ALA A 28 -5.24 -14.02 7.33
CA ALA A 28 -4.17 -14.94 7.00
C ALA A 28 -4.50 -15.82 5.81
N LYS A 29 -5.77 -16.16 5.64
CA LYS A 29 -6.14 -17.08 4.57
C LYS A 29 -6.10 -16.37 3.23
N ASN A 30 -6.53 -15.16 3.24
CA ASN A 30 -6.63 -14.45 2.02
C ASN A 30 -5.34 -13.78 1.70
N CYS A 31 -4.52 -13.62 2.70
CA CYS A 31 -3.19 -13.06 2.54
C CYS A 31 -2.31 -13.99 1.77
N ARG A 32 -2.34 -15.28 2.12
CA ARG A 32 -1.52 -16.25 1.41
C ARG A 32 -2.01 -16.39 -0.04
N SER A 33 -3.30 -16.41 -0.19
CA SER A 33 -3.92 -16.44 -1.49
C SER A 33 -3.56 -15.18 -2.28
N LEU A 34 -3.55 -14.06 -1.58
CA LEU A 34 -3.25 -12.76 -2.18
C LEU A 34 -1.84 -12.75 -2.65
N MET A 35 -1.01 -13.29 -1.83
CA MET A 35 0.42 -13.39 -2.01
C MET A 35 0.74 -14.15 -3.29
N HIS A 36 -0.14 -15.05 -3.66
CA HIS A 36 0.01 -15.77 -4.91
C HIS A 36 -0.78 -15.14 -6.06
N HIS A 37 -1.67 -14.19 -5.77
CA HIS A 37 -2.45 -13.53 -6.84
C HIS A 37 -2.00 -12.10 -7.12
N VAL A 38 -1.15 -11.58 -6.28
CA VAL A 38 -0.68 -10.24 -6.45
C VAL A 38 0.82 -10.19 -6.15
N LYS A 39 1.49 -9.18 -6.65
CA LYS A 39 2.92 -9.03 -6.46
C LYS A 39 3.24 -8.45 -5.09
N ASN A 40 2.81 -7.23 -4.89
CA ASN A 40 2.99 -6.51 -3.68
C ASN A 40 2.04 -5.31 -3.76
N ILE A 41 2.25 -4.33 -2.91
CA ILE A 41 1.46 -3.12 -2.75
C ILE A 41 1.02 -2.53 -4.09
N ALA A 42 1.98 -2.36 -5.02
CA ALA A 42 1.70 -1.73 -6.33
C ALA A 42 0.57 -2.41 -7.07
N GLU A 43 0.67 -3.71 -7.25
CA GLU A 43 -0.33 -4.44 -7.99
C GLU A 43 -1.59 -4.58 -7.18
N LEU A 44 -1.44 -4.67 -5.86
CA LEU A 44 -2.56 -4.75 -4.94
C LEU A 44 -3.43 -3.49 -5.03
N ALA A 45 -2.80 -2.37 -5.18
CA ALA A 45 -3.51 -1.14 -5.27
C ALA A 45 -3.96 -0.85 -6.71
N ALA A 46 -3.38 -1.58 -7.64
CA ALA A 46 -3.67 -1.41 -9.07
C ALA A 46 -4.80 -2.32 -9.52
N LEU A 47 -5.04 -3.38 -8.79
CA LEU A 47 -6.05 -4.33 -9.15
C LEU A 47 -7.49 -3.81 -8.93
N SER A 48 -8.45 -4.60 -9.33
CA SER A 48 -9.83 -4.25 -9.16
C SER A 48 -10.39 -4.97 -7.92
N GLN A 49 -11.54 -4.52 -7.43
CA GLN A 49 -12.19 -5.11 -6.28
C GLN A 49 -12.69 -6.51 -6.66
N ASP A 50 -12.94 -6.69 -7.96
CA ASP A 50 -13.30 -7.98 -8.56
C ASP A 50 -12.27 -9.00 -8.19
N GLU A 51 -11.01 -8.60 -8.35
CA GLU A 51 -9.87 -9.44 -8.09
C GLU A 51 -9.85 -9.82 -6.65
N LEU A 52 -10.02 -8.83 -5.79
CA LEU A 52 -10.01 -9.06 -4.36
C LEU A 52 -11.13 -10.00 -3.93
N THR A 53 -12.27 -9.92 -4.56
CA THR A 53 -13.37 -10.80 -4.20
C THR A 53 -13.02 -12.24 -4.63
N SER A 54 -12.30 -12.36 -5.71
CA SER A 54 -11.89 -13.67 -6.22
C SER A 54 -10.77 -14.27 -5.34
N ILE A 55 -9.87 -13.40 -4.91
CA ILE A 55 -8.72 -13.80 -4.11
C ILE A 55 -9.12 -14.09 -2.67
N LEU A 56 -9.78 -13.13 -2.06
CA LEU A 56 -10.12 -13.22 -0.66
C LEU A 56 -11.33 -14.12 -0.51
N GLY A 57 -12.14 -14.14 -1.55
CA GLY A 57 -13.31 -14.99 -1.60
C GLY A 57 -14.51 -14.38 -0.95
N ASN A 58 -14.36 -13.19 -0.39
CA ASN A 58 -15.45 -12.51 0.27
C ASN A 58 -15.41 -11.06 -0.11
N ALA A 59 -16.52 -10.55 -0.58
CA ALA A 59 -16.64 -9.18 -1.03
C ALA A 59 -16.54 -8.20 0.11
N ALA A 60 -16.79 -8.67 1.33
CA ALA A 60 -16.67 -7.83 2.50
C ALA A 60 -15.22 -7.42 2.66
N ASN A 61 -14.36 -8.41 2.59
CA ASN A 61 -12.93 -8.22 2.74
C ASN A 61 -12.41 -7.39 1.58
N ALA A 62 -12.92 -7.71 0.39
CA ALA A 62 -12.54 -7.03 -0.85
C ALA A 62 -12.92 -5.56 -0.81
N LYS A 63 -14.08 -5.27 -0.25
CA LYS A 63 -14.59 -3.92 -0.20
C LYS A 63 -13.82 -3.12 0.81
N GLN A 64 -13.48 -3.75 1.93
CA GLN A 64 -12.74 -3.10 3.00
C GLN A 64 -11.38 -2.63 2.54
N LEU A 65 -10.67 -3.52 1.88
CA LEU A 65 -9.33 -3.25 1.44
C LEU A 65 -9.33 -2.25 0.29
N TYR A 66 -10.16 -2.48 -0.70
CA TYR A 66 -10.22 -1.64 -1.89
C TYR A 66 -10.58 -0.19 -1.53
N ASP A 67 -11.50 -0.06 -0.60
CA ASP A 67 -11.94 1.23 -0.10
C ASP A 67 -10.82 1.96 0.60
N PHE A 68 -10.06 1.25 1.43
CA PHE A 68 -8.93 1.84 2.17
C PHE A 68 -7.86 2.33 1.19
N ILE A 69 -7.61 1.53 0.17
CA ILE A 69 -6.65 1.84 -0.91
C ILE A 69 -7.02 3.14 -1.65
N HIS A 70 -8.32 3.39 -1.75
CA HIS A 70 -8.86 4.55 -2.48
C HIS A 70 -9.52 5.60 -1.56
N THR A 71 -9.14 5.64 -0.32
CA THR A 71 -9.59 6.67 0.60
C THR A 71 -8.42 7.59 0.89
N SER A 72 -8.48 8.84 0.48
CA SER A 72 -7.37 9.76 0.71
C SER A 72 -7.13 9.95 2.21
N PHE A 73 -5.87 10.17 2.58
CA PHE A 73 -5.49 10.42 3.97
C PHE A 73 -6.20 11.68 4.43
N ALA A 74 -6.47 12.56 3.46
CA ALA A 74 -7.08 13.82 3.68
C ALA A 74 -8.52 13.90 3.10
N GLU A 75 -9.20 12.77 3.04
CA GLU A 75 -10.62 12.78 2.64
C GLU A 75 -11.53 12.80 3.86
N VAL A 76 -11.33 11.83 4.73
CA VAL A 76 -12.16 11.63 5.94
C VAL A 76 -12.06 12.84 6.90
N VAL A 77 -11.00 13.60 6.73
CA VAL A 77 -10.65 14.68 7.51
C VAL A 77 -11.60 15.88 7.32
N SER A 78 -12.45 15.81 6.34
CA SER A 78 -13.47 16.78 6.13
C SER A 78 -14.47 16.73 7.29
N LYS A 79 -15.15 17.83 7.53
CA LYS A 79 -16.06 17.96 8.67
C LYS A 79 -17.28 17.02 8.57
N GLY A 80 -17.54 16.54 7.38
CA GLY A 80 -18.69 15.71 7.19
C GLY A 80 -19.81 16.52 6.65
N LYS A 81 -19.64 17.00 5.45
CA LYS A 81 -20.62 17.82 4.79
C LYS A 81 -21.67 16.91 4.18
N GLY A 82 -21.25 15.71 3.87
CA GLY A 82 -22.12 14.72 3.35
C GLY A 82 -22.28 13.59 4.34
N LYS A 83 -22.79 12.48 3.90
CA LYS A 83 -22.98 11.35 4.79
C LYS A 83 -21.78 10.41 4.75
N LYS A 84 -20.97 10.55 3.75
CA LYS A 84 -19.76 9.77 3.59
C LYS A 84 -18.60 10.71 3.32
N MET B 1 -12.33 20.86 0.78
CA MET B 1 -12.56 19.56 0.17
C MET B 1 -12.25 19.70 -1.28
N ASP B 2 -11.29 18.95 -1.76
CA ASP B 2 -10.78 19.11 -3.12
C ASP B 2 -10.27 17.79 -3.60
N SER B 3 -9.86 17.72 -4.85
CA SER B 3 -9.26 16.51 -5.35
C SER B 3 -7.86 16.36 -4.72
N GLU B 4 -7.27 17.51 -4.39
CA GLU B 4 -5.99 17.62 -3.69
C GLU B 4 -6.14 17.12 -2.26
N THR B 5 -7.36 17.20 -1.80
CA THR B 5 -7.78 16.91 -0.48
C THR B 5 -7.23 17.84 0.57
N LEU B 6 -7.96 18.91 0.73
CA LEU B 6 -7.67 19.93 1.68
C LEU B 6 -8.69 19.83 2.81
N PRO B 7 -8.22 19.50 4.01
CA PRO B 7 -9.07 19.25 5.18
C PRO B 7 -9.84 20.46 5.69
N GLU B 8 -11.13 20.27 5.83
CA GLU B 8 -12.00 21.30 6.37
C GLU B 8 -11.71 21.53 7.86
N SER B 9 -11.63 20.45 8.60
CA SER B 9 -11.44 20.55 10.04
C SER B 9 -9.97 20.41 10.43
N GLU B 10 -9.12 20.00 9.49
CA GLU B 10 -7.73 19.66 9.76
C GLU B 10 -7.70 18.55 10.83
N LYS B 11 -8.09 17.40 10.38
CA LYS B 11 -8.23 16.26 11.23
C LYS B 11 -7.02 15.35 11.07
N TYR B 12 -6.83 14.90 9.83
CA TYR B 12 -5.84 13.89 9.47
C TYR B 12 -6.13 12.57 10.12
N ASN B 13 -6.81 11.73 9.35
CA ASN B 13 -7.21 10.42 9.80
C ASN B 13 -5.98 9.56 10.00
N PRO B 14 -5.77 9.05 11.22
CA PRO B 14 -4.57 8.29 11.57
C PRO B 14 -4.39 7.03 10.74
N GLY B 15 -5.50 6.36 10.41
CA GLY B 15 -5.46 5.09 9.68
C GLY B 15 -4.51 5.05 8.46
N PRO B 16 -4.81 5.77 7.38
CA PRO B 16 -3.98 5.76 6.18
C PRO B 16 -2.65 6.56 6.38
N GLN B 17 -2.69 7.58 7.24
CA GLN B 17 -1.51 8.39 7.55
C GLN B 17 -0.44 7.52 8.24
N ASP B 18 -0.89 6.76 9.23
CA ASP B 18 -0.06 5.82 9.97
C ASP B 18 0.46 4.75 9.05
N PHE B 19 -0.32 4.45 8.02
CA PHE B 19 0.03 3.41 7.08
C PHE B 19 1.29 3.79 6.34
N LEU B 20 1.41 5.07 6.03
CA LEU B 20 2.58 5.61 5.35
C LEU B 20 3.78 5.62 6.26
N LEU B 21 3.62 6.19 7.43
CA LEU B 21 4.73 6.41 8.37
C LEU B 21 5.45 5.13 8.80
N LYS B 22 4.80 3.98 8.62
CA LYS B 22 5.42 2.72 8.98
C LYS B 22 6.20 2.14 7.80
N MET B 23 6.06 2.75 6.65
CA MET B 23 6.73 2.27 5.47
C MET B 23 8.18 2.75 5.50
N PRO B 24 9.14 1.96 5.01
CA PRO B 24 10.53 2.38 4.94
C PRO B 24 10.71 3.51 3.93
N GLY B 25 11.27 4.61 4.38
CA GLY B 25 11.47 5.72 3.51
C GLY B 25 10.57 6.88 3.87
N VAL B 26 9.59 6.62 4.71
CA VAL B 26 8.62 7.63 5.05
C VAL B 26 8.90 8.30 6.40
N ASN B 27 8.87 9.61 6.36
CA ASN B 27 9.05 10.45 7.52
C ASN B 27 7.88 11.36 7.54
N ALA B 28 7.59 11.95 8.67
CA ALA B 28 6.44 12.84 8.80
C ALA B 28 6.53 14.02 7.84
N LYS B 29 7.76 14.41 7.51
CA LYS B 29 7.97 15.55 6.65
C LYS B 29 7.64 15.19 5.21
N ASN B 30 8.03 14.02 4.80
CA ASN B 30 7.79 13.65 3.44
C ASN B 30 6.40 13.09 3.30
N CYS B 31 5.83 12.68 4.41
CA CYS B 31 4.51 12.16 4.51
C CYS B 31 3.49 13.29 4.34
N ARG B 32 3.75 14.44 4.95
CA ARG B 32 2.86 15.60 4.78
C ARG B 32 2.91 16.07 3.32
N SER B 33 4.11 16.02 2.77
CA SER B 33 4.33 16.35 1.39
C SER B 33 3.58 15.35 0.52
N LEU B 34 3.63 14.11 0.95
CA LEU B 34 2.99 13.02 0.25
C LEU B 34 1.50 13.20 0.28
N MET B 35 0.98 13.74 1.39
CA MET B 35 -0.48 14.02 1.53
C MET B 35 -0.93 14.91 0.44
N HIS B 36 -0.09 15.86 0.14
CA HIS B 36 -0.39 16.84 -0.86
C HIS B 36 -0.05 16.39 -2.26
N HIS B 37 0.70 15.34 -2.40
CA HIS B 37 1.07 14.87 -3.73
C HIS B 37 0.45 13.53 -4.10
N VAL B 38 -0.14 12.87 -3.12
CA VAL B 38 -0.68 11.52 -3.30
C VAL B 38 -2.04 11.41 -2.60
N LYS B 39 -2.94 10.63 -3.18
CA LYS B 39 -4.24 10.37 -2.59
C LYS B 39 -4.12 9.37 -1.43
N ASN B 40 -3.75 8.15 -1.76
CA ASN B 40 -3.47 7.13 -0.78
C ASN B 40 -2.68 6.05 -1.54
N ILE B 41 -2.59 4.87 -0.95
CA ILE B 41 -1.92 3.66 -1.43
C ILE B 41 -1.90 3.53 -2.95
N ALA B 42 -3.09 3.62 -3.57
CA ALA B 42 -3.20 3.46 -5.03
C ALA B 42 -2.28 4.39 -5.81
N GLU B 43 -2.32 5.67 -5.50
CA GLU B 43 -1.51 6.68 -6.17
C GLU B 43 -0.07 6.55 -5.73
N LEU B 44 0.13 6.24 -4.46
CA LEU B 44 1.47 6.08 -3.90
C LEU B 44 2.23 5.00 -4.64
N ALA B 45 1.58 3.88 -4.81
CA ALA B 45 2.18 2.77 -5.46
C ALA B 45 2.14 2.91 -6.97
N ALA B 46 1.35 3.86 -7.44
CA ALA B 46 1.26 4.12 -8.87
C ALA B 46 2.42 4.99 -9.30
N LEU B 47 2.86 5.84 -8.38
CA LEU B 47 3.91 6.75 -8.67
C LEU B 47 5.27 6.06 -8.80
N SER B 48 6.16 6.72 -9.49
CA SER B 48 7.49 6.22 -9.73
C SER B 48 8.45 6.71 -8.64
N GLN B 49 9.68 6.17 -8.61
CA GLN B 49 10.67 6.57 -7.62
C GLN B 49 11.05 8.03 -7.85
N ASP B 50 10.99 8.44 -9.11
CA ASP B 50 11.30 9.81 -9.51
C ASP B 50 10.30 10.75 -8.89
N GLU B 51 9.06 10.30 -8.83
CA GLU B 51 7.98 11.07 -8.26
C GLU B 51 8.16 11.14 -6.76
N LEU B 52 8.57 10.03 -6.17
CA LEU B 52 8.82 9.99 -4.75
C LEU B 52 9.96 10.93 -4.38
N THR B 53 11.01 10.94 -5.16
CA THR B 53 12.13 11.86 -4.94
C THR B 53 11.66 13.31 -5.10
N SER B 54 10.69 13.51 -5.98
CA SER B 54 10.13 14.82 -6.24
C SER B 54 9.29 15.27 -5.02
N ILE B 55 8.65 14.31 -4.36
CA ILE B 55 7.81 14.58 -3.20
C ILE B 55 8.64 14.65 -1.91
N LEU B 56 9.38 13.58 -1.66
CA LEU B 56 10.12 13.40 -0.42
C LEU B 56 11.34 14.30 -0.42
N GLY B 57 11.91 14.49 -1.60
CA GLY B 57 13.07 15.33 -1.76
C GLY B 57 14.37 14.60 -1.60
N ASN B 58 14.30 13.31 -1.33
CA ASN B 58 15.50 12.51 -1.14
C ASN B 58 15.30 11.20 -1.81
N ALA B 59 16.27 10.82 -2.61
CA ALA B 59 16.22 9.57 -3.34
C ALA B 59 16.38 8.39 -2.42
N ALA B 60 17.00 8.62 -1.26
CA ALA B 60 17.17 7.56 -0.28
C ALA B 60 15.83 7.08 0.19
N ASN B 61 14.98 8.04 0.52
CA ASN B 61 13.64 7.77 1.00
C ASN B 61 12.81 7.20 -0.12
N ALA B 62 12.99 7.75 -1.31
CA ALA B 62 12.26 7.36 -2.50
C ALA B 62 12.57 5.95 -2.90
N LYS B 63 13.83 5.55 -2.79
CA LYS B 63 14.23 4.24 -3.17
C LYS B 63 13.70 3.25 -2.17
N GLN B 64 13.82 3.59 -0.90
CA GLN B 64 13.36 2.72 0.18
C GLN B 64 11.88 2.41 0.05
N LEU B 65 11.13 3.42 -0.28
CA LEU B 65 9.72 3.29 -0.44
C LEU B 65 9.37 2.54 -1.73
N TYR B 66 9.97 2.96 -2.86
CA TYR B 66 9.72 2.33 -4.16
C TYR B 66 10.08 0.83 -4.13
N ASP B 67 11.16 0.54 -3.42
CA ASP B 67 11.67 -0.81 -3.24
C ASP B 67 10.63 -1.67 -2.55
N PHE B 68 10.09 -1.16 -1.46
CA PHE B 68 9.13 -1.88 -0.66
C PHE B 68 7.86 -2.14 -1.47
N ILE B 69 7.39 -1.11 -2.16
CA ILE B 69 6.18 -1.14 -3.01
C ILE B 69 6.28 -2.22 -4.13
N HIS B 70 7.50 -2.46 -4.60
CA HIS B 70 7.71 -3.40 -5.68
C HIS B 70 8.37 -4.71 -5.26
N THR B 71 8.63 -4.89 -4.00
CA THR B 71 9.20 -6.14 -3.56
C THR B 71 8.10 -7.13 -3.23
N SER B 72 7.86 -8.08 -4.13
CA SER B 72 6.85 -9.10 -3.94
C SER B 72 7.14 -9.82 -2.60
N PHE B 73 6.09 -10.26 -1.93
CA PHE B 73 6.17 -10.86 -0.58
C PHE B 73 7.13 -12.06 -0.50
N ALA B 74 7.52 -12.60 -1.64
CA ALA B 74 8.34 -13.78 -1.66
C ALA B 74 9.60 -13.63 -2.52
N GLU B 75 9.96 -12.40 -2.88
CA GLU B 75 11.15 -12.14 -3.70
C GLU B 75 12.42 -12.54 -2.98
N VAL B 76 12.69 -11.80 -1.92
CA VAL B 76 13.92 -11.96 -1.15
C VAL B 76 13.85 -13.26 -0.33
N VAL B 77 12.67 -13.80 -0.28
CA VAL B 77 12.33 -14.95 0.42
C VAL B 77 12.86 -16.20 -0.26
N SER B 78 12.89 -16.19 -1.56
CA SER B 78 13.34 -17.30 -2.30
C SER B 78 14.83 -17.21 -2.49
N LYS B 79 15.44 -18.27 -2.91
CA LYS B 79 16.83 -18.24 -3.17
C LYS B 79 17.05 -17.73 -4.61
N GLY B 80 16.88 -16.42 -4.76
CA GLY B 80 16.95 -15.78 -6.07
C GLY B 80 18.36 -15.68 -6.59
N LYS B 81 19.32 -15.93 -5.73
CA LYS B 81 20.71 -15.95 -6.13
C LYS B 81 21.02 -17.26 -6.84
N GLY B 82 20.10 -18.20 -6.75
CA GLY B 82 20.28 -19.47 -7.38
C GLY B 82 21.15 -20.36 -6.55
N LYS B 83 22.42 -20.12 -6.62
CA LYS B 83 23.39 -20.89 -5.89
C LYS B 83 23.57 -20.26 -4.51
N LYS B 84 24.35 -19.20 -4.47
CA LYS B 84 24.64 -18.39 -3.30
C LYS B 84 25.28 -17.12 -3.80
N MET A 1 0.92 -14.87 -9.58
CA MET A 1 1.16 -16.31 -9.45
C MET A 1 2.50 -16.70 -10.08
N ASP A 2 3.35 -15.72 -10.39
CA ASP A 2 4.58 -16.01 -11.11
C ASP A 2 5.67 -16.51 -10.14
N SER A 3 6.83 -16.82 -10.67
CA SER A 3 7.91 -17.43 -9.91
C SER A 3 8.46 -16.50 -8.82
N GLU A 4 8.29 -15.21 -9.02
CA GLU A 4 8.74 -14.21 -8.06
C GLU A 4 7.94 -14.27 -6.75
N THR A 5 6.75 -14.83 -6.81
CA THR A 5 5.94 -14.97 -5.63
C THR A 5 5.88 -16.41 -5.17
N LEU A 6 6.48 -17.27 -5.93
CA LEU A 6 6.58 -18.67 -5.58
C LEU A 6 7.97 -18.97 -5.01
N PRO A 7 8.08 -19.06 -3.70
CA PRO A 7 9.35 -19.26 -3.02
C PRO A 7 9.83 -20.71 -3.09
N GLU A 8 11.09 -20.89 -3.32
CA GLU A 8 11.71 -22.18 -3.33
C GLU A 8 12.46 -22.39 -2.01
N SER A 9 13.09 -21.33 -1.56
CA SER A 9 13.79 -21.30 -0.31
C SER A 9 12.79 -21.21 0.84
N GLU A 10 11.76 -20.37 0.62
CA GLU A 10 10.73 -20.09 1.61
C GLU A 10 11.36 -19.48 2.86
N LYS A 11 11.77 -18.26 2.71
CA LYS A 11 12.34 -17.50 3.79
C LYS A 11 11.24 -16.69 4.47
N TYR A 12 10.35 -16.15 3.65
CA TYR A 12 9.24 -15.31 4.08
C TYR A 12 9.64 -14.07 4.84
N ASN A 13 9.80 -12.99 4.10
CA ASN A 13 10.09 -11.68 4.66
C ASN A 13 8.85 -11.17 5.35
N PRO A 14 8.90 -10.94 6.66
CA PRO A 14 7.75 -10.52 7.42
C PRO A 14 7.24 -9.15 6.99
N GLY A 15 8.15 -8.29 6.58
CA GLY A 15 7.84 -6.90 6.21
C GLY A 15 6.64 -6.74 5.29
N PRO A 16 6.75 -7.16 4.03
CA PRO A 16 5.66 -7.04 3.05
C PRO A 16 4.44 -7.95 3.39
N GLN A 17 4.72 -9.14 3.96
CA GLN A 17 3.65 -10.08 4.33
C GLN A 17 2.76 -9.46 5.41
N ASP A 18 3.42 -9.01 6.45
CA ASP A 18 2.79 -8.35 7.59
C ASP A 18 2.13 -7.05 7.16
N PHE A 19 2.66 -6.45 6.10
CA PHE A 19 2.15 -5.20 5.60
C PHE A 19 0.72 -5.40 5.11
N LEU A 20 0.49 -6.56 4.54
CA LEU A 20 -0.83 -6.94 4.11
C LEU A 20 -1.73 -7.18 5.29
N LEU A 21 -1.25 -7.98 6.23
CA LEU A 21 -2.04 -8.46 7.38
C LEU A 21 -2.62 -7.33 8.25
N LYS A 22 -2.09 -6.15 8.13
CA LYS A 22 -2.56 -5.04 8.91
C LYS A 22 -3.55 -4.18 8.13
N MET A 23 -3.72 -4.50 6.87
CA MET A 23 -4.62 -3.75 6.04
C MET A 23 -6.04 -4.20 6.33
N PRO A 24 -7.01 -3.29 6.37
CA PRO A 24 -8.42 -3.64 6.57
C PRO A 24 -8.94 -4.50 5.44
N GLY A 25 -9.29 -5.72 5.76
CA GLY A 25 -9.78 -6.61 4.77
C GLY A 25 -8.90 -7.84 4.65
N VAL A 26 -7.68 -7.72 5.11
CA VAL A 26 -6.73 -8.79 5.01
C VAL A 26 -6.70 -9.66 6.26
N ASN A 27 -6.61 -10.94 6.02
CA ASN A 27 -6.49 -11.96 7.03
C ASN A 27 -5.40 -12.87 6.56
N ALA A 28 -4.86 -13.68 7.41
CA ALA A 28 -3.76 -14.57 7.04
C ALA A 28 -4.16 -15.55 5.93
N LYS A 29 -5.45 -15.87 5.87
CA LYS A 29 -5.94 -16.82 4.89
C LYS A 29 -5.98 -16.16 3.52
N ASN A 30 -6.43 -14.95 3.48
CA ASN A 30 -6.58 -14.29 2.21
C ASN A 30 -5.26 -13.67 1.80
N CYS A 31 -4.35 -13.58 2.74
CA CYS A 31 -3.02 -13.08 2.51
C CYS A 31 -2.21 -14.09 1.75
N ARG A 32 -2.33 -15.35 2.13
CA ARG A 32 -1.61 -16.40 1.43
C ARG A 32 -2.12 -16.50 0.00
N SER A 33 -3.43 -16.45 -0.13
CA SER A 33 -4.07 -16.46 -1.41
C SER A 33 -3.63 -15.22 -2.22
N LEU A 34 -3.58 -14.09 -1.54
CA LEU A 34 -3.22 -12.80 -2.15
C LEU A 34 -1.81 -12.88 -2.65
N MET A 35 -0.99 -13.49 -1.86
CA MET A 35 0.42 -13.65 -2.10
C MET A 35 0.66 -14.44 -3.37
N HIS A 36 -0.27 -15.31 -3.67
CA HIS A 36 -0.21 -16.07 -4.90
C HIS A 36 -0.90 -15.38 -6.07
N HIS A 37 -1.65 -14.34 -5.80
CA HIS A 37 -2.30 -13.60 -6.89
C HIS A 37 -1.67 -12.23 -7.15
N VAL A 38 -0.92 -11.75 -6.19
CA VAL A 38 -0.39 -10.39 -6.24
C VAL A 38 1.11 -10.40 -6.01
N LYS A 39 1.79 -9.41 -6.55
CA LYS A 39 3.22 -9.18 -6.37
C LYS A 39 3.47 -8.52 -5.02
N ASN A 40 3.08 -7.26 -4.91
CA ASN A 40 3.22 -6.49 -3.71
C ASN A 40 2.22 -5.34 -3.83
N ILE A 41 2.39 -4.31 -3.03
CA ILE A 41 1.54 -3.13 -2.92
C ILE A 41 1.07 -2.63 -4.28
N ALA A 42 2.02 -2.48 -5.22
CA ALA A 42 1.71 -1.97 -6.57
C ALA A 42 0.58 -2.73 -7.26
N GLU A 43 0.71 -4.04 -7.34
CA GLU A 43 -0.27 -4.86 -8.02
C GLU A 43 -1.52 -4.97 -7.19
N LEU A 44 -1.37 -4.94 -5.88
CA LEU A 44 -2.50 -4.98 -4.97
C LEU A 44 -3.40 -3.79 -5.20
N ALA A 45 -2.80 -2.65 -5.29
CA ALA A 45 -3.54 -1.43 -5.49
C ALA A 45 -3.94 -1.26 -6.94
N ALA A 46 -3.34 -2.07 -7.80
CA ALA A 46 -3.68 -2.04 -9.20
C ALA A 46 -4.90 -2.90 -9.47
N LEU A 47 -5.15 -3.87 -8.58
CA LEU A 47 -6.27 -4.76 -8.73
C LEU A 47 -7.63 -4.05 -8.50
N SER A 48 -8.69 -4.72 -8.91
CA SER A 48 -10.03 -4.25 -8.73
C SER A 48 -10.62 -4.89 -7.46
N GLN A 49 -11.77 -4.41 -7.00
CA GLN A 49 -12.42 -4.95 -5.82
C GLN A 49 -12.93 -6.35 -6.14
N ASP A 50 -13.30 -6.55 -7.38
CA ASP A 50 -13.77 -7.85 -7.87
C ASP A 50 -12.66 -8.87 -7.76
N GLU A 51 -11.43 -8.44 -8.05
CA GLU A 51 -10.26 -9.30 -7.97
C GLU A 51 -10.07 -9.71 -6.54
N LEU A 52 -10.19 -8.73 -5.65
CA LEU A 52 -10.05 -8.97 -4.25
C LEU A 52 -11.13 -9.92 -3.74
N THR A 53 -12.33 -9.79 -4.26
CA THR A 53 -13.41 -10.69 -3.87
C THR A 53 -13.12 -12.11 -4.36
N SER A 54 -12.45 -12.22 -5.47
CA SER A 54 -12.08 -13.50 -6.04
C SER A 54 -10.97 -14.14 -5.20
N ILE A 55 -10.04 -13.32 -4.74
CA ILE A 55 -8.90 -13.78 -3.96
C ILE A 55 -9.30 -14.07 -2.52
N LEU A 56 -9.85 -13.07 -1.87
CA LEU A 56 -10.16 -13.14 -0.46
C LEU A 56 -11.38 -14.00 -0.25
N GLY A 57 -12.26 -13.99 -1.24
CA GLY A 57 -13.45 -14.81 -1.23
C GLY A 57 -14.58 -14.19 -0.44
N ASN A 58 -14.44 -12.92 -0.07
CA ASN A 58 -15.51 -12.24 0.64
C ASN A 58 -15.57 -10.83 0.13
N ALA A 59 -16.76 -10.33 -0.10
CA ALA A 59 -16.93 -8.97 -0.59
C ALA A 59 -16.60 -7.98 0.49
N ALA A 60 -16.76 -8.40 1.72
CA ALA A 60 -16.50 -7.55 2.87
C ALA A 60 -15.04 -7.19 2.91
N ASN A 61 -14.22 -8.21 2.86
CA ASN A 61 -12.77 -8.07 2.89
C ASN A 61 -12.28 -7.27 1.70
N ALA A 62 -12.88 -7.54 0.56
CA ALA A 62 -12.52 -6.87 -0.68
C ALA A 62 -12.88 -5.39 -0.65
N LYS A 63 -14.04 -5.09 -0.10
CA LYS A 63 -14.50 -3.73 -0.06
C LYS A 63 -13.74 -2.94 0.98
N GLN A 64 -13.37 -3.60 2.07
CA GLN A 64 -12.59 -2.95 3.11
C GLN A 64 -11.24 -2.52 2.56
N LEU A 65 -10.64 -3.38 1.79
CA LEU A 65 -9.34 -3.14 1.26
C LEU A 65 -9.38 -2.16 0.08
N TYR A 66 -10.25 -2.40 -0.89
CA TYR A 66 -10.34 -1.55 -2.09
C TYR A 66 -10.63 -0.09 -1.71
N ASP A 67 -11.53 0.07 -0.74
CA ASP A 67 -11.90 1.39 -0.24
C ASP A 67 -10.70 2.05 0.38
N PHE A 68 -9.99 1.30 1.22
CA PHE A 68 -8.82 1.80 1.93
C PHE A 68 -7.77 2.29 0.95
N ILE A 69 -7.51 1.47 -0.06
CA ILE A 69 -6.53 1.74 -1.14
C ILE A 69 -6.84 3.07 -1.88
N HIS A 70 -8.11 3.39 -1.98
CA HIS A 70 -8.52 4.61 -2.67
C HIS A 70 -8.78 5.82 -1.77
N THR A 71 -9.30 5.58 -0.59
CA THR A 71 -9.65 6.65 0.33
C THR A 71 -8.41 7.46 0.77
N SER A 72 -8.25 8.63 0.15
CA SER A 72 -7.16 9.53 0.44
C SER A 72 -7.09 9.87 1.93
N PHE A 73 -5.88 10.06 2.41
CA PHE A 73 -5.59 10.35 3.82
C PHE A 73 -6.30 11.64 4.24
N ALA A 74 -6.51 12.52 3.27
CA ALA A 74 -7.10 13.81 3.55
C ALA A 74 -8.43 14.05 2.79
N GLU A 75 -9.04 12.99 2.31
CA GLU A 75 -10.31 13.14 1.57
C GLU A 75 -11.49 13.32 2.48
N VAL A 76 -11.75 12.30 3.29
CA VAL A 76 -12.92 12.27 4.15
C VAL A 76 -12.85 13.37 5.21
N VAL A 77 -11.64 13.75 5.54
CA VAL A 77 -11.37 14.67 6.54
C VAL A 77 -11.60 16.14 6.09
N SER A 78 -11.79 16.34 4.81
CA SER A 78 -12.09 17.64 4.33
C SER A 78 -13.58 17.86 4.35
N LYS A 79 -14.00 18.22 5.54
CA LYS A 79 -15.35 18.45 5.99
C LYS A 79 -16.27 17.19 5.90
N GLY A 80 -16.05 16.35 4.91
CA GLY A 80 -16.78 15.11 4.76
C GLY A 80 -18.12 15.33 4.10
N LYS A 81 -18.96 16.04 4.78
CA LYS A 81 -20.32 16.31 4.31
C LYS A 81 -20.34 17.47 3.34
N GLY A 82 -19.30 18.25 3.31
CA GLY A 82 -19.29 19.42 2.47
C GLY A 82 -17.97 19.60 1.77
N LYS A 83 -17.79 18.89 0.71
CA LYS A 83 -16.59 18.99 -0.11
C LYS A 83 -17.00 19.11 -1.56
N LYS A 84 -16.04 19.26 -2.44
CA LYS A 84 -16.32 19.39 -3.85
C LYS A 84 -15.75 18.19 -4.58
N MET B 1 1.35 23.77 0.94
CA MET B 1 -0.06 23.66 1.38
C MET B 1 -0.93 23.71 0.16
N ASP B 2 -1.91 22.81 0.05
CA ASP B 2 -2.77 22.77 -1.11
C ASP B 2 -4.16 22.63 -0.60
N SER B 3 -5.09 23.42 -1.12
CA SER B 3 -6.51 23.41 -0.69
C SER B 3 -7.13 22.02 -0.83
N GLU B 4 -6.55 21.24 -1.69
CA GLU B 4 -6.93 19.90 -1.98
C GLU B 4 -6.76 18.96 -0.81
N THR B 5 -5.70 19.15 -0.08
CA THR B 5 -5.39 18.25 0.98
C THR B 5 -5.42 18.89 2.34
N LEU B 6 -5.52 20.20 2.37
CA LEU B 6 -5.67 20.95 3.63
C LEU B 6 -6.98 20.53 4.31
N PRO B 7 -6.88 19.78 5.40
CA PRO B 7 -8.05 19.23 6.05
C PRO B 7 -8.80 20.27 6.88
N GLU B 8 -10.02 20.56 6.47
CA GLU B 8 -10.88 21.50 7.18
C GLU B 8 -11.13 21.05 8.62
N SER B 9 -11.52 19.81 8.78
CA SER B 9 -11.81 19.28 10.09
C SER B 9 -10.51 18.90 10.83
N GLU B 10 -9.51 18.50 10.03
CA GLU B 10 -8.21 18.00 10.49
C GLU B 10 -8.37 16.95 11.59
N LYS B 11 -9.14 15.97 11.28
CA LYS B 11 -9.36 14.84 12.11
C LYS B 11 -8.20 13.87 11.88
N TYR B 12 -8.00 13.54 10.60
CA TYR B 12 -6.97 12.62 10.14
C TYR B 12 -7.17 11.23 10.64
N ASN B 13 -7.79 10.43 9.81
CA ASN B 13 -8.03 9.05 10.12
C ASN B 13 -6.70 8.32 10.19
N PRO B 14 -6.42 7.62 11.31
CA PRO B 14 -5.14 6.97 11.53
C PRO B 14 -4.81 5.92 10.48
N GLY B 15 -5.84 5.24 9.97
CA GLY B 15 -5.69 4.17 8.99
C GLY B 15 -4.73 4.52 7.85
N PRO B 16 -5.15 5.41 6.95
CA PRO B 16 -4.32 5.81 5.79
C PRO B 16 -3.04 6.61 6.21
N GLN B 17 -3.19 7.50 7.20
CA GLN B 17 -2.09 8.37 7.66
C GLN B 17 -0.94 7.54 8.25
N ASP B 18 -1.27 6.72 9.23
CA ASP B 18 -0.31 5.86 9.91
C ASP B 18 0.23 4.83 8.95
N PHE B 19 -0.56 4.50 7.93
CA PHE B 19 -0.18 3.51 6.95
C PHE B 19 1.05 3.97 6.20
N LEU B 20 1.11 5.26 5.92
CA LEU B 20 2.26 5.84 5.28
C LEU B 20 3.46 5.83 6.20
N LEU B 21 3.28 6.34 7.40
CA LEU B 21 4.38 6.53 8.36
C LEU B 21 5.12 5.23 8.72
N LYS B 22 4.51 4.11 8.48
CA LYS B 22 5.14 2.83 8.76
C LYS B 22 5.86 2.27 7.55
N MET B 23 5.79 2.97 6.45
CA MET B 23 6.43 2.49 5.24
C MET B 23 7.92 2.89 5.27
N PRO B 24 8.83 2.01 4.82
CA PRO B 24 10.25 2.33 4.75
C PRO B 24 10.49 3.45 3.76
N GLY B 25 11.00 4.55 4.24
CA GLY B 25 11.21 5.68 3.38
C GLY B 25 10.31 6.83 3.77
N VAL B 26 9.40 6.57 4.66
CA VAL B 26 8.46 7.58 5.06
C VAL B 26 8.75 8.11 6.46
N ASN B 27 8.77 9.43 6.56
CA ASN B 27 8.91 10.15 7.80
C ASN B 27 7.82 11.16 7.78
N ALA B 28 7.45 11.71 8.91
CA ALA B 28 6.31 12.61 9.03
C ALA B 28 6.42 13.82 8.12
N LYS B 29 7.64 14.27 7.90
CA LYS B 29 7.84 15.47 7.11
C LYS B 29 7.58 15.20 5.63
N ASN B 30 8.04 14.09 5.18
CA ASN B 30 7.88 13.75 3.81
C ASN B 30 6.56 13.06 3.58
N CYS B 31 5.94 12.63 4.67
CA CYS B 31 4.62 12.05 4.66
C CYS B 31 3.59 13.12 4.45
N ARG B 32 3.73 14.26 5.12
CA ARG B 32 2.77 15.35 4.96
C ARG B 32 2.84 15.88 3.53
N SER B 33 4.05 16.05 3.04
CA SER B 33 4.25 16.45 1.68
C SER B 33 3.69 15.36 0.71
N LEU B 34 3.87 14.12 1.09
CA LEU B 34 3.40 12.98 0.30
C LEU B 34 1.91 13.01 0.23
N MET B 35 1.34 13.27 1.37
CA MET B 35 -0.09 13.30 1.60
C MET B 35 -0.75 14.30 0.70
N HIS B 36 -0.01 15.33 0.38
CA HIS B 36 -0.46 16.34 -0.55
C HIS B 36 -0.27 15.92 -1.99
N HIS B 37 0.72 15.12 -2.23
CA HIS B 37 1.03 14.76 -3.60
C HIS B 37 0.52 13.40 -4.00
N VAL B 38 -0.10 12.69 -3.10
CA VAL B 38 -0.62 11.42 -3.44
C VAL B 38 -1.99 11.22 -2.79
N LYS B 39 -2.82 10.45 -3.47
CA LYS B 39 -4.16 10.14 -3.04
C LYS B 39 -4.13 9.19 -1.85
N ASN B 40 -3.71 8.00 -2.09
CA ASN B 40 -3.60 6.97 -1.12
C ASN B 40 -2.68 5.93 -1.76
N ILE B 41 -2.67 4.72 -1.24
CA ILE B 41 -1.83 3.59 -1.65
C ILE B 41 -1.76 3.45 -3.17
N ALA B 42 -2.93 3.47 -3.82
CA ALA B 42 -3.02 3.26 -5.27
C ALA B 42 -2.14 4.19 -6.08
N GLU B 43 -2.27 5.47 -5.84
CA GLU B 43 -1.49 6.43 -6.58
C GLU B 43 -0.05 6.39 -6.13
N LEU B 44 0.16 6.07 -4.87
CA LEU B 44 1.50 5.98 -4.29
C LEU B 44 2.29 4.90 -5.00
N ALA B 45 1.65 3.78 -5.19
CA ALA B 45 2.26 2.67 -5.84
C ALA B 45 2.27 2.85 -7.35
N ALA B 46 1.50 3.81 -7.83
CA ALA B 46 1.45 4.13 -9.23
C ALA B 46 2.47 5.20 -9.59
N LEU B 47 2.96 5.91 -8.58
CA LEU B 47 3.95 6.94 -8.79
C LEU B 47 5.32 6.36 -9.08
N SER B 48 6.13 7.14 -9.75
CA SER B 48 7.47 6.76 -10.03
C SER B 48 8.38 7.20 -8.88
N GLN B 49 9.58 6.68 -8.80
CA GLN B 49 10.50 7.02 -7.73
C GLN B 49 10.94 8.47 -7.90
N ASP B 50 10.94 8.91 -9.15
CA ASP B 50 11.29 10.29 -9.52
C ASP B 50 10.36 11.23 -8.81
N GLU B 51 9.09 10.87 -8.79
CA GLU B 51 8.07 11.65 -8.15
C GLU B 51 8.30 11.65 -6.66
N LEU B 52 8.64 10.48 -6.11
CA LEU B 52 8.89 10.35 -4.68
C LEU B 52 10.07 11.21 -4.25
N THR B 53 11.16 11.19 -5.01
CA THR B 53 12.34 11.99 -4.69
C THR B 53 11.97 13.48 -4.67
N SER B 54 11.06 13.87 -5.53
CA SER B 54 10.63 15.23 -5.61
C SER B 54 9.74 15.60 -4.41
N ILE B 55 8.94 14.65 -3.95
CA ILE B 55 8.07 14.84 -2.81
C ILE B 55 8.88 14.81 -1.51
N LEU B 56 9.60 13.74 -1.34
CA LEU B 56 10.31 13.47 -0.10
C LEU B 56 11.57 14.32 -0.01
N GLY B 57 12.18 14.54 -1.14
CA GLY B 57 13.39 15.32 -1.22
C GLY B 57 14.61 14.51 -0.91
N ASN B 58 14.47 13.19 -0.98
CA ASN B 58 15.58 12.29 -0.75
C ASN B 58 15.39 11.12 -1.65
N ALA B 59 16.39 10.81 -2.42
CA ALA B 59 16.37 9.63 -3.24
C ALA B 59 16.41 8.41 -2.35
N ALA B 60 16.90 8.62 -1.12
CA ALA B 60 16.99 7.56 -0.13
C ALA B 60 15.62 7.08 0.21
N ASN B 61 14.82 8.01 0.68
CA ASN B 61 13.45 7.75 1.10
C ASN B 61 12.63 7.24 -0.06
N ALA B 62 12.85 7.83 -1.23
CA ALA B 62 12.13 7.48 -2.44
C ALA B 62 12.44 6.05 -2.86
N LYS B 63 13.71 5.68 -2.80
CA LYS B 63 14.14 4.38 -3.21
C LYS B 63 13.65 3.33 -2.23
N GLN B 64 13.71 3.66 -0.94
CA GLN B 64 13.28 2.71 0.10
C GLN B 64 11.83 2.32 -0.09
N LEU B 65 11.03 3.30 -0.40
CA LEU B 65 9.62 3.07 -0.58
C LEU B 65 9.33 2.40 -1.92
N TYR B 66 9.89 2.94 -3.00
CA TYR B 66 9.66 2.44 -4.35
C TYR B 66 10.09 0.96 -4.47
N ASP B 67 11.21 0.65 -3.86
CA ASP B 67 11.76 -0.71 -3.83
C ASP B 67 10.82 -1.64 -3.09
N PHE B 68 10.31 -1.17 -1.95
CA PHE B 68 9.38 -1.95 -1.13
C PHE B 68 8.09 -2.25 -1.91
N ILE B 69 7.54 -1.20 -2.52
CA ILE B 69 6.30 -1.24 -3.34
C ILE B 69 6.37 -2.31 -4.45
N HIS B 70 7.58 -2.51 -4.96
CA HIS B 70 7.82 -3.47 -6.03
C HIS B 70 8.51 -4.76 -5.56
N THR B 71 8.57 -5.00 -4.29
CA THR B 71 9.20 -6.22 -3.80
C THR B 71 8.15 -7.23 -3.33
N SER B 72 7.93 -8.29 -4.11
CA SER B 72 6.94 -9.32 -3.79
C SER B 72 7.14 -9.89 -2.39
N PHE B 73 6.04 -10.33 -1.79
CA PHE B 73 6.03 -10.86 -0.42
C PHE B 73 6.93 -12.10 -0.30
N ALA B 74 7.23 -12.72 -1.44
CA ALA B 74 8.06 -13.88 -1.47
C ALA B 74 9.21 -13.70 -2.47
N GLU B 75 9.51 -12.44 -2.82
CA GLU B 75 10.53 -12.16 -3.83
C GLU B 75 11.93 -12.37 -3.26
N VAL B 76 12.24 -11.66 -2.19
CA VAL B 76 13.57 -11.70 -1.57
C VAL B 76 13.74 -13.02 -0.81
N VAL B 77 12.62 -13.66 -0.52
CA VAL B 77 12.58 -14.85 0.19
C VAL B 77 13.01 -16.03 -0.69
N SER B 78 13.01 -15.78 -1.96
CA SER B 78 13.44 -16.73 -2.94
C SER B 78 14.92 -16.55 -3.18
N LYS B 79 15.62 -17.60 -3.63
CA LYS B 79 17.06 -17.46 -3.82
C LYS B 79 17.55 -18.12 -5.10
N GLY B 80 17.33 -19.39 -5.21
CA GLY B 80 17.83 -20.15 -6.31
C GLY B 80 18.21 -21.52 -5.84
N LYS B 81 17.29 -22.15 -5.13
CA LYS B 81 17.50 -23.50 -4.61
C LYS B 81 17.15 -24.56 -5.66
N GLY B 82 16.82 -24.09 -6.85
CA GLY B 82 16.44 -24.96 -7.94
C GLY B 82 17.56 -25.86 -8.38
N LYS B 83 18.70 -25.28 -8.68
CA LYS B 83 19.83 -26.05 -9.11
C LYS B 83 21.00 -25.83 -8.17
N LYS B 84 21.54 -24.64 -8.20
CA LYS B 84 22.65 -24.26 -7.38
C LYS B 84 22.53 -22.78 -7.14
N MET A 1 2.53 -17.24 -11.88
CA MET A 1 3.13 -18.34 -11.14
C MET A 1 4.46 -18.70 -11.77
N ASP A 2 5.51 -18.13 -11.25
CA ASP A 2 6.84 -18.42 -11.75
C ASP A 2 7.62 -19.09 -10.68
N SER A 3 8.66 -19.76 -11.06
CA SER A 3 9.55 -20.38 -10.12
C SER A 3 10.30 -19.30 -9.33
N GLU A 4 10.37 -18.11 -9.91
CA GLU A 4 10.98 -16.95 -9.29
C GLU A 4 10.17 -16.53 -8.04
N THR A 5 8.87 -16.79 -8.07
CA THR A 5 8.00 -16.44 -6.97
C THR A 5 7.94 -17.58 -5.95
N LEU A 6 8.64 -18.65 -6.25
CA LEU A 6 8.71 -19.78 -5.36
C LEU A 6 9.85 -19.53 -4.41
N PRO A 7 9.54 -19.24 -3.14
CA PRO A 7 10.52 -18.86 -2.14
C PRO A 7 11.55 -19.93 -1.91
N GLU A 8 12.72 -19.73 -2.46
CA GLU A 8 13.78 -20.70 -2.37
C GLU A 8 14.23 -20.92 -0.95
N SER A 9 14.50 -19.84 -0.25
CA SER A 9 14.96 -19.91 1.13
C SER A 9 13.80 -20.31 2.07
N GLU A 10 12.55 -20.06 1.61
CA GLU A 10 11.31 -20.30 2.40
C GLU A 10 11.39 -19.56 3.75
N LYS A 11 12.07 -18.43 3.73
CA LYS A 11 12.21 -17.56 4.87
C LYS A 11 10.91 -16.86 5.13
N TYR A 12 10.37 -16.23 4.07
CA TYR A 12 9.19 -15.42 4.16
C TYR A 12 9.43 -14.14 4.92
N ASN A 13 9.61 -13.09 4.15
CA ASN A 13 9.85 -11.76 4.68
C ASN A 13 8.66 -11.23 5.40
N PRO A 14 8.82 -10.94 6.70
CA PRO A 14 7.73 -10.45 7.51
C PRO A 14 7.29 -9.06 7.09
N GLY A 15 8.25 -8.23 6.65
CA GLY A 15 7.99 -6.84 6.28
C GLY A 15 6.77 -6.65 5.37
N PRO A 16 6.81 -7.15 4.13
CA PRO A 16 5.70 -7.04 3.19
C PRO A 16 4.49 -7.97 3.55
N GLN A 17 4.78 -9.14 4.12
CA GLN A 17 3.72 -10.11 4.48
C GLN A 17 2.84 -9.55 5.60
N ASP A 18 3.50 -9.05 6.62
CA ASP A 18 2.86 -8.45 7.78
C ASP A 18 2.11 -7.21 7.36
N PHE A 19 2.62 -6.57 6.30
CA PHE A 19 2.06 -5.34 5.79
C PHE A 19 0.67 -5.60 5.24
N LEU A 20 0.47 -6.76 4.65
CA LEU A 20 -0.84 -7.16 4.17
C LEU A 20 -1.79 -7.45 5.30
N LEU A 21 -1.35 -8.29 6.22
CA LEU A 21 -2.19 -8.76 7.33
C LEU A 21 -2.70 -7.63 8.23
N LYS A 22 -2.05 -6.48 8.18
CA LYS A 22 -2.44 -5.37 9.02
C LYS A 22 -3.41 -4.46 8.31
N MET A 23 -3.69 -4.77 7.06
CA MET A 23 -4.57 -3.96 6.28
C MET A 23 -6.01 -4.39 6.58
N PRO A 24 -6.96 -3.46 6.64
CA PRO A 24 -8.36 -3.80 6.84
C PRO A 24 -8.93 -4.53 5.62
N GLY A 25 -9.48 -5.71 5.84
CA GLY A 25 -10.01 -6.48 4.75
C GLY A 25 -9.12 -7.64 4.40
N VAL A 26 -8.12 -7.87 5.23
CA VAL A 26 -7.16 -8.94 5.01
C VAL A 26 -7.12 -9.93 6.17
N ASN A 27 -7.10 -11.22 5.84
CA ASN A 27 -6.95 -12.32 6.81
C ASN A 27 -5.83 -13.14 6.27
N ALA A 28 -5.25 -13.98 7.07
CA ALA A 28 -4.10 -14.78 6.64
C ALA A 28 -4.44 -15.70 5.47
N LYS A 29 -5.70 -16.10 5.37
CA LYS A 29 -6.07 -17.07 4.34
C LYS A 29 -6.13 -16.40 2.97
N ASN A 30 -6.64 -15.23 2.96
CA ASN A 30 -6.77 -14.50 1.74
C ASN A 30 -5.53 -13.73 1.43
N CYS A 31 -4.73 -13.52 2.44
CA CYS A 31 -3.44 -12.86 2.30
C CYS A 31 -2.49 -13.75 1.55
N ARG A 32 -2.47 -15.02 1.89
CA ARG A 32 -1.59 -15.97 1.23
C ARG A 32 -2.03 -16.17 -0.22
N SER A 33 -3.32 -16.29 -0.41
CA SER A 33 -3.88 -16.42 -1.74
C SER A 33 -3.58 -15.13 -2.56
N LEU A 34 -3.69 -14.00 -1.87
CA LEU A 34 -3.43 -12.68 -2.44
C LEU A 34 -2.00 -12.63 -2.87
N MET A 35 -1.17 -13.13 -2.02
CA MET A 35 0.26 -13.18 -2.14
C MET A 35 0.69 -13.93 -3.38
N HIS A 36 -0.11 -14.89 -3.77
CA HIS A 36 0.15 -15.62 -4.99
C HIS A 36 -0.37 -14.87 -6.22
N HIS A 37 -1.33 -13.98 -6.01
CA HIS A 37 -1.89 -13.20 -7.12
C HIS A 37 -1.24 -11.81 -7.23
N VAL A 38 -0.66 -11.37 -6.17
CA VAL A 38 -0.12 -10.04 -6.04
C VAL A 38 1.37 -10.09 -5.73
N LYS A 39 2.13 -9.24 -6.40
CA LYS A 39 3.57 -9.10 -6.19
C LYS A 39 3.82 -8.43 -4.84
N ASN A 40 3.37 -7.20 -4.72
CA ASN A 40 3.44 -6.45 -3.50
C ASN A 40 2.39 -5.35 -3.65
N ILE A 41 2.45 -4.34 -2.79
CA ILE A 41 1.52 -3.21 -2.69
C ILE A 41 1.04 -2.71 -4.07
N ALA A 42 2.00 -2.54 -5.00
CA ALA A 42 1.68 -2.03 -6.35
C ALA A 42 0.56 -2.79 -7.05
N GLU A 43 0.66 -4.09 -7.06
CA GLU A 43 -0.32 -4.91 -7.75
C GLU A 43 -1.59 -4.97 -6.95
N LEU A 44 -1.47 -4.93 -5.65
CA LEU A 44 -2.63 -4.95 -4.77
C LEU A 44 -3.49 -3.73 -5.02
N ALA A 45 -2.86 -2.58 -5.08
CA ALA A 45 -3.55 -1.36 -5.30
C ALA A 45 -3.95 -1.19 -6.77
N ALA A 46 -3.33 -1.99 -7.63
CA ALA A 46 -3.62 -1.96 -9.04
C ALA A 46 -4.81 -2.83 -9.36
N LEU A 47 -5.06 -3.82 -8.53
CA LEU A 47 -6.16 -4.69 -8.73
C LEU A 47 -7.48 -4.03 -8.37
N SER A 48 -8.52 -4.40 -9.08
CA SER A 48 -9.84 -3.89 -8.83
C SER A 48 -10.50 -4.67 -7.69
N GLN A 49 -11.58 -4.14 -7.14
CA GLN A 49 -12.27 -4.76 -6.02
C GLN A 49 -12.83 -6.13 -6.42
N ASP A 50 -13.14 -6.27 -7.69
CA ASP A 50 -13.62 -7.56 -8.24
C ASP A 50 -12.54 -8.61 -8.14
N GLU A 51 -11.31 -8.20 -8.41
CA GLU A 51 -10.18 -9.09 -8.36
C GLU A 51 -9.99 -9.53 -6.91
N LEU A 52 -10.16 -8.57 -6.00
CA LEU A 52 -10.04 -8.83 -4.58
C LEU A 52 -11.13 -9.79 -4.13
N THR A 53 -12.35 -9.58 -4.60
CA THR A 53 -13.46 -10.44 -4.22
C THR A 53 -13.20 -11.87 -4.73
N SER A 54 -12.52 -11.98 -5.84
CA SER A 54 -12.19 -13.25 -6.40
C SER A 54 -11.11 -13.94 -5.54
N ILE A 55 -10.06 -13.20 -5.24
CA ILE A 55 -8.93 -13.72 -4.46
C ILE A 55 -9.33 -14.04 -3.02
N LEU A 56 -9.89 -13.06 -2.35
CA LEU A 56 -10.22 -13.17 -0.95
C LEU A 56 -11.45 -14.06 -0.77
N GLY A 57 -12.35 -13.96 -1.73
CA GLY A 57 -13.55 -14.76 -1.73
C GLY A 57 -14.64 -14.19 -0.87
N ASN A 58 -14.44 -12.98 -0.38
CA ASN A 58 -15.44 -12.32 0.41
C ASN A 58 -15.48 -10.90 -0.01
N ALA A 59 -16.66 -10.42 -0.31
CA ALA A 59 -16.85 -9.04 -0.73
C ALA A 59 -16.58 -8.10 0.43
N ALA A 60 -16.72 -8.61 1.64
CA ALA A 60 -16.49 -7.82 2.84
C ALA A 60 -15.05 -7.43 2.92
N ASN A 61 -14.19 -8.39 2.69
CA ASN A 61 -12.76 -8.18 2.75
C ASN A 61 -12.32 -7.30 1.59
N ALA A 62 -12.86 -7.61 0.42
CA ALA A 62 -12.52 -6.92 -0.82
C ALA A 62 -12.92 -5.46 -0.76
N LYS A 63 -14.08 -5.21 -0.22
CA LYS A 63 -14.59 -3.87 -0.12
C LYS A 63 -13.78 -3.07 0.85
N GLN A 64 -13.48 -3.68 1.99
CA GLN A 64 -12.73 -2.99 3.03
C GLN A 64 -11.34 -2.62 2.57
N LEU A 65 -10.72 -3.54 1.87
CA LEU A 65 -9.39 -3.34 1.40
C LEU A 65 -9.37 -2.30 0.27
N TYR A 66 -10.24 -2.48 -0.74
CA TYR A 66 -10.30 -1.56 -1.87
C TYR A 66 -10.60 -0.12 -1.40
N ASP A 67 -11.49 -0.04 -0.44
CA ASP A 67 -11.88 1.22 0.20
C ASP A 67 -10.70 1.88 0.83
N PHE A 68 -9.93 1.14 1.60
CA PHE A 68 -8.78 1.67 2.30
C PHE A 68 -7.77 2.21 1.29
N ILE A 69 -7.47 1.38 0.28
CA ILE A 69 -6.54 1.71 -0.83
C ILE A 69 -6.90 3.04 -1.53
N HIS A 70 -8.18 3.33 -1.56
CA HIS A 70 -8.68 4.55 -2.21
C HIS A 70 -9.21 5.61 -1.24
N THR A 71 -9.01 5.43 0.04
CA THR A 71 -9.42 6.43 1.00
C THR A 71 -8.31 7.45 1.18
N SER A 72 -8.44 8.61 0.56
CA SER A 72 -7.41 9.61 0.61
C SER A 72 -7.14 10.00 2.06
N PHE A 73 -5.86 10.19 2.39
CA PHE A 73 -5.40 10.41 3.79
C PHE A 73 -6.13 11.56 4.48
N ALA A 74 -6.68 12.48 3.72
CA ALA A 74 -7.30 13.62 4.28
C ALA A 74 -8.73 13.73 3.81
N GLU A 75 -9.28 12.62 3.35
CA GLU A 75 -10.61 12.65 2.79
C GLU A 75 -11.68 12.57 3.86
N VAL A 76 -11.59 11.58 4.71
CA VAL A 76 -12.59 11.37 5.77
C VAL A 76 -12.66 12.59 6.71
N VAL A 77 -11.53 13.24 6.89
CA VAL A 77 -11.38 14.30 7.73
C VAL A 77 -11.72 15.64 7.05
N SER A 78 -12.07 15.60 5.79
CA SER A 78 -12.58 16.76 5.12
C SER A 78 -14.08 16.65 5.12
N LYS A 79 -14.70 17.51 5.88
CA LYS A 79 -16.13 17.44 6.07
C LYS A 79 -16.86 17.81 4.80
N GLY A 80 -17.81 16.98 4.46
CA GLY A 80 -18.67 17.24 3.38
C GLY A 80 -19.67 18.22 3.86
N LYS A 81 -19.39 19.46 3.60
CA LYS A 81 -20.21 20.59 4.03
C LYS A 81 -21.62 20.43 3.50
N GLY A 82 -21.69 19.97 2.29
CA GLY A 82 -22.92 19.77 1.61
C GLY A 82 -22.72 20.04 0.17
N LYS A 83 -22.80 19.03 -0.64
CA LYS A 83 -22.54 19.21 -2.05
C LYS A 83 -23.78 19.68 -2.77
N LYS A 84 -24.07 20.93 -2.59
CA LYS A 84 -25.18 21.57 -3.21
C LYS A 84 -24.64 22.62 -4.16
N MET B 1 -9.33 23.35 1.31
CA MET B 1 -8.81 24.72 1.43
C MET B 1 -7.47 24.79 0.68
N ASP B 2 -7.54 25.12 -0.62
CA ASP B 2 -6.41 25.14 -1.54
C ASP B 2 -5.77 23.72 -1.52
N SER B 3 -4.62 23.60 -2.03
CA SER B 3 -3.82 22.42 -1.84
C SER B 3 -3.24 22.49 -0.41
N GLU B 4 -3.23 23.73 0.13
CA GLU B 4 -2.63 24.08 1.43
C GLU B 4 -3.10 23.20 2.57
N THR B 5 -4.39 23.06 2.68
CA THR B 5 -5.00 22.32 3.69
C THR B 5 -6.17 21.61 3.14
N LEU B 6 -5.87 20.49 2.67
CA LEU B 6 -6.83 19.51 2.18
C LEU B 6 -8.06 19.24 3.09
N PRO B 7 -7.82 18.92 4.31
CA PRO B 7 -8.83 18.66 5.28
C PRO B 7 -9.44 19.96 5.82
N GLU B 8 -10.71 20.17 5.50
CA GLU B 8 -11.47 21.33 5.98
C GLU B 8 -11.48 21.38 7.50
N SER B 9 -11.76 20.26 8.12
CA SER B 9 -11.86 20.21 9.56
C SER B 9 -10.53 19.79 10.21
N GLU B 10 -9.77 18.96 9.49
CA GLU B 10 -8.48 18.41 9.93
C GLU B 10 -8.61 17.60 11.21
N LYS B 11 -9.16 16.43 11.04
CA LYS B 11 -9.33 15.50 12.11
C LYS B 11 -8.13 14.58 12.19
N TYR B 12 -7.61 14.25 11.00
CA TYR B 12 -6.49 13.36 10.82
C TYR B 12 -6.70 11.98 11.41
N ASN B 13 -7.39 11.16 10.65
CA ASN B 13 -7.64 9.77 10.99
C ASN B 13 -6.34 9.02 10.90
N PRO B 14 -5.96 8.31 11.98
CA PRO B 14 -4.69 7.62 12.04
C PRO B 14 -4.49 6.64 10.89
N GLY B 15 -5.45 5.73 10.70
CA GLY B 15 -5.39 4.62 9.70
C GLY B 15 -4.51 4.86 8.45
N PRO B 16 -4.97 5.65 7.48
CA PRO B 16 -4.23 5.90 6.23
C PRO B 16 -2.92 6.73 6.45
N GLN B 17 -2.99 7.69 7.36
CA GLN B 17 -1.86 8.59 7.67
C GLN B 17 -0.72 7.77 8.28
N ASP B 18 -1.09 6.99 9.27
CA ASP B 18 -0.21 6.11 10.01
C ASP B 18 0.31 5.02 9.08
N PHE B 19 -0.48 4.70 8.06
CA PHE B 19 -0.13 3.66 7.13
C PHE B 19 1.10 4.07 6.34
N LEU B 20 1.20 5.35 6.05
CA LEU B 20 2.37 5.89 5.38
C LEU B 20 3.58 5.90 6.29
N LEU B 21 3.42 6.47 7.46
CA LEU B 21 4.53 6.66 8.42
C LEU B 21 5.20 5.35 8.85
N LYS B 22 4.54 4.24 8.66
CA LYS B 22 5.12 2.95 9.01
C LYS B 22 5.88 2.34 7.82
N MET B 23 5.80 2.98 6.68
CA MET B 23 6.46 2.47 5.49
C MET B 23 7.93 2.91 5.49
N PRO B 24 8.86 2.07 4.99
CA PRO B 24 10.27 2.43 4.89
C PRO B 24 10.47 3.55 3.86
N GLY B 25 11.10 4.61 4.28
CA GLY B 25 11.32 5.71 3.40
C GLY B 25 10.40 6.86 3.73
N VAL B 26 9.56 6.67 4.72
CA VAL B 26 8.63 7.69 5.09
C VAL B 26 8.97 8.35 6.43
N ASN B 27 8.89 9.66 6.43
CA ASN B 27 9.06 10.49 7.61
C ASN B 27 7.90 11.42 7.56
N ALA B 28 7.54 12.04 8.66
CA ALA B 28 6.38 12.93 8.70
C ALA B 28 6.50 14.09 7.72
N LYS B 29 7.72 14.52 7.48
CA LYS B 29 7.97 15.65 6.60
C LYS B 29 7.61 15.29 5.15
N ASN B 30 8.03 14.15 4.74
CA ASN B 30 7.81 13.75 3.38
C ASN B 30 6.49 13.03 3.23
N CYS B 31 5.93 12.63 4.34
CA CYS B 31 4.61 12.04 4.39
C CYS B 31 3.57 13.10 4.17
N ARG B 32 3.73 14.26 4.79
CA ARG B 32 2.77 15.34 4.60
C ARG B 32 2.83 15.84 3.17
N SER B 33 4.04 16.01 2.67
CA SER B 33 4.23 16.37 1.28
C SER B 33 3.57 15.30 0.36
N LEU B 34 3.74 14.04 0.74
CA LEU B 34 3.20 12.92 -0.02
C LEU B 34 1.70 12.97 0.00
N MET B 35 1.20 13.27 1.14
CA MET B 35 -0.22 13.34 1.44
C MET B 35 -0.91 14.38 0.59
N HIS B 36 -0.15 15.39 0.20
CA HIS B 36 -0.67 16.42 -0.67
C HIS B 36 -0.45 16.09 -2.14
N HIS B 37 0.44 15.14 -2.43
CA HIS B 37 0.72 14.76 -3.83
C HIS B 37 0.15 13.41 -4.20
N VAL B 38 -0.36 12.69 -3.24
CA VAL B 38 -0.86 11.34 -3.44
C VAL B 38 -2.20 11.19 -2.75
N LYS B 39 -3.11 10.47 -3.40
CA LYS B 39 -4.43 10.19 -2.86
C LYS B 39 -4.33 9.24 -1.67
N ASN B 40 -3.94 8.01 -1.95
CA ASN B 40 -3.73 7.01 -0.95
C ASN B 40 -2.81 5.96 -1.61
N ILE B 41 -2.74 4.77 -1.02
CA ILE B 41 -1.90 3.63 -1.41
C ILE B 41 -1.84 3.47 -2.93
N ALA B 42 -3.02 3.50 -3.58
CA ALA B 42 -3.11 3.31 -5.03
C ALA B 42 -2.17 4.22 -5.82
N GLU B 43 -2.24 5.50 -5.56
CA GLU B 43 -1.45 6.47 -6.30
C GLU B 43 -0.02 6.39 -5.86
N LEU B 44 0.20 6.06 -4.61
CA LEU B 44 1.55 5.90 -4.08
C LEU B 44 2.28 4.78 -4.80
N ALA B 45 1.59 3.69 -4.97
CA ALA B 45 2.15 2.55 -5.61
C ALA B 45 2.14 2.71 -7.12
N ALA B 46 1.39 3.69 -7.59
CA ALA B 46 1.32 3.98 -9.01
C ALA B 46 2.42 4.94 -9.42
N LEU B 47 2.85 5.77 -8.48
CA LEU B 47 3.86 6.75 -8.79
C LEU B 47 5.25 6.10 -8.90
N SER B 48 6.08 6.68 -9.73
CA SER B 48 7.43 6.19 -9.93
C SER B 48 8.35 6.70 -8.80
N GLN B 49 9.53 6.10 -8.67
CA GLN B 49 10.52 6.49 -7.64
C GLN B 49 10.97 7.91 -7.89
N ASP B 50 10.99 8.29 -9.15
CA ASP B 50 11.35 9.62 -9.59
C ASP B 50 10.42 10.64 -8.97
N GLU B 51 9.15 10.28 -8.92
CA GLU B 51 8.13 11.13 -8.37
C GLU B 51 8.28 11.19 -6.88
N LEU B 52 8.61 10.06 -6.28
CA LEU B 52 8.84 10.02 -4.84
C LEU B 52 10.04 10.88 -4.47
N THR B 53 11.05 10.88 -5.32
CA THR B 53 12.24 11.68 -5.08
C THR B 53 11.87 13.16 -5.09
N SER B 54 10.92 13.52 -5.92
CA SER B 54 10.47 14.85 -6.03
C SER B 54 9.64 15.25 -4.79
N ILE B 55 8.76 14.35 -4.37
CA ILE B 55 7.89 14.59 -3.23
C ILE B 55 8.69 14.57 -1.92
N LEU B 56 9.44 13.52 -1.73
CA LEU B 56 10.15 13.32 -0.48
C LEU B 56 11.39 14.18 -0.45
N GLY B 57 11.92 14.42 -1.63
CA GLY B 57 13.10 15.25 -1.78
C GLY B 57 14.37 14.50 -1.48
N ASN B 58 14.30 13.19 -1.38
CA ASN B 58 15.48 12.40 -1.11
C ASN B 58 15.37 11.14 -1.88
N ALA B 59 16.42 10.79 -2.59
CA ALA B 59 16.47 9.55 -3.33
C ALA B 59 16.48 8.38 -2.37
N ALA B 60 16.95 8.62 -1.15
CA ALA B 60 17.04 7.60 -0.13
C ALA B 60 15.66 7.11 0.23
N ASN B 61 14.82 8.06 0.55
CA ASN B 61 13.46 7.78 0.97
C ASN B 61 12.67 7.23 -0.18
N ALA B 62 12.90 7.79 -1.36
CA ALA B 62 12.21 7.40 -2.57
C ALA B 62 12.56 5.98 -2.96
N LYS B 63 13.82 5.62 -2.77
CA LYS B 63 14.29 4.33 -3.17
C LYS B 63 13.76 3.31 -2.21
N GLN B 64 13.81 3.63 -0.93
CA GLN B 64 13.31 2.74 0.12
C GLN B 64 11.86 2.39 -0.11
N LEU B 65 11.06 3.41 -0.33
CA LEU B 65 9.66 3.24 -0.51
C LEU B 65 9.34 2.52 -1.82
N TYR B 66 9.91 3.00 -2.93
CA TYR B 66 9.67 2.39 -4.25
C TYR B 66 10.03 0.91 -4.23
N ASP B 67 11.18 0.62 -3.64
CA ASP B 67 11.68 -0.72 -3.55
C ASP B 67 10.69 -1.60 -2.80
N PHE B 68 10.21 -1.10 -1.66
CA PHE B 68 9.29 -1.83 -0.80
C PHE B 68 8.01 -2.16 -1.58
N ILE B 69 7.44 -1.14 -2.21
CA ILE B 69 6.20 -1.22 -3.02
C ILE B 69 6.30 -2.32 -4.12
N HIS B 70 7.51 -2.51 -4.62
CA HIS B 70 7.73 -3.44 -5.73
C HIS B 70 8.40 -4.75 -5.33
N THR B 71 8.72 -4.92 -4.06
CA THR B 71 9.37 -6.13 -3.60
C THR B 71 8.33 -7.15 -3.18
N SER B 72 8.21 -8.22 -3.94
CA SER B 72 7.28 -9.29 -3.62
C SER B 72 7.47 -9.79 -2.18
N PHE B 73 6.38 -10.27 -1.60
CA PHE B 73 6.34 -10.76 -0.22
C PHE B 73 7.31 -11.95 -0.01
N ALA B 74 7.70 -12.57 -1.11
CA ALA B 74 8.58 -13.72 -1.03
C ALA B 74 9.82 -13.49 -1.88
N GLU B 75 10.02 -12.24 -2.26
CA GLU B 75 11.06 -11.88 -3.21
C GLU B 75 12.46 -11.95 -2.60
N VAL B 76 12.60 -11.41 -1.41
CA VAL B 76 13.92 -11.37 -0.75
C VAL B 76 14.30 -12.78 -0.26
N VAL B 77 13.31 -13.64 -0.24
CA VAL B 77 13.44 -14.95 0.16
C VAL B 77 14.00 -15.82 -0.99
N SER B 78 13.59 -15.54 -2.17
CA SER B 78 14.09 -16.24 -3.32
C SER B 78 15.35 -15.57 -3.84
N LYS B 79 16.38 -16.34 -4.08
CA LYS B 79 17.56 -15.81 -4.69
C LYS B 79 17.22 -15.56 -6.15
N GLY B 80 16.54 -16.53 -6.72
CA GLY B 80 15.99 -16.38 -8.03
C GLY B 80 14.64 -15.73 -7.90
N LYS B 81 14.66 -14.46 -7.60
CA LYS B 81 13.46 -13.64 -7.39
C LYS B 81 13.03 -12.93 -8.67
N GLY B 82 13.57 -13.35 -9.76
CA GLY B 82 13.38 -12.64 -10.98
C GLY B 82 14.68 -12.05 -11.38
N LYS B 83 15.07 -12.28 -12.62
CA LYS B 83 16.37 -11.92 -13.15
C LYS B 83 17.42 -12.78 -12.52
N LYS B 84 17.48 -13.99 -12.98
CA LYS B 84 18.36 -14.97 -12.49
C LYS B 84 19.29 -15.39 -13.61
N MET A 1 2.44 -13.31 -7.67
CA MET A 1 1.45 -14.20 -8.27
C MET A 1 2.05 -15.58 -8.49
N ASP A 2 3.22 -15.64 -9.06
CA ASP A 2 3.88 -16.89 -9.31
C ASP A 2 5.31 -16.84 -8.97
N SER A 3 6.03 -16.57 -9.94
CA SER A 3 7.48 -16.58 -9.98
C SER A 3 8.10 -15.76 -8.85
N GLU A 4 7.55 -14.60 -8.65
CA GLU A 4 8.08 -13.63 -7.72
C GLU A 4 7.62 -13.91 -6.29
N THR A 5 6.54 -14.61 -6.16
CA THR A 5 5.99 -14.92 -4.86
C THR A 5 6.26 -16.32 -4.38
N LEU A 6 6.87 -17.09 -5.21
CA LEU A 6 7.34 -18.41 -4.82
C LEU A 6 8.74 -18.27 -4.28
N PRO A 7 8.91 -18.39 -2.96
CA PRO A 7 10.20 -18.23 -2.33
C PRO A 7 11.07 -19.55 -2.47
N GLU A 8 12.40 -19.37 -2.52
CA GLU A 8 13.36 -20.49 -2.72
C GLU A 8 13.92 -21.20 -1.42
N SER A 9 14.58 -20.45 -0.49
CA SER A 9 15.35 -21.08 0.61
C SER A 9 14.79 -20.90 2.09
N GLU A 10 13.64 -20.25 2.28
CA GLU A 10 12.93 -20.17 3.60
C GLU A 10 13.42 -19.12 4.58
N LYS A 11 13.15 -17.89 4.25
CA LYS A 11 13.35 -16.82 5.21
C LYS A 11 12.02 -16.36 5.77
N TYR A 12 11.25 -15.71 4.89
CA TYR A 12 10.02 -15.00 5.24
C TYR A 12 10.31 -13.75 6.05
N ASN A 13 10.30 -12.64 5.37
CA ASN A 13 10.51 -11.35 5.97
C ASN A 13 9.17 -10.83 6.33
N PRO A 14 8.97 -10.39 7.57
CA PRO A 14 7.68 -9.95 8.05
C PRO A 14 7.11 -8.80 7.22
N GLY A 15 7.97 -7.84 6.90
CA GLY A 15 7.62 -6.59 6.22
C GLY A 15 6.45 -6.65 5.25
N PRO A 16 6.64 -7.19 4.05
CA PRO A 16 5.58 -7.23 3.04
C PRO A 16 4.39 -8.15 3.44
N GLN A 17 4.70 -9.30 4.02
CA GLN A 17 3.68 -10.28 4.44
C GLN A 17 2.75 -9.65 5.48
N ASP A 18 3.37 -9.16 6.51
CA ASP A 18 2.72 -8.49 7.63
C ASP A 18 2.02 -7.23 7.19
N PHE A 19 2.54 -6.62 6.12
CA PHE A 19 2.00 -5.37 5.63
C PHE A 19 0.58 -5.61 5.15
N LEU A 20 0.37 -6.75 4.57
CA LEU A 20 -0.94 -7.17 4.13
C LEU A 20 -1.82 -7.49 5.31
N LEU A 21 -1.30 -8.30 6.20
CA LEU A 21 -2.07 -8.84 7.33
C LEU A 21 -2.58 -7.77 8.30
N LYS A 22 -2.06 -6.57 8.18
CA LYS A 22 -2.52 -5.49 9.03
C LYS A 22 -3.62 -4.70 8.34
N MET A 23 -3.83 -4.97 7.07
CA MET A 23 -4.80 -4.23 6.30
C MET A 23 -6.20 -4.75 6.60
N PRO A 24 -7.18 -3.85 6.71
CA PRO A 24 -8.58 -4.24 6.91
C PRO A 24 -9.11 -4.97 5.67
N GLY A 25 -9.45 -6.22 5.84
CA GLY A 25 -9.92 -7.01 4.73
C GLY A 25 -9.02 -8.20 4.48
N VAL A 26 -7.89 -8.21 5.11
CA VAL A 26 -6.92 -9.25 4.90
C VAL A 26 -6.88 -10.23 6.07
N ASN A 27 -6.79 -11.49 5.74
CA ASN A 27 -6.66 -12.58 6.68
C ASN A 27 -5.50 -13.40 6.21
N ALA A 28 -4.99 -14.26 7.03
CA ALA A 28 -3.84 -15.06 6.66
C ALA A 28 -4.13 -16.00 5.51
N LYS A 29 -5.40 -16.39 5.37
CA LYS A 29 -5.78 -17.31 4.31
C LYS A 29 -5.88 -16.59 2.99
N ASN A 30 -6.43 -15.41 3.01
CA ASN A 30 -6.60 -14.71 1.77
C ASN A 30 -5.33 -14.02 1.39
N CYS A 31 -4.43 -13.90 2.35
CA CYS A 31 -3.13 -13.31 2.17
C CYS A 31 -2.25 -14.24 1.37
N ARG A 32 -2.29 -15.53 1.69
CA ARG A 32 -1.51 -16.52 0.97
C ARG A 32 -1.99 -16.57 -0.49
N SER A 33 -3.29 -16.57 -0.64
CA SER A 33 -3.92 -16.55 -1.94
C SER A 33 -3.61 -15.24 -2.67
N LEU A 34 -3.49 -14.19 -1.89
CA LEU A 34 -3.20 -12.87 -2.41
C LEU A 34 -1.81 -12.88 -2.96
N MET A 35 -0.90 -13.59 -2.31
CA MET A 35 0.48 -13.71 -2.79
C MET A 35 0.48 -14.37 -4.14
N HIS A 36 -0.43 -15.26 -4.31
CA HIS A 36 -0.58 -15.97 -5.56
C HIS A 36 -1.34 -15.17 -6.61
N HIS A 37 -1.94 -14.07 -6.23
CA HIS A 37 -2.61 -13.21 -7.22
C HIS A 37 -1.94 -11.85 -7.38
N VAL A 38 -1.09 -11.50 -6.47
CA VAL A 38 -0.49 -10.17 -6.41
C VAL A 38 1.03 -10.28 -6.28
N LYS A 39 1.73 -9.20 -6.53
CA LYS A 39 3.15 -9.13 -6.35
C LYS A 39 3.47 -8.51 -4.99
N ASN A 40 3.14 -7.23 -4.84
CA ASN A 40 3.25 -6.51 -3.61
C ASN A 40 2.24 -5.33 -3.70
N ILE A 41 2.44 -4.29 -2.91
CA ILE A 41 1.58 -3.12 -2.77
C ILE A 41 1.10 -2.59 -4.12
N ALA A 42 2.04 -2.40 -5.05
CA ALA A 42 1.69 -1.82 -6.37
C ALA A 42 0.60 -2.60 -7.09
N GLU A 43 0.78 -3.89 -7.19
CA GLU A 43 -0.20 -4.75 -7.87
C GLU A 43 -1.47 -4.85 -7.05
N LEU A 44 -1.33 -4.86 -5.74
CA LEU A 44 -2.48 -4.90 -4.85
C LEU A 44 -3.37 -3.69 -5.07
N ALA A 45 -2.75 -2.55 -5.13
CA ALA A 45 -3.45 -1.31 -5.30
C ALA A 45 -3.84 -1.09 -6.77
N ALA A 46 -3.28 -1.90 -7.65
CA ALA A 46 -3.59 -1.84 -9.06
C ALA A 46 -4.77 -2.70 -9.39
N LEU A 47 -5.01 -3.70 -8.55
CA LEU A 47 -6.13 -4.57 -8.76
C LEU A 47 -7.45 -3.90 -8.41
N SER A 48 -8.52 -4.42 -8.95
CA SER A 48 -9.85 -3.91 -8.69
C SER A 48 -10.51 -4.72 -7.57
N GLN A 49 -11.60 -4.22 -7.00
CA GLN A 49 -12.28 -4.89 -5.90
C GLN A 49 -12.83 -6.24 -6.36
N ASP A 50 -13.20 -6.29 -7.64
CA ASP A 50 -13.73 -7.53 -8.27
C ASP A 50 -12.71 -8.64 -8.15
N GLU A 51 -11.45 -8.27 -8.34
CA GLU A 51 -10.37 -9.19 -8.28
C GLU A 51 -10.16 -9.63 -6.85
N LEU A 52 -10.29 -8.68 -5.94
CA LEU A 52 -10.14 -8.96 -4.51
C LEU A 52 -11.20 -9.96 -4.06
N THR A 53 -12.44 -9.77 -4.49
CA THR A 53 -13.50 -10.70 -4.13
C THR A 53 -13.21 -12.10 -4.70
N SER A 54 -12.55 -12.14 -5.83
CA SER A 54 -12.19 -13.41 -6.45
C SER A 54 -11.05 -14.11 -5.65
N ILE A 55 -10.14 -13.31 -5.13
CA ILE A 55 -9.01 -13.82 -4.36
C ILE A 55 -9.45 -14.21 -2.96
N LEU A 56 -10.03 -13.26 -2.26
CA LEU A 56 -10.37 -13.41 -0.88
C LEU A 56 -11.61 -14.27 -0.73
N GLY A 57 -12.52 -14.15 -1.67
CA GLY A 57 -13.75 -14.93 -1.68
C GLY A 57 -14.84 -14.30 -0.84
N ASN A 58 -14.59 -13.11 -0.34
CA ASN A 58 -15.60 -12.41 0.44
C ASN A 58 -15.58 -10.99 0.01
N ALA A 59 -16.72 -10.47 -0.41
CA ALA A 59 -16.86 -9.09 -0.81
C ALA A 59 -16.60 -8.17 0.37
N ALA A 60 -16.78 -8.71 1.57
CA ALA A 60 -16.56 -7.95 2.80
C ALA A 60 -15.12 -7.56 2.88
N ASN A 61 -14.28 -8.55 2.70
CA ASN A 61 -12.85 -8.40 2.78
C ASN A 61 -12.35 -7.53 1.64
N ALA A 62 -12.93 -7.75 0.47
CA ALA A 62 -12.56 -7.03 -0.74
C ALA A 62 -12.92 -5.57 -0.64
N LYS A 63 -14.08 -5.27 -0.07
CA LYS A 63 -14.54 -3.92 0.02
C LYS A 63 -13.73 -3.16 1.04
N GLN A 64 -13.44 -3.83 2.15
CA GLN A 64 -12.64 -3.24 3.21
C GLN A 64 -11.27 -2.85 2.69
N LEU A 65 -10.67 -3.75 1.96
CA LEU A 65 -9.35 -3.54 1.44
C LEU A 65 -9.36 -2.48 0.33
N TYR A 66 -10.30 -2.61 -0.60
CA TYR A 66 -10.43 -1.67 -1.72
C TYR A 66 -10.65 -0.24 -1.22
N ASP A 67 -11.46 -0.11 -0.19
CA ASP A 67 -11.76 1.17 0.45
C ASP A 67 -10.47 1.74 1.02
N PHE A 68 -9.76 0.91 1.76
CA PHE A 68 -8.53 1.30 2.43
C PHE A 68 -7.45 1.71 1.42
N ILE A 69 -7.45 1.08 0.26
CA ILE A 69 -6.52 1.39 -0.83
C ILE A 69 -6.83 2.78 -1.45
N HIS A 70 -8.11 3.14 -1.47
CA HIS A 70 -8.54 4.38 -2.15
C HIS A 70 -8.81 5.59 -1.23
N THR A 71 -9.27 5.36 -0.03
CA THR A 71 -9.59 6.45 0.90
C THR A 71 -8.38 7.33 1.28
N SER A 72 -8.32 8.51 0.67
CA SER A 72 -7.28 9.51 0.88
C SER A 72 -7.11 9.85 2.36
N PHE A 73 -5.88 10.20 2.71
CA PHE A 73 -5.48 10.53 4.08
C PHE A 73 -6.32 11.69 4.62
N ALA A 74 -6.77 12.54 3.71
CA ALA A 74 -7.54 13.68 4.08
C ALA A 74 -8.99 13.55 3.72
N GLU A 75 -9.35 12.47 3.05
CA GLU A 75 -10.72 12.29 2.48
C GLU A 75 -11.83 12.39 3.52
N VAL A 76 -11.71 11.59 4.57
CA VAL A 76 -12.70 11.54 5.66
C VAL A 76 -12.61 12.83 6.52
N VAL A 77 -11.52 13.52 6.36
CA VAL A 77 -11.23 14.66 7.08
C VAL A 77 -11.79 15.93 6.38
N SER A 78 -11.76 15.90 5.07
CA SER A 78 -12.24 16.95 4.22
C SER A 78 -13.66 17.38 4.53
N LYS A 79 -13.76 18.60 5.08
CA LYS A 79 -14.98 19.27 5.44
C LYS A 79 -15.79 18.51 6.54
N GLY A 80 -15.22 17.44 7.07
CA GLY A 80 -15.87 16.62 8.06
C GLY A 80 -17.03 15.82 7.47
N LYS A 81 -18.11 16.51 7.18
CA LYS A 81 -19.30 15.89 6.63
C LYS A 81 -19.22 15.89 5.11
N GLY A 82 -18.49 16.83 4.58
CA GLY A 82 -18.25 16.91 3.15
C GLY A 82 -19.42 17.49 2.37
N LYS A 83 -20.40 16.65 2.16
CA LYS A 83 -21.56 16.97 1.35
C LYS A 83 -22.64 17.59 2.21
N LYS A 84 -23.17 16.73 3.06
CA LYS A 84 -24.22 16.93 3.99
C LYS A 84 -24.57 15.49 4.34
N MET B 1 -16.99 23.33 -3.41
CA MET B 1 -16.49 22.66 -4.61
C MET B 1 -15.59 21.49 -4.22
N ASP B 2 -14.33 21.78 -3.91
CA ASP B 2 -13.38 20.79 -3.60
C ASP B 2 -13.40 20.36 -2.17
N SER B 3 -14.43 19.62 -1.87
CA SER B 3 -14.57 18.86 -0.65
C SER B 3 -13.62 17.69 -0.80
N GLU B 4 -13.28 17.46 -2.05
CA GLU B 4 -12.41 16.45 -2.54
C GLU B 4 -11.06 16.42 -1.79
N THR B 5 -10.37 17.52 -1.79
CA THR B 5 -9.03 17.57 -1.29
C THR B 5 -8.83 18.35 0.02
N LEU B 6 -9.64 19.36 0.26
CA LEU B 6 -9.43 20.28 1.40
C LEU B 6 -9.86 19.76 2.78
N PRO B 7 -8.88 19.46 3.66
CA PRO B 7 -9.14 19.07 5.01
C PRO B 7 -9.43 20.28 5.90
N GLU B 8 -10.68 20.68 5.89
CA GLU B 8 -11.16 21.83 6.66
C GLU B 8 -10.93 21.66 8.15
N SER B 9 -11.15 20.46 8.63
CA SER B 9 -10.96 20.13 10.03
C SER B 9 -9.46 19.94 10.31
N GLU B 10 -8.74 19.60 9.25
CA GLU B 10 -7.32 19.25 9.26
C GLU B 10 -7.00 18.28 10.39
N LYS B 11 -7.58 17.14 10.28
CA LYS B 11 -7.44 16.10 11.22
C LYS B 11 -6.34 15.19 10.78
N TYR B 12 -6.42 14.78 9.49
CA TYR B 12 -5.49 13.82 8.91
C TYR B 12 -5.72 12.48 9.56
N ASN B 13 -6.55 11.70 8.90
CA ASN B 13 -7.02 10.44 9.44
C ASN B 13 -5.85 9.48 9.66
N PRO B 14 -5.65 9.05 10.93
CA PRO B 14 -4.51 8.22 11.33
C PRO B 14 -4.45 6.89 10.60
N GLY B 15 -5.60 6.37 10.16
CA GLY B 15 -5.64 5.10 9.45
C GLY B 15 -4.68 5.08 8.26
N PRO B 16 -4.99 5.81 7.20
CA PRO B 16 -4.12 5.90 6.03
C PRO B 16 -2.83 6.77 6.28
N GLN B 17 -2.92 7.84 7.11
CA GLN B 17 -1.75 8.72 7.36
C GLN B 17 -0.61 7.97 8.04
N ASP B 18 -0.95 7.32 9.14
CA ASP B 18 0.01 6.54 9.91
C ASP B 18 0.51 5.36 9.09
N PHE B 19 -0.34 4.91 8.16
CA PHE B 19 0.00 3.79 7.29
C PHE B 19 1.23 4.16 6.46
N LEU B 20 1.30 5.43 6.07
CA LEU B 20 2.47 5.95 5.37
C LEU B 20 3.66 6.00 6.29
N LEU B 21 3.46 6.58 7.45
CA LEU B 21 4.53 6.86 8.41
C LEU B 21 5.23 5.61 8.95
N LYS B 22 4.66 4.47 8.72
CA LYS B 22 5.29 3.23 9.12
C LYS B 22 6.01 2.58 7.96
N MET B 23 5.90 3.17 6.79
CA MET B 23 6.53 2.61 5.62
C MET B 23 8.00 3.02 5.59
N PRO B 24 8.90 2.14 5.15
CA PRO B 24 10.32 2.47 5.03
C PRO B 24 10.56 3.56 3.98
N GLY B 25 11.10 4.67 4.41
CA GLY B 25 11.34 5.76 3.49
C GLY B 25 10.48 6.96 3.82
N VAL B 26 9.52 6.77 4.68
CA VAL B 26 8.59 7.83 5.01
C VAL B 26 8.95 8.52 6.33
N ASN B 27 8.81 9.82 6.32
CA ASN B 27 8.99 10.71 7.48
C ASN B 27 7.80 11.62 7.47
N ALA B 28 7.53 12.28 8.56
CA ALA B 28 6.39 13.17 8.66
C ALA B 28 6.49 14.32 7.67
N LYS B 29 7.71 14.73 7.35
CA LYS B 29 7.92 15.84 6.44
C LYS B 29 7.60 15.44 5.01
N ASN B 30 7.99 14.25 4.66
CA ASN B 30 7.77 13.81 3.33
C ASN B 30 6.36 13.29 3.18
N CYS B 31 5.77 12.90 4.30
CA CYS B 31 4.40 12.44 4.36
C CYS B 31 3.44 13.59 4.14
N ARG B 32 3.70 14.75 4.72
CA ARG B 32 2.83 15.91 4.50
C ARG B 32 2.86 16.31 3.03
N SER B 33 4.05 16.34 2.48
CA SER B 33 4.21 16.67 1.08
C SER B 33 3.52 15.60 0.24
N LEU B 34 3.74 14.36 0.63
CA LEU B 34 3.19 13.20 -0.07
C LEU B 34 1.69 13.27 -0.07
N MET B 35 1.17 13.71 1.03
CA MET B 35 -0.25 13.79 1.28
C MET B 35 -0.91 14.76 0.32
N HIS B 36 -0.17 15.75 -0.07
CA HIS B 36 -0.66 16.71 -1.04
C HIS B 36 -0.35 16.28 -2.48
N HIS B 37 0.54 15.31 -2.66
CA HIS B 37 0.87 14.84 -4.02
C HIS B 37 0.18 13.53 -4.36
N VAL B 38 -0.26 12.85 -3.34
CA VAL B 38 -0.83 11.52 -3.46
C VAL B 38 -2.23 11.49 -2.83
N LYS B 39 -3.13 10.76 -3.46
CA LYS B 39 -4.47 10.54 -2.90
C LYS B 39 -4.37 9.62 -1.71
N ASN B 40 -4.00 8.39 -1.96
CA ASN B 40 -3.82 7.40 -0.95
C ASN B 40 -2.90 6.33 -1.54
N ILE B 41 -2.71 5.24 -0.81
CA ILE B 41 -1.92 4.04 -1.16
C ILE B 41 -1.81 3.79 -2.67
N ALA B 42 -2.96 3.73 -3.35
CA ALA B 42 -3.00 3.47 -4.79
C ALA B 42 -2.13 4.43 -5.60
N GLU B 43 -2.21 5.72 -5.30
CA GLU B 43 -1.43 6.74 -5.99
C GLU B 43 0.00 6.69 -5.58
N LEU B 44 0.25 6.33 -4.34
CA LEU B 44 1.61 6.17 -3.85
C LEU B 44 2.32 5.08 -4.65
N ALA B 45 1.63 3.98 -4.83
CA ALA B 45 2.18 2.87 -5.55
C ALA B 45 2.11 3.11 -7.05
N ALA B 46 1.31 4.07 -7.45
CA ALA B 46 1.16 4.40 -8.86
C ALA B 46 2.24 5.34 -9.29
N LEU B 47 2.82 6.06 -8.34
CA LEU B 47 3.88 6.96 -8.66
C LEU B 47 5.20 6.20 -8.82
N SER B 48 6.21 6.87 -9.28
CA SER B 48 7.49 6.26 -9.47
C SER B 48 8.45 6.69 -8.34
N GLN B 49 9.62 6.09 -8.31
CA GLN B 49 10.65 6.43 -7.35
C GLN B 49 11.14 7.83 -7.61
N ASP B 50 11.03 8.24 -8.86
CA ASP B 50 11.48 9.53 -9.28
C ASP B 50 10.55 10.58 -8.73
N GLU B 51 9.24 10.29 -8.80
CA GLU B 51 8.24 11.18 -8.24
C GLU B 51 8.41 11.25 -6.74
N LEU B 52 8.77 10.13 -6.13
CA LEU B 52 9.03 10.10 -4.72
C LEU B 52 10.24 10.97 -4.39
N THR B 53 11.25 10.97 -5.25
CA THR B 53 12.42 11.83 -5.03
C THR B 53 12.01 13.30 -5.18
N SER B 54 11.05 13.54 -6.02
CA SER B 54 10.53 14.86 -6.28
C SER B 54 9.72 15.36 -5.05
N ILE B 55 9.01 14.44 -4.41
CA ILE B 55 8.19 14.76 -3.25
C ILE B 55 9.01 14.79 -1.96
N LEU B 56 9.70 13.69 -1.68
CA LEU B 56 10.40 13.52 -0.43
C LEU B 56 11.69 14.33 -0.46
N GLY B 57 12.25 14.45 -1.64
CA GLY B 57 13.44 15.23 -1.85
C GLY B 57 14.70 14.42 -1.76
N ASN B 58 14.59 13.21 -1.24
CA ASN B 58 15.78 12.38 -1.08
C ASN B 58 15.57 11.09 -1.82
N ALA B 59 16.56 10.69 -2.59
CA ALA B 59 16.49 9.46 -3.36
C ALA B 59 16.49 8.26 -2.44
N ALA B 60 17.05 8.44 -1.26
CA ALA B 60 17.14 7.37 -0.27
C ALA B 60 15.76 6.95 0.16
N ASN B 61 15.00 7.94 0.62
CA ASN B 61 13.63 7.72 1.09
C ASN B 61 12.79 7.17 -0.04
N ALA B 62 13.00 7.73 -1.22
CA ALA B 62 12.27 7.36 -2.42
C ALA B 62 12.55 5.91 -2.81
N LYS B 63 13.81 5.51 -2.70
CA LYS B 63 14.22 4.19 -3.07
C LYS B 63 13.70 3.20 -2.07
N GLN B 64 13.80 3.53 -0.79
CA GLN B 64 13.34 2.66 0.28
C GLN B 64 11.88 2.31 0.12
N LEU B 65 11.11 3.31 -0.21
CA LEU B 65 9.69 3.16 -0.36
C LEU B 65 9.34 2.45 -1.67
N TYR B 66 9.88 2.92 -2.78
CA TYR B 66 9.58 2.34 -4.10
C TYR B 66 9.96 0.85 -4.15
N ASP B 67 11.09 0.53 -3.56
CA ASP B 67 11.58 -0.83 -3.51
C ASP B 67 10.66 -1.70 -2.70
N PHE B 68 10.17 -1.20 -1.57
CA PHE B 68 9.25 -1.94 -0.73
C PHE B 68 7.97 -2.27 -1.51
N ILE B 69 7.43 -1.25 -2.17
CA ILE B 69 6.22 -1.32 -3.02
C ILE B 69 6.34 -2.40 -4.12
N HIS B 70 7.56 -2.61 -4.58
CA HIS B 70 7.86 -3.57 -5.64
C HIS B 70 8.57 -4.86 -5.15
N THR B 71 8.68 -5.05 -3.87
CA THR B 71 9.30 -6.26 -3.33
C THR B 71 8.23 -7.28 -3.03
N SER B 72 8.14 -8.31 -3.86
CA SER B 72 7.10 -9.29 -3.71
C SER B 72 7.21 -9.98 -2.33
N PHE B 73 6.07 -10.32 -1.75
CA PHE B 73 5.95 -10.82 -0.36
C PHE B 73 6.90 -11.98 -0.02
N ALA B 74 7.34 -12.72 -1.00
CA ALA B 74 8.13 -13.88 -0.74
C ALA B 74 9.38 -13.89 -1.59
N GLU B 75 9.71 -12.76 -2.14
CA GLU B 75 10.77 -12.68 -3.12
C GLU B 75 12.14 -12.69 -2.47
N VAL B 76 12.46 -11.63 -1.78
CA VAL B 76 13.75 -11.50 -1.12
C VAL B 76 13.86 -12.51 0.01
N VAL B 77 12.71 -12.93 0.52
CA VAL B 77 12.63 -13.80 1.56
C VAL B 77 13.11 -15.20 1.18
N SER B 78 12.64 -15.74 0.09
CA SER B 78 12.88 -17.09 -0.30
C SER B 78 12.26 -18.14 0.76
N LYS B 79 11.94 -19.40 0.26
CA LYS B 79 11.03 -20.52 0.86
C LYS B 79 10.00 -20.22 1.99
N GLY B 80 8.83 -20.79 1.85
CA GLY B 80 7.80 -20.67 2.84
C GLY B 80 6.50 -21.15 2.31
N LYS B 81 6.52 -22.36 1.82
CA LYS B 81 5.33 -22.97 1.26
C LYS B 81 4.82 -24.05 2.20
N GLY B 82 5.73 -24.75 2.80
CA GLY B 82 5.40 -25.83 3.67
C GLY B 82 6.48 -26.86 3.64
N LYS B 83 6.70 -27.51 4.75
CA LYS B 83 7.71 -28.55 4.79
C LYS B 83 7.06 -29.89 4.74
N LYS B 84 6.22 -30.16 5.69
CA LYS B 84 5.54 -31.40 5.76
C LYS B 84 4.07 -31.12 5.71
N MET A 1 2.96 -15.92 -15.19
CA MET A 1 3.48 -16.34 -13.90
C MET A 1 4.96 -16.67 -14.03
N ASP A 2 5.79 -15.99 -13.28
CA ASP A 2 7.22 -16.23 -13.30
C ASP A 2 7.67 -17.01 -12.10
N SER A 3 8.91 -17.42 -12.12
CA SER A 3 9.52 -18.17 -11.04
C SER A 3 9.71 -17.30 -9.80
N GLU A 4 9.81 -16.02 -10.02
CA GLU A 4 10.14 -15.04 -9.01
C GLU A 4 9.10 -14.97 -7.88
N THR A 5 7.86 -15.21 -8.22
CA THR A 5 6.78 -15.18 -7.26
C THR A 5 6.62 -16.50 -6.52
N LEU A 6 7.24 -17.52 -7.05
CA LEU A 6 7.18 -18.86 -6.49
C LEU A 6 8.35 -19.04 -5.50
N PRO A 7 8.07 -18.92 -4.21
CA PRO A 7 9.11 -18.91 -3.19
C PRO A 7 9.80 -20.25 -3.01
N GLU A 8 11.10 -20.23 -3.15
CA GLU A 8 11.92 -21.43 -3.00
C GLU A 8 12.02 -21.80 -1.53
N SER A 9 12.29 -20.82 -0.69
CA SER A 9 12.41 -21.05 0.73
C SER A 9 11.01 -21.11 1.39
N GLU A 10 10.03 -20.48 0.74
CA GLU A 10 8.66 -20.32 1.27
C GLU A 10 8.65 -19.88 2.75
N LYS A 11 9.17 -18.72 2.95
CA LYS A 11 9.29 -18.07 4.21
C LYS A 11 8.20 -17.04 4.32
N TYR A 12 8.03 -16.28 3.22
CA TYR A 12 7.15 -15.13 3.17
C TYR A 12 7.75 -14.02 4.03
N ASN A 13 8.33 -13.04 3.37
CA ASN A 13 8.94 -11.88 4.04
C ASN A 13 7.92 -11.20 4.91
N PRO A 14 8.11 -11.22 6.24
CA PRO A 14 7.13 -10.71 7.19
C PRO A 14 6.89 -9.21 7.04
N GLY A 15 7.89 -8.49 6.52
CA GLY A 15 7.75 -7.06 6.31
C GLY A 15 6.55 -6.71 5.44
N PRO A 16 6.58 -7.05 4.15
CA PRO A 16 5.47 -6.80 3.24
C PRO A 16 4.24 -7.74 3.55
N GLN A 17 4.49 -8.94 4.08
CA GLN A 17 3.40 -9.88 4.43
C GLN A 17 2.52 -9.30 5.53
N ASP A 18 3.15 -8.84 6.60
CA ASP A 18 2.45 -8.19 7.71
C ASP A 18 1.79 -6.94 7.25
N PHE A 19 2.35 -6.33 6.22
CA PHE A 19 1.81 -5.11 5.69
C PHE A 19 0.42 -5.36 5.15
N LEU A 20 0.23 -6.53 4.57
CA LEU A 20 -1.07 -6.96 4.13
C LEU A 20 -1.95 -7.28 5.30
N LEU A 21 -1.45 -8.11 6.20
CA LEU A 21 -2.20 -8.62 7.35
C LEU A 21 -2.80 -7.52 8.24
N LYS A 22 -2.24 -6.34 8.21
CA LYS A 22 -2.74 -5.26 9.03
C LYS A 22 -3.79 -4.45 8.31
N MET A 23 -3.97 -4.71 7.03
CA MET A 23 -4.93 -3.98 6.24
C MET A 23 -6.32 -4.53 6.54
N PRO A 24 -7.34 -3.68 6.66
CA PRO A 24 -8.71 -4.13 6.89
C PRO A 24 -9.22 -4.96 5.70
N GLY A 25 -9.59 -6.19 5.97
CA GLY A 25 -10.06 -7.05 4.93
C GLY A 25 -9.11 -8.21 4.73
N VAL A 26 -7.92 -8.08 5.26
CA VAL A 26 -6.94 -9.09 5.10
C VAL A 26 -6.86 -10.01 6.30
N ASN A 27 -6.79 -11.28 6.00
CA ASN A 27 -6.59 -12.34 6.97
C ASN A 27 -5.53 -13.18 6.34
N ALA A 28 -4.85 -13.99 7.11
CA ALA A 28 -3.72 -14.79 6.62
C ALA A 28 -4.12 -15.71 5.47
N LYS A 29 -5.36 -16.14 5.49
CA LYS A 29 -5.87 -17.07 4.49
C LYS A 29 -5.98 -16.40 3.12
N ASN A 30 -6.48 -15.22 3.13
CA ASN A 30 -6.69 -14.51 1.91
C ASN A 30 -5.49 -13.69 1.55
N CYS A 31 -4.58 -13.56 2.50
CA CYS A 31 -3.28 -12.94 2.30
C CYS A 31 -2.40 -13.87 1.49
N ARG A 32 -2.36 -15.15 1.86
CA ARG A 32 -1.54 -16.11 1.12
C ARG A 32 -2.06 -16.28 -0.31
N SER A 33 -3.38 -16.32 -0.44
CA SER A 33 -4.00 -16.36 -1.75
C SER A 33 -3.64 -15.08 -2.51
N LEU A 34 -3.69 -13.97 -1.79
CA LEU A 34 -3.42 -12.66 -2.36
C LEU A 34 -2.01 -12.61 -2.85
N MET A 35 -1.16 -13.20 -2.08
CA MET A 35 0.26 -13.23 -2.28
C MET A 35 0.61 -13.97 -3.54
N HIS A 36 -0.23 -14.92 -3.88
CA HIS A 36 -0.05 -15.65 -5.11
C HIS A 36 -0.68 -14.91 -6.28
N HIS A 37 -1.58 -13.98 -6.00
CA HIS A 37 -2.23 -13.21 -7.08
C HIS A 37 -1.61 -11.83 -7.26
N VAL A 38 -0.93 -11.36 -6.25
CA VAL A 38 -0.42 -10.01 -6.20
C VAL A 38 1.07 -10.01 -5.94
N LYS A 39 1.77 -9.11 -6.59
CA LYS A 39 3.19 -8.94 -6.41
C LYS A 39 3.47 -8.28 -5.05
N ASN A 40 3.10 -7.02 -4.93
CA ASN A 40 3.20 -6.28 -3.70
C ASN A 40 2.14 -5.17 -3.79
N ILE A 41 2.22 -4.19 -2.90
CA ILE A 41 1.31 -3.05 -2.76
C ILE A 41 0.86 -2.50 -4.11
N ALA A 42 1.82 -2.30 -5.03
CA ALA A 42 1.51 -1.76 -6.37
C ALA A 42 0.41 -2.53 -7.09
N GLU A 43 0.54 -3.84 -7.15
CA GLU A 43 -0.44 -4.67 -7.85
C GLU A 43 -1.71 -4.77 -7.04
N LEU A 44 -1.58 -4.73 -5.74
CA LEU A 44 -2.74 -4.75 -4.85
C LEU A 44 -3.61 -3.54 -5.09
N ALA A 45 -2.98 -2.39 -5.14
CA ALA A 45 -3.67 -1.16 -5.34
C ALA A 45 -4.06 -0.98 -6.80
N ALA A 46 -3.49 -1.82 -7.65
CA ALA A 46 -3.82 -1.79 -9.05
C ALA A 46 -5.03 -2.65 -9.34
N LEU A 47 -5.26 -3.63 -8.49
CA LEU A 47 -6.36 -4.53 -8.70
C LEU A 47 -7.74 -3.91 -8.43
N SER A 48 -8.76 -4.59 -8.90
CA SER A 48 -10.13 -4.17 -8.71
C SER A 48 -10.78 -4.96 -7.56
N GLN A 49 -11.92 -4.46 -7.09
CA GLN A 49 -12.62 -5.04 -5.94
C GLN A 49 -13.14 -6.42 -6.29
N ASP A 50 -13.52 -6.61 -7.54
CA ASP A 50 -14.05 -7.89 -8.01
C ASP A 50 -12.95 -8.93 -8.01
N GLU A 51 -11.75 -8.48 -8.33
CA GLU A 51 -10.57 -9.33 -8.32
C GLU A 51 -10.30 -9.78 -6.91
N LEU A 52 -10.40 -8.83 -5.98
CA LEU A 52 -10.21 -9.12 -4.57
C LEU A 52 -11.29 -10.09 -4.10
N THR A 53 -12.50 -9.93 -4.61
CA THR A 53 -13.60 -10.83 -4.23
C THR A 53 -13.27 -12.26 -4.71
N SER A 54 -12.57 -12.37 -5.81
CA SER A 54 -12.18 -13.65 -6.34
C SER A 54 -11.05 -14.26 -5.46
N ILE A 55 -10.03 -13.46 -5.22
CA ILE A 55 -8.85 -13.86 -4.43
C ILE A 55 -9.23 -14.23 -3.01
N LEU A 56 -9.89 -13.32 -2.34
CA LEU A 56 -10.22 -13.46 -0.95
C LEU A 56 -11.41 -14.38 -0.81
N GLY A 57 -12.30 -14.31 -1.78
CA GLY A 57 -13.48 -15.14 -1.80
C GLY A 57 -14.60 -14.57 -0.97
N ASN A 58 -14.47 -13.32 -0.58
CA ASN A 58 -15.49 -12.67 0.22
C ASN A 58 -15.56 -11.25 -0.23
N ALA A 59 -16.76 -10.78 -0.50
CA ALA A 59 -16.95 -9.40 -0.88
C ALA A 59 -16.69 -8.51 0.32
N ALA A 60 -16.81 -9.08 1.52
CA ALA A 60 -16.59 -8.33 2.75
C ALA A 60 -15.15 -7.88 2.81
N ASN A 61 -14.28 -8.83 2.67
CA ASN A 61 -12.84 -8.60 2.73
C ASN A 61 -12.41 -7.71 1.58
N ALA A 62 -12.97 -7.98 0.40
CA ALA A 62 -12.66 -7.25 -0.83
C ALA A 62 -13.07 -5.80 -0.72
N LYS A 63 -14.22 -5.55 -0.14
CA LYS A 63 -14.77 -4.22 -0.02
C LYS A 63 -13.95 -3.43 0.95
N GLN A 64 -13.58 -4.08 2.05
CA GLN A 64 -12.79 -3.46 3.09
C GLN A 64 -11.42 -3.05 2.58
N LEU A 65 -10.80 -3.95 1.87
CA LEU A 65 -9.47 -3.75 1.35
C LEU A 65 -9.47 -2.70 0.24
N TYR A 66 -10.40 -2.83 -0.70
CA TYR A 66 -10.49 -1.90 -1.84
C TYR A 66 -10.77 -0.49 -1.34
N ASP A 67 -11.60 -0.40 -0.30
CA ASP A 67 -11.92 0.86 0.35
C ASP A 67 -10.71 1.48 0.97
N PHE A 68 -9.91 0.69 1.65
CA PHE A 68 -8.73 1.19 2.29
C PHE A 68 -7.75 1.72 1.25
N ILE A 69 -7.58 0.95 0.16
CA ILE A 69 -6.74 1.32 -0.99
C ILE A 69 -7.17 2.67 -1.57
N HIS A 70 -8.48 2.94 -1.49
CA HIS A 70 -9.09 4.14 -2.01
C HIS A 70 -9.49 5.15 -0.94
N THR A 71 -8.94 5.03 0.22
CA THR A 71 -9.18 6.00 1.21
C THR A 71 -7.98 6.94 1.33
N SER A 72 -8.12 8.09 0.68
CA SER A 72 -7.17 9.16 0.71
C SER A 72 -6.91 9.53 2.16
N PHE A 73 -5.73 9.99 2.43
CA PHE A 73 -5.29 10.32 3.79
C PHE A 73 -6.09 11.50 4.37
N ALA A 74 -6.88 12.12 3.51
CA ALA A 74 -7.66 13.25 3.88
C ALA A 74 -9.17 13.05 3.63
N GLU A 75 -9.58 11.80 3.33
CA GLU A 75 -10.98 11.47 3.06
C GLU A 75 -11.86 11.74 4.25
N VAL A 76 -11.61 10.96 5.30
CA VAL A 76 -12.40 11.00 6.53
C VAL A 76 -12.13 12.32 7.28
N VAL A 77 -11.09 12.96 6.84
CA VAL A 77 -10.56 14.13 7.36
C VAL A 77 -11.29 15.37 6.81
N SER A 78 -11.85 15.23 5.65
CA SER A 78 -12.64 16.26 5.05
C SER A 78 -14.03 16.23 5.68
N LYS A 79 -14.85 17.20 5.35
CA LYS A 79 -16.18 17.23 5.88
C LYS A 79 -17.03 16.36 4.98
N GLY A 80 -16.95 16.62 3.68
CA GLY A 80 -17.63 15.81 2.68
C GLY A 80 -19.11 16.14 2.58
N LYS A 81 -19.77 16.08 3.71
CA LYS A 81 -21.21 16.29 3.85
C LYS A 81 -21.62 17.71 3.42
N GLY A 82 -20.67 18.60 3.36
CA GLY A 82 -20.96 19.95 2.98
C GLY A 82 -20.93 20.16 1.49
N LYS A 83 -20.31 19.24 0.78
CA LYS A 83 -20.16 19.40 -0.65
C LYS A 83 -20.70 18.16 -1.35
N LYS A 84 -20.61 18.16 -2.64
CA LYS A 84 -20.95 17.01 -3.40
C LYS A 84 -19.67 16.32 -3.87
N MET B 1 -5.48 15.09 -4.20
CA MET B 1 -5.06 16.52 -4.20
C MET B 1 -6.17 17.32 -4.81
N ASP B 2 -7.35 16.79 -4.66
CA ASP B 2 -8.49 17.23 -5.39
C ASP B 2 -9.53 17.64 -4.42
N SER B 3 -10.72 17.94 -4.93
CA SER B 3 -11.86 18.36 -4.14
C SER B 3 -12.15 17.36 -3.03
N GLU B 4 -12.01 16.10 -3.35
CA GLU B 4 -12.27 15.01 -2.43
C GLU B 4 -11.20 14.92 -1.33
N THR B 5 -10.02 15.43 -1.63
CA THR B 5 -8.90 15.30 -0.74
C THR B 5 -8.69 16.56 0.10
N LEU B 6 -9.51 17.55 -0.10
CA LEU B 6 -9.39 18.80 0.64
C LEU B 6 -9.87 18.62 2.06
N PRO B 7 -8.96 18.65 3.04
CA PRO B 7 -9.30 18.42 4.40
C PRO B 7 -9.96 19.62 5.09
N GLU B 8 -11.26 19.61 5.10
CA GLU B 8 -12.05 20.63 5.75
C GLU B 8 -11.86 20.62 7.27
N SER B 9 -11.90 19.44 7.88
CA SER B 9 -11.70 19.33 9.31
C SER B 9 -10.19 19.26 9.60
N GLU B 10 -9.46 18.71 8.62
CA GLU B 10 -8.02 18.51 8.69
C GLU B 10 -7.66 17.70 9.94
N LYS B 11 -8.36 16.61 10.07
CA LYS B 11 -8.19 15.68 11.14
C LYS B 11 -6.94 14.86 10.92
N TYR B 12 -6.71 14.43 9.64
CA TYR B 12 -5.55 13.61 9.31
C TYR B 12 -5.64 12.29 10.04
N ASN B 13 -6.44 11.43 9.45
CA ASN B 13 -6.78 10.13 9.99
C ASN B 13 -5.54 9.30 10.16
N PRO B 14 -5.34 8.74 11.36
CA PRO B 14 -4.15 7.95 11.65
C PRO B 14 -4.00 6.74 10.76
N GLY B 15 -5.12 6.12 10.37
CA GLY B 15 -5.09 4.91 9.56
C GLY B 15 -4.19 4.99 8.33
N PRO B 16 -4.59 5.73 7.31
CA PRO B 16 -3.79 5.88 6.09
C PRO B 16 -2.50 6.74 6.30
N GLN B 17 -2.53 7.70 7.23
CA GLN B 17 -1.36 8.56 7.48
C GLN B 17 -0.23 7.76 8.12
N ASP B 18 -0.57 7.04 9.17
CA ASP B 18 0.36 6.16 9.89
C ASP B 18 0.78 5.03 8.96
N PHE B 19 -0.10 4.70 8.02
CA PHE B 19 0.16 3.65 7.06
C PHE B 19 1.38 4.01 6.23
N LEU B 20 1.49 5.30 5.90
CA LEU B 20 2.64 5.83 5.19
C LEU B 20 3.85 5.87 6.09
N LEU B 21 3.71 6.50 7.23
CA LEU B 21 4.83 6.75 8.17
C LEU B 21 5.50 5.47 8.69
N LYS B 22 4.85 4.34 8.54
CA LYS B 22 5.44 3.08 8.97
C LYS B 22 6.18 2.40 7.82
N MET B 23 6.21 3.06 6.68
CA MET B 23 6.83 2.50 5.53
C MET B 23 8.31 2.86 5.56
N PRO B 24 9.19 1.98 5.11
CA PRO B 24 10.61 2.30 5.04
C PRO B 24 10.88 3.34 3.95
N GLY B 25 11.38 4.49 4.34
CA GLY B 25 11.71 5.51 3.38
C GLY B 25 10.76 6.68 3.43
N VAL B 26 10.29 7.00 4.60
CA VAL B 26 9.35 8.11 4.74
C VAL B 26 9.57 8.84 6.08
N ASN B 27 9.17 10.09 6.13
CA ASN B 27 9.24 10.95 7.32
C ASN B 27 7.96 11.71 7.41
N ALA B 28 7.71 12.33 8.52
CA ALA B 28 6.51 13.13 8.69
C ALA B 28 6.50 14.33 7.73
N LYS B 29 7.68 14.86 7.45
CA LYS B 29 7.79 16.04 6.61
C LYS B 29 7.47 15.72 5.14
N ASN B 30 7.94 14.59 4.71
CA ASN B 30 7.74 14.26 3.35
C ASN B 30 6.43 13.53 3.17
N CYS B 31 5.87 13.07 4.27
CA CYS B 31 4.56 12.45 4.28
C CYS B 31 3.50 13.49 4.09
N ARG B 32 3.66 14.65 4.71
CA ARG B 32 2.70 15.73 4.55
C ARG B 32 2.73 16.22 3.10
N SER B 33 3.93 16.37 2.58
CA SER B 33 4.12 16.76 1.20
C SER B 33 3.58 15.65 0.26
N LEU B 34 3.79 14.42 0.66
CA LEU B 34 3.35 13.25 -0.09
C LEU B 34 1.86 13.23 -0.12
N MET B 35 1.27 13.60 0.98
CA MET B 35 -0.15 13.62 1.19
C MET B 35 -0.81 14.61 0.26
N HIS B 36 -0.07 15.63 -0.08
CA HIS B 36 -0.52 16.61 -1.06
C HIS B 36 -0.23 16.17 -2.49
N HIS B 37 0.66 15.21 -2.66
CA HIS B 37 0.98 14.72 -4.01
C HIS B 37 0.30 13.39 -4.32
N VAL B 38 -0.13 12.73 -3.31
CA VAL B 38 -0.73 11.42 -3.42
C VAL B 38 -2.15 11.47 -2.88
N LYS B 39 -3.03 10.74 -3.49
CA LYS B 39 -4.40 10.70 -3.08
C LYS B 39 -4.56 9.63 -2.04
N ASN B 40 -4.48 8.42 -2.46
CA ASN B 40 -4.59 7.33 -1.60
C ASN B 40 -3.53 6.32 -1.93
N ILE B 41 -3.60 5.20 -1.29
CA ILE B 41 -2.65 4.10 -1.44
C ILE B 41 -2.36 3.79 -2.92
N ALA B 42 -3.42 3.78 -3.73
CA ALA B 42 -3.26 3.55 -5.20
C ALA B 42 -2.22 4.47 -5.87
N GLU B 43 -2.34 5.80 -5.70
CA GLU B 43 -1.41 6.77 -6.33
C GLU B 43 -0.04 6.62 -5.75
N LEU B 44 0.01 6.31 -4.48
CA LEU B 44 1.27 6.05 -3.77
C LEU B 44 2.05 4.97 -4.47
N ALA B 45 1.39 3.88 -4.72
CA ALA B 45 2.00 2.74 -5.32
C ALA B 45 2.16 2.90 -6.82
N ALA B 46 1.49 3.88 -7.36
CA ALA B 46 1.54 4.16 -8.77
C ALA B 46 2.72 5.05 -9.08
N LEU B 47 3.13 5.85 -8.12
CA LEU B 47 4.21 6.76 -8.35
C LEU B 47 5.56 6.05 -8.41
N SER B 48 6.43 6.54 -9.26
CA SER B 48 7.75 5.97 -9.41
C SER B 48 8.72 6.61 -8.39
N GLN B 49 9.93 6.03 -8.27
CA GLN B 49 10.93 6.48 -7.29
C GLN B 49 11.33 7.90 -7.60
N ASP B 50 11.29 8.23 -8.86
CA ASP B 50 11.67 9.55 -9.33
C ASP B 50 10.72 10.59 -8.78
N GLU B 51 9.43 10.25 -8.79
CA GLU B 51 8.40 11.12 -8.28
C GLU B 51 8.59 11.24 -6.78
N LEU B 52 8.91 10.13 -6.15
CA LEU B 52 9.15 10.12 -4.72
C LEU B 52 10.34 10.99 -4.35
N THR B 53 11.37 10.98 -5.19
CA THR B 53 12.56 11.79 -4.93
C THR B 53 12.19 13.27 -5.05
N SER B 54 11.26 13.55 -5.92
CA SER B 54 10.81 14.90 -6.14
C SER B 54 9.98 15.37 -4.92
N ILE B 55 9.20 14.47 -4.36
CA ILE B 55 8.36 14.77 -3.22
C ILE B 55 9.17 14.76 -1.91
N LEU B 56 9.86 13.68 -1.67
CA LEU B 56 10.55 13.46 -0.42
C LEU B 56 11.83 14.27 -0.36
N GLY B 57 12.41 14.50 -1.53
CA GLY B 57 13.62 15.29 -1.64
C GLY B 57 14.88 14.55 -1.26
N ASN B 58 14.75 13.26 -0.99
CA ASN B 58 15.89 12.43 -0.69
C ASN B 58 15.70 11.14 -1.42
N ALA B 59 16.65 10.81 -2.26
CA ALA B 59 16.64 9.57 -3.04
C ALA B 59 16.66 8.36 -2.13
N ALA B 60 17.20 8.53 -0.93
CA ALA B 60 17.28 7.46 0.03
C ALA B 60 15.90 7.02 0.45
N ASN B 61 15.06 8.00 0.77
CA ASN B 61 13.69 7.73 1.17
C ASN B 61 12.92 7.18 0.01
N ALA B 62 13.13 7.82 -1.14
CA ALA B 62 12.44 7.48 -2.37
C ALA B 62 12.74 6.06 -2.80
N LYS B 63 13.99 5.66 -2.64
CA LYS B 63 14.43 4.35 -3.02
C LYS B 63 13.85 3.34 -2.09
N GLN B 64 13.92 3.63 -0.80
CA GLN B 64 13.41 2.71 0.21
C GLN B 64 11.91 2.49 0.08
N LEU B 65 11.19 3.57 -0.15
CA LEU B 65 9.75 3.49 -0.31
C LEU B 65 9.39 2.77 -1.62
N TYR B 66 10.04 3.15 -2.73
CA TYR B 66 9.79 2.51 -4.04
C TYR B 66 10.07 1.02 -3.96
N ASP B 67 11.17 0.69 -3.30
CA ASP B 67 11.63 -0.68 -3.07
C ASP B 67 10.56 -1.51 -2.42
N PHE B 68 9.99 -0.98 -1.34
CA PHE B 68 8.99 -1.68 -0.57
C PHE B 68 7.76 -1.97 -1.42
N ILE B 69 7.25 -0.94 -2.07
CA ILE B 69 6.04 -0.98 -2.95
C ILE B 69 6.17 -2.01 -4.10
N HIS B 70 7.40 -2.22 -4.54
CA HIS B 70 7.68 -3.08 -5.69
C HIS B 70 8.50 -4.34 -5.34
N THR B 71 8.44 -4.77 -4.10
CA THR B 71 9.10 -6.02 -3.69
C THR B 71 8.06 -7.05 -3.30
N SER B 72 7.93 -8.13 -4.07
CA SER B 72 6.93 -9.14 -3.79
C SER B 72 7.13 -9.75 -2.38
N PHE B 73 6.02 -10.15 -1.77
CA PHE B 73 6.00 -10.67 -0.39
C PHE B 73 6.81 -11.95 -0.27
N ALA B 74 7.06 -12.59 -1.38
CA ALA B 74 7.80 -13.81 -1.38
C ALA B 74 9.01 -13.71 -2.30
N GLU B 75 9.32 -12.49 -2.70
CA GLU B 75 10.36 -12.24 -3.71
C GLU B 75 11.74 -12.55 -3.18
N VAL B 76 12.01 -12.11 -1.96
CA VAL B 76 13.31 -12.29 -1.35
C VAL B 76 13.40 -13.74 -0.83
N VAL B 77 12.25 -14.35 -0.68
CA VAL B 77 12.10 -15.66 -0.25
C VAL B 77 12.41 -16.63 -1.42
N SER B 78 12.11 -16.20 -2.60
CA SER B 78 12.61 -16.83 -3.76
C SER B 78 14.10 -16.50 -3.78
N LYS B 79 14.92 -17.50 -3.83
CA LYS B 79 16.31 -17.30 -3.67
C LYS B 79 16.91 -16.70 -4.91
N GLY B 80 16.64 -17.32 -6.04
CA GLY B 80 17.12 -16.84 -7.33
C GLY B 80 18.59 -17.09 -7.57
N LYS B 81 19.39 -17.08 -6.50
CA LYS B 81 20.83 -17.26 -6.56
C LYS B 81 21.16 -18.75 -6.73
N GLY B 82 20.16 -19.58 -6.43
CA GLY B 82 20.25 -21.02 -6.58
C GLY B 82 21.33 -21.66 -5.74
N LYS B 83 22.44 -21.95 -6.37
CA LYS B 83 23.54 -22.66 -5.72
C LYS B 83 24.40 -21.74 -4.84
N LYS B 84 24.08 -20.47 -4.82
CA LYS B 84 24.75 -19.53 -3.96
C LYS B 84 23.83 -19.17 -2.83
N MET A 1 2.32 -14.84 -8.53
CA MET A 1 2.01 -15.47 -9.84
C MET A 1 3.27 -15.93 -10.55
N ASP A 2 4.39 -15.30 -10.27
CA ASP A 2 5.62 -15.64 -10.95
C ASP A 2 6.44 -16.62 -10.08
N SER A 3 7.67 -16.87 -10.44
CA SER A 3 8.52 -17.79 -9.72
C SER A 3 8.97 -17.20 -8.38
N GLU A 4 9.03 -15.87 -8.30
CA GLU A 4 9.45 -15.19 -7.06
C GLU A 4 8.44 -15.37 -5.94
N THR A 5 7.21 -15.61 -6.32
CA THR A 5 6.17 -15.82 -5.34
C THR A 5 6.09 -17.26 -4.86
N LEU A 6 6.91 -18.08 -5.45
CA LEU A 6 7.06 -19.46 -5.05
C LEU A 6 8.41 -19.64 -4.36
N PRO A 7 8.42 -19.55 -3.04
CA PRO A 7 9.64 -19.61 -2.25
C PRO A 7 10.08 -21.04 -1.93
N GLU A 8 11.25 -21.42 -2.41
CA GLU A 8 11.79 -22.74 -2.14
C GLU A 8 12.27 -22.81 -0.69
N SER A 9 12.80 -21.71 -0.20
CA SER A 9 13.27 -21.64 1.17
C SER A 9 12.06 -21.48 2.13
N GLU A 10 10.99 -20.88 1.60
CA GLU A 10 9.73 -20.59 2.32
C GLU A 10 9.98 -19.96 3.69
N LYS A 11 10.42 -18.76 3.63
CA LYS A 11 10.67 -17.95 4.78
C LYS A 11 9.50 -17.00 5.00
N TYR A 12 9.15 -16.25 3.92
CA TYR A 12 8.12 -15.23 3.96
C TYR A 12 8.51 -14.11 4.90
N ASN A 13 9.05 -13.06 4.33
CA ASN A 13 9.51 -11.95 5.13
C ASN A 13 8.34 -11.19 5.70
N PRO A 14 8.35 -10.94 7.02
CA PRO A 14 7.25 -10.33 7.74
C PRO A 14 6.87 -8.94 7.25
N GLY A 15 7.84 -8.18 6.75
CA GLY A 15 7.60 -6.80 6.30
C GLY A 15 6.40 -6.67 5.37
N PRO A 16 6.47 -7.18 4.13
CA PRO A 16 5.36 -7.11 3.21
C PRO A 16 4.18 -7.98 3.66
N GLN A 17 4.47 -9.19 4.19
CA GLN A 17 3.42 -10.14 4.59
C GLN A 17 2.50 -9.57 5.69
N ASP A 18 3.10 -8.97 6.68
CA ASP A 18 2.39 -8.33 7.77
C ASP A 18 1.64 -7.12 7.26
N PHE A 19 2.15 -6.52 6.18
CA PHE A 19 1.58 -5.29 5.65
C PHE A 19 0.16 -5.55 5.23
N LEU A 20 -0.02 -6.63 4.51
CA LEU A 20 -1.35 -6.95 4.00
C LEU A 20 -2.23 -7.43 5.13
N LEU A 21 -1.68 -8.30 5.98
CA LEU A 21 -2.44 -8.88 7.11
C LEU A 21 -3.01 -7.86 8.07
N LYS A 22 -2.44 -6.69 8.12
CA LYS A 22 -2.94 -5.66 9.01
C LYS A 22 -4.01 -4.81 8.34
N MET A 23 -4.23 -5.04 7.06
CA MET A 23 -5.20 -4.26 6.32
C MET A 23 -6.58 -4.85 6.57
N PRO A 24 -7.60 -4.02 6.81
CA PRO A 24 -8.97 -4.47 7.01
C PRO A 24 -9.50 -5.15 5.74
N GLY A 25 -9.90 -6.39 5.87
CA GLY A 25 -10.38 -7.13 4.76
C GLY A 25 -9.50 -8.33 4.53
N VAL A 26 -8.27 -8.21 4.95
CA VAL A 26 -7.29 -9.24 4.78
C VAL A 26 -7.26 -10.16 5.98
N ASN A 27 -7.20 -11.43 5.68
CA ASN A 27 -7.07 -12.49 6.65
C ASN A 27 -6.01 -13.39 6.13
N ALA A 28 -5.43 -14.22 6.96
CA ALA A 28 -4.33 -15.10 6.56
C ALA A 28 -4.71 -16.00 5.40
N LYS A 29 -5.99 -16.33 5.29
CA LYS A 29 -6.45 -17.21 4.24
C LYS A 29 -6.46 -16.50 2.89
N ASN A 30 -6.91 -15.27 2.90
CA ASN A 30 -7.02 -14.56 1.66
C ASN A 30 -5.73 -13.88 1.33
N CYS A 31 -4.92 -13.70 2.33
CA CYS A 31 -3.62 -13.10 2.18
C CYS A 31 -2.69 -14.06 1.49
N ARG A 32 -2.79 -15.36 1.82
CA ARG A 32 -1.96 -16.35 1.16
C ARG A 32 -2.38 -16.46 -0.30
N SER A 33 -3.68 -16.42 -0.50
CA SER A 33 -4.25 -16.42 -1.83
C SER A 33 -3.76 -15.18 -2.59
N LEU A 34 -3.67 -14.09 -1.86
CA LEU A 34 -3.22 -12.82 -2.38
C LEU A 34 -1.76 -12.92 -2.76
N MET A 35 -0.99 -13.67 -1.98
CA MET A 35 0.46 -13.88 -2.22
C MET A 35 0.64 -14.48 -3.57
N HIS A 36 -0.28 -15.33 -3.92
CA HIS A 36 -0.22 -16.00 -5.19
C HIS A 36 -0.72 -15.12 -6.32
N HIS A 37 -1.64 -14.21 -6.03
CA HIS A 37 -2.24 -13.40 -7.09
C HIS A 37 -1.58 -12.03 -7.25
N VAL A 38 -0.82 -11.65 -6.28
CA VAL A 38 -0.26 -10.32 -6.24
C VAL A 38 1.26 -10.40 -6.08
N LYS A 39 1.96 -9.44 -6.66
CA LYS A 39 3.39 -9.34 -6.49
C LYS A 39 3.68 -8.74 -5.13
N ASN A 40 3.25 -7.51 -4.95
CA ASN A 40 3.35 -6.82 -3.69
C ASN A 40 2.38 -5.63 -3.76
N ILE A 41 2.43 -4.77 -2.75
CA ILE A 41 1.69 -3.51 -2.58
C ILE A 41 1.21 -2.89 -3.90
N ALA A 42 2.14 -2.67 -4.83
CA ALA A 42 1.82 -2.05 -6.13
C ALA A 42 0.70 -2.77 -6.86
N GLU A 43 0.82 -4.08 -6.95
CA GLU A 43 -0.16 -4.89 -7.67
C GLU A 43 -1.43 -4.99 -6.85
N LEU A 44 -1.28 -5.02 -5.54
CA LEU A 44 -2.41 -5.06 -4.63
C LEU A 44 -3.31 -3.85 -4.83
N ALA A 45 -2.69 -2.69 -4.87
CA ALA A 45 -3.39 -1.46 -5.02
C ALA A 45 -3.76 -1.20 -6.48
N ALA A 46 -3.17 -1.97 -7.37
CA ALA A 46 -3.46 -1.84 -8.78
C ALA A 46 -4.66 -2.68 -9.15
N LEU A 47 -4.89 -3.73 -8.37
CA LEU A 47 -6.00 -4.57 -8.62
C LEU A 47 -7.32 -3.91 -8.26
N SER A 48 -8.33 -4.20 -9.04
CA SER A 48 -9.66 -3.68 -8.81
C SER A 48 -10.34 -4.45 -7.67
N GLN A 49 -11.47 -3.94 -7.17
CA GLN A 49 -12.19 -4.57 -6.08
C GLN A 49 -12.67 -5.95 -6.50
N ASP A 50 -13.02 -6.06 -7.76
CA ASP A 50 -13.53 -7.33 -8.30
C ASP A 50 -12.46 -8.38 -8.32
N GLU A 51 -11.23 -7.94 -8.46
CA GLU A 51 -10.10 -8.82 -8.42
C GLU A 51 -9.95 -9.33 -7.02
N LEU A 52 -10.16 -8.44 -6.06
CA LEU A 52 -10.10 -8.78 -4.66
C LEU A 52 -11.21 -9.76 -4.32
N THR A 53 -12.41 -9.53 -4.83
CA THR A 53 -13.54 -10.43 -4.59
C THR A 53 -13.22 -11.83 -5.13
N SER A 54 -12.45 -11.90 -6.18
CA SER A 54 -12.05 -13.12 -6.75
C SER A 54 -11.00 -13.84 -5.89
N ILE A 55 -10.00 -13.08 -5.44
CA ILE A 55 -8.91 -13.61 -4.63
C ILE A 55 -9.41 -14.01 -3.24
N LEU A 56 -10.05 -13.07 -2.58
CA LEU A 56 -10.48 -13.26 -1.21
C LEU A 56 -11.74 -14.14 -1.19
N GLY A 57 -12.53 -14.02 -2.23
CA GLY A 57 -13.73 -14.83 -2.39
C GLY A 57 -14.92 -14.26 -1.66
N ASN A 58 -14.76 -13.07 -1.10
CA ASN A 58 -15.85 -12.41 -0.41
C ASN A 58 -15.73 -10.93 -0.68
N ALA A 59 -16.80 -10.36 -1.24
CA ALA A 59 -16.85 -8.94 -1.57
C ALA A 59 -16.73 -8.07 -0.34
N ALA A 60 -17.05 -8.63 0.82
CA ALA A 60 -16.91 -7.92 2.08
C ALA A 60 -15.47 -7.61 2.32
N ASN A 61 -14.65 -8.64 2.26
CA ASN A 61 -13.21 -8.51 2.46
C ASN A 61 -12.62 -7.63 1.38
N ALA A 62 -13.15 -7.78 0.18
CA ALA A 62 -12.69 -7.06 -1.00
C ALA A 62 -12.96 -5.59 -0.88
N LYS A 63 -14.14 -5.24 -0.44
CA LYS A 63 -14.53 -3.87 -0.35
C LYS A 63 -13.86 -3.19 0.84
N GLN A 64 -13.65 -3.95 1.91
CA GLN A 64 -12.94 -3.42 3.07
C GLN A 64 -11.51 -3.08 2.71
N LEU A 65 -10.89 -3.98 1.98
CA LEU A 65 -9.54 -3.81 1.53
C LEU A 65 -9.46 -2.70 0.49
N TYR A 66 -10.36 -2.72 -0.48
CA TYR A 66 -10.43 -1.70 -1.52
C TYR A 66 -10.58 -0.31 -0.91
N ASP A 67 -11.43 -0.22 0.10
CA ASP A 67 -11.67 1.01 0.84
C ASP A 67 -10.39 1.52 1.46
N PHE A 68 -9.67 0.64 2.12
CA PHE A 68 -8.42 1.01 2.79
C PHE A 68 -7.36 1.43 1.79
N ILE A 69 -7.34 0.80 0.63
CA ILE A 69 -6.41 1.12 -0.45
C ILE A 69 -6.68 2.52 -1.04
N HIS A 70 -7.92 2.91 -1.05
CA HIS A 70 -8.30 4.16 -1.71
C HIS A 70 -8.52 5.34 -0.79
N THR A 71 -8.99 5.11 0.41
CA THR A 71 -9.31 6.18 1.36
C THR A 71 -8.15 7.14 1.64
N SER A 72 -8.22 8.30 1.01
CA SER A 72 -7.25 9.35 1.19
C SER A 72 -7.07 9.69 2.66
N PHE A 73 -5.88 10.06 3.00
CA PHE A 73 -5.50 10.41 4.37
C PHE A 73 -6.38 11.57 4.88
N ALA A 74 -6.92 12.34 3.96
CA ALA A 74 -7.70 13.50 4.30
C ALA A 74 -9.13 13.41 3.79
N GLU A 75 -9.47 12.24 3.29
CA GLU A 75 -10.76 12.01 2.62
C GLU A 75 -11.90 12.10 3.61
N VAL A 76 -11.82 11.26 4.61
CA VAL A 76 -12.82 11.17 5.68
C VAL A 76 -12.79 12.45 6.52
N VAL A 77 -11.67 13.13 6.44
CA VAL A 77 -11.40 14.27 7.17
C VAL A 77 -12.22 15.43 6.63
N SER A 78 -11.99 15.83 5.35
CA SER A 78 -12.78 16.86 4.69
C SER A 78 -12.87 18.11 5.61
N LYS A 79 -13.89 18.84 5.45
CA LYS A 79 -14.29 19.85 6.38
C LYS A 79 -15.10 19.15 7.45
N GLY A 80 -15.91 18.23 7.03
CA GLY A 80 -16.75 17.51 7.92
C GLY A 80 -17.75 16.66 7.20
N LYS A 81 -17.43 15.41 7.04
CA LYS A 81 -18.32 14.46 6.41
C LYS A 81 -19.30 13.92 7.45
N GLY A 82 -18.79 13.71 8.63
CA GLY A 82 -19.60 13.21 9.71
C GLY A 82 -18.74 12.72 10.85
N LYS A 83 -17.67 12.04 10.50
CA LYS A 83 -16.76 11.55 11.49
C LYS A 83 -15.68 12.57 11.77
N LYS A 84 -15.94 13.40 12.73
CA LYS A 84 -15.04 14.44 13.14
C LYS A 84 -14.37 13.97 14.42
N MET B 1 -12.85 17.54 -8.96
CA MET B 1 -13.45 17.51 -7.63
C MET B 1 -12.55 16.78 -6.67
N ASP B 2 -11.81 17.54 -5.91
CA ASP B 2 -10.85 17.04 -4.95
C ASP B 2 -11.13 17.66 -3.66
N SER B 3 -12.32 18.15 -3.55
CA SER B 3 -12.81 18.76 -2.35
C SER B 3 -12.88 17.68 -1.28
N GLU B 4 -12.96 16.46 -1.78
CA GLU B 4 -12.99 15.24 -1.04
C GLU B 4 -11.67 15.04 -0.31
N THR B 5 -10.61 15.54 -0.90
CA THR B 5 -9.30 15.35 -0.43
C THR B 5 -8.79 16.60 0.27
N LEU B 6 -9.65 17.59 0.40
CA LEU B 6 -9.27 18.83 1.02
C LEU B 6 -9.67 18.83 2.48
N PRO B 7 -8.68 18.68 3.37
CA PRO B 7 -8.91 18.65 4.78
C PRO B 7 -9.08 20.04 5.36
N GLU B 8 -10.29 20.48 5.33
CA GLU B 8 -10.64 21.78 5.83
C GLU B 8 -10.79 21.70 7.35
N SER B 9 -11.10 20.52 7.86
CA SER B 9 -11.13 20.31 9.31
C SER B 9 -9.70 20.12 9.84
N GLU B 10 -8.84 19.58 8.96
CA GLU B 10 -7.46 19.21 9.28
C GLU B 10 -7.42 18.22 10.44
N LYS B 11 -7.93 17.04 10.18
CA LYS B 11 -7.94 15.97 11.14
C LYS B 11 -6.83 15.00 10.83
N TYR B 12 -6.82 14.52 9.57
CA TYR B 12 -5.87 13.53 9.09
C TYR B 12 -6.12 12.18 9.77
N ASN B 13 -6.76 11.29 9.05
CA ASN B 13 -7.03 9.93 9.54
C ASN B 13 -5.73 9.26 9.91
N PRO B 14 -5.57 8.86 11.17
CA PRO B 14 -4.34 8.25 11.64
C PRO B 14 -4.01 6.97 10.91
N GLY B 15 -5.04 6.19 10.58
CA GLY B 15 -4.87 4.92 9.89
C GLY B 15 -3.97 4.99 8.67
N PRO B 16 -4.42 5.60 7.58
CA PRO B 16 -3.62 5.74 6.36
C PRO B 16 -2.37 6.65 6.55
N GLN B 17 -2.47 7.68 7.42
CA GLN B 17 -1.34 8.60 7.66
C GLN B 17 -0.17 7.87 8.35
N ASP B 18 -0.49 7.21 9.43
CA ASP B 18 0.47 6.38 10.19
C ASP B 18 0.97 5.24 9.32
N PHE B 19 0.13 4.83 8.36
CA PHE B 19 0.48 3.75 7.47
C PHE B 19 1.67 4.17 6.60
N LEU B 20 1.72 5.45 6.25
CA LEU B 20 2.82 6.00 5.49
C LEU B 20 4.06 6.10 6.33
N LEU B 21 3.94 6.77 7.46
CA LEU B 21 5.08 7.07 8.33
C LEU B 21 5.83 5.81 8.82
N LYS B 22 5.17 4.68 8.80
CA LYS B 22 5.80 3.44 9.23
C LYS B 22 6.53 2.76 8.08
N MET B 23 6.51 3.35 6.91
CA MET B 23 7.13 2.74 5.77
C MET B 23 8.63 3.11 5.78
N PRO B 24 9.50 2.38 5.10
CA PRO B 24 10.89 2.76 4.99
C PRO B 24 11.07 3.84 3.93
N GLY B 25 11.64 4.96 4.31
CA GLY B 25 11.89 5.98 3.35
C GLY B 25 10.87 7.09 3.44
N VAL B 26 10.41 7.37 4.63
CA VAL B 26 9.43 8.39 4.80
C VAL B 26 9.64 9.16 6.14
N ASN B 27 9.28 10.43 6.15
CA ASN B 27 9.36 11.30 7.32
C ASN B 27 8.14 12.14 7.26
N ALA B 28 7.78 12.76 8.35
CA ALA B 28 6.56 13.54 8.42
C ALA B 28 6.54 14.68 7.42
N LYS B 29 7.70 15.23 7.13
CA LYS B 29 7.78 16.36 6.22
C LYS B 29 7.47 15.92 4.80
N ASN B 30 7.98 14.81 4.43
CA ASN B 30 7.78 14.33 3.12
C ASN B 30 6.51 13.51 3.02
N CYS B 31 5.98 13.17 4.17
CA CYS B 31 4.70 12.51 4.29
C CYS B 31 3.59 13.50 4.03
N ARG B 32 3.74 14.73 4.53
CA ARG B 32 2.74 15.76 4.33
C ARG B 32 2.70 16.15 2.86
N SER B 33 3.88 16.29 2.29
CA SER B 33 4.02 16.57 0.89
C SER B 33 3.42 15.41 0.07
N LEU B 34 3.65 14.21 0.54
CA LEU B 34 3.15 13.00 -0.12
C LEU B 34 1.65 13.00 -0.05
N MET B 35 1.16 13.40 1.08
CA MET B 35 -0.25 13.45 1.42
C MET B 35 -1.00 14.37 0.48
N HIS B 36 -0.30 15.36 -0.03
CA HIS B 36 -0.88 16.26 -1.00
C HIS B 36 -0.61 15.84 -2.45
N HIS B 37 0.34 14.93 -2.67
CA HIS B 37 0.63 14.47 -4.05
C HIS B 37 0.03 13.10 -4.32
N VAL B 38 -0.32 12.42 -3.28
CA VAL B 38 -0.82 11.08 -3.33
C VAL B 38 -2.14 11.03 -2.60
N LYS B 39 -3.11 10.39 -3.22
CA LYS B 39 -4.43 10.20 -2.62
C LYS B 39 -4.32 9.32 -1.40
N ASN B 40 -3.91 8.09 -1.64
CA ASN B 40 -3.67 7.12 -0.62
C ASN B 40 -2.80 6.04 -1.27
N ILE B 41 -2.56 4.96 -0.55
CA ILE B 41 -1.80 3.75 -0.93
C ILE B 41 -1.76 3.49 -2.44
N ALA B 42 -2.94 3.45 -3.08
CA ALA B 42 -3.06 3.20 -4.51
C ALA B 42 -2.19 4.08 -5.37
N GLU B 43 -2.26 5.37 -5.15
CA GLU B 43 -1.52 6.32 -5.94
C GLU B 43 -0.07 6.29 -5.56
N LEU B 44 0.20 5.99 -4.29
CA LEU B 44 1.57 5.87 -3.79
C LEU B 44 2.28 4.74 -4.52
N ALA B 45 1.62 3.62 -4.62
CA ALA B 45 2.16 2.47 -5.24
C ALA B 45 2.09 2.57 -6.76
N ALA B 46 1.32 3.52 -7.23
CA ALA B 46 1.18 3.74 -8.65
C ALA B 46 2.26 4.67 -9.14
N LEU B 47 2.70 5.56 -8.29
CA LEU B 47 3.70 6.53 -8.66
C LEU B 47 5.08 5.89 -8.77
N SER B 48 5.93 6.51 -9.55
CA SER B 48 7.28 6.04 -9.76
C SER B 48 8.22 6.58 -8.65
N GLN B 49 9.43 6.02 -8.55
CA GLN B 49 10.43 6.46 -7.57
C GLN B 49 10.85 7.89 -7.89
N ASP B 50 10.77 8.19 -9.16
CA ASP B 50 11.03 9.49 -9.73
C ASP B 50 10.15 10.50 -9.02
N GLU B 51 8.87 10.19 -8.95
CA GLU B 51 7.86 11.04 -8.34
C GLU B 51 8.15 11.20 -6.87
N LEU B 52 8.52 10.10 -6.23
CA LEU B 52 8.86 10.10 -4.83
C LEU B 52 10.06 11.01 -4.57
N THR B 53 11.02 11.00 -5.46
CA THR B 53 12.20 11.84 -5.30
C THR B 53 11.80 13.32 -5.42
N SER B 54 10.80 13.58 -6.24
CA SER B 54 10.31 14.88 -6.45
C SER B 54 9.56 15.37 -5.20
N ILE B 55 8.72 14.51 -4.65
CA ILE B 55 7.91 14.79 -3.48
C ILE B 55 8.77 14.86 -2.20
N LEU B 56 9.53 13.81 -1.97
CA LEU B 56 10.26 13.68 -0.73
C LEU B 56 11.51 14.55 -0.77
N GLY B 57 12.08 14.68 -1.95
CA GLY B 57 13.26 15.48 -2.16
C GLY B 57 14.53 14.73 -1.85
N ASN B 58 14.39 13.44 -1.57
CA ASN B 58 15.55 12.63 -1.28
C ASN B 58 15.43 11.38 -2.06
N ALA B 59 16.46 11.04 -2.79
CA ALA B 59 16.49 9.80 -3.54
C ALA B 59 16.57 8.64 -2.56
N ALA B 60 17.04 8.93 -1.35
CA ALA B 60 17.19 7.93 -0.32
C ALA B 60 15.84 7.43 0.10
N ASN B 61 14.98 8.36 0.46
CA ASN B 61 13.63 8.04 0.88
C ASN B 61 12.85 7.41 -0.25
N ALA B 62 13.02 7.98 -1.44
CA ALA B 62 12.33 7.52 -2.63
C ALA B 62 12.73 6.10 -2.98
N LYS B 63 14.01 5.78 -2.83
CA LYS B 63 14.52 4.48 -3.15
C LYS B 63 14.01 3.46 -2.16
N GLN B 64 14.01 3.85 -0.90
CA GLN B 64 13.57 3.00 0.18
C GLN B 64 12.10 2.65 0.05
N LEU B 65 11.29 3.66 -0.17
CA LEU B 65 9.88 3.49 -0.26
C LEU B 65 9.49 2.74 -1.56
N TYR B 66 10.07 3.13 -2.70
CA TYR B 66 9.78 2.47 -4.00
C TYR B 66 10.10 0.98 -3.96
N ASP B 67 11.22 0.66 -3.35
CA ASP B 67 11.70 -0.70 -3.20
C ASP B 67 10.72 -1.53 -2.39
N PHE B 68 10.23 -0.94 -1.31
CA PHE B 68 9.28 -1.61 -0.43
C PHE B 68 7.94 -1.83 -1.14
N ILE B 69 7.58 -0.91 -2.00
CA ILE B 69 6.35 -0.99 -2.81
C ILE B 69 6.41 -2.17 -3.82
N HIS B 70 7.61 -2.45 -4.30
CA HIS B 70 7.78 -3.47 -5.34
C HIS B 70 8.20 -4.86 -4.86
N THR B 71 8.97 -4.93 -3.78
CA THR B 71 9.48 -6.19 -3.24
C THR B 71 8.36 -7.20 -2.91
N SER B 72 8.21 -8.21 -3.76
CA SER B 72 7.21 -9.26 -3.57
C SER B 72 7.37 -9.90 -2.16
N PHE B 73 6.24 -10.31 -1.57
CA PHE B 73 6.20 -10.82 -0.19
C PHE B 73 7.15 -12.02 0.01
N ALA B 74 7.44 -12.72 -1.08
CA ALA B 74 8.27 -13.90 -1.02
C ALA B 74 9.48 -13.76 -1.93
N GLU B 75 9.69 -12.56 -2.41
CA GLU B 75 10.70 -12.26 -3.43
C GLU B 75 12.10 -12.61 -2.94
N VAL B 76 12.45 -12.04 -1.81
CA VAL B 76 13.77 -12.19 -1.20
C VAL B 76 13.90 -13.60 -0.61
N VAL B 77 12.78 -14.24 -0.48
CA VAL B 77 12.68 -15.49 0.09
C VAL B 77 12.92 -16.59 -0.97
N SER B 78 12.45 -16.37 -2.17
CA SER B 78 12.72 -17.26 -3.26
C SER B 78 14.20 -17.15 -3.60
N LYS B 79 14.75 -18.23 -4.01
CA LYS B 79 16.13 -18.25 -4.37
C LYS B 79 16.23 -18.16 -5.88
N GLY B 80 15.56 -19.06 -6.53
CA GLY B 80 15.59 -19.10 -7.94
C GLY B 80 16.56 -20.12 -8.43
N LYS B 81 16.44 -21.33 -7.92
CA LYS B 81 17.29 -22.41 -8.43
C LYS B 81 16.77 -22.86 -9.77
N GLY B 82 15.52 -22.59 -9.98
CA GLY B 82 14.87 -22.87 -11.20
C GLY B 82 13.88 -21.83 -11.48
N LYS B 83 13.28 -21.91 -12.60
CA LYS B 83 12.33 -20.95 -12.99
C LYS B 83 11.11 -21.69 -13.53
N LYS B 84 11.06 -22.95 -13.24
CA LYS B 84 9.99 -23.81 -13.64
C LYS B 84 9.16 -24.18 -12.42
N MET A 1 4.33 -15.00 -9.62
CA MET A 1 3.83 -16.38 -9.47
C MET A 1 4.90 -17.39 -9.86
N ASP A 2 5.99 -16.90 -10.46
CA ASP A 2 7.08 -17.75 -10.90
C ASP A 2 7.96 -18.13 -9.73
N SER A 3 9.12 -18.72 -10.00
CA SER A 3 10.07 -19.13 -8.97
C SER A 3 10.51 -17.97 -8.08
N GLU A 4 10.39 -16.77 -8.59
CA GLU A 4 10.73 -15.55 -7.88
C GLU A 4 9.78 -15.37 -6.68
N THR A 5 8.57 -15.89 -6.79
CA THR A 5 7.59 -15.81 -5.76
C THR A 5 7.49 -17.16 -5.01
N LEU A 6 8.35 -18.10 -5.36
CA LEU A 6 8.30 -19.39 -4.73
C LEU A 6 9.22 -19.43 -3.53
N PRO A 7 8.65 -19.51 -2.33
CA PRO A 7 9.40 -19.49 -1.11
C PRO A 7 10.23 -20.74 -0.89
N GLU A 8 11.51 -20.59 -1.15
CA GLU A 8 12.46 -21.67 -0.95
C GLU A 8 12.64 -21.97 0.52
N SER A 9 12.83 -20.93 1.30
CA SER A 9 13.11 -21.11 2.69
C SER A 9 11.83 -21.18 3.53
N GLU A 10 10.66 -20.86 2.91
CA GLU A 10 9.33 -20.83 3.58
C GLU A 10 9.42 -19.95 4.86
N LYS A 11 10.23 -18.94 4.76
CA LYS A 11 10.55 -18.02 5.84
C LYS A 11 9.45 -17.00 5.99
N TYR A 12 9.08 -16.41 4.86
CA TYR A 12 8.11 -15.35 4.78
C TYR A 12 8.60 -14.09 5.44
N ASN A 13 9.12 -13.21 4.62
CA ASN A 13 9.58 -11.92 5.02
C ASN A 13 8.44 -11.08 5.58
N PRO A 14 8.54 -10.75 6.88
CA PRO A 14 7.46 -10.15 7.65
C PRO A 14 6.98 -8.81 7.14
N GLY A 15 7.90 -7.98 6.65
CA GLY A 15 7.58 -6.61 6.23
C GLY A 15 6.35 -6.50 5.33
N PRO A 16 6.43 -6.99 4.09
CA PRO A 16 5.32 -6.92 3.15
C PRO A 16 4.12 -7.82 3.57
N GLN A 17 4.41 -8.96 4.20
CA GLN A 17 3.36 -9.89 4.67
C GLN A 17 2.48 -9.23 5.74
N ASP A 18 3.14 -8.70 6.74
CA ASP A 18 2.51 -8.00 7.85
C ASP A 18 1.83 -6.75 7.36
N PHE A 19 2.35 -6.19 6.27
CA PHE A 19 1.82 -4.98 5.71
C PHE A 19 0.40 -5.23 5.23
N LEU A 20 0.19 -6.41 4.68
CA LEU A 20 -1.12 -6.84 4.26
C LEU A 20 -1.99 -7.12 5.44
N LEU A 21 -1.46 -7.88 6.37
CA LEU A 21 -2.23 -8.36 7.53
C LEU A 21 -2.80 -7.23 8.39
N LYS A 22 -2.25 -6.03 8.28
CA LYS A 22 -2.73 -4.92 9.07
C LYS A 22 -3.76 -4.11 8.30
N MET A 23 -3.98 -4.47 7.07
CA MET A 23 -4.94 -3.78 6.24
C MET A 23 -6.34 -4.31 6.58
N PRO A 24 -7.36 -3.44 6.58
CA PRO A 24 -8.73 -3.88 6.81
C PRO A 24 -9.23 -4.74 5.63
N GLY A 25 -9.63 -5.95 5.91
CA GLY A 25 -10.09 -6.80 4.86
C GLY A 25 -9.15 -7.97 4.62
N VAL A 26 -8.07 -8.02 5.36
CA VAL A 26 -7.07 -9.04 5.16
C VAL A 26 -7.00 -10.03 6.32
N ASN A 27 -6.86 -11.28 5.96
CA ASN A 27 -6.68 -12.39 6.89
C ASN A 27 -5.48 -13.12 6.41
N ALA A 28 -4.83 -13.86 7.26
CA ALA A 28 -3.63 -14.59 6.88
C ALA A 28 -3.89 -15.61 5.77
N LYS A 29 -5.14 -16.05 5.65
CA LYS A 29 -5.49 -17.03 4.64
C LYS A 29 -5.56 -16.38 3.26
N ASN A 30 -6.13 -15.20 3.21
CA ASN A 30 -6.29 -14.56 1.93
C ASN A 30 -5.06 -13.78 1.58
N CYS A 31 -4.26 -13.51 2.57
CA CYS A 31 -2.99 -12.87 2.43
C CYS A 31 -2.02 -13.76 1.65
N ARG A 32 -1.94 -15.04 2.03
CA ARG A 32 -1.08 -15.99 1.31
C ARG A 32 -1.58 -16.18 -0.13
N SER A 33 -2.88 -16.29 -0.26
CA SER A 33 -3.52 -16.39 -1.54
C SER A 33 -3.22 -15.11 -2.37
N LEU A 34 -3.18 -14.00 -1.68
CA LEU A 34 -2.92 -12.71 -2.28
C LEU A 34 -1.50 -12.67 -2.77
N MET A 35 -0.59 -13.31 -2.03
CA MET A 35 0.83 -13.35 -2.40
C MET A 35 1.01 -14.03 -3.71
N HIS A 36 0.12 -14.94 -3.97
CA HIS A 36 0.14 -15.64 -5.21
C HIS A 36 -0.59 -14.93 -6.32
N HIS A 37 -1.48 -14.02 -6.00
CA HIS A 37 -2.19 -13.28 -7.06
C HIS A 37 -1.68 -11.86 -7.24
N VAL A 38 -0.95 -11.40 -6.27
CA VAL A 38 -0.47 -10.04 -6.23
C VAL A 38 1.03 -10.05 -5.97
N LYS A 39 1.74 -9.19 -6.66
CA LYS A 39 3.16 -9.04 -6.45
C LYS A 39 3.42 -8.36 -5.10
N ASN A 40 3.08 -7.09 -5.01
CA ASN A 40 3.19 -6.35 -3.79
C ASN A 40 2.17 -5.20 -3.90
N ILE A 41 2.29 -4.20 -3.03
CA ILE A 41 1.41 -3.03 -2.89
C ILE A 41 0.95 -2.51 -4.24
N ALA A 42 1.90 -2.35 -5.19
CA ALA A 42 1.59 -1.84 -6.52
C ALA A 42 0.44 -2.59 -7.20
N GLU A 43 0.56 -3.90 -7.27
CA GLU A 43 -0.42 -4.72 -7.94
C GLU A 43 -1.68 -4.83 -7.11
N LEU A 44 -1.52 -4.78 -5.80
CA LEU A 44 -2.66 -4.81 -4.88
C LEU A 44 -3.56 -3.62 -5.13
N ALA A 45 -2.96 -2.48 -5.27
CA ALA A 45 -3.67 -1.26 -5.48
C ALA A 45 -4.06 -1.10 -6.93
N ALA A 46 -3.48 -1.91 -7.79
CA ALA A 46 -3.77 -1.88 -9.19
C ALA A 46 -4.99 -2.75 -9.48
N LEU A 47 -5.23 -3.70 -8.61
CA LEU A 47 -6.36 -4.56 -8.78
C LEU A 47 -7.69 -3.86 -8.45
N SER A 48 -8.76 -4.49 -8.85
CA SER A 48 -10.08 -3.99 -8.60
C SER A 48 -10.70 -4.79 -7.44
N GLN A 49 -11.81 -4.29 -6.88
CA GLN A 49 -12.50 -4.95 -5.77
C GLN A 49 -13.00 -6.31 -6.21
N ASP A 50 -13.34 -6.40 -7.49
CA ASP A 50 -13.79 -7.64 -8.12
C ASP A 50 -12.71 -8.69 -7.98
N GLU A 51 -11.48 -8.29 -8.29
CA GLU A 51 -10.34 -9.17 -8.27
C GLU A 51 -10.02 -9.56 -6.85
N LEU A 52 -10.21 -8.63 -5.93
CA LEU A 52 -10.00 -8.92 -4.53
C LEU A 52 -11.01 -9.94 -4.04
N THR A 53 -12.22 -9.87 -4.56
CA THR A 53 -13.25 -10.83 -4.17
C THR A 53 -12.89 -12.21 -4.72
N SER A 54 -12.25 -12.22 -5.87
CA SER A 54 -11.84 -13.43 -6.50
C SER A 54 -10.68 -14.10 -5.72
N ILE A 55 -9.82 -13.29 -5.11
CA ILE A 55 -8.68 -13.77 -4.33
C ILE A 55 -9.10 -14.12 -2.92
N LEU A 56 -9.70 -13.16 -2.24
CA LEU A 56 -10.04 -13.29 -0.84
C LEU A 56 -11.24 -14.22 -0.70
N GLY A 57 -12.13 -14.15 -1.67
CA GLY A 57 -13.29 -15.01 -1.69
C GLY A 57 -14.45 -14.43 -0.93
N ASN A 58 -14.29 -13.23 -0.40
CA ASN A 58 -15.36 -12.58 0.35
C ASN A 58 -15.40 -11.14 -0.05
N ALA A 59 -16.58 -10.66 -0.35
CA ALA A 59 -16.78 -9.28 -0.75
C ALA A 59 -16.51 -8.35 0.43
N ALA A 60 -16.68 -8.89 1.62
CA ALA A 60 -16.47 -8.12 2.83
C ALA A 60 -15.04 -7.71 2.93
N ASN A 61 -14.19 -8.65 2.65
CA ASN A 61 -12.77 -8.43 2.73
C ASN A 61 -12.31 -7.56 1.58
N ALA A 62 -12.86 -7.82 0.42
CA ALA A 62 -12.51 -7.12 -0.81
C ALA A 62 -12.93 -5.66 -0.77
N LYS A 63 -14.08 -5.40 -0.16
CA LYS A 63 -14.60 -4.07 -0.11
C LYS A 63 -13.82 -3.26 0.88
N GLN A 64 -13.53 -3.88 2.02
CA GLN A 64 -12.76 -3.23 3.07
C GLN A 64 -11.39 -2.82 2.57
N LEU A 65 -10.78 -3.71 1.84
CA LEU A 65 -9.46 -3.50 1.33
C LEU A 65 -9.46 -2.45 0.20
N TYR A 66 -10.34 -2.63 -0.79
CA TYR A 66 -10.45 -1.69 -1.93
C TYR A 66 -10.75 -0.27 -1.44
N ASP A 67 -11.63 -0.19 -0.46
CA ASP A 67 -12.02 1.08 0.16
C ASP A 67 -10.83 1.75 0.77
N PHE A 68 -10.05 1.01 1.53
CA PHE A 68 -8.88 1.55 2.21
C PHE A 68 -7.90 2.11 1.18
N ILE A 69 -7.61 1.31 0.15
CA ILE A 69 -6.70 1.64 -0.97
C ILE A 69 -7.08 2.97 -1.68
N HIS A 70 -8.38 3.26 -1.69
CA HIS A 70 -8.90 4.46 -2.36
C HIS A 70 -9.41 5.57 -1.41
N THR A 71 -9.23 5.43 -0.13
CA THR A 71 -9.66 6.48 0.78
C THR A 71 -8.49 7.38 1.08
N SER A 72 -8.51 8.61 0.55
CA SER A 72 -7.39 9.52 0.72
C SER A 72 -7.10 9.73 2.21
N PHE A 73 -5.82 9.84 2.55
CA PHE A 73 -5.40 9.94 3.94
C PHE A 73 -5.99 11.19 4.59
N ALA A 74 -6.30 12.17 3.75
CA ALA A 74 -6.85 13.42 4.19
C ALA A 74 -8.28 13.66 3.64
N GLU A 75 -9.03 12.58 3.39
CA GLU A 75 -10.43 12.72 2.96
C GLU A 75 -11.43 12.64 4.12
N VAL A 76 -11.24 11.70 5.02
CA VAL A 76 -12.20 11.49 6.11
C VAL A 76 -12.02 12.56 7.20
N VAL A 77 -10.85 13.18 7.19
CA VAL A 77 -10.53 14.22 8.07
C VAL A 77 -11.36 15.49 7.72
N SER A 78 -11.92 15.50 6.54
CA SER A 78 -12.90 16.46 6.19
C SER A 78 -14.19 15.90 6.75
N LYS A 79 -14.68 16.54 7.78
CA LYS A 79 -15.74 16.02 8.58
C LYS A 79 -17.04 15.79 7.78
N GLY A 80 -17.47 14.54 7.77
CA GLY A 80 -18.57 14.06 6.94
C GLY A 80 -19.86 14.78 7.14
N LYS A 81 -20.38 14.75 8.35
CA LYS A 81 -21.60 15.45 8.65
C LYS A 81 -21.26 16.90 8.76
N GLY A 82 -20.13 17.16 9.40
CA GLY A 82 -19.63 18.47 9.53
C GLY A 82 -20.37 19.27 10.57
N LYS A 83 -20.06 20.51 10.64
CA LYS A 83 -20.70 21.40 11.54
C LYS A 83 -21.74 22.22 10.81
N LYS A 84 -22.80 21.55 10.42
CA LYS A 84 -23.91 22.20 9.77
C LYS A 84 -25.12 21.92 10.62
N MET B 1 -7.13 21.23 -0.44
CA MET B 1 -7.24 22.27 -1.49
C MET B 1 -8.56 23.00 -1.35
N ASP B 2 -9.63 22.34 -1.72
CA ASP B 2 -10.99 22.85 -1.60
C ASP B 2 -11.57 22.34 -0.28
N SER B 3 -12.83 22.63 -0.02
CA SER B 3 -13.45 22.29 1.27
C SER B 3 -13.56 20.76 1.50
N GLU B 4 -13.55 20.00 0.43
CA GLU B 4 -13.63 18.55 0.53
C GLU B 4 -12.27 17.94 0.84
N THR B 5 -11.22 18.61 0.41
CA THR B 5 -9.90 18.10 0.61
C THR B 5 -9.19 18.73 1.81
N LEU B 6 -9.62 19.92 2.16
CA LEU B 6 -9.10 20.60 3.32
C LEU B 6 -9.56 19.92 4.57
N PRO B 7 -8.61 19.39 5.34
CA PRO B 7 -8.89 18.70 6.57
C PRO B 7 -9.55 19.61 7.56
N GLU B 8 -10.84 19.47 7.65
CA GLU B 8 -11.66 20.29 8.47
C GLU B 8 -11.37 19.99 9.94
N SER B 9 -11.21 18.73 10.24
CA SER B 9 -10.99 18.29 11.58
C SER B 9 -9.51 18.47 12.02
N GLU B 10 -8.58 18.48 11.03
CA GLU B 10 -7.11 18.56 11.30
C GLU B 10 -6.69 17.39 12.25
N LYS B 11 -7.43 16.32 12.12
CA LYS B 11 -7.26 15.11 12.88
C LYS B 11 -6.14 14.32 12.27
N TYR B 12 -6.29 14.05 10.98
CA TYR B 12 -5.39 13.22 10.23
C TYR B 12 -5.49 11.79 10.71
N ASN B 13 -6.36 11.10 10.02
CA ASN B 13 -6.76 9.74 10.33
C ASN B 13 -5.59 8.78 10.34
N PRO B 14 -5.37 8.12 11.49
CA PRO B 14 -4.22 7.25 11.70
C PRO B 14 -4.27 5.97 10.87
N GLY B 15 -5.41 5.66 10.31
CA GLY B 15 -5.50 4.51 9.46
C GLY B 15 -4.64 4.68 8.23
N PRO B 16 -5.03 5.55 7.30
CA PRO B 16 -4.26 5.81 6.09
C PRO B 16 -2.94 6.64 6.32
N GLN B 17 -2.99 7.67 7.19
CA GLN B 17 -1.81 8.54 7.41
C GLN B 17 -0.66 7.76 8.03
N ASP B 18 -0.96 7.05 9.11
CA ASP B 18 0.05 6.27 9.81
C ASP B 18 0.53 5.13 8.94
N PHE B 19 -0.34 4.69 8.04
CA PHE B 19 -0.01 3.64 7.09
C PHE B 19 1.20 4.07 6.27
N LEU B 20 1.23 5.34 5.90
CA LEU B 20 2.37 5.94 5.21
C LEU B 20 3.60 5.97 6.11
N LEU B 21 3.42 6.51 7.29
CA LEU B 21 4.53 6.75 8.25
C LEU B 21 5.28 5.50 8.67
N LYS B 22 4.69 4.35 8.51
CA LYS B 22 5.35 3.12 8.88
C LYS B 22 6.07 2.51 7.69
N MET B 23 5.93 3.12 6.54
CA MET B 23 6.55 2.59 5.35
C MET B 23 8.02 2.99 5.33
N PRO B 24 8.92 2.06 4.96
CA PRO B 24 10.35 2.37 4.88
C PRO B 24 10.62 3.44 3.83
N GLY B 25 11.16 4.57 4.26
CA GLY B 25 11.41 5.66 3.37
C GLY B 25 10.61 6.88 3.75
N VAL B 26 9.57 6.65 4.51
CA VAL B 26 8.66 7.71 4.89
C VAL B 26 8.99 8.30 6.26
N ASN B 27 8.93 9.60 6.31
CA ASN B 27 9.12 10.41 7.51
C ASN B 27 7.96 11.35 7.53
N ALA B 28 7.64 11.92 8.67
CA ALA B 28 6.50 12.83 8.80
C ALA B 28 6.60 14.05 7.85
N LYS B 29 7.82 14.43 7.53
CA LYS B 29 8.06 15.59 6.67
C LYS B 29 7.67 15.27 5.22
N ASN B 30 8.07 14.12 4.79
CA ASN B 30 7.86 13.77 3.44
C ASN B 30 6.49 13.18 3.26
N CYS B 31 5.93 12.74 4.37
CA CYS B 31 4.61 12.18 4.41
C CYS B 31 3.57 13.26 4.22
N ARG B 32 3.80 14.44 4.78
CA ARG B 32 2.85 15.55 4.60
C ARG B 32 2.92 16.06 3.17
N SER B 33 4.13 16.14 2.67
CA SER B 33 4.36 16.53 1.31
C SER B 33 3.71 15.46 0.35
N LEU B 34 3.85 14.23 0.74
CA LEU B 34 3.33 13.08 0.00
C LEU B 34 1.82 13.10 0.07
N MET B 35 1.33 13.52 1.21
CA MET B 35 -0.07 13.58 1.53
C MET B 35 -0.79 14.48 0.55
N HIS B 36 -0.09 15.49 0.10
CA HIS B 36 -0.65 16.38 -0.91
C HIS B 36 -0.38 15.88 -2.32
N HIS B 37 0.61 15.02 -2.49
CA HIS B 37 0.92 14.48 -3.83
C HIS B 37 0.18 13.19 -4.14
N VAL B 38 -0.27 12.51 -3.12
CA VAL B 38 -0.87 11.20 -3.28
C VAL B 38 -2.29 11.18 -2.69
N LYS B 39 -3.17 10.44 -3.34
CA LYS B 39 -4.51 10.21 -2.83
C LYS B 39 -4.44 9.20 -1.68
N ASN B 40 -4.11 7.97 -2.02
CA ASN B 40 -3.94 6.93 -1.07
C ASN B 40 -3.02 5.89 -1.73
N ILE B 41 -2.93 4.71 -1.16
CA ILE B 41 -2.09 3.59 -1.57
C ILE B 41 -2.01 3.45 -3.10
N ALA B 42 -3.19 3.50 -3.75
CA ALA B 42 -3.26 3.36 -5.23
C ALA B 42 -2.31 4.31 -5.97
N GLU B 43 -2.40 5.58 -5.67
CA GLU B 43 -1.59 6.59 -6.34
C GLU B 43 -0.18 6.53 -5.86
N LEU B 44 0.00 6.16 -4.61
CA LEU B 44 1.31 6.00 -4.01
C LEU B 44 2.11 4.98 -4.79
N ALA B 45 1.50 3.84 -5.01
CA ALA B 45 2.13 2.78 -5.70
C ALA B 45 2.14 3.01 -7.19
N ALA B 46 1.35 3.97 -7.63
CA ALA B 46 1.30 4.32 -9.02
C ALA B 46 2.36 5.34 -9.37
N LEU B 47 2.89 6.03 -8.37
CA LEU B 47 3.93 7.00 -8.61
C LEU B 47 5.30 6.34 -8.86
N SER B 48 6.15 7.03 -9.60
CA SER B 48 7.48 6.56 -9.89
C SER B 48 8.46 6.94 -8.75
N GLN B 49 9.68 6.38 -8.75
CA GLN B 49 10.66 6.69 -7.73
C GLN B 49 11.13 8.12 -7.90
N ASP B 50 11.09 8.56 -9.14
CA ASP B 50 11.47 9.91 -9.54
C ASP B 50 10.56 10.90 -8.86
N GLU B 51 9.28 10.55 -8.85
CA GLU B 51 8.26 11.33 -8.19
C GLU B 51 8.55 11.40 -6.71
N LEU B 52 8.80 10.25 -6.11
CA LEU B 52 9.09 10.17 -4.68
C LEU B 52 10.31 10.99 -4.31
N THR B 53 11.34 10.94 -5.14
CA THR B 53 12.56 11.69 -4.86
C THR B 53 12.25 13.20 -4.87
N SER B 54 11.36 13.59 -5.72
CA SER B 54 10.97 14.95 -5.85
C SER B 54 10.06 15.40 -4.67
N ILE B 55 9.25 14.48 -4.18
CA ILE B 55 8.35 14.75 -3.06
C ILE B 55 9.12 14.74 -1.76
N LEU B 56 9.81 13.66 -1.52
CA LEU B 56 10.49 13.43 -0.25
C LEU B 56 11.76 14.25 -0.19
N GLY B 57 12.35 14.45 -1.34
CA GLY B 57 13.53 15.26 -1.48
C GLY B 57 14.80 14.50 -1.26
N ASN B 58 14.69 13.20 -1.04
CA ASN B 58 15.87 12.36 -0.84
C ASN B 58 15.65 11.07 -1.58
N ALA B 59 16.62 10.68 -2.35
CA ALA B 59 16.53 9.45 -3.14
C ALA B 59 16.55 8.23 -2.24
N ALA B 60 17.14 8.37 -1.05
CA ALA B 60 17.23 7.28 -0.09
C ALA B 60 15.85 6.87 0.33
N ASN B 61 15.05 7.87 0.61
CA ASN B 61 13.69 7.69 1.07
C ASN B 61 12.83 7.16 -0.08
N ALA B 62 13.07 7.71 -1.25
CA ALA B 62 12.33 7.36 -2.46
C ALA B 62 12.57 5.91 -2.83
N LYS B 63 13.82 5.51 -2.79
CA LYS B 63 14.21 4.19 -3.19
C LYS B 63 13.73 3.16 -2.20
N GLN B 64 13.79 3.49 -0.90
CA GLN B 64 13.32 2.57 0.12
C GLN B 64 11.83 2.28 0.00
N LEU B 65 11.08 3.30 -0.34
CA LEU B 65 9.67 3.17 -0.47
C LEU B 65 9.30 2.46 -1.78
N TYR B 66 9.89 2.92 -2.89
CA TYR B 66 9.62 2.37 -4.22
C TYR B 66 9.95 0.89 -4.26
N ASP B 67 11.07 0.54 -3.65
CA ASP B 67 11.54 -0.84 -3.59
C ASP B 67 10.59 -1.69 -2.80
N PHE B 68 10.09 -1.17 -1.68
CA PHE B 68 9.13 -1.90 -0.84
C PHE B 68 7.86 -2.19 -1.64
N ILE B 69 7.33 -1.15 -2.28
CA ILE B 69 6.13 -1.19 -3.15
C ILE B 69 6.24 -2.27 -4.25
N HIS B 70 7.47 -2.50 -4.68
CA HIS B 70 7.77 -3.46 -5.74
C HIS B 70 8.54 -4.73 -5.26
N THR B 71 8.48 -5.03 -3.97
CA THR B 71 9.10 -6.25 -3.44
C THR B 71 8.01 -7.26 -3.05
N SER B 72 7.88 -8.33 -3.83
CA SER B 72 6.80 -9.31 -3.64
C SER B 72 6.79 -9.88 -2.20
N PHE B 73 5.59 -10.18 -1.71
CA PHE B 73 5.38 -10.68 -0.33
C PHE B 73 6.06 -12.03 -0.16
N ALA B 74 6.29 -12.69 -1.27
CA ALA B 74 6.93 -13.96 -1.26
C ALA B 74 8.13 -13.94 -2.22
N GLU B 75 8.79 -12.78 -2.32
CA GLU B 75 9.96 -12.66 -3.18
C GLU B 75 11.23 -13.04 -2.43
N VAL B 76 11.58 -12.20 -1.46
CA VAL B 76 12.83 -12.29 -0.68
C VAL B 76 12.95 -13.61 0.10
N VAL B 77 11.81 -14.26 0.29
CA VAL B 77 11.75 -15.46 0.96
C VAL B 77 12.45 -16.60 0.15
N SER B 78 12.58 -16.41 -1.15
CA SER B 78 13.37 -17.30 -1.93
C SER B 78 14.82 -16.91 -1.73
N LYS B 79 15.49 -17.65 -0.92
CA LYS B 79 16.78 -17.24 -0.50
C LYS B 79 17.81 -18.36 -0.65
N GLY B 80 18.21 -18.56 -1.88
CA GLY B 80 19.25 -19.50 -2.24
C GLY B 80 19.85 -19.11 -3.55
N LYS B 81 19.74 -17.84 -3.86
CA LYS B 81 20.20 -17.30 -5.12
C LYS B 81 21.48 -16.47 -4.95
N GLY B 82 21.61 -15.86 -3.79
CA GLY B 82 22.79 -15.11 -3.46
C GLY B 82 23.80 -16.00 -2.79
N LYS B 83 24.49 -16.78 -3.60
CA LYS B 83 25.43 -17.77 -3.10
C LYS B 83 26.83 -17.18 -2.88
N LYS B 84 26.92 -15.86 -3.06
CA LYS B 84 28.14 -15.07 -2.90
C LYS B 84 29.19 -15.45 -3.93
N MET A 1 13.84 -16.35 -8.21
CA MET A 1 14.46 -15.13 -8.72
C MET A 1 13.56 -14.48 -9.79
N ASP A 2 12.73 -15.28 -10.44
CA ASP A 2 11.91 -14.79 -11.54
C ASP A 2 10.64 -14.12 -11.04
N SER A 3 9.89 -13.54 -11.97
CA SER A 3 8.69 -12.74 -11.70
C SER A 3 7.64 -13.47 -10.85
N GLU A 4 7.56 -14.77 -10.97
CA GLU A 4 6.57 -15.59 -10.24
C GLU A 4 6.69 -15.45 -8.72
N THR A 5 7.92 -15.28 -8.25
CA THR A 5 8.25 -15.18 -6.87
C THR A 5 7.68 -16.30 -6.04
N LEU A 6 8.31 -17.40 -6.17
CA LEU A 6 7.92 -18.60 -5.48
C LEU A 6 8.84 -18.82 -4.29
N PRO A 7 8.27 -18.78 -3.10
CA PRO A 7 9.04 -18.94 -1.90
C PRO A 7 9.37 -20.40 -1.62
N GLU A 8 10.63 -20.74 -1.70
CA GLU A 8 11.04 -22.09 -1.38
C GLU A 8 10.99 -22.29 0.13
N SER A 9 11.62 -21.39 0.84
CA SER A 9 11.70 -21.48 2.28
C SER A 9 10.35 -21.15 2.92
N GLU A 10 9.56 -20.28 2.24
CA GLU A 10 8.24 -19.81 2.73
C GLU A 10 8.39 -19.21 4.15
N LYS A 11 9.49 -18.53 4.35
CA LYS A 11 9.82 -17.88 5.60
C LYS A 11 8.90 -16.70 5.78
N TYR A 12 8.66 -16.01 4.67
CA TYR A 12 7.76 -14.89 4.60
C TYR A 12 8.23 -13.70 5.41
N ASN A 13 9.03 -12.89 4.74
CA ASN A 13 9.52 -11.60 5.22
C ASN A 13 8.37 -10.82 5.87
N PRO A 14 8.54 -10.41 7.14
CA PRO A 14 7.48 -9.79 7.92
C PRO A 14 7.01 -8.47 7.35
N GLY A 15 7.95 -7.64 6.91
CA GLY A 15 7.66 -6.30 6.39
C GLY A 15 6.48 -6.26 5.42
N PRO A 16 6.64 -6.85 4.25
CA PRO A 16 5.58 -6.89 3.24
C PRO A 16 4.35 -7.77 3.67
N GLN A 17 4.60 -8.94 4.29
CA GLN A 17 3.51 -9.86 4.67
C GLN A 17 2.62 -9.27 5.77
N ASP A 18 3.25 -8.78 6.83
CA ASP A 18 2.57 -8.16 7.97
C ASP A 18 1.86 -6.90 7.52
N PHE A 19 2.40 -6.29 6.46
CA PHE A 19 1.83 -5.09 5.89
C PHE A 19 0.43 -5.41 5.36
N LEU A 20 0.29 -6.57 4.74
CA LEU A 20 -1.01 -7.06 4.25
C LEU A 20 -1.92 -7.38 5.40
N LEU A 21 -1.44 -8.18 6.32
CA LEU A 21 -2.24 -8.70 7.44
C LEU A 21 -2.78 -7.62 8.38
N LYS A 22 -2.29 -6.41 8.24
CA LYS A 22 -2.79 -5.32 9.06
C LYS A 22 -3.86 -4.53 8.32
N MET A 23 -4.08 -4.88 7.08
CA MET A 23 -5.03 -4.18 6.27
C MET A 23 -6.44 -4.71 6.56
N PRO A 24 -7.44 -3.83 6.68
CA PRO A 24 -8.84 -4.25 6.88
C PRO A 24 -9.36 -5.00 5.66
N GLY A 25 -9.77 -6.24 5.86
CA GLY A 25 -10.24 -7.05 4.77
C GLY A 25 -9.30 -8.22 4.57
N VAL A 26 -8.13 -8.11 5.13
CA VAL A 26 -7.13 -9.12 4.99
C VAL A 26 -7.11 -10.05 6.20
N ASN A 27 -7.05 -11.33 5.90
CA ASN A 27 -6.95 -12.38 6.87
C ASN A 27 -5.95 -13.31 6.30
N ALA A 28 -5.30 -14.10 7.13
CA ALA A 28 -4.19 -14.96 6.72
C ALA A 28 -4.56 -15.90 5.59
N LYS A 29 -5.81 -16.33 5.55
CA LYS A 29 -6.27 -17.28 4.56
C LYS A 29 -6.32 -16.62 3.18
N ASN A 30 -6.82 -15.44 3.15
CA ASN A 30 -6.98 -14.75 1.91
C ASN A 30 -5.74 -13.96 1.57
N CYS A 31 -4.92 -13.76 2.56
CA CYS A 31 -3.63 -13.11 2.41
C CYS A 31 -2.65 -14.06 1.74
N ARG A 32 -2.72 -15.34 2.05
CA ARG A 32 -1.82 -16.31 1.43
C ARG A 32 -2.23 -16.51 -0.03
N SER A 33 -3.53 -16.61 -0.26
CA SER A 33 -4.06 -16.66 -1.60
C SER A 33 -3.62 -15.38 -2.36
N LEU A 34 -3.70 -14.25 -1.66
CA LEU A 34 -3.33 -12.94 -2.20
C LEU A 34 -1.86 -12.93 -2.52
N MET A 35 -1.10 -13.55 -1.66
CA MET A 35 0.35 -13.60 -1.71
C MET A 35 0.81 -14.24 -3.01
N HIS A 36 -0.01 -15.14 -3.50
CA HIS A 36 0.30 -15.76 -4.78
C HIS A 36 -0.28 -14.99 -5.96
N HIS A 37 -1.31 -14.20 -5.72
CA HIS A 37 -1.94 -13.44 -6.81
C HIS A 37 -1.32 -12.06 -7.00
N VAL A 38 -0.74 -11.54 -5.96
CA VAL A 38 -0.23 -10.19 -5.95
C VAL A 38 1.27 -10.18 -5.70
N LYS A 39 1.96 -9.26 -6.33
CA LYS A 39 3.38 -9.07 -6.13
C LYS A 39 3.63 -8.36 -4.80
N ASN A 40 3.23 -7.11 -4.73
CA ASN A 40 3.34 -6.32 -3.54
C ASN A 40 2.31 -5.19 -3.68
N ILE A 41 2.43 -4.16 -2.84
CA ILE A 41 1.54 -3.00 -2.73
C ILE A 41 1.06 -2.51 -4.10
N ALA A 42 1.99 -2.36 -5.04
CA ALA A 42 1.66 -1.86 -6.38
C ALA A 42 0.54 -2.65 -7.06
N GLU A 43 0.70 -3.95 -7.10
CA GLU A 43 -0.26 -4.82 -7.77
C GLU A 43 -1.51 -4.93 -6.94
N LEU A 44 -1.33 -4.86 -5.64
CA LEU A 44 -2.45 -4.89 -4.69
C LEU A 44 -3.37 -3.72 -4.95
N ALA A 45 -2.78 -2.55 -5.05
CA ALA A 45 -3.51 -1.34 -5.27
C ALA A 45 -3.94 -1.21 -6.71
N ALA A 46 -3.35 -2.03 -7.57
CA ALA A 46 -3.69 -2.01 -8.96
C ALA A 46 -4.92 -2.84 -9.21
N LEU A 47 -5.05 -3.91 -8.42
CA LEU A 47 -6.14 -4.80 -8.57
C LEU A 47 -7.45 -4.18 -8.08
N SER A 48 -8.49 -4.37 -8.84
CA SER A 48 -9.80 -3.86 -8.51
C SER A 48 -10.48 -4.73 -7.45
N GLN A 49 -11.58 -4.24 -6.90
CA GLN A 49 -12.34 -4.92 -5.87
C GLN A 49 -12.84 -6.27 -6.39
N ASP A 50 -13.14 -6.33 -7.68
CA ASP A 50 -13.60 -7.58 -8.32
C ASP A 50 -12.51 -8.64 -8.23
N GLU A 51 -11.28 -8.21 -8.47
CA GLU A 51 -10.10 -9.05 -8.43
C GLU A 51 -9.91 -9.55 -7.01
N LEU A 52 -10.08 -8.64 -6.06
CA LEU A 52 -9.96 -8.98 -4.66
C LEU A 52 -11.02 -9.99 -4.26
N THR A 53 -12.22 -9.84 -4.78
CA THR A 53 -13.30 -10.77 -4.48
C THR A 53 -12.96 -12.15 -5.05
N SER A 54 -12.26 -12.16 -6.17
CA SER A 54 -11.87 -13.33 -6.82
C SER A 54 -10.80 -14.10 -5.98
N ILE A 55 -9.89 -13.34 -5.40
CA ILE A 55 -8.81 -13.89 -4.59
C ILE A 55 -9.30 -14.29 -3.20
N LEU A 56 -9.89 -13.33 -2.51
CA LEU A 56 -10.30 -13.49 -1.12
C LEU A 56 -11.53 -14.37 -1.03
N GLY A 57 -12.38 -14.26 -2.03
CA GLY A 57 -13.58 -15.07 -2.10
C GLY A 57 -14.74 -14.46 -1.37
N ASN A 58 -14.57 -13.22 -0.94
CA ASN A 58 -15.64 -12.51 -0.26
C ASN A 58 -15.64 -11.12 -0.75
N ALA A 59 -16.80 -10.62 -1.04
CA ALA A 59 -16.96 -9.24 -1.44
C ALA A 59 -16.71 -8.36 -0.24
N ALA A 60 -16.93 -8.91 0.95
CA ALA A 60 -16.77 -8.18 2.20
C ALA A 60 -15.33 -7.77 2.38
N ASN A 61 -14.46 -8.75 2.30
CA ASN A 61 -13.02 -8.55 2.47
C ASN A 61 -12.51 -7.65 1.37
N ALA A 62 -13.00 -7.87 0.16
CA ALA A 62 -12.59 -7.11 -1.01
C ALA A 62 -13.01 -5.63 -0.89
N LYS A 63 -14.22 -5.41 -0.40
CA LYS A 63 -14.79 -4.10 -0.25
C LYS A 63 -14.05 -3.34 0.84
N GLN A 64 -13.68 -4.04 1.89
CA GLN A 64 -12.93 -3.44 2.96
C GLN A 64 -11.51 -3.06 2.53
N LEU A 65 -10.89 -3.95 1.79
CA LEU A 65 -9.54 -3.74 1.32
C LEU A 65 -9.46 -2.64 0.26
N TYR A 66 -10.33 -2.72 -0.75
CA TYR A 66 -10.35 -1.74 -1.86
C TYR A 66 -10.57 -0.31 -1.33
N ASP A 67 -11.46 -0.20 -0.36
CA ASP A 67 -11.77 1.08 0.27
C ASP A 67 -10.56 1.63 0.97
N PHE A 68 -9.84 0.79 1.68
CA PHE A 68 -8.65 1.19 2.40
C PHE A 68 -7.54 1.64 1.43
N ILE A 69 -7.50 1.02 0.27
CA ILE A 69 -6.56 1.35 -0.79
C ILE A 69 -6.83 2.76 -1.37
N HIS A 70 -8.08 3.15 -1.38
CA HIS A 70 -8.48 4.44 -1.98
C HIS A 70 -8.74 5.59 -0.99
N THR A 71 -9.16 5.29 0.23
CA THR A 71 -9.47 6.32 1.24
C THR A 71 -8.29 7.28 1.51
N SER A 72 -8.38 8.46 0.94
CA SER A 72 -7.34 9.48 1.04
C SER A 72 -7.05 9.84 2.51
N PHE A 73 -5.81 10.21 2.78
CA PHE A 73 -5.34 10.53 4.14
C PHE A 73 -6.12 11.74 4.69
N ALA A 74 -6.67 12.52 3.79
CA ALA A 74 -7.39 13.71 4.12
C ALA A 74 -8.82 13.63 3.60
N GLU A 75 -9.32 12.41 3.39
CA GLU A 75 -10.66 12.25 2.82
C GLU A 75 -11.73 12.41 3.88
N VAL A 76 -11.75 11.48 4.82
CA VAL A 76 -12.78 11.41 5.87
C VAL A 76 -12.67 12.61 6.83
N VAL A 77 -11.49 13.21 6.86
CA VAL A 77 -11.14 14.25 7.70
C VAL A 77 -11.88 15.55 7.33
N SER A 78 -12.42 15.58 6.16
CA SER A 78 -13.25 16.63 5.74
C SER A 78 -14.67 16.15 5.91
N LYS A 79 -15.30 16.66 6.91
CA LYS A 79 -16.59 16.18 7.32
C LYS A 79 -17.68 16.78 6.44
N GLY A 80 -18.15 15.99 5.50
CA GLY A 80 -19.15 16.45 4.58
C GLY A 80 -20.54 16.33 5.15
N LYS A 81 -20.79 16.99 6.24
CA LYS A 81 -22.11 16.99 6.84
C LYS A 81 -22.77 18.37 6.66
N GLY A 82 -22.08 19.25 5.96
CA GLY A 82 -22.58 20.56 5.75
C GLY A 82 -21.60 21.41 5.02
N LYS A 83 -21.94 22.68 4.86
CA LYS A 83 -21.14 23.69 4.15
C LYS A 83 -21.13 23.44 2.64
N LYS A 84 -20.44 24.32 1.92
CA LYS A 84 -20.36 24.33 0.46
C LYS A 84 -21.68 24.81 -0.13
N MET B 1 -10.50 23.62 -5.84
CA MET B 1 -10.13 24.31 -4.60
C MET B 1 -9.33 23.37 -3.71
N ASP B 2 -9.55 22.07 -3.89
CA ASP B 2 -8.88 21.00 -3.15
C ASP B 2 -9.35 20.94 -1.76
N SER B 3 -10.61 21.27 -1.59
CA SER B 3 -11.30 21.19 -0.32
C SER B 3 -11.35 19.72 0.14
N GLU B 4 -11.21 18.85 -0.83
CA GLU B 4 -11.14 17.43 -0.65
C GLU B 4 -9.93 17.09 0.22
N THR B 5 -8.78 17.60 -0.16
CA THR B 5 -7.54 17.33 0.56
C THR B 5 -7.25 18.35 1.64
N LEU B 6 -7.70 19.57 1.45
CA LEU B 6 -7.57 20.59 2.46
C LEU B 6 -8.69 20.39 3.45
N PRO B 7 -8.38 19.80 4.59
CA PRO B 7 -9.35 19.26 5.52
C PRO B 7 -10.29 20.29 6.10
N GLU B 8 -11.57 19.99 6.01
CA GLU B 8 -12.61 20.86 6.49
C GLU B 8 -12.50 20.96 8.02
N SER B 9 -12.49 19.82 8.64
CA SER B 9 -12.52 19.71 10.07
C SER B 9 -11.11 19.60 10.67
N GLU B 10 -10.12 19.38 9.79
CA GLU B 10 -8.72 19.16 10.19
C GLU B 10 -8.66 18.06 11.24
N LYS B 11 -9.04 16.89 10.81
CA LYS B 11 -9.13 15.76 11.66
C LYS B 11 -7.85 14.93 11.59
N TYR B 12 -7.56 14.44 10.39
CA TYR B 12 -6.43 13.58 10.09
C TYR B 12 -6.54 12.24 10.75
N ASN B 13 -7.15 11.33 10.02
CA ASN B 13 -7.36 9.98 10.47
C ASN B 13 -6.04 9.25 10.51
N PRO B 14 -5.69 8.70 11.68
CA PRO B 14 -4.41 8.04 11.89
C PRO B 14 -4.19 6.84 10.99
N GLY B 15 -5.26 6.15 10.61
CA GLY B 15 -5.19 4.92 9.81
C GLY B 15 -4.26 5.00 8.60
N PRO B 16 -4.67 5.72 7.55
CA PRO B 16 -3.85 5.85 6.33
C PRO B 16 -2.61 6.77 6.55
N GLN B 17 -2.71 7.73 7.46
CA GLN B 17 -1.60 8.66 7.77
C GLN B 17 -0.42 7.88 8.37
N ASP B 18 -0.71 7.12 9.39
CA ASP B 18 0.25 6.24 10.07
C ASP B 18 0.73 5.16 9.13
N PHE B 19 -0.13 4.80 8.17
CA PHE B 19 0.15 3.75 7.23
C PHE B 19 1.34 4.14 6.37
N LEU B 20 1.43 5.41 6.04
CA LEU B 20 2.57 5.95 5.31
C LEU B 20 3.78 5.96 6.20
N LEU B 21 3.62 6.51 7.37
CA LEU B 21 4.71 6.72 8.31
C LEU B 21 5.41 5.43 8.74
N LYS B 22 4.78 4.31 8.52
CA LYS B 22 5.40 3.03 8.87
C LYS B 22 6.15 2.43 7.70
N MET B 23 6.01 3.04 6.54
CA MET B 23 6.65 2.54 5.36
C MET B 23 8.11 2.97 5.35
N PRO B 24 9.02 2.11 4.87
CA PRO B 24 10.44 2.47 4.75
C PRO B 24 10.64 3.57 3.72
N GLY B 25 11.28 4.63 4.13
CA GLY B 25 11.51 5.73 3.25
C GLY B 25 10.67 6.92 3.65
N VAL B 26 9.69 6.68 4.49
CA VAL B 26 8.77 7.70 4.88
C VAL B 26 9.13 8.31 6.24
N ASN B 27 9.01 9.60 6.29
CA ASN B 27 9.22 10.40 7.49
C ASN B 27 8.07 11.37 7.52
N ALA B 28 7.79 11.97 8.66
CA ALA B 28 6.63 12.87 8.80
C ALA B 28 6.73 14.07 7.86
N LYS B 29 7.94 14.42 7.51
CA LYS B 29 8.18 15.56 6.64
C LYS B 29 7.83 15.21 5.18
N ASN B 30 8.22 14.05 4.77
CA ASN B 30 7.97 13.69 3.42
C ASN B 30 6.57 13.15 3.26
N CYS B 31 6.01 12.73 4.37
CA CYS B 31 4.67 12.22 4.44
C CYS B 31 3.67 13.32 4.24
N ARG B 32 3.93 14.50 4.78
CA ARG B 32 3.02 15.62 4.61
C ARG B 32 3.04 16.07 3.17
N SER B 33 4.24 16.15 2.62
CA SER B 33 4.40 16.49 1.24
C SER B 33 3.73 15.42 0.35
N LEU B 34 3.86 14.17 0.76
CA LEU B 34 3.30 13.04 0.05
C LEU B 34 1.80 13.12 0.09
N MET B 35 1.31 13.52 1.22
CA MET B 35 -0.10 13.64 1.52
C MET B 35 -0.77 14.65 0.60
N HIS B 36 0.00 15.63 0.17
CA HIS B 36 -0.50 16.60 -0.78
C HIS B 36 -0.25 16.20 -2.22
N HIS B 37 0.61 15.22 -2.45
CA HIS B 37 0.87 14.77 -3.83
C HIS B 37 0.24 13.42 -4.15
N VAL B 38 -0.25 12.76 -3.14
CA VAL B 38 -0.80 11.43 -3.27
C VAL B 38 -2.17 11.37 -2.61
N LYS B 39 -3.12 10.71 -3.25
CA LYS B 39 -4.43 10.51 -2.70
C LYS B 39 -4.37 9.55 -1.52
N ASN B 40 -3.97 8.32 -1.82
CA ASN B 40 -3.77 7.30 -0.85
C ASN B 40 -2.91 6.23 -1.52
N ILE B 41 -2.69 5.13 -0.82
CA ILE B 41 -1.95 3.91 -1.22
C ILE B 41 -1.84 3.72 -2.75
N ALA B 42 -3.00 3.69 -3.43
CA ALA B 42 -3.04 3.47 -4.88
C ALA B 42 -2.14 4.43 -5.68
N GLU B 43 -2.29 5.72 -5.42
CA GLU B 43 -1.49 6.74 -6.12
C GLU B 43 -0.03 6.64 -5.74
N LEU B 44 0.22 6.27 -4.50
CA LEU B 44 1.58 6.10 -4.00
C LEU B 44 2.29 4.98 -4.75
N ALA B 45 1.59 3.90 -4.96
CA ALA B 45 2.13 2.77 -5.63
C ALA B 45 2.09 2.96 -7.14
N ALA B 46 1.36 3.96 -7.56
CA ALA B 46 1.23 4.27 -8.97
C ALA B 46 2.34 5.21 -9.40
N LEU B 47 2.79 6.05 -8.47
CA LEU B 47 3.81 7.00 -8.78
C LEU B 47 5.18 6.33 -8.97
N SER B 48 5.99 6.91 -9.82
CA SER B 48 7.32 6.44 -10.07
C SER B 48 8.27 6.91 -8.95
N GLN B 49 9.45 6.29 -8.87
CA GLN B 49 10.43 6.59 -7.83
C GLN B 49 10.85 8.03 -7.93
N ASP B 50 10.97 8.51 -9.15
CA ASP B 50 11.41 9.88 -9.41
C ASP B 50 10.39 10.88 -8.89
N GLU B 51 9.14 10.47 -8.87
CA GLU B 51 8.08 11.31 -8.35
C GLU B 51 8.26 11.43 -6.85
N LEU B 52 8.67 10.33 -6.24
CA LEU B 52 8.92 10.29 -4.82
C LEU B 52 10.15 11.14 -4.49
N THR B 53 11.17 11.09 -5.34
CA THR B 53 12.35 11.91 -5.17
C THR B 53 11.98 13.40 -5.24
N SER B 54 10.97 13.71 -6.01
CA SER B 54 10.46 15.06 -6.13
C SER B 54 9.70 15.45 -4.84
N ILE B 55 8.86 14.55 -4.37
CA ILE B 55 8.05 14.76 -3.19
C ILE B 55 8.88 14.76 -1.91
N LEU B 56 9.61 13.69 -1.71
CA LEU B 56 10.36 13.48 -0.50
C LEU B 56 11.62 14.33 -0.54
N GLY B 57 12.15 14.51 -1.73
CA GLY B 57 13.31 15.33 -1.92
C GLY B 57 14.60 14.61 -1.70
N ASN B 58 14.54 13.31 -1.47
CA ASN B 58 15.73 12.50 -1.28
C ASN B 58 15.51 11.17 -1.95
N ALA B 59 16.44 10.76 -2.78
CA ALA B 59 16.34 9.51 -3.51
C ALA B 59 16.45 8.32 -2.60
N ALA B 60 17.05 8.51 -1.43
CA ALA B 60 17.17 7.45 -0.45
C ALA B 60 15.80 7.03 0.00
N ASN B 61 15.02 8.01 0.36
CA ASN B 61 13.67 7.80 0.85
C ASN B 61 12.80 7.24 -0.28
N ALA B 62 13.02 7.79 -1.46
CA ALA B 62 12.26 7.41 -2.66
C ALA B 62 12.55 5.98 -3.04
N LYS B 63 13.81 5.58 -2.94
CA LYS B 63 14.22 4.26 -3.31
C LYS B 63 13.68 3.26 -2.34
N GLN B 64 13.82 3.56 -1.05
CA GLN B 64 13.38 2.66 0.00
C GLN B 64 11.90 2.34 -0.12
N LEU B 65 11.13 3.36 -0.42
CA LEU B 65 9.71 3.21 -0.54
C LEU B 65 9.32 2.52 -1.85
N TYR B 66 9.81 3.02 -2.97
CA TYR B 66 9.48 2.48 -4.30
C TYR B 66 9.86 1.00 -4.39
N ASP B 67 11.03 0.69 -3.85
CA ASP B 67 11.55 -0.65 -3.83
C ASP B 67 10.69 -1.56 -2.99
N PHE B 68 10.23 -1.05 -1.84
CA PHE B 68 9.37 -1.84 -0.96
C PHE B 68 8.07 -2.18 -1.68
N ILE B 69 7.46 -1.16 -2.28
CA ILE B 69 6.21 -1.24 -3.07
C ILE B 69 6.30 -2.31 -4.18
N HIS B 70 7.49 -2.48 -4.70
CA HIS B 70 7.75 -3.44 -5.78
C HIS B 70 8.41 -4.76 -5.32
N THR B 71 8.70 -4.90 -4.05
CA THR B 71 9.31 -6.11 -3.51
C THR B 71 8.24 -7.09 -3.05
N SER B 72 8.07 -8.18 -3.79
CA SER B 72 7.08 -9.19 -3.47
C SER B 72 7.23 -9.67 -2.02
N PHE B 73 6.11 -10.06 -1.41
CA PHE B 73 6.09 -10.50 -0.03
C PHE B 73 6.81 -11.87 0.05
N ALA B 74 7.02 -12.45 -1.13
CA ALA B 74 7.66 -13.72 -1.27
C ALA B 74 8.90 -13.58 -2.17
N GLU B 75 9.45 -12.38 -2.21
CA GLU B 75 10.59 -12.12 -3.06
C GLU B 75 11.89 -12.54 -2.39
N VAL B 76 12.22 -11.86 -1.31
CA VAL B 76 13.51 -12.05 -0.60
C VAL B 76 13.67 -13.48 -0.07
N VAL B 77 12.53 -14.13 0.14
CA VAL B 77 12.45 -15.42 0.65
C VAL B 77 12.83 -16.51 -0.38
N SER B 78 13.02 -16.12 -1.61
CA SER B 78 13.53 -17.06 -2.57
C SER B 78 15.03 -17.19 -2.37
N LYS B 79 15.38 -18.23 -1.68
CA LYS B 79 16.73 -18.44 -1.27
C LYS B 79 17.50 -19.11 -2.37
N GLY B 80 18.75 -18.78 -2.50
CA GLY B 80 19.55 -19.35 -3.57
C GLY B 80 20.21 -18.29 -4.37
N LYS B 81 19.77 -17.05 -4.21
CA LYS B 81 20.38 -15.92 -4.88
C LYS B 81 21.83 -15.78 -4.41
N GLY B 82 22.02 -16.03 -3.15
CA GLY B 82 23.35 -16.11 -2.62
C GLY B 82 23.65 -17.55 -2.30
N LYS B 83 23.02 -18.04 -1.25
CA LYS B 83 23.15 -19.43 -0.84
C LYS B 83 21.80 -19.92 -0.39
N LYS B 84 21.45 -21.11 -0.74
CA LYS B 84 20.23 -21.71 -0.27
C LYS B 84 20.57 -22.80 0.70
N MET A 1 -0.54 -20.04 -9.87
CA MET A 1 -0.34 -20.26 -8.40
C MET A 1 0.81 -21.22 -8.24
N ASP A 2 1.70 -21.21 -9.19
CA ASP A 2 2.68 -22.24 -9.35
C ASP A 2 4.07 -21.74 -9.05
N SER A 3 5.05 -22.31 -9.74
CA SER A 3 6.49 -22.10 -9.53
C SER A 3 6.90 -20.62 -9.52
N GLU A 4 6.10 -19.78 -10.15
CA GLU A 4 6.31 -18.34 -10.16
C GLU A 4 6.18 -17.76 -8.76
N THR A 5 5.13 -18.19 -8.08
CA THR A 5 4.78 -17.65 -6.78
C THR A 5 5.35 -18.46 -5.63
N LEU A 6 5.65 -19.70 -5.90
CA LEU A 6 6.21 -20.60 -4.91
C LEU A 6 7.58 -20.12 -4.46
N PRO A 7 7.73 -19.84 -3.17
CA PRO A 7 9.00 -19.41 -2.60
C PRO A 7 9.95 -20.60 -2.41
N GLU A 8 11.23 -20.32 -2.21
CA GLU A 8 12.20 -21.40 -2.05
C GLU A 8 12.29 -21.84 -0.61
N SER A 9 12.60 -20.92 0.27
CA SER A 9 12.71 -21.22 1.68
C SER A 9 11.37 -21.03 2.35
N GLU A 10 10.55 -20.15 1.77
CA GLU A 10 9.27 -19.71 2.32
C GLU A 10 9.53 -19.05 3.69
N LYS A 11 10.67 -18.39 3.74
CA LYS A 11 11.13 -17.65 4.89
C LYS A 11 10.10 -16.59 5.24
N TYR A 12 9.56 -15.98 4.20
CA TYR A 12 8.52 -15.00 4.30
C TYR A 12 8.92 -13.80 5.14
N ASN A 13 9.59 -12.87 4.45
CA ASN A 13 10.01 -11.59 5.02
C ASN A 13 8.82 -10.87 5.62
N PRO A 14 8.92 -10.49 6.91
CA PRO A 14 7.81 -9.91 7.65
C PRO A 14 7.35 -8.57 7.08
N GLY A 15 8.27 -7.81 6.53
CA GLY A 15 7.99 -6.48 6.00
C GLY A 15 6.76 -6.40 5.11
N PRO A 16 6.80 -6.97 3.91
CA PRO A 16 5.68 -6.95 2.99
C PRO A 16 4.50 -7.89 3.42
N GLN A 17 4.86 -9.03 4.02
CA GLN A 17 3.86 -10.03 4.47
C GLN A 17 2.93 -9.44 5.54
N ASP A 18 3.54 -8.90 6.58
CA ASP A 18 2.83 -8.27 7.68
C ASP A 18 2.12 -7.03 7.20
N PHE A 19 2.67 -6.42 6.13
CA PHE A 19 2.11 -5.20 5.58
C PHE A 19 0.71 -5.47 5.07
N LEU A 20 0.50 -6.67 4.55
CA LEU A 20 -0.81 -7.10 4.13
C LEU A 20 -1.70 -7.35 5.32
N LEU A 21 -1.22 -8.12 6.26
CA LEU A 21 -2.01 -8.56 7.42
C LEU A 21 -2.57 -7.41 8.27
N LYS A 22 -1.99 -6.24 8.15
CA LYS A 22 -2.41 -5.09 8.91
C LYS A 22 -3.45 -4.28 8.17
N MET A 23 -3.67 -4.64 6.92
CA MET A 23 -4.61 -3.93 6.10
C MET A 23 -6.02 -4.43 6.43
N PRO A 24 -7.00 -3.54 6.52
CA PRO A 24 -8.38 -3.92 6.78
C PRO A 24 -8.96 -4.71 5.60
N GLY A 25 -9.34 -5.94 5.86
CA GLY A 25 -9.84 -6.78 4.81
C GLY A 25 -8.93 -7.96 4.59
N VAL A 26 -7.79 -7.93 5.24
CA VAL A 26 -6.83 -8.98 5.11
C VAL A 26 -6.77 -9.85 6.37
N ASN A 27 -6.77 -11.14 6.16
CA ASN A 27 -6.60 -12.13 7.19
C ASN A 27 -5.58 -13.05 6.64
N ALA A 28 -4.92 -13.81 7.47
CA ALA A 28 -3.80 -14.65 7.04
C ALA A 28 -4.19 -15.64 5.96
N LYS A 29 -5.43 -16.08 5.99
CA LYS A 29 -5.88 -17.07 5.02
C LYS A 29 -6.02 -16.45 3.64
N ASN A 30 -6.58 -15.29 3.60
CA ASN A 30 -6.79 -14.63 2.34
C ASN A 30 -5.57 -13.81 1.96
N CYS A 31 -4.67 -13.66 2.91
CA CYS A 31 -3.40 -13.01 2.72
C CYS A 31 -2.49 -13.91 1.94
N ARG A 32 -2.39 -15.18 2.34
CA ARG A 32 -1.56 -16.13 1.61
C ARG A 32 -2.06 -16.30 0.20
N SER A 33 -3.38 -16.38 0.05
CA SER A 33 -3.97 -16.43 -1.27
C SER A 33 -3.62 -15.14 -2.03
N LEU A 34 -3.69 -14.01 -1.34
CA LEU A 34 -3.42 -12.71 -1.95
C LEU A 34 -2.01 -12.65 -2.42
N MET A 35 -1.16 -13.10 -1.58
CA MET A 35 0.28 -13.09 -1.73
C MET A 35 0.69 -13.87 -2.94
N HIS A 36 -0.08 -14.87 -3.28
CA HIS A 36 0.19 -15.63 -4.45
C HIS A 36 -0.60 -15.15 -5.67
N HIS A 37 -1.56 -14.26 -5.46
CA HIS A 37 -2.34 -13.71 -6.58
C HIS A 37 -1.89 -12.30 -6.96
N VAL A 38 -1.19 -11.64 -6.08
CA VAL A 38 -0.73 -10.28 -6.32
C VAL A 38 0.76 -10.19 -6.03
N LYS A 39 1.44 -9.23 -6.65
CA LYS A 39 2.88 -9.10 -6.49
C LYS A 39 3.24 -8.46 -5.16
N ASN A 40 2.82 -7.24 -4.99
CA ASN A 40 3.03 -6.47 -3.80
C ASN A 40 2.05 -5.28 -3.89
N ILE A 41 2.23 -4.29 -3.04
CA ILE A 41 1.43 -3.08 -2.90
C ILE A 41 0.99 -2.52 -4.25
N ALA A 42 1.95 -2.36 -5.17
CA ALA A 42 1.68 -1.77 -6.48
C ALA A 42 0.55 -2.46 -7.22
N GLU A 43 0.64 -3.76 -7.34
CA GLU A 43 -0.35 -4.50 -8.08
C GLU A 43 -1.62 -4.63 -7.27
N LEU A 44 -1.48 -4.69 -5.95
CA LEU A 44 -2.60 -4.75 -5.04
C LEU A 44 -3.46 -3.50 -5.15
N ALA A 45 -2.83 -2.39 -5.33
CA ALA A 45 -3.54 -1.15 -5.44
C ALA A 45 -4.00 -0.93 -6.87
N ALA A 46 -3.39 -1.64 -7.79
CA ALA A 46 -3.69 -1.53 -9.20
C ALA A 46 -4.85 -2.43 -9.59
N LEU A 47 -5.10 -3.46 -8.81
CA LEU A 47 -6.15 -4.37 -9.10
C LEU A 47 -7.55 -3.81 -8.77
N SER A 48 -8.57 -4.51 -9.16
CA SER A 48 -9.92 -4.10 -8.91
C SER A 48 -10.52 -4.92 -7.76
N GLN A 49 -11.61 -4.44 -7.19
CA GLN A 49 -12.23 -5.09 -6.04
C GLN A 49 -12.76 -6.48 -6.40
N ASP A 50 -13.13 -6.67 -7.67
CA ASP A 50 -13.57 -8.00 -8.14
C ASP A 50 -12.47 -9.02 -8.00
N GLU A 51 -11.24 -8.56 -8.21
CA GLU A 51 -10.08 -9.42 -8.08
C GLU A 51 -9.93 -9.82 -6.63
N LEU A 52 -10.08 -8.84 -5.75
CA LEU A 52 -10.00 -9.10 -4.31
C LEU A 52 -11.11 -10.05 -3.88
N THR A 53 -12.30 -9.86 -4.41
CA THR A 53 -13.43 -10.71 -4.08
C THR A 53 -13.14 -12.15 -4.53
N SER A 54 -12.39 -12.29 -5.59
CA SER A 54 -12.01 -13.54 -6.09
C SER A 54 -10.93 -14.19 -5.19
N ILE A 55 -9.90 -13.43 -4.88
CA ILE A 55 -8.77 -13.88 -4.08
C ILE A 55 -9.20 -14.23 -2.65
N LEU A 56 -9.88 -13.31 -2.03
CA LEU A 56 -10.28 -13.45 -0.66
C LEU A 56 -11.53 -14.29 -0.60
N GLY A 57 -12.31 -14.22 -1.65
CA GLY A 57 -13.53 -14.98 -1.75
C GLY A 57 -14.69 -14.29 -1.10
N ASN A 58 -14.42 -13.17 -0.48
CA ASN A 58 -15.42 -12.44 0.27
C ASN A 58 -15.48 -11.06 -0.28
N ALA A 59 -16.66 -10.57 -0.47
CA ALA A 59 -16.85 -9.22 -0.93
C ALA A 59 -16.65 -8.26 0.22
N ALA A 60 -16.78 -8.76 1.45
CA ALA A 60 -16.63 -7.91 2.61
C ALA A 60 -15.18 -7.51 2.76
N ASN A 61 -14.32 -8.52 2.75
CA ASN A 61 -12.87 -8.32 2.85
C ASN A 61 -12.39 -7.49 1.68
N ALA A 62 -12.91 -7.81 0.50
CA ALA A 62 -12.55 -7.13 -0.73
C ALA A 62 -12.94 -5.68 -0.68
N LYS A 63 -14.13 -5.40 -0.14
CA LYS A 63 -14.62 -4.06 -0.05
C LYS A 63 -13.81 -3.28 0.95
N GLN A 64 -13.49 -3.91 2.07
CA GLN A 64 -12.69 -3.28 3.10
C GLN A 64 -11.32 -2.88 2.59
N LEU A 65 -10.71 -3.77 1.85
CA LEU A 65 -9.38 -3.53 1.34
C LEU A 65 -9.39 -2.50 0.21
N TYR A 66 -10.29 -2.68 -0.79
CA TYR A 66 -10.35 -1.77 -1.94
C TYR A 66 -10.64 -0.33 -1.48
N ASP A 67 -11.53 -0.23 -0.50
CA ASP A 67 -11.92 1.02 0.15
C ASP A 67 -10.71 1.70 0.73
N PHE A 68 -9.95 0.95 1.51
CA PHE A 68 -8.78 1.45 2.19
C PHE A 68 -7.72 1.92 1.20
N ILE A 69 -7.57 1.19 0.10
CA ILE A 69 -6.60 1.52 -0.96
C ILE A 69 -6.92 2.85 -1.66
N HIS A 70 -8.21 3.16 -1.75
CA HIS A 70 -8.65 4.36 -2.49
C HIS A 70 -9.18 5.49 -1.59
N THR A 71 -9.06 5.38 -0.31
CA THR A 71 -9.48 6.43 0.60
C THR A 71 -8.34 7.41 0.84
N SER A 72 -8.43 8.62 0.28
CA SER A 72 -7.37 9.64 0.49
C SER A 72 -7.22 9.89 2.00
N PHE A 73 -6.02 10.23 2.43
CA PHE A 73 -5.66 10.38 3.89
C PHE A 73 -6.49 11.43 4.64
N ALA A 74 -7.32 12.14 3.94
CA ALA A 74 -8.12 13.14 4.56
C ALA A 74 -9.49 13.21 3.90
N GLU A 75 -9.83 12.19 3.12
CA GLU A 75 -11.03 12.23 2.30
C GLU A 75 -12.29 12.07 3.13
N VAL A 76 -12.36 10.99 3.89
CA VAL A 76 -13.51 10.71 4.76
C VAL A 76 -13.55 11.75 5.89
N VAL A 77 -12.41 12.35 6.11
CA VAL A 77 -12.24 13.31 7.09
C VAL A 77 -12.96 14.61 6.74
N SER A 78 -12.97 14.94 5.45
CA SER A 78 -13.54 16.15 4.96
C SER A 78 -14.96 16.39 5.41
N LYS A 79 -15.11 17.38 6.25
CA LYS A 79 -16.37 17.80 6.69
C LYS A 79 -17.05 18.46 5.51
N GLY A 80 -18.06 17.82 5.03
CA GLY A 80 -18.71 18.23 3.83
C GLY A 80 -18.92 17.02 2.96
N LYS A 81 -18.03 16.05 3.11
CA LYS A 81 -18.16 14.78 2.42
C LYS A 81 -18.91 13.81 3.28
N GLY A 82 -18.53 13.76 4.53
CA GLY A 82 -19.12 12.79 5.40
C GLY A 82 -19.58 13.34 6.71
N LYS A 83 -20.88 13.57 6.82
CA LYS A 83 -21.49 13.91 8.07
C LYS A 83 -21.60 12.63 8.86
N LYS A 84 -22.17 11.66 8.21
CA LYS A 84 -22.43 10.36 8.75
C LYS A 84 -22.15 9.34 7.66
N MET B 1 -11.09 16.57 -7.87
CA MET B 1 -10.77 17.48 -6.74
C MET B 1 -12.04 18.18 -6.30
N ASP B 2 -12.48 17.93 -5.08
CA ASP B 2 -13.72 18.54 -4.58
C ASP B 2 -13.54 19.02 -3.17
N SER B 3 -14.58 19.59 -2.62
CA SER B 3 -14.62 19.97 -1.22
C SER B 3 -14.55 18.70 -0.37
N GLU B 4 -14.96 17.60 -0.98
CA GLU B 4 -14.92 16.27 -0.39
C GLU B 4 -13.49 15.79 -0.16
N THR B 5 -12.54 16.36 -0.86
CA THR B 5 -11.14 16.01 -0.66
C THR B 5 -10.44 17.04 0.22
N LEU B 6 -11.11 18.12 0.46
CA LEU B 6 -10.59 19.23 1.26
C LEU B 6 -11.01 19.07 2.73
N PRO B 7 -10.06 18.67 3.60
CA PRO B 7 -10.35 18.45 4.99
C PRO B 7 -10.45 19.74 5.80
N GLU B 8 -11.64 20.26 5.83
CA GLU B 8 -11.94 21.47 6.61
C GLU B 8 -11.90 21.17 8.10
N SER B 9 -12.16 19.94 8.42
CA SER B 9 -12.12 19.44 9.76
C SER B 9 -10.68 19.35 10.23
N GLU B 10 -9.79 18.98 9.28
CA GLU B 10 -8.35 18.81 9.53
C GLU B 10 -8.14 17.66 10.53
N LYS B 11 -8.98 16.65 10.43
CA LYS B 11 -8.90 15.54 11.34
C LYS B 11 -7.74 14.67 10.98
N TYR B 12 -7.76 14.19 9.73
CA TYR B 12 -6.76 13.28 9.21
C TYR B 12 -6.91 11.94 9.91
N ASN B 13 -7.50 11.03 9.20
CA ASN B 13 -7.80 9.73 9.71
C ASN B 13 -6.57 8.85 9.73
N PRO B 14 -6.26 8.30 10.93
CA PRO B 14 -5.02 7.57 11.18
C PRO B 14 -4.80 6.35 10.30
N GLY B 15 -5.89 5.72 9.84
CA GLY B 15 -5.80 4.50 9.02
C GLY B 15 -4.78 4.60 7.88
N PRO B 16 -5.08 5.37 6.83
CA PRO B 16 -4.15 5.55 5.70
C PRO B 16 -2.94 6.46 6.03
N GLN B 17 -3.13 7.40 6.96
CA GLN B 17 -2.07 8.37 7.31
C GLN B 17 -0.90 7.66 8.00
N ASP B 18 -1.24 6.90 9.03
CA ASP B 18 -0.28 6.11 9.78
C ASP B 18 0.28 5.03 8.90
N PHE B 19 -0.52 4.62 7.91
CA PHE B 19 -0.14 3.58 6.96
C PHE B 19 1.07 4.03 6.18
N LEU B 20 1.16 5.32 5.90
CA LEU B 20 2.33 5.88 5.25
C LEU B 20 3.50 5.87 6.18
N LEU B 21 3.30 6.41 7.36
CA LEU B 21 4.39 6.59 8.34
C LEU B 21 5.08 5.29 8.76
N LYS B 22 4.44 4.18 8.52
CA LYS B 22 5.01 2.89 8.85
C LYS B 22 5.74 2.26 7.67
N MET B 23 5.77 2.97 6.56
CA MET B 23 6.42 2.46 5.39
C MET B 23 7.91 2.84 5.42
N PRO B 24 8.81 1.96 4.96
CA PRO B 24 10.24 2.25 4.91
C PRO B 24 10.54 3.37 3.90
N GLY B 25 11.11 4.46 4.39
CA GLY B 25 11.40 5.57 3.54
C GLY B 25 10.57 6.78 3.93
N VAL B 26 9.52 6.52 4.65
CA VAL B 26 8.59 7.56 5.04
C VAL B 26 8.90 8.12 6.43
N ASN B 27 8.90 9.43 6.49
CA ASN B 27 9.08 10.20 7.70
C ASN B 27 7.93 11.15 7.74
N ALA B 28 7.65 11.71 8.89
CA ALA B 28 6.51 12.62 9.03
C ALA B 28 6.63 13.84 8.13
N LYS B 29 7.86 14.20 7.76
CA LYS B 29 8.04 15.38 6.93
C LYS B 29 7.77 15.05 5.48
N ASN B 30 8.20 13.91 5.05
CA ASN B 30 8.03 13.58 3.67
C ASN B 30 6.63 13.04 3.44
N CYS B 31 6.01 12.60 4.52
CA CYS B 31 4.67 12.10 4.52
C CYS B 31 3.68 13.23 4.34
N ARG B 32 3.92 14.37 4.99
CA ARG B 32 3.02 15.52 4.83
C ARG B 32 3.07 16.02 3.40
N SER B 33 4.29 16.09 2.89
CA SER B 33 4.49 16.48 1.54
C SER B 33 3.85 15.45 0.59
N LEU B 34 4.01 14.19 0.94
CA LEU B 34 3.48 13.09 0.15
C LEU B 34 1.99 13.18 0.11
N MET B 35 1.42 13.42 1.24
CA MET B 35 0.00 13.47 1.48
C MET B 35 -0.66 14.53 0.64
N HIS B 36 0.09 15.57 0.35
CA HIS B 36 -0.41 16.62 -0.50
C HIS B 36 -0.08 16.39 -1.97
N HIS B 37 0.80 15.43 -2.25
CA HIS B 37 1.14 15.10 -3.64
C HIS B 37 0.46 13.84 -4.12
N VAL B 38 -0.04 13.05 -3.22
CA VAL B 38 -0.63 11.78 -3.58
C VAL B 38 -2.01 11.64 -2.93
N LYS B 39 -2.88 10.85 -3.56
CA LYS B 39 -4.22 10.63 -3.06
C LYS B 39 -4.18 9.68 -1.87
N ASN B 40 -3.74 8.48 -2.13
CA ASN B 40 -3.58 7.46 -1.16
C ASN B 40 -2.73 6.37 -1.82
N ILE B 41 -2.61 5.25 -1.14
CA ILE B 41 -1.93 4.00 -1.53
C ILE B 41 -1.89 3.78 -3.05
N ALA B 42 -3.07 3.78 -3.72
CA ALA B 42 -3.13 3.54 -5.19
C ALA B 42 -2.21 4.46 -5.99
N GLU B 43 -2.33 5.76 -5.78
CA GLU B 43 -1.53 6.73 -6.51
C GLU B 43 -0.09 6.66 -6.03
N LEU B 44 0.10 6.33 -4.76
CA LEU B 44 1.43 6.20 -4.19
C LEU B 44 2.21 5.11 -4.89
N ALA B 45 1.57 3.99 -5.10
CA ALA B 45 2.20 2.87 -5.74
C ALA B 45 2.23 3.06 -7.25
N ALA B 46 1.47 4.03 -7.72
CA ALA B 46 1.41 4.36 -9.12
C ALA B 46 2.50 5.37 -9.46
N LEU B 47 2.96 6.10 -8.46
CA LEU B 47 3.98 7.11 -8.66
C LEU B 47 5.36 6.45 -8.79
N SER B 48 6.20 7.01 -9.64
CA SER B 48 7.54 6.50 -9.83
C SER B 48 8.45 6.95 -8.68
N GLN B 49 9.65 6.41 -8.68
CA GLN B 49 10.63 6.71 -7.68
C GLN B 49 11.08 8.15 -7.84
N ASP B 50 11.07 8.63 -9.07
CA ASP B 50 11.46 10.01 -9.38
C ASP B 50 10.49 10.96 -8.74
N GLU B 51 9.24 10.57 -8.73
CA GLU B 51 8.19 11.35 -8.13
C GLU B 51 8.38 11.37 -6.64
N LEU B 52 8.69 10.21 -6.08
CA LEU B 52 8.95 10.11 -4.66
C LEU B 52 10.14 10.96 -4.27
N THR B 53 11.15 11.00 -5.12
CA THR B 53 12.33 11.81 -4.86
C THR B 53 11.96 13.30 -4.91
N SER B 54 11.00 13.64 -5.73
CA SER B 54 10.54 15.01 -5.84
C SER B 54 9.75 15.39 -4.57
N ILE B 55 8.97 14.46 -4.09
CA ILE B 55 8.13 14.64 -2.93
C ILE B 55 8.95 14.60 -1.63
N LEU B 56 9.68 13.52 -1.45
CA LEU B 56 10.42 13.29 -0.22
C LEU B 56 11.68 14.14 -0.22
N GLY B 57 12.23 14.34 -1.39
CA GLY B 57 13.41 15.16 -1.56
C GLY B 57 14.69 14.39 -1.43
N ASN B 58 14.60 13.12 -1.09
CA ASN B 58 15.79 12.30 -0.95
C ASN B 58 15.56 11.03 -1.71
N ALA B 59 16.49 10.68 -2.57
CA ALA B 59 16.41 9.48 -3.37
C ALA B 59 16.51 8.26 -2.48
N ALA B 60 17.08 8.43 -1.30
CA ALA B 60 17.21 7.35 -0.35
C ALA B 60 15.84 6.91 0.13
N ASN B 61 15.06 7.87 0.59
CA ASN B 61 13.71 7.63 1.10
C ASN B 61 12.83 7.12 -0.04
N ALA B 62 13.02 7.74 -1.21
CA ALA B 62 12.27 7.40 -2.41
C ALA B 62 12.57 5.99 -2.85
N LYS B 63 13.84 5.60 -2.76
CA LYS B 63 14.28 4.30 -3.17
C LYS B 63 13.73 3.28 -2.20
N GLN B 64 13.82 3.58 -0.91
CA GLN B 64 13.32 2.67 0.12
C GLN B 64 11.85 2.36 -0.08
N LEU B 65 11.08 3.39 -0.35
CA LEU B 65 9.67 3.25 -0.54
C LEU B 65 9.35 2.55 -1.87
N TYR B 66 9.96 3.02 -2.96
CA TYR B 66 9.74 2.45 -4.29
C TYR B 66 10.08 0.95 -4.31
N ASP B 67 11.19 0.64 -3.65
CA ASP B 67 11.70 -0.72 -3.49
C ASP B 67 10.65 -1.58 -2.82
N PHE B 68 10.11 -1.09 -1.72
CA PHE B 68 9.13 -1.82 -0.93
C PHE B 68 7.87 -2.10 -1.76
N ILE B 69 7.37 -1.04 -2.38
CA ILE B 69 6.16 -1.07 -3.24
C ILE B 69 6.26 -2.13 -4.36
N HIS B 70 7.48 -2.35 -4.81
CA HIS B 70 7.71 -3.28 -5.91
C HIS B 70 8.38 -4.60 -5.49
N THR B 71 8.52 -4.86 -4.21
CA THR B 71 9.14 -6.11 -3.77
C THR B 71 8.07 -7.13 -3.37
N SER B 72 7.91 -8.16 -4.19
CA SER B 72 6.91 -9.18 -3.98
C SER B 72 7.12 -9.85 -2.60
N PHE B 73 6.04 -10.23 -1.95
CA PHE B 73 6.08 -10.83 -0.60
C PHE B 73 6.88 -12.14 -0.65
N ALA B 74 6.87 -12.77 -1.81
CA ALA B 74 7.52 -14.03 -1.99
C ALA B 74 8.75 -13.89 -2.89
N GLU B 75 9.26 -12.67 -2.99
CA GLU B 75 10.40 -12.41 -3.87
C GLU B 75 11.71 -12.80 -3.22
N VAL B 76 12.09 -12.05 -2.21
CA VAL B 76 13.38 -12.21 -1.53
C VAL B 76 13.54 -13.61 -0.93
N VAL B 77 12.42 -14.25 -0.62
CA VAL B 77 12.38 -15.48 -0.02
C VAL B 77 12.59 -16.63 -1.03
N SER B 78 12.81 -16.27 -2.26
CA SER B 78 13.22 -17.21 -3.24
C SER B 78 14.66 -16.93 -3.60
N LYS B 79 15.53 -17.81 -3.12
CA LYS B 79 16.98 -17.74 -3.26
C LYS B 79 17.63 -16.55 -2.52
N GLY B 80 17.15 -15.36 -2.75
CA GLY B 80 17.73 -14.21 -2.14
C GLY B 80 18.85 -13.67 -2.98
N LYS B 81 18.50 -13.17 -4.14
CA LYS B 81 19.45 -12.64 -5.07
C LYS B 81 19.73 -11.19 -4.75
N GLY B 82 18.91 -10.63 -3.90
CA GLY B 82 19.09 -9.27 -3.46
C GLY B 82 18.00 -8.40 -3.97
N LYS B 83 18.17 -7.13 -3.82
CA LYS B 83 17.18 -6.19 -4.28
C LYS B 83 17.81 -5.17 -5.20
N LYS B 84 16.97 -4.39 -5.81
CA LYS B 84 17.35 -3.39 -6.78
C LYS B 84 17.93 -2.16 -6.06
N MET A 1 3.05 -14.45 -9.24
CA MET A 1 2.65 -15.87 -9.35
C MET A 1 3.75 -16.70 -10.03
N ASP A 2 4.82 -16.06 -10.45
CA ASP A 2 5.90 -16.75 -11.16
C ASP A 2 6.96 -17.22 -10.17
N SER A 3 8.05 -17.73 -10.70
CA SER A 3 9.13 -18.31 -9.90
C SER A 3 9.73 -17.30 -8.90
N GLU A 4 9.67 -16.04 -9.23
CA GLU A 4 10.21 -15.03 -8.36
C GLU A 4 9.24 -14.68 -7.23
N THR A 5 7.97 -14.95 -7.42
CA THR A 5 6.99 -14.71 -6.37
C THR A 5 6.73 -15.98 -5.58
N LEU A 6 6.99 -17.12 -6.19
CA LEU A 6 6.81 -18.40 -5.55
C LEU A 6 8.01 -18.71 -4.68
N PRO A 7 7.81 -18.69 -3.35
CA PRO A 7 8.88 -18.85 -2.39
C PRO A 7 9.43 -20.26 -2.28
N GLU A 8 10.70 -20.42 -2.61
CA GLU A 8 11.35 -21.71 -2.47
C GLU A 8 11.62 -22.04 -1.01
N SER A 9 12.31 -21.14 -0.35
CA SER A 9 12.71 -21.34 1.02
C SER A 9 11.50 -21.12 1.94
N GLU A 10 10.56 -20.32 1.47
CA GLU A 10 9.36 -19.94 2.20
C GLU A 10 9.67 -19.38 3.60
N LYS A 11 10.28 -18.22 3.55
CA LYS A 11 10.68 -17.46 4.71
C LYS A 11 9.60 -16.45 5.02
N TYR A 12 9.18 -15.68 3.98
CA TYR A 12 8.15 -14.65 4.12
C TYR A 12 8.67 -13.48 4.95
N ASN A 13 9.23 -12.50 4.27
CA ASN A 13 9.75 -11.31 4.94
C ASN A 13 8.62 -10.53 5.55
N PRO A 14 8.74 -10.19 6.86
CA PRO A 14 7.67 -9.55 7.62
C PRO A 14 7.17 -8.25 7.04
N GLY A 15 8.07 -7.44 6.50
CA GLY A 15 7.74 -6.13 5.94
C GLY A 15 6.52 -6.15 5.04
N PRO A 16 6.63 -6.71 3.85
CA PRO A 16 5.51 -6.80 2.89
C PRO A 16 4.37 -7.77 3.38
N GLN A 17 4.76 -8.91 3.97
CA GLN A 17 3.80 -9.94 4.43
C GLN A 17 2.85 -9.38 5.50
N ASP A 18 3.43 -8.88 6.56
CA ASP A 18 2.69 -8.35 7.69
C ASP A 18 1.94 -7.11 7.27
N PHE A 19 2.48 -6.43 6.25
CA PHE A 19 1.89 -5.22 5.73
C PHE A 19 0.49 -5.52 5.21
N LEU A 20 0.34 -6.69 4.64
CA LEU A 20 -0.96 -7.15 4.19
C LEU A 20 -1.84 -7.46 5.36
N LEU A 21 -1.33 -8.26 6.29
CA LEU A 21 -2.12 -8.76 7.42
C LEU A 21 -2.69 -7.68 8.33
N LYS A 22 -2.18 -6.47 8.23
CA LYS A 22 -2.70 -5.39 9.03
C LYS A 22 -3.76 -4.60 8.28
N MET A 23 -3.93 -4.90 7.01
CA MET A 23 -4.87 -4.17 6.20
C MET A 23 -6.29 -4.65 6.47
N PRO A 24 -7.26 -3.73 6.61
CA PRO A 24 -8.66 -4.11 6.80
C PRO A 24 -9.19 -4.87 5.57
N GLY A 25 -9.59 -6.10 5.78
CA GLY A 25 -10.07 -6.92 4.72
C GLY A 25 -9.18 -8.14 4.54
N VAL A 26 -8.00 -8.07 5.12
CA VAL A 26 -7.03 -9.12 4.98
C VAL A 26 -7.05 -10.08 6.17
N ASN A 27 -6.92 -11.33 5.86
CA ASN A 27 -6.81 -12.43 6.80
C ASN A 27 -5.71 -13.29 6.28
N ALA A 28 -5.12 -14.12 7.09
CA ALA A 28 -4.01 -14.98 6.67
C ALA A 28 -4.42 -15.90 5.51
N LYS A 29 -5.69 -16.27 5.48
CA LYS A 29 -6.21 -17.17 4.46
C LYS A 29 -6.22 -16.48 3.11
N ASN A 30 -6.65 -15.25 3.11
CA ASN A 30 -6.77 -14.55 1.88
C ASN A 30 -5.47 -13.89 1.52
N CYS A 31 -4.61 -13.76 2.51
CA CYS A 31 -3.28 -13.21 2.35
C CYS A 31 -2.40 -14.19 1.62
N ARG A 32 -2.47 -15.46 1.99
CA ARG A 32 -1.68 -16.48 1.32
C ARG A 32 -2.14 -16.58 -0.14
N SER A 33 -3.44 -16.55 -0.32
CA SER A 33 -4.04 -16.56 -1.61
C SER A 33 -3.64 -15.31 -2.41
N LEU A 34 -3.59 -14.20 -1.70
CA LEU A 34 -3.27 -12.91 -2.28
C LEU A 34 -1.84 -12.92 -2.74
N MET A 35 -1.02 -13.44 -1.89
CA MET A 35 0.41 -13.51 -2.05
C MET A 35 0.77 -14.28 -3.30
N HIS A 36 -0.08 -15.21 -3.65
CA HIS A 36 0.10 -15.96 -4.87
C HIS A 36 -0.61 -15.32 -6.08
N HIS A 37 -1.55 -14.41 -5.84
CA HIS A 37 -2.26 -13.77 -6.95
C HIS A 37 -1.75 -12.37 -7.26
N VAL A 38 -1.04 -11.79 -6.34
CA VAL A 38 -0.54 -10.44 -6.51
C VAL A 38 0.96 -10.43 -6.24
N LYS A 39 1.65 -9.42 -6.74
CA LYS A 39 3.08 -9.34 -6.56
C LYS A 39 3.39 -8.74 -5.18
N ASN A 40 2.97 -7.51 -5.00
CA ASN A 40 3.09 -6.80 -3.77
C ASN A 40 2.14 -5.61 -3.86
N ILE A 41 2.20 -4.75 -2.86
CA ILE A 41 1.46 -3.49 -2.68
C ILE A 41 1.04 -2.83 -4.02
N ALA A 42 2.01 -2.58 -4.89
CA ALA A 42 1.75 -1.93 -6.20
C ALA A 42 0.65 -2.62 -6.99
N GLU A 43 0.77 -3.91 -7.19
CA GLU A 43 -0.20 -4.64 -7.98
C GLU A 43 -1.47 -4.77 -7.19
N LEU A 44 -1.34 -4.87 -5.87
CA LEU A 44 -2.49 -4.99 -4.97
C LEU A 44 -3.39 -3.77 -5.10
N ALA A 45 -2.78 -2.62 -5.10
CA ALA A 45 -3.50 -1.39 -5.19
C ALA A 45 -3.87 -1.08 -6.64
N ALA A 46 -3.26 -1.82 -7.55
CA ALA A 46 -3.57 -1.69 -8.96
C ALA A 46 -4.73 -2.60 -9.32
N LEU A 47 -4.97 -3.59 -8.48
CA LEU A 47 -6.06 -4.50 -8.66
C LEU A 47 -7.39 -3.82 -8.37
N SER A 48 -8.43 -4.35 -8.96
CA SER A 48 -9.75 -3.84 -8.76
C SER A 48 -10.41 -4.62 -7.59
N GLN A 49 -11.52 -4.10 -7.08
CA GLN A 49 -12.21 -4.71 -5.94
C GLN A 49 -12.70 -6.10 -6.33
N ASP A 50 -13.07 -6.23 -7.58
CA ASP A 50 -13.58 -7.48 -8.14
C ASP A 50 -12.50 -8.56 -8.11
N GLU A 51 -11.27 -8.14 -8.38
CA GLU A 51 -10.12 -9.03 -8.36
C GLU A 51 -9.91 -9.52 -6.96
N LEU A 52 -10.07 -8.62 -6.01
CA LEU A 52 -9.95 -8.95 -4.60
C LEU A 52 -11.06 -9.90 -4.19
N THR A 53 -12.23 -9.74 -4.80
CA THR A 53 -13.35 -10.61 -4.48
C THR A 53 -13.04 -12.04 -4.96
N SER A 54 -12.31 -12.14 -6.03
CA SER A 54 -11.93 -13.42 -6.57
C SER A 54 -10.84 -14.07 -5.69
N ILE A 55 -9.89 -13.27 -5.25
CA ILE A 55 -8.78 -13.74 -4.44
C ILE A 55 -9.22 -14.08 -3.01
N LEU A 56 -9.90 -13.15 -2.38
CA LEU A 56 -10.30 -13.31 -1.00
C LEU A 56 -11.57 -14.15 -0.92
N GLY A 57 -12.38 -14.06 -1.95
CA GLY A 57 -13.61 -14.82 -2.05
C GLY A 57 -14.81 -14.12 -1.49
N ASN A 58 -14.58 -13.02 -0.80
CA ASN A 58 -15.66 -12.29 -0.16
C ASN A 58 -15.57 -10.85 -0.58
N ALA A 59 -16.67 -10.30 -1.02
CA ALA A 59 -16.74 -8.92 -1.43
C ALA A 59 -16.60 -8.01 -0.22
N ALA A 60 -16.85 -8.55 0.96
CA ALA A 60 -16.70 -7.80 2.20
C ALA A 60 -15.25 -7.47 2.40
N ASN A 61 -14.42 -8.50 2.38
CA ASN A 61 -12.98 -8.36 2.54
C ASN A 61 -12.42 -7.49 1.41
N ALA A 62 -12.93 -7.73 0.21
CA ALA A 62 -12.50 -7.02 -0.99
C ALA A 62 -12.85 -5.55 -0.91
N LYS A 63 -14.02 -5.26 -0.38
CA LYS A 63 -14.49 -3.91 -0.29
C LYS A 63 -13.75 -3.19 0.80
N GLN A 64 -13.52 -3.88 1.92
CA GLN A 64 -12.78 -3.30 3.03
C GLN A 64 -11.39 -2.90 2.59
N LEU A 65 -10.76 -3.77 1.85
CA LEU A 65 -9.43 -3.53 1.39
C LEU A 65 -9.41 -2.46 0.32
N TYR A 66 -10.25 -2.61 -0.70
CA TYR A 66 -10.26 -1.65 -1.81
C TYR A 66 -10.62 -0.25 -1.35
N ASP A 67 -11.58 -0.18 -0.44
CA ASP A 67 -12.02 1.10 0.09
C ASP A 67 -10.90 1.77 0.84
N PHE A 68 -10.14 1.00 1.60
CA PHE A 68 -9.02 1.55 2.34
C PHE A 68 -7.94 2.03 1.36
N ILE A 69 -7.69 1.22 0.32
CA ILE A 69 -6.72 1.54 -0.76
C ILE A 69 -7.05 2.89 -1.41
N HIS A 70 -8.33 3.18 -1.50
CA HIS A 70 -8.82 4.42 -2.10
C HIS A 70 -9.55 5.35 -1.13
N THR A 71 -9.15 5.36 0.10
CA THR A 71 -9.61 6.35 1.05
C THR A 71 -8.45 7.28 1.33
N SER A 72 -8.58 8.55 0.97
CA SER A 72 -7.50 9.52 1.08
C SER A 72 -7.09 9.70 2.54
N PHE A 73 -5.85 10.14 2.76
CA PHE A 73 -5.31 10.40 4.12
C PHE A 73 -6.18 11.43 4.83
N ALA A 74 -6.84 12.23 4.05
CA ALA A 74 -7.70 13.24 4.53
C ALA A 74 -8.97 13.21 3.71
N GLU A 75 -9.71 12.13 3.84
CA GLU A 75 -10.95 12.02 3.13
C GLU A 75 -12.14 12.04 4.07
N VAL A 76 -12.09 11.20 5.09
CA VAL A 76 -13.21 11.08 6.04
C VAL A 76 -13.25 12.30 6.97
N VAL A 77 -12.14 13.03 6.96
CA VAL A 77 -11.93 14.23 7.67
C VAL A 77 -12.86 15.40 7.15
N SER A 78 -13.56 15.16 6.07
CA SER A 78 -14.62 16.05 5.63
C SER A 78 -15.69 16.08 6.73
N LYS A 79 -16.20 17.24 7.04
CA LYS A 79 -17.21 17.39 8.07
C LYS A 79 -18.56 17.04 7.46
N GLY A 80 -18.69 17.31 6.18
CA GLY A 80 -19.88 16.96 5.50
C GLY A 80 -20.40 18.12 4.73
N LYS A 81 -20.56 17.94 3.44
CA LYS A 81 -21.06 19.00 2.59
C LYS A 81 -22.57 18.97 2.51
N GLY A 82 -23.15 17.94 3.05
CA GLY A 82 -24.58 17.83 3.12
C GLY A 82 -25.05 18.04 4.52
N LYS A 83 -25.06 17.00 5.30
CA LYS A 83 -25.45 17.04 6.69
C LYS A 83 -24.64 16.00 7.44
N LYS A 84 -24.93 15.85 8.69
CA LYS A 84 -24.34 14.82 9.48
C LYS A 84 -25.48 13.91 9.92
N MET B 1 -5.90 15.65 -3.40
CA MET B 1 -5.24 16.97 -3.45
C MET B 1 -6.24 18.05 -3.85
N ASP B 2 -7.47 17.87 -3.44
CA ASP B 2 -8.56 18.75 -3.82
C ASP B 2 -9.19 19.33 -2.58
N SER B 3 -10.29 20.04 -2.75
CA SER B 3 -11.04 20.60 -1.64
C SER B 3 -11.62 19.48 -0.77
N GLU B 4 -11.77 18.32 -1.40
CA GLU B 4 -12.20 17.10 -0.73
C GLU B 4 -11.18 16.70 0.31
N THR B 5 -9.93 16.81 -0.06
CA THR B 5 -8.84 16.43 0.76
C THR B 5 -8.58 17.49 1.83
N LEU B 6 -9.01 18.72 1.56
CA LEU B 6 -8.85 19.81 2.51
C LEU B 6 -9.85 19.61 3.63
N PRO B 7 -9.35 19.22 4.80
CA PRO B 7 -10.19 18.81 5.91
C PRO B 7 -11.03 19.90 6.52
N GLU B 8 -12.21 19.54 6.93
CA GLU B 8 -13.10 20.46 7.54
C GLU B 8 -13.01 20.34 9.06
N SER B 9 -12.83 19.12 9.55
CA SER B 9 -12.69 18.89 10.97
C SER B 9 -11.21 19.01 11.40
N GLU B 10 -10.32 18.79 10.42
CA GLU B 10 -8.85 18.81 10.63
C GLU B 10 -8.45 17.71 11.64
N LYS B 11 -9.20 16.62 11.59
CA LYS B 11 -8.95 15.45 12.40
C LYS B 11 -7.70 14.77 11.92
N TYR B 12 -7.61 14.63 10.58
CA TYR B 12 -6.54 13.92 9.91
C TYR B 12 -6.60 12.46 10.27
N ASN B 13 -7.24 11.71 9.38
CA ASN B 13 -7.51 10.30 9.58
C ASN B 13 -6.22 9.53 9.82
N PRO B 14 -6.04 9.03 11.05
CA PRO B 14 -4.81 8.37 11.45
C PRO B 14 -4.52 7.12 10.67
N GLY B 15 -5.57 6.40 10.28
CA GLY B 15 -5.43 5.14 9.55
C GLY B 15 -4.47 5.22 8.36
N PRO B 16 -4.83 5.95 7.31
CA PRO B 16 -3.96 6.11 6.13
C PRO B 16 -2.67 6.94 6.43
N GLN B 17 -2.77 7.93 7.32
CA GLN B 17 -1.62 8.79 7.68
C GLN B 17 -0.52 7.97 8.36
N ASP B 18 -0.92 7.23 9.37
CA ASP B 18 -0.03 6.35 10.14
C ASP B 18 0.47 5.24 9.25
N PHE B 19 -0.34 4.89 8.26
CA PHE B 19 -0.01 3.81 7.35
C PHE B 19 1.24 4.18 6.56
N LEU B 20 1.37 5.45 6.27
CA LEU B 20 2.55 5.97 5.60
C LEU B 20 3.73 5.96 6.51
N LEU B 21 3.59 6.60 7.66
CA LEU B 21 4.72 6.83 8.59
C LEU B 21 5.40 5.55 9.08
N LYS B 22 4.74 4.42 8.94
CA LYS B 22 5.31 3.15 9.35
C LYS B 22 6.09 2.50 8.22
N MET B 23 6.05 3.12 7.05
CA MET B 23 6.71 2.57 5.88
C MET B 23 8.22 2.93 5.91
N PRO B 24 9.08 2.06 5.37
CA PRO B 24 10.51 2.38 5.25
C PRO B 24 10.77 3.43 4.15
N GLY B 25 11.43 4.52 4.49
CA GLY B 25 11.74 5.53 3.52
C GLY B 25 10.85 6.73 3.66
N VAL B 26 10.03 6.72 4.65
CA VAL B 26 9.10 7.77 4.83
C VAL B 26 9.45 8.55 6.12
N ASN B 27 9.02 9.77 6.18
CA ASN B 27 9.20 10.66 7.33
C ASN B 27 8.01 11.56 7.35
N ALA B 28 7.77 12.23 8.45
CA ALA B 28 6.63 13.14 8.56
C ALA B 28 6.70 14.27 7.53
N LYS B 29 7.92 14.69 7.19
CA LYS B 29 8.11 15.78 6.26
C LYS B 29 7.72 15.36 4.84
N ASN B 30 8.08 14.17 4.50
CA ASN B 30 7.80 13.71 3.18
C ASN B 30 6.41 13.13 3.13
N CYS B 31 5.88 12.78 4.29
CA CYS B 31 4.53 12.27 4.43
C CYS B 31 3.54 13.38 4.19
N ARG B 32 3.79 14.57 4.73
CA ARG B 32 2.90 15.71 4.51
C ARG B 32 2.91 16.11 3.04
N SER B 33 4.09 16.13 2.48
CA SER B 33 4.28 16.45 1.09
C SER B 33 3.57 15.37 0.22
N LEU B 34 3.69 14.13 0.67
CA LEU B 34 3.11 12.99 -0.01
C LEU B 34 1.62 13.07 0.06
N MET B 35 1.15 13.51 1.19
CA MET B 35 -0.26 13.62 1.51
C MET B 35 -0.94 14.61 0.60
N HIS B 36 -0.18 15.56 0.13
CA HIS B 36 -0.69 16.52 -0.82
C HIS B 36 -0.46 16.09 -2.26
N HIS B 37 0.41 15.12 -2.48
CA HIS B 37 0.66 14.66 -3.86
C HIS B 37 -0.01 13.33 -4.17
N VAL B 38 -0.41 12.64 -3.16
CA VAL B 38 -0.97 11.31 -3.29
C VAL B 38 -2.34 11.28 -2.61
N LYS B 39 -3.23 10.48 -3.15
CA LYS B 39 -4.52 10.28 -2.53
C LYS B 39 -4.37 9.39 -1.31
N ASN B 40 -3.93 8.17 -1.56
CA ASN B 40 -3.60 7.20 -0.55
C ASN B 40 -2.89 6.05 -1.29
N ILE B 41 -2.63 4.97 -0.56
CA ILE B 41 -1.99 3.69 -0.98
C ILE B 41 -1.91 3.48 -2.49
N ALA B 42 -3.08 3.50 -3.17
CA ALA B 42 -3.13 3.23 -4.61
C ALA B 42 -2.22 4.10 -5.42
N GLU B 43 -2.31 5.38 -5.20
CA GLU B 43 -1.58 6.33 -5.97
C GLU B 43 -0.13 6.32 -5.57
N LEU B 44 0.12 6.04 -4.30
CA LEU B 44 1.49 5.93 -3.80
C LEU B 44 2.20 4.78 -4.49
N ALA B 45 1.49 3.69 -4.63
CA ALA B 45 2.02 2.53 -5.23
C ALA B 45 2.00 2.62 -6.74
N ALA B 46 1.28 3.61 -7.24
CA ALA B 46 1.18 3.85 -8.66
C ALA B 46 2.24 4.83 -9.11
N LEU B 47 2.76 5.60 -8.17
CA LEU B 47 3.81 6.54 -8.49
C LEU B 47 5.16 5.86 -8.76
N SER B 48 5.99 6.55 -9.51
CA SER B 48 7.33 6.08 -9.82
C SER B 48 8.30 6.61 -8.75
N GLN B 49 9.53 6.12 -8.74
CA GLN B 49 10.52 6.55 -7.77
C GLN B 49 10.91 8.00 -8.03
N ASP B 50 10.76 8.43 -9.28
CA ASP B 50 11.04 9.81 -9.70
C ASP B 50 10.15 10.75 -8.93
N GLU B 51 8.89 10.35 -8.83
CA GLU B 51 7.87 11.10 -8.12
C GLU B 51 8.23 11.18 -6.67
N LEU B 52 8.63 10.05 -6.11
CA LEU B 52 9.00 9.99 -4.71
C LEU B 52 10.22 10.87 -4.45
N THR B 53 11.18 10.86 -5.34
CA THR B 53 12.37 11.68 -5.18
C THR B 53 11.99 13.16 -5.18
N SER B 54 10.99 13.49 -5.96
CA SER B 54 10.52 14.82 -6.06
C SER B 54 9.76 15.24 -4.78
N ILE B 55 8.89 14.35 -4.32
CA ILE B 55 8.06 14.60 -3.16
C ILE B 55 8.89 14.55 -1.86
N LEU B 56 9.67 13.50 -1.71
CA LEU B 56 10.43 13.30 -0.50
C LEU B 56 11.67 14.16 -0.52
N GLY B 57 12.20 14.37 -1.71
CA GLY B 57 13.36 15.20 -1.91
C GLY B 57 14.66 14.47 -1.73
N ASN B 58 14.60 13.16 -1.56
CA ASN B 58 15.81 12.37 -1.40
C ASN B 58 15.62 11.11 -2.18
N ALA B 59 16.61 10.74 -2.97
CA ALA B 59 16.57 9.51 -3.74
C ALA B 59 16.63 8.33 -2.80
N ALA B 60 17.22 8.55 -1.63
CA ALA B 60 17.37 7.51 -0.64
C ALA B 60 16.02 7.06 -0.16
N ASN B 61 15.25 8.01 0.36
CA ASN B 61 13.91 7.73 0.87
C ASN B 61 13.05 7.18 -0.24
N ALA B 62 13.21 7.75 -1.43
CA ALA B 62 12.46 7.37 -2.61
C ALA B 62 12.71 5.92 -2.97
N LYS B 63 13.97 5.51 -2.93
CA LYS B 63 14.34 4.17 -3.28
C LYS B 63 13.87 3.19 -2.23
N GLN B 64 14.03 3.59 -0.97
CA GLN B 64 13.62 2.79 0.18
C GLN B 64 12.12 2.51 0.12
N LEU B 65 11.34 3.56 -0.10
CA LEU B 65 9.90 3.43 -0.16
C LEU B 65 9.47 2.72 -1.44
N TYR B 66 10.04 3.11 -2.60
CA TYR B 66 9.72 2.49 -3.89
C TYR B 66 9.97 0.98 -3.85
N ASP B 67 11.10 0.60 -3.29
CA ASP B 67 11.50 -0.80 -3.22
C ASP B 67 10.48 -1.58 -2.41
N PHE B 68 10.07 -1.02 -1.28
CA PHE B 68 9.10 -1.65 -0.40
C PHE B 68 7.74 -1.85 -1.10
N ILE B 69 7.39 -0.92 -1.97
CA ILE B 69 6.14 -0.99 -2.73
C ILE B 69 6.17 -2.07 -3.82
N HIS B 70 7.33 -2.29 -4.37
CA HIS B 70 7.41 -3.17 -5.54
C HIS B 70 7.96 -4.58 -5.27
N THR B 71 8.77 -4.73 -4.24
CA THR B 71 9.34 -6.02 -3.84
C THR B 71 8.26 -7.01 -3.41
N SER B 72 8.11 -8.07 -4.20
CA SER B 72 7.14 -9.14 -3.91
C SER B 72 7.38 -9.69 -2.47
N PHE B 73 6.29 -10.04 -1.79
CA PHE B 73 6.31 -10.54 -0.37
C PHE B 73 7.31 -11.68 -0.20
N ALA B 74 7.48 -12.45 -1.25
CA ALA B 74 8.32 -13.60 -1.20
C ALA B 74 9.42 -13.55 -2.24
N GLU B 75 9.67 -12.36 -2.80
CA GLU B 75 10.64 -12.22 -3.90
C GLU B 75 12.03 -12.58 -3.44
N VAL B 76 12.43 -11.94 -2.36
CA VAL B 76 13.76 -12.12 -1.78
C VAL B 76 13.83 -13.46 -1.02
N VAL B 77 12.65 -13.96 -0.69
CA VAL B 77 12.48 -15.10 0.10
C VAL B 77 12.89 -16.40 -0.62
N SER B 78 12.70 -16.43 -1.91
CA SER B 78 13.17 -17.55 -2.68
C SER B 78 14.67 -17.46 -2.83
N LYS B 79 15.34 -18.28 -2.10
CA LYS B 79 16.77 -18.27 -2.07
C LYS B 79 17.29 -19.33 -3.01
N GLY B 80 18.27 -18.97 -3.78
CA GLY B 80 18.84 -19.86 -4.73
C GLY B 80 18.91 -19.25 -6.09
N LYS B 81 18.84 -17.93 -6.13
CA LYS B 81 18.86 -17.21 -7.38
C LYS B 81 20.28 -17.12 -7.89
N GLY B 82 21.20 -16.83 -6.98
CA GLY B 82 22.58 -16.62 -7.35
C GLY B 82 23.46 -17.75 -7.00
N LYS B 83 22.88 -18.83 -6.61
CA LYS B 83 23.65 -19.95 -6.20
C LYS B 83 22.85 -21.21 -6.37
N LYS B 84 23.46 -22.18 -6.98
CA LYS B 84 22.88 -23.47 -7.12
C LYS B 84 23.89 -24.45 -6.59
N MET A 1 1.55 -19.53 -9.83
CA MET A 1 2.37 -20.58 -9.24
C MET A 1 3.58 -20.79 -10.11
N ASP A 2 4.69 -20.29 -9.64
CA ASP A 2 5.91 -20.19 -10.40
C ASP A 2 7.06 -19.89 -9.46
N SER A 3 8.23 -19.67 -10.01
CA SER A 3 9.45 -19.39 -9.24
C SER A 3 9.35 -18.06 -8.46
N GLU A 4 8.46 -17.18 -8.89
CA GLU A 4 8.28 -15.89 -8.26
C GLU A 4 7.45 -16.03 -7.00
N THR A 5 6.55 -16.99 -7.01
CA THR A 5 5.67 -17.20 -5.90
C THR A 5 6.04 -18.36 -5.01
N LEU A 6 6.70 -19.34 -5.56
CA LEU A 6 7.10 -20.51 -4.80
C LEU A 6 8.45 -20.26 -4.13
N PRO A 7 8.43 -20.11 -2.80
CA PRO A 7 9.62 -19.79 -2.04
C PRO A 7 10.58 -20.94 -1.89
N GLU A 8 11.82 -20.61 -1.67
CA GLU A 8 12.84 -21.60 -1.49
C GLU A 8 13.11 -21.81 0.00
N SER A 9 13.02 -20.76 0.79
CA SER A 9 13.24 -20.86 2.22
C SER A 9 11.93 -21.01 3.01
N GLU A 10 10.79 -20.66 2.36
CA GLU A 10 9.45 -20.65 3.01
C GLU A 10 9.49 -19.70 4.23
N LYS A 11 10.23 -18.64 4.08
CA LYS A 11 10.38 -17.63 5.10
C LYS A 11 9.15 -16.75 5.13
N TYR A 12 8.74 -16.29 3.93
CA TYR A 12 7.64 -15.34 3.76
C TYR A 12 7.98 -14.05 4.47
N ASN A 13 8.49 -13.10 3.70
CA ASN A 13 9.00 -11.82 4.20
C ASN A 13 7.97 -11.11 5.05
N PRO A 14 8.23 -11.05 6.38
CA PRO A 14 7.28 -10.52 7.34
C PRO A 14 6.93 -9.07 7.09
N GLY A 15 7.90 -8.29 6.62
CA GLY A 15 7.69 -6.86 6.35
C GLY A 15 6.46 -6.58 5.49
N PRO A 16 6.47 -6.97 4.22
CA PRO A 16 5.33 -6.76 3.32
C PRO A 16 4.13 -7.70 3.65
N GLN A 17 4.40 -8.87 4.23
CA GLN A 17 3.35 -9.82 4.58
C GLN A 17 2.49 -9.28 5.70
N ASP A 18 3.14 -8.82 6.75
CA ASP A 18 2.48 -8.21 7.88
C ASP A 18 1.78 -6.94 7.45
N PHE A 19 2.33 -6.33 6.37
CA PHE A 19 1.80 -5.09 5.86
C PHE A 19 0.40 -5.32 5.32
N LEU A 20 0.18 -6.49 4.78
CA LEU A 20 -1.14 -6.90 4.32
C LEU A 20 -2.06 -7.16 5.47
N LEU A 21 -1.64 -8.03 6.37
CA LEU A 21 -2.48 -8.50 7.50
C LEU A 21 -2.95 -7.36 8.41
N LYS A 22 -2.33 -6.22 8.33
CA LYS A 22 -2.72 -5.10 9.17
C LYS A 22 -3.71 -4.19 8.45
N MET A 23 -4.06 -4.55 7.24
CA MET A 23 -4.96 -3.76 6.46
C MET A 23 -6.40 -4.15 6.85
N PRO A 24 -7.39 -3.31 6.60
CA PRO A 24 -8.76 -3.68 6.85
C PRO A 24 -9.32 -4.44 5.65
N GLY A 25 -9.70 -5.68 5.85
CA GLY A 25 -10.24 -6.44 4.75
C GLY A 25 -9.31 -7.54 4.30
N VAL A 26 -8.58 -8.09 5.23
CA VAL A 26 -7.64 -9.15 4.94
C VAL A 26 -7.58 -10.17 6.10
N ASN A 27 -7.19 -11.40 5.78
CA ASN A 27 -7.00 -12.48 6.76
C ASN A 27 -5.77 -13.20 6.34
N ALA A 28 -5.20 -14.01 7.21
CA ALA A 28 -3.97 -14.74 6.90
C ALA A 28 -4.17 -15.71 5.73
N LYS A 29 -5.38 -16.23 5.63
CA LYS A 29 -5.71 -17.20 4.58
C LYS A 29 -5.74 -16.54 3.19
N ASN A 30 -6.31 -15.38 3.14
CA ASN A 30 -6.44 -14.73 1.87
C ASN A 30 -5.24 -13.88 1.56
N CYS A 31 -4.44 -13.64 2.56
CA CYS A 31 -3.18 -12.93 2.44
C CYS A 31 -2.18 -13.77 1.67
N ARG A 32 -2.04 -15.04 2.05
CA ARG A 32 -1.14 -15.95 1.35
C ARG A 32 -1.64 -16.16 -0.08
N SER A 33 -2.93 -16.31 -0.20
CA SER A 33 -3.58 -16.42 -1.48
C SER A 33 -3.31 -15.16 -2.33
N LEU A 34 -3.28 -14.03 -1.65
CA LEU A 34 -3.06 -12.75 -2.28
C LEU A 34 -1.66 -12.71 -2.81
N MET A 35 -0.72 -13.27 -2.06
CA MET A 35 0.70 -13.30 -2.46
C MET A 35 0.87 -14.08 -3.72
N HIS A 36 0.01 -15.04 -3.88
CA HIS A 36 0.05 -15.87 -5.05
C HIS A 36 -0.69 -15.26 -6.22
N HIS A 37 -1.51 -14.25 -5.97
CA HIS A 37 -2.22 -13.59 -7.06
C HIS A 37 -1.78 -12.14 -7.27
N VAL A 38 -0.99 -11.63 -6.36
CA VAL A 38 -0.55 -10.24 -6.36
C VAL A 38 0.93 -10.21 -6.02
N LYS A 39 1.66 -9.28 -6.61
CA LYS A 39 3.09 -9.12 -6.37
C LYS A 39 3.36 -8.50 -5.01
N ASN A 40 2.95 -7.24 -4.85
CA ASN A 40 3.08 -6.52 -3.63
C ASN A 40 2.09 -5.35 -3.69
N ILE A 41 2.26 -4.36 -2.83
CA ILE A 41 1.44 -3.17 -2.66
C ILE A 41 0.99 -2.60 -4.00
N ALA A 42 1.96 -2.44 -4.92
CA ALA A 42 1.68 -1.88 -6.25
C ALA A 42 0.54 -2.58 -6.95
N GLU A 43 0.61 -3.89 -7.05
CA GLU A 43 -0.37 -4.66 -7.76
C GLU A 43 -1.65 -4.76 -6.95
N LEU A 44 -1.51 -4.80 -5.63
CA LEU A 44 -2.66 -4.84 -4.74
C LEU A 44 -3.52 -3.60 -4.93
N ALA A 45 -2.86 -2.49 -5.08
CA ALA A 45 -3.52 -1.25 -5.25
C ALA A 45 -3.92 -1.01 -6.68
N ALA A 46 -3.33 -1.78 -7.57
CA ALA A 46 -3.60 -1.65 -8.99
C ALA A 46 -4.78 -2.50 -9.40
N LEU A 47 -5.02 -3.58 -8.67
CA LEU A 47 -6.10 -4.48 -8.98
C LEU A 47 -7.44 -3.93 -8.51
N SER A 48 -8.50 -4.40 -9.10
CA SER A 48 -9.82 -3.95 -8.76
C SER A 48 -10.41 -4.78 -7.61
N GLN A 49 -11.51 -4.28 -7.04
CA GLN A 49 -12.16 -4.93 -5.91
C GLN A 49 -12.65 -6.32 -6.28
N ASP A 50 -12.99 -6.50 -7.54
CA ASP A 50 -13.48 -7.79 -8.03
C ASP A 50 -12.38 -8.83 -7.93
N GLU A 51 -11.17 -8.40 -8.24
CA GLU A 51 -10.00 -9.25 -8.14
C GLU A 51 -9.83 -9.70 -6.71
N LEU A 52 -9.99 -8.76 -5.79
CA LEU A 52 -9.90 -9.06 -4.38
C LEU A 52 -11.03 -9.99 -3.96
N THR A 53 -12.21 -9.81 -4.54
CA THR A 53 -13.35 -10.65 -4.20
C THR A 53 -13.08 -12.09 -4.69
N SER A 54 -12.36 -12.21 -5.77
CA SER A 54 -12.00 -13.49 -6.32
C SER A 54 -10.95 -14.17 -5.44
N ILE A 55 -9.93 -13.41 -5.05
CA ILE A 55 -8.82 -13.94 -4.24
C ILE A 55 -9.27 -14.25 -2.81
N LEU A 56 -9.88 -13.27 -2.18
CA LEU A 56 -10.27 -13.38 -0.79
C LEU A 56 -11.53 -14.23 -0.67
N GLY A 57 -12.38 -14.11 -1.66
CA GLY A 57 -13.62 -14.87 -1.71
C GLY A 57 -14.75 -14.19 -0.98
N ASN A 58 -14.46 -13.06 -0.34
CA ASN A 58 -15.48 -12.35 0.40
C ASN A 58 -15.48 -10.93 -0.07
N ALA A 59 -16.62 -10.44 -0.47
CA ALA A 59 -16.79 -9.08 -0.92
C ALA A 59 -16.55 -8.12 0.24
N ALA A 60 -16.75 -8.59 1.45
CA ALA A 60 -16.57 -7.80 2.64
C ALA A 60 -15.12 -7.39 2.75
N ASN A 61 -14.24 -8.38 2.71
CA ASN A 61 -12.81 -8.14 2.78
C ASN A 61 -12.35 -7.31 1.61
N ALA A 62 -12.87 -7.67 0.44
CA ALA A 62 -12.50 -7.04 -0.81
C ALA A 62 -12.85 -5.57 -0.82
N LYS A 63 -14.00 -5.24 -0.29
CA LYS A 63 -14.45 -3.89 -0.28
C LYS A 63 -13.69 -3.10 0.75
N GLN A 64 -13.50 -3.69 1.91
CA GLN A 64 -12.79 -3.04 3.00
C GLN A 64 -11.37 -2.69 2.59
N LEU A 65 -10.72 -3.62 1.94
CA LEU A 65 -9.37 -3.42 1.50
C LEU A 65 -9.30 -2.45 0.32
N TYR A 66 -10.12 -2.67 -0.71
CA TYR A 66 -10.16 -1.80 -1.90
C TYR A 66 -10.46 -0.35 -1.53
N ASP A 67 -11.40 -0.18 -0.63
CA ASP A 67 -11.82 1.13 -0.19
C ASP A 67 -10.71 1.83 0.55
N PHE A 68 -9.99 1.09 1.40
CA PHE A 68 -8.88 1.65 2.16
C PHE A 68 -7.82 2.17 1.19
N ILE A 69 -7.52 1.37 0.18
CA ILE A 69 -6.55 1.68 -0.89
C ILE A 69 -6.90 2.99 -1.62
N HIS A 70 -8.19 3.27 -1.70
CA HIS A 70 -8.67 4.48 -2.37
C HIS A 70 -9.09 5.61 -1.40
N THR A 71 -9.08 5.35 -0.12
CA THR A 71 -9.46 6.35 0.85
C THR A 71 -8.28 7.26 1.14
N SER A 72 -8.32 8.46 0.58
CA SER A 72 -7.26 9.43 0.77
C SER A 72 -7.05 9.71 2.27
N PHE A 73 -5.82 10.06 2.63
CA PHE A 73 -5.46 10.35 4.03
C PHE A 73 -6.26 11.59 4.51
N ALA A 74 -6.70 12.38 3.54
CA ALA A 74 -7.42 13.60 3.78
C ALA A 74 -8.77 13.54 3.09
N GLU A 75 -9.37 12.36 3.09
CA GLU A 75 -10.69 12.20 2.49
C GLU A 75 -11.79 12.36 3.55
N VAL A 76 -11.96 11.32 4.38
CA VAL A 76 -12.99 11.25 5.46
C VAL A 76 -12.86 12.45 6.45
N VAL A 77 -11.72 13.10 6.41
CA VAL A 77 -11.42 14.24 7.17
C VAL A 77 -12.42 15.42 6.90
N SER A 78 -13.08 15.38 5.75
CA SER A 78 -14.15 16.30 5.50
C SER A 78 -15.38 15.78 6.21
N LYS A 79 -15.99 16.61 7.02
CA LYS A 79 -17.18 16.24 7.78
C LYS A 79 -18.31 16.03 6.79
N GLY A 80 -18.43 16.94 5.87
CA GLY A 80 -19.43 16.88 4.89
C GLY A 80 -20.27 18.11 4.86
N LYS A 81 -19.67 19.30 4.96
CA LYS A 81 -20.48 20.52 4.78
C LYS A 81 -20.77 20.65 3.31
N GLY A 82 -19.79 20.24 2.54
CA GLY A 82 -19.91 20.13 1.12
C GLY A 82 -19.85 18.68 0.75
N LYS A 83 -19.09 18.36 -0.27
CA LYS A 83 -18.89 16.97 -0.74
C LYS A 83 -20.22 16.38 -1.25
N LYS A 84 -20.98 15.74 -0.34
CA LYS A 84 -22.30 15.16 -0.60
C LYS A 84 -22.25 14.12 -1.73
N MET B 1 -5.89 19.42 -5.71
CA MET B 1 -6.40 19.51 -4.35
C MET B 1 -7.69 20.29 -4.39
N ASP B 2 -8.78 19.59 -4.28
CA ASP B 2 -10.08 20.20 -4.39
C ASP B 2 -10.81 20.06 -3.04
N SER B 3 -12.11 20.20 -3.03
CA SER B 3 -12.94 20.13 -1.85
C SER B 3 -12.82 18.75 -1.18
N GLU B 4 -12.41 17.78 -1.97
CA GLU B 4 -12.21 16.41 -1.55
C GLU B 4 -11.31 16.31 -0.35
N THR B 5 -10.15 16.91 -0.49
CA THR B 5 -9.08 16.82 0.48
C THR B 5 -9.19 17.83 1.62
N LEU B 6 -10.04 18.81 1.45
CA LEU B 6 -10.24 19.87 2.45
C LEU B 6 -10.79 19.32 3.78
N PRO B 7 -9.96 19.33 4.83
CA PRO B 7 -10.34 18.85 6.12
C PRO B 7 -11.18 19.85 6.89
N GLU B 8 -12.41 19.50 7.10
CA GLU B 8 -13.31 20.35 7.80
C GLU B 8 -13.20 20.10 9.29
N SER B 9 -12.97 18.87 9.66
CA SER B 9 -12.82 18.51 11.06
C SER B 9 -11.35 18.58 11.48
N GLU B 10 -10.45 18.57 10.47
CA GLU B 10 -9.00 18.49 10.66
C GLU B 10 -8.69 17.31 11.55
N LYS B 11 -8.94 16.18 11.00
CA LYS B 11 -8.77 14.94 11.67
C LYS B 11 -7.48 14.29 11.23
N TYR B 12 -7.30 14.23 9.89
CA TYR B 12 -6.23 13.48 9.26
C TYR B 12 -6.37 12.02 9.61
N ASN B 13 -6.96 11.29 8.68
CA ASN B 13 -7.30 9.88 8.87
C ASN B 13 -6.11 9.07 9.31
N PRO B 14 -6.10 8.61 10.58
CA PRO B 14 -4.97 7.92 11.14
C PRO B 14 -4.61 6.65 10.41
N GLY B 15 -5.63 5.86 10.07
CA GLY B 15 -5.44 4.58 9.38
C GLY B 15 -4.49 4.66 8.19
N PRO B 16 -4.86 5.43 7.17
CA PRO B 16 -4.01 5.63 6.02
C PRO B 16 -2.73 6.44 6.36
N GLN B 17 -2.83 7.49 7.21
CA GLN B 17 -1.65 8.35 7.56
C GLN B 17 -0.55 7.49 8.21
N ASP B 18 -0.99 6.71 9.16
CA ASP B 18 -0.16 5.78 9.89
C ASP B 18 0.44 4.74 8.94
N PHE B 19 -0.26 4.48 7.84
CA PHE B 19 0.14 3.46 6.90
C PHE B 19 1.43 3.84 6.22
N LEU B 20 1.47 5.06 5.75
CA LEU B 20 2.63 5.50 4.97
C LEU B 20 3.82 5.67 5.87
N LEU B 21 3.60 6.28 7.04
CA LEU B 21 4.69 6.54 8.02
C LEU B 21 5.40 5.26 8.48
N LYS B 22 4.74 4.13 8.39
CA LYS B 22 5.35 2.89 8.85
C LYS B 22 6.14 2.21 7.75
N MET B 23 6.15 2.80 6.58
CA MET B 23 6.85 2.25 5.45
C MET B 23 8.32 2.66 5.55
N PRO B 24 9.26 1.97 4.89
CA PRO B 24 10.65 2.37 4.89
C PRO B 24 10.89 3.44 3.83
N GLY B 25 11.52 4.52 4.20
CA GLY B 25 11.80 5.55 3.24
C GLY B 25 10.83 6.70 3.35
N VAL B 26 10.22 6.82 4.50
CA VAL B 26 9.28 7.89 4.71
C VAL B 26 9.52 8.52 6.09
N ASN B 27 9.13 9.78 6.22
CA ASN B 27 9.20 10.52 7.47
C ASN B 27 7.98 11.39 7.55
N ALA B 28 7.68 11.92 8.70
CA ALA B 28 6.51 12.77 8.86
C ALA B 28 6.60 14.05 8.01
N LYS B 29 7.81 14.46 7.69
CA LYS B 29 8.01 15.66 6.88
C LYS B 29 7.63 15.40 5.42
N ASN B 30 8.05 14.30 4.92
CA ASN B 30 7.81 14.01 3.55
C ASN B 30 6.49 13.33 3.37
N CYS B 31 5.94 12.79 4.44
CA CYS B 31 4.63 12.20 4.42
C CYS B 31 3.56 13.27 4.34
N ARG B 32 3.78 14.44 4.98
CA ARG B 32 2.80 15.53 4.87
C ARG B 32 2.80 16.04 3.44
N SER B 33 4.00 16.21 2.91
CA SER B 33 4.17 16.61 1.54
C SER B 33 3.54 15.56 0.61
N LEU B 34 3.74 14.31 0.96
CA LEU B 34 3.24 13.17 0.20
C LEU B 34 1.74 13.18 0.21
N MET B 35 1.22 13.43 1.36
CA MET B 35 -0.20 13.42 1.64
C MET B 35 -0.95 14.41 0.78
N HIS B 36 -0.26 15.47 0.43
CA HIS B 36 -0.84 16.46 -0.45
C HIS B 36 -0.46 16.23 -1.92
N HIS B 37 0.48 15.32 -2.17
CA HIS B 37 0.89 15.00 -3.55
C HIS B 37 0.35 13.64 -4.04
N VAL B 38 -0.26 12.88 -3.15
CA VAL B 38 -0.77 11.57 -3.51
C VAL B 38 -2.14 11.35 -2.83
N LYS B 39 -2.94 10.47 -3.39
CA LYS B 39 -4.28 10.16 -2.89
C LYS B 39 -4.20 9.23 -1.68
N ASN B 40 -3.74 8.03 -1.92
CA ASN B 40 -3.57 7.01 -0.95
C ASN B 40 -2.68 5.94 -1.61
N ILE B 41 -2.67 4.74 -1.08
CA ILE B 41 -1.88 3.60 -1.50
C ILE B 41 -1.85 3.45 -3.01
N ALA B 42 -3.04 3.48 -3.65
CA ALA B 42 -3.16 3.29 -5.11
C ALA B 42 -2.24 4.20 -5.89
N GLU B 43 -2.32 5.47 -5.63
CA GLU B 43 -1.52 6.44 -6.34
C GLU B 43 -0.10 6.39 -5.86
N LEU B 44 0.11 6.12 -4.58
CA LEU B 44 1.45 6.02 -4.02
C LEU B 44 2.24 4.94 -4.73
N ALA B 45 1.59 3.82 -4.95
CA ALA B 45 2.19 2.71 -5.59
C ALA B 45 2.17 2.85 -7.10
N ALA B 46 1.38 3.80 -7.58
CA ALA B 46 1.32 4.12 -9.00
C ALA B 46 2.40 5.09 -9.35
N LEU B 47 2.91 5.78 -8.35
CA LEU B 47 3.97 6.71 -8.54
C LEU B 47 5.28 5.95 -8.72
N SER B 48 6.22 6.55 -9.40
CA SER B 48 7.52 5.94 -9.54
C SER B 48 8.47 6.55 -8.51
N GLN B 49 9.71 6.10 -8.50
CA GLN B 49 10.70 6.59 -7.56
C GLN B 49 10.98 8.05 -7.87
N ASP B 50 10.78 8.43 -9.13
CA ASP B 50 11.00 9.83 -9.58
C ASP B 50 10.11 10.74 -8.79
N GLU B 51 8.85 10.35 -8.73
CA GLU B 51 7.82 11.11 -8.07
C GLU B 51 8.11 11.20 -6.60
N LEU B 52 8.54 10.09 -6.03
CA LEU B 52 8.88 10.03 -4.63
C LEU B 52 10.08 10.93 -4.34
N THR B 53 11.04 10.97 -5.24
CA THR B 53 12.22 11.81 -5.08
C THR B 53 11.81 13.29 -5.14
N SER B 54 10.77 13.58 -5.90
CA SER B 54 10.26 14.93 -6.00
C SER B 54 9.56 15.31 -4.67
N ILE B 55 8.67 14.43 -4.24
CA ILE B 55 7.87 14.64 -3.04
C ILE B 55 8.72 14.60 -1.76
N LEU B 56 9.52 13.56 -1.62
CA LEU B 56 10.30 13.37 -0.42
C LEU B 56 11.53 14.24 -0.46
N GLY B 57 12.04 14.43 -1.66
CA GLY B 57 13.19 15.27 -1.87
C GLY B 57 14.50 14.55 -1.68
N ASN B 58 14.43 13.28 -1.38
CA ASN B 58 15.63 12.49 -1.18
C ASN B 58 15.46 11.20 -1.89
N ALA B 59 16.43 10.87 -2.73
CA ALA B 59 16.41 9.64 -3.49
C ALA B 59 16.50 8.45 -2.57
N ALA B 60 17.11 8.63 -1.42
CA ALA B 60 17.27 7.57 -0.44
C ALA B 60 15.93 7.10 0.04
N ASN B 61 15.10 8.06 0.46
CA ASN B 61 13.77 7.76 0.95
C ASN B 61 12.92 7.21 -0.17
N ALA B 62 13.07 7.82 -1.32
CA ALA B 62 12.31 7.46 -2.50
C ALA B 62 12.61 6.05 -2.94
N LYS B 63 13.87 5.67 -2.86
CA LYS B 63 14.31 4.36 -3.30
C LYS B 63 13.84 3.33 -2.33
N GLN B 64 13.93 3.64 -1.05
CA GLN B 64 13.50 2.74 0.00
C GLN B 64 12.01 2.46 -0.10
N LEU B 65 11.24 3.51 -0.27
CA LEU B 65 9.81 3.39 -0.36
C LEU B 65 9.41 2.68 -1.67
N TYR B 66 10.02 3.10 -2.79
CA TYR B 66 9.74 2.48 -4.10
C TYR B 66 10.06 0.99 -4.09
N ASP B 67 11.18 0.65 -3.45
CA ASP B 67 11.64 -0.72 -3.33
C ASP B 67 10.65 -1.56 -2.59
N PHE B 68 10.17 -1.05 -1.47
CA PHE B 68 9.22 -1.76 -0.63
C PHE B 68 7.91 -2.04 -1.39
N ILE B 69 7.40 -1.00 -2.04
CA ILE B 69 6.17 -1.06 -2.87
C ILE B 69 6.26 -2.14 -3.96
N HIS B 70 7.47 -2.35 -4.45
CA HIS B 70 7.71 -3.31 -5.51
C HIS B 70 8.44 -4.58 -5.05
N THR B 71 8.54 -4.80 -3.76
CA THR B 71 9.17 -6.02 -3.28
C THR B 71 8.12 -7.07 -3.02
N SER B 72 8.00 -8.04 -3.92
CA SER B 72 7.02 -9.10 -3.82
C SER B 72 7.13 -9.80 -2.43
N PHE B 73 6.01 -10.22 -1.86
CA PHE B 73 6.00 -10.87 -0.53
C PHE B 73 6.85 -12.14 -0.58
N ALA B 74 6.95 -12.70 -1.77
CA ALA B 74 7.68 -13.91 -2.03
C ALA B 74 8.93 -13.61 -2.88
N GLU B 75 9.43 -12.40 -2.82
CA GLU B 75 10.62 -12.02 -3.59
C GLU B 75 11.87 -12.52 -2.89
N VAL B 76 12.20 -11.89 -1.78
CA VAL B 76 13.44 -12.15 -1.01
C VAL B 76 13.43 -13.59 -0.41
N VAL B 77 12.28 -14.23 -0.42
CA VAL B 77 12.11 -15.54 0.04
C VAL B 77 12.82 -16.57 -0.89
N SER B 78 13.16 -16.13 -2.09
CA SER B 78 14.02 -16.91 -2.94
C SER B 78 15.47 -16.59 -2.61
N LYS B 79 15.83 -17.09 -1.48
CA LYS B 79 17.08 -16.80 -0.82
C LYS B 79 18.26 -17.42 -1.54
N GLY B 80 19.12 -16.57 -2.03
CA GLY B 80 20.27 -16.98 -2.78
C GLY B 80 20.37 -16.15 -4.04
N LYS B 81 19.26 -16.07 -4.73
CA LYS B 81 19.14 -15.24 -5.91
C LYS B 81 18.66 -13.88 -5.47
N GLY B 82 17.69 -13.88 -4.59
CA GLY B 82 17.20 -12.70 -4.01
C GLY B 82 17.55 -12.69 -2.57
N LYS B 83 18.76 -12.29 -2.27
CA LYS B 83 19.23 -12.23 -0.89
C LYS B 83 18.59 -11.04 -0.19
N LYS B 84 18.28 -10.06 -1.02
CA LYS B 84 17.57 -8.85 -0.69
C LYS B 84 17.62 -8.02 -1.94
N MET A 1 3.24 -13.23 -7.56
CA MET A 1 2.35 -13.88 -8.52
C MET A 1 2.95 -15.16 -9.00
N ASP A 2 2.19 -16.25 -8.90
CA ASP A 2 2.59 -17.55 -9.43
C ASP A 2 3.96 -17.99 -8.89
N SER A 3 4.87 -18.22 -9.78
CA SER A 3 6.22 -18.69 -9.49
C SER A 3 7.01 -17.75 -8.57
N GLU A 4 6.65 -16.47 -8.54
CA GLU A 4 7.34 -15.50 -7.68
C GLU A 4 7.07 -15.85 -6.24
N THR A 5 5.87 -16.33 -6.00
CA THR A 5 5.40 -16.63 -4.73
C THR A 5 5.49 -18.14 -4.45
N LEU A 6 6.29 -18.82 -5.22
CA LEU A 6 6.53 -20.22 -4.95
C LEU A 6 7.96 -20.40 -4.46
N PRO A 7 8.17 -20.25 -3.17
CA PRO A 7 9.47 -20.33 -2.56
C PRO A 7 9.91 -21.78 -2.27
N GLU A 8 11.06 -22.13 -2.79
CA GLU A 8 11.65 -23.43 -2.62
C GLU A 8 12.09 -23.61 -1.17
N SER A 9 12.59 -22.54 -0.60
CA SER A 9 13.02 -22.50 0.79
C SER A 9 11.78 -22.43 1.69
N GLU A 10 10.86 -21.56 1.28
CA GLU A 10 9.59 -21.31 1.93
C GLU A 10 9.79 -20.69 3.33
N LYS A 11 10.12 -19.42 3.30
CA LYS A 11 10.25 -18.59 4.47
C LYS A 11 9.03 -17.68 4.65
N TYR A 12 8.71 -16.93 3.57
CA TYR A 12 7.66 -15.91 3.59
C TYR A 12 8.12 -14.73 4.44
N ASN A 13 8.60 -13.72 3.74
CA ASN A 13 9.15 -12.53 4.35
C ASN A 13 8.06 -11.78 5.11
N PRO A 14 8.27 -11.56 6.41
CA PRO A 14 7.25 -10.97 7.27
C PRO A 14 7.02 -9.49 7.01
N GLY A 15 7.97 -8.84 6.36
CA GLY A 15 7.89 -7.39 6.11
C GLY A 15 6.63 -6.97 5.38
N PRO A 16 6.51 -7.29 4.08
CA PRO A 16 5.35 -6.96 3.31
C PRO A 16 4.13 -7.86 3.66
N GLN A 17 4.39 -9.04 4.25
CA GLN A 17 3.30 -9.96 4.64
C GLN A 17 2.52 -9.39 5.82
N ASP A 18 3.24 -8.88 6.81
CA ASP A 18 2.66 -8.20 7.97
C ASP A 18 1.92 -6.97 7.51
N PHE A 19 2.39 -6.41 6.41
CA PHE A 19 1.84 -5.20 5.87
C PHE A 19 0.45 -5.48 5.33
N LEU A 20 0.25 -6.66 4.78
CA LEU A 20 -1.04 -7.09 4.30
C LEU A 20 -1.95 -7.38 5.45
N LEU A 21 -1.48 -8.18 6.38
CA LEU A 21 -2.28 -8.67 7.51
C LEU A 21 -2.83 -7.56 8.40
N LYS A 22 -2.30 -6.37 8.27
CA LYS A 22 -2.77 -5.26 9.04
C LYS A 22 -3.81 -4.45 8.27
N MET A 23 -3.98 -4.76 7.01
CA MET A 23 -4.91 -4.04 6.19
C MET A 23 -6.32 -4.57 6.43
N PRO A 24 -7.31 -3.69 6.58
CA PRO A 24 -8.70 -4.12 6.77
C PRO A 24 -9.23 -4.85 5.54
N GLY A 25 -9.66 -6.07 5.74
CA GLY A 25 -10.12 -6.87 4.65
C GLY A 25 -9.23 -8.07 4.49
N VAL A 26 -8.04 -7.97 5.03
CA VAL A 26 -7.06 -9.02 4.92
C VAL A 26 -7.07 -9.94 6.13
N ASN A 27 -7.00 -11.21 5.84
CA ASN A 27 -6.91 -12.27 6.83
C ASN A 27 -5.82 -13.17 6.35
N ALA A 28 -5.29 -14.00 7.20
CA ALA A 28 -4.16 -14.88 6.85
C ALA A 28 -4.49 -15.82 5.69
N LYS A 29 -5.76 -16.13 5.53
CA LYS A 29 -6.19 -17.04 4.49
C LYS A 29 -6.22 -16.34 3.13
N ASN A 30 -6.68 -15.14 3.14
CA ASN A 30 -6.82 -14.43 1.91
C ASN A 30 -5.53 -13.76 1.54
N CYS A 31 -4.66 -13.62 2.52
CA CYS A 31 -3.33 -13.06 2.37
C CYS A 31 -2.46 -14.02 1.61
N ARG A 32 -2.51 -15.31 1.97
CA ARG A 32 -1.71 -16.31 1.25
C ARG A 32 -2.19 -16.37 -0.20
N SER A 33 -3.50 -16.37 -0.35
CA SER A 33 -4.13 -16.37 -1.64
C SER A 33 -3.67 -15.12 -2.44
N LEU A 34 -3.69 -14.00 -1.77
CA LEU A 34 -3.36 -12.70 -2.34
C LEU A 34 -1.94 -12.70 -2.78
N MET A 35 -1.12 -13.21 -1.93
CA MET A 35 0.31 -13.25 -2.09
C MET A 35 0.68 -13.99 -3.35
N HIS A 36 -0.12 -14.96 -3.71
CA HIS A 36 0.10 -15.72 -4.91
C HIS A 36 -0.50 -15.04 -6.13
N HIS A 37 -1.48 -14.16 -5.93
CA HIS A 37 -2.12 -13.47 -7.07
C HIS A 37 -1.52 -12.10 -7.32
N VAL A 38 -0.86 -11.58 -6.34
CA VAL A 38 -0.30 -10.25 -6.38
C VAL A 38 1.23 -10.35 -6.29
N LYS A 39 1.91 -9.31 -6.73
CA LYS A 39 3.34 -9.21 -6.56
C LYS A 39 3.59 -8.65 -5.17
N ASN A 40 3.20 -7.41 -4.99
CA ASN A 40 3.28 -6.72 -3.74
C ASN A 40 2.31 -5.55 -3.81
N ILE A 41 2.29 -4.73 -2.76
CA ILE A 41 1.49 -3.50 -2.57
C ILE A 41 1.01 -2.85 -3.87
N ALA A 42 1.95 -2.56 -4.77
CA ALA A 42 1.65 -1.91 -6.05
C ALA A 42 0.55 -2.61 -6.84
N GLU A 43 0.68 -3.89 -6.97
CA GLU A 43 -0.25 -4.68 -7.74
C GLU A 43 -1.53 -4.87 -6.97
N LEU A 44 -1.43 -4.91 -5.67
CA LEU A 44 -2.59 -5.00 -4.80
C LEU A 44 -3.47 -3.77 -4.99
N ALA A 45 -2.83 -2.64 -5.02
CA ALA A 45 -3.51 -1.39 -5.19
C ALA A 45 -3.87 -1.12 -6.65
N ALA A 46 -3.29 -1.91 -7.53
CA ALA A 46 -3.58 -1.82 -8.94
C ALA A 46 -4.75 -2.69 -9.31
N LEU A 47 -4.96 -3.73 -8.52
CA LEU A 47 -6.05 -4.62 -8.78
C LEU A 47 -7.40 -3.99 -8.45
N SER A 48 -8.43 -4.56 -9.00
CA SER A 48 -9.76 -4.07 -8.83
C SER A 48 -10.47 -4.83 -7.71
N GLN A 49 -11.61 -4.30 -7.25
CA GLN A 49 -12.37 -4.91 -6.19
C GLN A 49 -12.89 -6.29 -6.61
N ASP A 50 -13.14 -6.42 -7.91
CA ASP A 50 -13.60 -7.70 -8.50
C ASP A 50 -12.50 -8.74 -8.33
N GLU A 51 -11.25 -8.31 -8.56
CA GLU A 51 -10.08 -9.18 -8.46
C GLU A 51 -9.92 -9.61 -7.03
N LEU A 52 -10.12 -8.70 -6.11
CA LEU A 52 -10.01 -8.99 -4.70
C LEU A 52 -11.12 -9.95 -4.27
N THR A 53 -12.29 -9.84 -4.89
CA THR A 53 -13.38 -10.75 -4.58
C THR A 53 -13.03 -12.16 -5.06
N SER A 54 -12.27 -12.23 -6.13
CA SER A 54 -11.83 -13.46 -6.68
C SER A 54 -10.79 -14.11 -5.76
N ILE A 55 -9.84 -13.31 -5.33
CA ILE A 55 -8.74 -13.76 -4.50
C ILE A 55 -9.21 -14.11 -3.08
N LEU A 56 -9.84 -13.16 -2.43
CA LEU A 56 -10.23 -13.29 -1.04
C LEU A 56 -11.46 -14.17 -0.93
N GLY A 57 -12.29 -14.10 -1.96
CA GLY A 57 -13.49 -14.90 -2.03
C GLY A 57 -14.67 -14.27 -1.32
N ASN A 58 -14.48 -13.07 -0.83
CA ASN A 58 -15.56 -12.39 -0.14
C ASN A 58 -15.58 -10.98 -0.62
N ALA A 59 -16.75 -10.50 -0.97
CA ALA A 59 -16.90 -9.13 -1.41
C ALA A 59 -16.68 -8.19 -0.26
N ALA A 60 -16.90 -8.70 0.95
CA ALA A 60 -16.74 -7.91 2.16
C ALA A 60 -15.29 -7.53 2.33
N ASN A 61 -14.45 -8.53 2.26
CA ASN A 61 -13.01 -8.35 2.41
C ASN A 61 -12.47 -7.51 1.27
N ALA A 62 -12.95 -7.81 0.07
CA ALA A 62 -12.54 -7.12 -1.16
C ALA A 62 -12.89 -5.66 -1.09
N LYS A 63 -14.07 -5.36 -0.60
CA LYS A 63 -14.54 -4.03 -0.52
C LYS A 63 -13.79 -3.27 0.55
N GLN A 64 -13.56 -3.91 1.70
CA GLN A 64 -12.83 -3.29 2.80
C GLN A 64 -11.42 -2.92 2.40
N LEU A 65 -10.78 -3.84 1.74
CA LEU A 65 -9.41 -3.66 1.32
C LEU A 65 -9.31 -2.56 0.28
N TYR A 66 -10.12 -2.67 -0.77
CA TYR A 66 -10.11 -1.68 -1.85
C TYR A 66 -10.49 -0.29 -1.32
N ASP A 67 -11.41 -0.30 -0.35
CA ASP A 67 -11.85 0.90 0.34
C ASP A 67 -10.69 1.60 1.00
N PHE A 68 -9.91 0.85 1.75
CA PHE A 68 -8.78 1.41 2.46
C PHE A 68 -7.76 1.94 1.47
N ILE A 69 -7.47 1.13 0.45
CA ILE A 69 -6.53 1.44 -0.65
C ILE A 69 -6.84 2.80 -1.32
N HIS A 70 -8.09 3.16 -1.34
CA HIS A 70 -8.51 4.43 -1.93
C HIS A 70 -9.09 5.44 -0.92
N THR A 71 -8.94 5.20 0.35
CA THR A 71 -9.43 6.16 1.34
C THR A 71 -8.31 7.12 1.69
N SER A 72 -8.29 8.29 1.05
CA SER A 72 -7.23 9.25 1.23
C SER A 72 -7.03 9.60 2.69
N PHE A 73 -5.79 9.85 3.03
CA PHE A 73 -5.40 10.17 4.38
C PHE A 73 -6.09 11.47 4.81
N ALA A 74 -6.42 12.29 3.82
CA ALA A 74 -7.07 13.54 4.04
C ALA A 74 -8.53 13.51 3.55
N GLU A 75 -9.07 12.31 3.39
CA GLU A 75 -10.48 12.12 3.03
C GLU A 75 -11.30 11.83 4.27
N VAL A 76 -10.72 11.05 5.16
CA VAL A 76 -11.43 10.57 6.34
C VAL A 76 -11.67 11.71 7.33
N VAL A 77 -10.87 12.74 7.20
CA VAL A 77 -10.90 13.87 8.01
C VAL A 77 -11.99 14.88 7.55
N SER A 78 -12.37 14.77 6.30
CA SER A 78 -13.42 15.58 5.76
C SER A 78 -14.74 15.14 6.40
N LYS A 79 -15.54 16.09 6.80
CA LYS A 79 -16.68 15.79 7.62
C LYS A 79 -17.93 15.57 6.77
N GLY A 80 -17.98 16.25 5.64
CA GLY A 80 -19.06 16.03 4.71
C GLY A 80 -19.97 17.22 4.56
N LYS A 81 -19.87 18.15 5.49
CA LYS A 81 -20.69 19.35 5.43
C LYS A 81 -20.19 20.28 4.33
N GLY A 82 -18.89 20.35 4.19
CA GLY A 82 -18.30 21.17 3.19
C GLY A 82 -17.86 22.48 3.74
N LYS A 83 -17.08 23.19 2.96
CA LYS A 83 -16.56 24.51 3.28
C LYS A 83 -15.48 24.48 4.34
N LYS A 84 -14.25 24.50 3.86
CA LYS A 84 -13.09 24.60 4.68
C LYS A 84 -12.07 25.43 3.92
N MET B 1 -5.54 18.99 -5.86
CA MET B 1 -6.41 18.66 -4.75
C MET B 1 -7.73 19.37 -4.93
N ASP B 2 -8.78 18.82 -4.41
CA ASP B 2 -10.10 19.44 -4.53
C ASP B 2 -10.62 19.74 -3.10
N SER B 3 -11.89 20.01 -2.95
CA SER B 3 -12.47 20.37 -1.69
C SER B 3 -12.55 19.15 -0.76
N GLU B 4 -12.55 17.97 -1.38
CA GLU B 4 -12.64 16.70 -0.66
C GLU B 4 -11.37 16.43 0.15
N THR B 5 -10.25 16.90 -0.35
CA THR B 5 -8.97 16.70 0.29
C THR B 5 -8.62 17.78 1.31
N LEU B 6 -9.47 18.75 1.39
CA LEU B 6 -9.31 19.83 2.33
C LEU B 6 -9.95 19.44 3.66
N PRO B 7 -9.13 19.20 4.68
CA PRO B 7 -9.56 18.68 5.96
C PRO B 7 -10.39 19.65 6.78
N GLU B 8 -11.69 19.48 6.72
CA GLU B 8 -12.63 20.30 7.45
C GLU B 8 -12.40 20.22 8.95
N SER B 9 -12.40 19.01 9.45
CA SER B 9 -12.36 18.79 10.87
C SER B 9 -10.92 18.76 11.40
N GLU B 10 -9.94 18.91 10.48
CA GLU B 10 -8.49 18.92 10.74
C GLU B 10 -8.11 17.93 11.86
N LYS B 11 -8.46 16.70 11.62
CA LYS B 11 -8.24 15.61 12.52
C LYS B 11 -7.04 14.80 12.06
N TYR B 12 -7.10 14.37 10.78
CA TYR B 12 -6.13 13.47 10.20
C TYR B 12 -6.14 12.14 10.90
N ASN B 13 -6.91 11.24 10.32
CA ASN B 13 -7.12 9.93 10.86
C ASN B 13 -5.88 9.07 10.72
N PRO B 14 -5.41 8.53 11.87
CA PRO B 14 -4.13 7.82 11.96
C PRO B 14 -4.01 6.62 11.07
N GLY B 15 -5.11 5.95 10.77
CA GLY B 15 -5.13 4.74 9.97
C GLY B 15 -4.31 4.83 8.69
N PRO B 16 -4.77 5.57 7.69
CA PRO B 16 -4.04 5.74 6.43
C PRO B 16 -2.79 6.66 6.57
N GLN B 17 -2.86 7.66 7.46
CA GLN B 17 -1.77 8.64 7.62
C GLN B 17 -0.50 7.96 8.20
N ASP B 18 -0.70 7.24 9.28
CA ASP B 18 0.38 6.52 9.97
C ASP B 18 0.85 5.38 9.09
N PHE B 19 -0.09 4.89 8.24
CA PHE B 19 0.20 3.82 7.31
C PHE B 19 1.35 4.23 6.40
N LEU B 20 1.37 5.51 6.04
CA LEU B 20 2.48 6.08 5.29
C LEU B 20 3.73 6.12 6.14
N LEU B 21 3.61 6.75 7.30
CA LEU B 21 4.76 6.95 8.21
C LEU B 21 5.40 5.63 8.70
N LYS B 22 4.68 4.53 8.58
CA LYS B 22 5.20 3.25 9.01
C LYS B 22 5.90 2.54 7.87
N MET B 23 6.01 3.19 6.74
CA MET B 23 6.65 2.60 5.61
C MET B 23 8.15 2.94 5.68
N PRO B 24 9.04 2.22 5.01
CA PRO B 24 10.44 2.56 4.97
C PRO B 24 10.71 3.61 3.89
N GLY B 25 11.38 4.68 4.25
CA GLY B 25 11.67 5.71 3.29
C GLY B 25 10.71 6.87 3.41
N VAL B 26 10.19 7.07 4.59
CA VAL B 26 9.27 8.15 4.79
C VAL B 26 9.52 8.84 6.14
N ASN B 27 9.20 10.12 6.20
CA ASN B 27 9.32 10.96 7.40
C ASN B 27 8.16 11.87 7.33
N ALA B 28 7.79 12.48 8.43
CA ALA B 28 6.63 13.35 8.48
C ALA B 28 6.74 14.54 7.53
N LYS B 29 7.96 15.01 7.30
CA LYS B 29 8.17 16.17 6.44
C LYS B 29 7.82 15.83 4.99
N ASN B 30 8.26 14.69 4.58
CA ASN B 30 8.03 14.28 3.24
C ASN B 30 6.71 13.54 3.12
N CYS B 31 6.17 13.14 4.25
CA CYS B 31 4.88 12.51 4.32
C CYS B 31 3.78 13.53 4.12
N ARG B 32 3.94 14.73 4.67
CA ARG B 32 2.96 15.78 4.46
C ARG B 32 3.00 16.25 3.01
N SER B 33 4.21 16.36 2.47
CA SER B 33 4.35 16.67 1.06
C SER B 33 3.68 15.56 0.22
N LEU B 34 3.89 14.32 0.65
CA LEU B 34 3.35 13.15 -0.01
C LEU B 34 1.84 13.17 0.08
N MET B 35 1.37 13.59 1.22
CA MET B 35 -0.02 13.66 1.58
C MET B 35 -0.73 14.58 0.61
N HIS B 36 0.00 15.56 0.13
CA HIS B 36 -0.52 16.52 -0.81
C HIS B 36 -0.36 16.06 -2.26
N HIS B 37 0.50 15.09 -2.51
CA HIS B 37 0.68 14.58 -3.88
C HIS B 37 0.01 13.24 -4.12
N VAL B 38 -0.42 12.60 -3.06
CA VAL B 38 -0.98 11.26 -3.14
C VAL B 38 -2.37 11.22 -2.49
N LYS B 39 -3.25 10.39 -3.04
CA LYS B 39 -4.56 10.17 -2.48
C LYS B 39 -4.43 9.14 -1.37
N ASN B 40 -4.15 7.90 -1.71
CA ASN B 40 -3.89 6.88 -0.73
C ASN B 40 -2.88 5.86 -1.34
N ILE B 41 -2.81 4.66 -0.79
CA ILE B 41 -1.91 3.57 -1.15
C ILE B 41 -1.81 3.40 -2.66
N ALA B 42 -2.95 3.40 -3.32
CA ALA B 42 -3.05 3.18 -4.75
C ALA B 42 -2.20 4.15 -5.55
N GLU B 43 -2.36 5.41 -5.28
CA GLU B 43 -1.65 6.46 -5.98
C GLU B 43 -0.22 6.46 -5.58
N LEU B 44 0.05 6.16 -4.33
CA LEU B 44 1.41 6.06 -3.82
C LEU B 44 2.18 4.98 -4.57
N ALA B 45 1.54 3.85 -4.72
CA ALA B 45 2.14 2.73 -5.38
C ALA B 45 2.10 2.87 -6.89
N ALA B 46 1.32 3.82 -7.35
CA ALA B 46 1.20 4.10 -8.76
C ALA B 46 2.30 5.04 -9.18
N LEU B 47 2.70 5.90 -8.27
CA LEU B 47 3.71 6.88 -8.55
C LEU B 47 5.06 6.21 -8.73
N SER B 48 5.90 6.80 -9.54
CA SER B 48 7.21 6.27 -9.78
C SER B 48 8.16 6.72 -8.67
N GLN B 49 9.37 6.16 -8.67
CA GLN B 49 10.39 6.54 -7.70
C GLN B 49 10.84 7.96 -8.02
N ASP B 50 10.64 8.34 -9.27
CA ASP B 50 11.00 9.65 -9.76
C ASP B 50 10.11 10.67 -9.08
N GLU B 51 8.83 10.33 -9.00
CA GLU B 51 7.84 11.14 -8.32
C GLU B 51 8.19 11.26 -6.87
N LEU B 52 8.54 10.14 -6.26
CA LEU B 52 8.89 10.11 -4.86
C LEU B 52 10.11 11.00 -4.58
N THR B 53 11.11 10.95 -5.43
CA THR B 53 12.31 11.78 -5.27
C THR B 53 11.93 13.27 -5.36
N SER B 54 10.92 13.56 -6.15
CA SER B 54 10.44 14.93 -6.30
C SER B 54 9.70 15.38 -5.02
N ILE B 55 8.85 14.50 -4.52
CA ILE B 55 8.04 14.78 -3.35
C ILE B 55 8.88 14.80 -2.08
N LEU B 56 9.67 13.76 -1.90
CA LEU B 56 10.42 13.58 -0.68
C LEU B 56 11.69 14.40 -0.72
N GLY B 57 12.24 14.51 -1.91
CA GLY B 57 13.44 15.28 -2.11
C GLY B 57 14.70 14.50 -1.90
N ASN B 58 14.57 13.25 -1.49
CA ASN B 58 15.75 12.41 -1.27
C ASN B 58 15.56 11.18 -2.06
N ALA B 59 16.61 10.75 -2.72
CA ALA B 59 16.57 9.52 -3.47
C ALA B 59 16.55 8.34 -2.51
N ALA B 60 17.05 8.58 -1.30
CA ALA B 60 17.13 7.56 -0.26
C ALA B 60 15.75 7.13 0.16
N ASN B 61 14.93 8.12 0.49
CA ASN B 61 13.57 7.85 0.92
C ASN B 61 12.76 7.27 -0.21
N ALA B 62 12.98 7.84 -1.40
CA ALA B 62 12.25 7.46 -2.59
C ALA B 62 12.53 6.03 -2.96
N LYS B 63 13.78 5.64 -2.83
CA LYS B 63 14.16 4.32 -3.21
C LYS B 63 13.68 3.33 -2.18
N GLN B 64 13.82 3.67 -0.90
CA GLN B 64 13.37 2.78 0.17
C GLN B 64 11.89 2.50 0.08
N LEU B 65 11.12 3.54 -0.15
CA LEU B 65 9.70 3.44 -0.24
C LEU B 65 9.27 2.71 -1.52
N TYR B 66 9.84 3.09 -2.68
CA TYR B 66 9.50 2.46 -3.97
C TYR B 66 9.85 0.96 -3.94
N ASP B 67 10.97 0.65 -3.30
CA ASP B 67 11.44 -0.70 -3.11
C ASP B 67 10.44 -1.51 -2.32
N PHE B 68 9.99 -0.95 -1.21
CA PHE B 68 9.04 -1.62 -0.33
C PHE B 68 7.71 -1.82 -1.03
N ILE B 69 7.35 -0.87 -1.88
CA ILE B 69 6.13 -0.92 -2.69
C ILE B 69 6.17 -2.09 -3.71
N HIS B 70 7.36 -2.40 -4.19
CA HIS B 70 7.50 -3.42 -5.23
C HIS B 70 7.98 -4.80 -4.75
N THR B 71 8.73 -4.86 -3.67
CA THR B 71 9.27 -6.11 -3.11
C THR B 71 8.18 -7.17 -2.82
N SER B 72 8.03 -8.14 -3.73
CA SER B 72 7.06 -9.21 -3.55
C SER B 72 7.29 -9.91 -2.22
N PHE B 73 6.19 -10.33 -1.61
CA PHE B 73 6.18 -10.95 -0.27
C PHE B 73 7.08 -12.19 -0.22
N ALA B 74 7.29 -12.80 -1.36
CA ALA B 74 8.10 -13.98 -1.44
C ALA B 74 9.28 -13.76 -2.36
N GLU B 75 9.56 -12.50 -2.68
CA GLU B 75 10.61 -12.16 -3.66
C GLU B 75 11.98 -12.40 -3.08
N VAL B 76 12.12 -12.09 -1.82
CA VAL B 76 13.37 -12.29 -1.12
C VAL B 76 13.49 -13.76 -0.74
N VAL B 77 12.36 -14.43 -0.64
CA VAL B 77 12.27 -15.71 -0.18
C VAL B 77 12.51 -16.76 -1.29
N SER B 78 11.86 -16.60 -2.45
CA SER B 78 12.04 -17.52 -3.56
C SER B 78 13.49 -17.57 -3.94
N LYS B 79 14.04 -18.74 -3.95
CA LYS B 79 15.44 -18.85 -4.03
C LYS B 79 15.89 -19.10 -5.44
N GLY B 80 15.88 -18.03 -6.19
CA GLY B 80 16.34 -18.01 -7.54
C GLY B 80 16.94 -16.67 -7.80
N LYS B 81 17.80 -16.25 -6.91
CA LYS B 81 18.34 -14.92 -6.96
C LYS B 81 19.79 -14.92 -7.40
N GLY B 82 20.58 -15.83 -6.86
CA GLY B 82 21.99 -15.86 -7.21
C GLY B 82 22.26 -16.95 -8.20
N LYS B 83 22.79 -18.05 -7.73
CA LYS B 83 22.94 -19.23 -8.58
C LYS B 83 21.53 -19.79 -8.69
N LYS B 84 20.89 -19.70 -7.55
CA LYS B 84 19.50 -19.88 -7.26
C LYS B 84 19.32 -19.40 -5.86
N MET A 1 0.67 -14.37 -13.15
CA MET A 1 2.06 -14.09 -12.82
C MET A 1 2.89 -15.33 -13.02
N ASP A 2 4.20 -15.20 -12.94
CA ASP A 2 5.08 -16.33 -13.25
C ASP A 2 5.91 -16.74 -12.02
N SER A 3 6.95 -17.51 -12.27
CA SER A 3 7.80 -18.15 -11.27
C SER A 3 8.43 -17.18 -10.26
N GLU A 4 8.54 -15.92 -10.63
CA GLU A 4 9.16 -14.95 -9.75
C GLU A 4 8.35 -14.68 -8.47
N THR A 5 7.05 -14.75 -8.55
CA THR A 5 6.23 -14.57 -7.37
C THR A 5 5.97 -15.89 -6.66
N LEU A 6 6.15 -16.96 -7.40
CA LEU A 6 6.00 -18.31 -6.87
C LEU A 6 7.23 -18.68 -6.05
N PRO A 7 7.09 -18.68 -4.71
CA PRO A 7 8.21 -18.86 -3.81
C PRO A 7 8.86 -20.21 -3.91
N GLU A 8 10.12 -20.21 -4.26
CA GLU A 8 10.88 -21.43 -4.35
C GLU A 8 11.30 -21.86 -2.94
N SER A 9 11.94 -20.95 -2.24
CA SER A 9 12.47 -21.23 -0.91
C SER A 9 11.33 -21.23 0.13
N GLU A 10 10.19 -20.63 -0.24
CA GLU A 10 9.01 -20.45 0.62
C GLU A 10 9.37 -20.03 2.06
N LYS A 11 9.88 -18.85 2.12
CA LYS A 11 10.30 -18.20 3.32
C LYS A 11 9.24 -17.22 3.74
N TYR A 12 8.72 -16.46 2.73
CA TYR A 12 7.71 -15.42 2.96
C TYR A 12 8.30 -14.30 3.80
N ASN A 13 8.79 -13.27 3.14
CA ASN A 13 9.37 -12.10 3.81
C ASN A 13 8.32 -11.50 4.74
N PRO A 14 8.60 -11.49 6.05
CA PRO A 14 7.64 -11.04 7.05
C PRO A 14 7.30 -9.56 6.93
N GLY A 15 8.25 -8.77 6.44
CA GLY A 15 8.05 -7.34 6.28
C GLY A 15 6.80 -6.99 5.47
N PRO A 16 6.80 -7.30 4.17
CA PRO A 16 5.65 -7.03 3.31
C PRO A 16 4.42 -7.95 3.64
N GLN A 17 4.68 -9.15 4.19
CA GLN A 17 3.60 -10.07 4.57
C GLN A 17 2.78 -9.49 5.73
N ASP A 18 3.49 -9.02 6.75
CA ASP A 18 2.88 -8.37 7.91
C ASP A 18 2.16 -7.09 7.47
N PHE A 19 2.67 -6.50 6.38
CA PHE A 19 2.12 -5.26 5.86
C PHE A 19 0.70 -5.50 5.36
N LEU A 20 0.47 -6.67 4.82
CA LEU A 20 -0.85 -7.07 4.37
C LEU A 20 -1.77 -7.33 5.54
N LEU A 21 -1.30 -8.11 6.49
CA LEU A 21 -2.14 -8.57 7.61
C LEU A 21 -2.65 -7.43 8.51
N LYS A 22 -2.10 -6.25 8.35
CA LYS A 22 -2.53 -5.11 9.13
C LYS A 22 -3.49 -4.24 8.34
N MET A 23 -3.79 -4.65 7.13
CA MET A 23 -4.68 -3.91 6.30
C MET A 23 -6.11 -4.37 6.61
N PRO A 24 -7.09 -3.47 6.64
CA PRO A 24 -8.49 -3.87 6.84
C PRO A 24 -9.01 -4.64 5.63
N GLY A 25 -9.45 -5.86 5.87
CA GLY A 25 -9.92 -6.68 4.78
C GLY A 25 -8.97 -7.83 4.51
N VAL A 26 -7.98 -7.97 5.35
CA VAL A 26 -7.01 -9.01 5.18
C VAL A 26 -7.02 -9.99 6.36
N ASN A 27 -6.89 -11.26 6.02
CA ASN A 27 -6.77 -12.37 6.98
C ASN A 27 -5.71 -13.23 6.42
N ALA A 28 -5.13 -14.09 7.22
CA ALA A 28 -4.04 -14.95 6.80
C ALA A 28 -4.40 -15.81 5.60
N LYS A 29 -5.65 -16.24 5.53
CA LYS A 29 -6.09 -17.14 4.47
C LYS A 29 -6.12 -16.41 3.12
N ASN A 30 -6.57 -15.19 3.16
CA ASN A 30 -6.69 -14.43 1.96
C ASN A 30 -5.45 -13.65 1.68
N CYS A 31 -4.59 -13.56 2.67
CA CYS A 31 -3.28 -12.96 2.53
C CYS A 31 -2.38 -13.89 1.75
N ARG A 32 -2.37 -15.18 2.10
CA ARG A 32 -1.54 -16.15 1.40
C ARG A 32 -2.00 -16.29 -0.05
N SER A 33 -3.31 -16.32 -0.25
CA SER A 33 -3.85 -16.35 -1.59
C SER A 33 -3.46 -15.07 -2.34
N LEU A 34 -3.57 -13.96 -1.63
CA LEU A 34 -3.25 -12.65 -2.19
C LEU A 34 -1.82 -12.62 -2.61
N MET A 35 -1.02 -13.21 -1.81
CA MET A 35 0.42 -13.24 -1.94
C MET A 35 0.84 -14.00 -3.17
N HIS A 36 0.03 -14.96 -3.54
CA HIS A 36 0.30 -15.72 -4.74
C HIS A 36 -0.38 -15.11 -5.96
N HIS A 37 -1.29 -14.18 -5.74
CA HIS A 37 -2.00 -13.54 -6.84
C HIS A 37 -1.49 -12.13 -7.10
N VAL A 38 -0.84 -11.57 -6.13
CA VAL A 38 -0.40 -10.20 -6.16
C VAL A 38 1.08 -10.14 -5.89
N LYS A 39 1.75 -9.21 -6.52
CA LYS A 39 3.16 -9.01 -6.34
C LYS A 39 3.40 -8.35 -4.99
N ASN A 40 3.06 -7.08 -4.89
CA ASN A 40 3.22 -6.35 -3.67
C ASN A 40 2.21 -5.22 -3.71
N ILE A 41 2.39 -4.21 -2.87
CA ILE A 41 1.54 -3.04 -2.71
C ILE A 41 1.08 -2.50 -4.06
N ALA A 42 2.02 -2.35 -5.00
CA ALA A 42 1.70 -1.81 -6.34
C ALA A 42 0.55 -2.56 -7.02
N GLU A 43 0.66 -3.87 -7.11
CA GLU A 43 -0.34 -4.68 -7.77
C GLU A 43 -1.59 -4.77 -6.94
N LEU A 44 -1.42 -4.76 -5.63
CA LEU A 44 -2.56 -4.81 -4.72
C LEU A 44 -3.42 -3.59 -4.90
N ALA A 45 -2.77 -2.46 -4.99
CA ALA A 45 -3.43 -1.22 -5.11
C ALA A 45 -3.90 -0.99 -6.53
N ALA A 46 -3.36 -1.78 -7.44
CA ALA A 46 -3.69 -1.68 -8.83
C ALA A 46 -4.83 -2.60 -9.19
N LEU A 47 -5.14 -3.56 -8.32
CA LEU A 47 -6.23 -4.44 -8.58
C LEU A 47 -7.59 -3.79 -8.31
N SER A 48 -8.61 -4.40 -8.88
CA SER A 48 -9.97 -3.97 -8.67
C SER A 48 -10.57 -4.75 -7.49
N GLN A 49 -11.69 -4.28 -6.97
CA GLN A 49 -12.36 -4.92 -5.84
C GLN A 49 -12.85 -6.30 -6.26
N ASP A 50 -13.20 -6.42 -7.53
CA ASP A 50 -13.64 -7.68 -8.14
C ASP A 50 -12.58 -8.75 -7.97
N GLU A 51 -11.34 -8.35 -8.26
CA GLU A 51 -10.19 -9.22 -8.18
C GLU A 51 -9.99 -9.65 -6.75
N LEU A 52 -10.16 -8.72 -5.84
CA LEU A 52 -10.02 -8.98 -4.42
C LEU A 52 -11.12 -9.93 -3.95
N THR A 53 -12.32 -9.80 -4.49
CA THR A 53 -13.42 -10.66 -4.09
C THR A 53 -13.13 -12.10 -4.54
N SER A 54 -12.44 -12.22 -5.65
CA SER A 54 -12.09 -13.51 -6.16
C SER A 54 -10.99 -14.13 -5.28
N ILE A 55 -9.94 -13.37 -5.03
CA ILE A 55 -8.82 -13.82 -4.22
C ILE A 55 -9.23 -14.11 -2.79
N LEU A 56 -9.82 -13.12 -2.15
CA LEU A 56 -10.13 -13.20 -0.74
C LEU A 56 -11.34 -14.08 -0.53
N GLY A 57 -12.26 -14.01 -1.47
CA GLY A 57 -13.45 -14.83 -1.43
C GLY A 57 -14.57 -14.21 -0.64
N ASN A 58 -14.36 -12.99 -0.18
CA ASN A 58 -15.37 -12.31 0.58
C ASN A 58 -15.43 -10.92 0.04
N ALA A 59 -16.62 -10.47 -0.26
CA ALA A 59 -16.82 -9.10 -0.74
C ALA A 59 -16.56 -8.12 0.37
N ALA A 60 -16.68 -8.61 1.60
CA ALA A 60 -16.46 -7.80 2.78
C ALA A 60 -15.02 -7.38 2.81
N ASN A 61 -14.16 -8.37 2.70
CA ASN A 61 -12.73 -8.16 2.74
C ASN A 61 -12.29 -7.33 1.55
N ALA A 62 -12.86 -7.64 0.41
CA ALA A 62 -12.54 -6.99 -0.85
C ALA A 62 -12.91 -5.52 -0.79
N LYS A 63 -14.06 -5.23 -0.21
CA LYS A 63 -14.55 -3.89 -0.13
C LYS A 63 -13.74 -3.11 0.87
N GLN A 64 -13.46 -3.74 2.02
CA GLN A 64 -12.66 -3.11 3.06
C GLN A 64 -11.30 -2.71 2.54
N LEU A 65 -10.69 -3.62 1.83
CA LEU A 65 -9.38 -3.41 1.31
C LEU A 65 -9.37 -2.41 0.17
N TYR A 66 -10.26 -2.59 -0.82
CA TYR A 66 -10.34 -1.66 -1.97
C TYR A 66 -10.62 -0.24 -1.50
N ASP A 67 -11.51 -0.13 -0.55
CA ASP A 67 -11.86 1.15 0.07
C ASP A 67 -10.64 1.78 0.69
N PHE A 68 -9.93 1.01 1.50
CA PHE A 68 -8.75 1.48 2.21
C PHE A 68 -7.63 1.90 1.25
N ILE A 69 -7.50 1.19 0.15
CA ILE A 69 -6.47 1.46 -0.86
C ILE A 69 -6.71 2.80 -1.57
N HIS A 70 -7.96 3.12 -1.82
CA HIS A 70 -8.26 4.28 -2.64
C HIS A 70 -8.68 5.52 -1.85
N THR A 71 -9.03 5.33 -0.59
CA THR A 71 -9.43 6.43 0.30
C THR A 71 -8.26 7.36 0.62
N SER A 72 -8.39 8.57 0.19
CA SER A 72 -7.42 9.63 0.46
C SER A 72 -7.22 9.79 1.99
N PHE A 73 -6.04 10.21 2.42
CA PHE A 73 -5.76 10.39 3.87
C PHE A 73 -6.74 11.41 4.47
N ALA A 74 -7.13 12.38 3.67
CA ALA A 74 -8.03 13.42 4.10
C ALA A 74 -9.48 13.17 3.68
N GLU A 75 -9.78 11.96 3.26
CA GLU A 75 -11.12 11.65 2.76
C GLU A 75 -12.15 11.42 3.85
N VAL A 76 -11.90 10.44 4.70
CA VAL A 76 -12.86 10.05 5.74
C VAL A 76 -12.95 11.08 6.86
N VAL A 77 -11.90 11.86 7.01
CA VAL A 77 -11.80 12.81 8.03
C VAL A 77 -12.66 14.07 7.73
N SER A 78 -13.13 14.15 6.51
CA SER A 78 -14.04 15.21 6.13
C SER A 78 -15.38 14.97 6.86
N LYS A 79 -15.73 15.85 7.78
CA LYS A 79 -16.87 15.60 8.65
C LYS A 79 -18.19 15.79 7.92
N GLY A 80 -18.17 16.59 6.86
CA GLY A 80 -19.38 16.83 6.05
C GLY A 80 -19.92 15.55 5.41
N LYS A 81 -19.14 14.49 5.42
CA LYS A 81 -19.55 13.22 4.90
C LYS A 81 -20.23 12.38 5.98
N GLY A 82 -19.87 12.63 7.22
CA GLY A 82 -20.38 11.86 8.33
C GLY A 82 -21.26 12.69 9.24
N LYS A 83 -22.54 12.55 9.09
CA LYS A 83 -23.50 13.29 9.88
C LYS A 83 -24.15 12.31 10.85
N LYS A 84 -25.14 12.76 11.57
CA LYS A 84 -25.86 11.88 12.45
C LYS A 84 -27.10 11.36 11.72
N MET B 1 -10.23 26.47 5.38
CA MET B 1 -9.91 25.06 5.28
C MET B 1 -11.00 24.32 4.53
N ASP B 2 -10.58 23.38 3.70
CA ASP B 2 -11.49 22.60 2.88
C ASP B 2 -11.10 21.17 2.92
N SER B 3 -12.10 20.31 2.91
CA SER B 3 -12.02 18.86 3.08
C SER B 3 -11.03 18.16 2.16
N GLU B 4 -10.70 18.80 1.05
CA GLU B 4 -9.76 18.29 0.07
C GLU B 4 -8.46 17.86 0.76
N THR B 5 -7.86 18.77 1.51
CA THR B 5 -6.63 18.48 2.22
C THR B 5 -6.67 18.98 3.66
N LEU B 6 -7.41 20.04 3.91
CA LEU B 6 -7.47 20.64 5.22
C LEU B 6 -8.86 20.39 5.80
N PRO B 7 -9.03 19.26 6.43
CA PRO B 7 -10.33 18.76 6.89
C PRO B 7 -10.89 19.57 8.06
N GLU B 8 -12.21 19.67 8.09
CA GLU B 8 -12.92 20.44 9.12
C GLU B 8 -12.62 19.84 10.48
N SER B 9 -12.61 18.53 10.52
CA SER B 9 -12.37 17.80 11.73
C SER B 9 -10.90 17.93 12.18
N GLU B 10 -9.97 17.89 11.20
CA GLU B 10 -8.50 17.91 11.45
C GLU B 10 -8.07 16.76 12.38
N LYS B 11 -8.87 15.74 12.35
CA LYS B 11 -8.63 14.53 13.10
C LYS B 11 -7.48 13.80 12.47
N TYR B 12 -7.52 13.76 11.14
CA TYR B 12 -6.54 13.09 10.33
C TYR B 12 -6.52 11.61 10.63
N ASN B 13 -7.33 10.94 9.86
CA ASN B 13 -7.61 9.54 9.95
C ASN B 13 -6.34 8.69 9.95
N PRO B 14 -6.08 8.04 11.11
CA PRO B 14 -4.86 7.26 11.35
C PRO B 14 -4.82 5.95 10.59
N GLY B 15 -5.82 5.69 9.83
CA GLY B 15 -5.83 4.53 8.97
C GLY B 15 -4.76 4.66 7.88
N PRO B 16 -5.04 5.42 6.81
CA PRO B 16 -4.10 5.60 5.69
C PRO B 16 -2.87 6.50 6.05
N GLN B 17 -3.04 7.48 6.93
CA GLN B 17 -1.93 8.39 7.31
C GLN B 17 -0.82 7.63 8.02
N ASP B 18 -1.21 6.90 9.03
CA ASP B 18 -0.28 6.10 9.81
C ASP B 18 0.29 5.01 8.95
N PHE B 19 -0.48 4.61 7.94
CA PHE B 19 -0.09 3.55 7.05
C PHE B 19 1.14 3.96 6.26
N LEU B 20 1.24 5.23 5.96
CA LEU B 20 2.40 5.78 5.28
C LEU B 20 3.59 5.79 6.19
N LEU B 21 3.41 6.34 7.38
CA LEU B 21 4.51 6.54 8.33
C LEU B 21 5.21 5.24 8.76
N LYS B 22 4.56 4.13 8.53
CA LYS B 22 5.14 2.84 8.88
C LYS B 22 5.80 2.19 7.67
N MET B 23 5.84 2.89 6.57
CA MET B 23 6.46 2.36 5.38
C MET B 23 7.93 2.79 5.39
N PRO B 24 8.84 1.98 4.83
CA PRO B 24 10.25 2.35 4.76
C PRO B 24 10.47 3.48 3.76
N GLY B 25 11.08 4.56 4.22
CA GLY B 25 11.30 5.67 3.35
C GLY B 25 10.36 6.83 3.68
N VAL B 26 9.57 6.67 4.70
CA VAL B 26 8.61 7.68 5.06
C VAL B 26 8.92 8.31 6.43
N ASN B 27 8.85 9.63 6.45
CA ASN B 27 9.01 10.45 7.65
C ASN B 27 7.83 11.36 7.63
N ALA B 28 7.50 11.96 8.75
CA ALA B 28 6.34 12.84 8.85
C ALA B 28 6.45 14.05 7.93
N LYS B 29 7.67 14.50 7.68
CA LYS B 29 7.90 15.68 6.86
C LYS B 29 7.49 15.41 5.41
N ASN B 30 7.91 14.28 4.94
CA ASN B 30 7.66 13.93 3.58
C ASN B 30 6.33 13.23 3.43
N CYS B 31 5.76 12.82 4.54
CA CYS B 31 4.46 12.22 4.58
C CYS B 31 3.39 13.29 4.34
N ARG B 32 3.51 14.42 5.02
CA ARG B 32 2.55 15.52 4.84
C ARG B 32 2.65 16.06 3.42
N SER B 33 3.87 16.20 2.94
CA SER B 33 4.10 16.61 1.59
C SER B 33 3.55 15.57 0.61
N LEU B 34 3.65 14.32 1.01
CA LEU B 34 3.17 13.22 0.21
C LEU B 34 1.68 13.35 0.06
N MET B 35 0.99 13.68 1.16
CA MET B 35 -0.49 13.83 1.16
C MET B 35 -0.94 14.86 0.17
N HIS B 36 -0.11 15.85 -0.01
CA HIS B 36 -0.41 16.88 -0.98
C HIS B 36 -0.04 16.47 -2.40
N HIS B 37 0.81 15.46 -2.53
CA HIS B 37 1.22 15.01 -3.87
C HIS B 37 0.62 13.66 -4.26
N VAL B 38 -0.07 13.03 -3.35
CA VAL B 38 -0.65 11.73 -3.61
C VAL B 38 -2.02 11.62 -2.92
N LYS B 39 -2.87 10.77 -3.46
CA LYS B 39 -4.19 10.54 -2.90
C LYS B 39 -4.10 9.62 -1.71
N ASN B 40 -3.63 8.42 -1.98
CA ASN B 40 -3.40 7.42 -0.99
C ASN B 40 -2.57 6.32 -1.67
N ILE B 41 -2.41 5.21 -0.96
CA ILE B 41 -1.73 3.96 -1.35
C ILE B 41 -1.70 3.71 -2.87
N ALA B 42 -2.88 3.69 -3.50
CA ALA B 42 -2.99 3.44 -4.96
C ALA B 42 -2.11 4.35 -5.78
N GLU B 43 -2.23 5.64 -5.57
CA GLU B 43 -1.48 6.61 -6.33
C GLU B 43 -0.04 6.57 -5.91
N LEU B 44 0.18 6.26 -4.64
CA LEU B 44 1.52 6.16 -4.08
C LEU B 44 2.30 5.05 -4.78
N ALA B 45 1.64 3.94 -4.98
CA ALA B 45 2.24 2.81 -5.62
C ALA B 45 2.24 2.98 -7.13
N ALA B 46 1.47 3.94 -7.59
CA ALA B 46 1.41 4.28 -8.99
C ALA B 46 2.48 5.31 -9.31
N LEU B 47 2.96 5.97 -8.27
CA LEU B 47 4.02 6.94 -8.41
C LEU B 47 5.33 6.25 -8.71
N SER B 48 6.14 6.90 -9.47
CA SER B 48 7.45 6.40 -9.76
C SER B 48 8.42 6.88 -8.66
N GLN B 49 9.63 6.31 -8.62
CA GLN B 49 10.62 6.69 -7.62
C GLN B 49 11.05 8.13 -7.88
N ASP B 50 10.95 8.50 -9.13
CA ASP B 50 11.23 9.84 -9.62
C ASP B 50 10.36 10.83 -8.87
N GLU B 51 9.09 10.46 -8.79
CA GLU B 51 8.08 11.26 -8.14
C GLU B 51 8.36 11.32 -6.66
N LEU B 52 8.67 10.18 -6.08
CA LEU B 52 8.96 10.11 -4.67
C LEU B 52 10.18 10.97 -4.32
N THR B 53 11.19 10.98 -5.17
CA THR B 53 12.37 11.80 -4.93
C THR B 53 11.99 13.29 -4.96
N SER B 54 11.02 13.62 -5.77
CA SER B 54 10.54 14.95 -5.89
C SER B 54 9.71 15.36 -4.64
N ILE B 55 8.95 14.43 -4.12
CA ILE B 55 8.10 14.67 -2.96
C ILE B 55 8.91 14.65 -1.67
N LEU B 56 9.69 13.62 -1.50
CA LEU B 56 10.42 13.41 -0.27
C LEU B 56 11.70 14.21 -0.27
N GLY B 57 12.25 14.41 -1.45
CA GLY B 57 13.44 15.21 -1.64
C GLY B 57 14.71 14.40 -1.55
N ASN B 58 14.60 13.15 -1.17
CA ASN B 58 15.76 12.30 -1.01
C ASN B 58 15.55 11.08 -1.83
N ALA B 59 16.55 10.70 -2.59
CA ALA B 59 16.48 9.50 -3.40
C ALA B 59 16.45 8.28 -2.50
N ALA B 60 16.98 8.43 -1.29
CA ALA B 60 17.03 7.34 -0.32
C ALA B 60 15.64 6.94 0.07
N ASN B 61 14.88 7.90 0.58
CA ASN B 61 13.50 7.68 1.02
C ASN B 61 12.67 7.15 -0.15
N ALA B 62 12.92 7.72 -1.32
CA ALA B 62 12.21 7.36 -2.53
C ALA B 62 12.51 5.92 -2.93
N LYS B 63 13.77 5.51 -2.83
CA LYS B 63 14.16 4.18 -3.20
C LYS B 63 13.63 3.19 -2.21
N GLN B 64 13.75 3.52 -0.93
CA GLN B 64 13.28 2.64 0.14
C GLN B 64 11.82 2.26 -0.06
N LEU B 65 11.03 3.26 -0.37
CA LEU B 65 9.62 3.07 -0.56
C LEU B 65 9.33 2.38 -1.90
N TYR B 66 9.89 2.91 -3.00
CA TYR B 66 9.62 2.36 -4.34
C TYR B 66 10.04 0.89 -4.43
N ASP B 67 11.17 0.58 -3.81
CA ASP B 67 11.71 -0.78 -3.77
C ASP B 67 10.79 -1.70 -3.01
N PHE B 68 10.29 -1.22 -1.87
CA PHE B 68 9.38 -2.01 -1.04
C PHE B 68 8.10 -2.30 -1.82
N ILE B 69 7.53 -1.24 -2.40
CA ILE B 69 6.28 -1.28 -3.21
C ILE B 69 6.36 -2.32 -4.36
N HIS B 70 7.56 -2.51 -4.87
CA HIS B 70 7.81 -3.46 -5.97
C HIS B 70 8.47 -4.77 -5.52
N THR B 71 8.61 -4.99 -4.26
CA THR B 71 9.19 -6.23 -3.79
C THR B 71 8.11 -7.19 -3.31
N SER B 72 7.78 -8.20 -4.12
CA SER B 72 6.78 -9.16 -3.72
C SER B 72 7.13 -9.82 -2.42
N PHE B 73 6.09 -10.19 -1.71
CA PHE B 73 6.17 -10.85 -0.41
C PHE B 73 6.99 -12.13 -0.54
N ALA B 74 7.01 -12.68 -1.75
CA ALA B 74 7.72 -13.90 -2.00
C ALA B 74 8.81 -13.78 -3.08
N GLU B 75 9.06 -12.59 -3.57
CA GLU B 75 10.03 -12.41 -4.68
C GLU B 75 11.47 -12.56 -4.26
N VAL B 76 11.75 -12.24 -3.02
CA VAL B 76 13.11 -12.41 -2.51
C VAL B 76 13.28 -13.86 -2.07
N VAL B 77 12.15 -14.52 -1.94
CA VAL B 77 12.04 -15.83 -1.52
C VAL B 77 12.18 -16.78 -2.73
N SER B 78 11.73 -16.31 -3.85
CA SER B 78 12.04 -16.93 -5.10
C SER B 78 13.49 -16.56 -5.39
N LYS B 79 14.33 -17.54 -5.55
CA LYS B 79 15.75 -17.35 -5.46
C LYS B 79 16.39 -16.93 -6.80
N GLY B 80 15.58 -16.41 -7.70
CA GLY B 80 16.07 -15.96 -8.98
C GLY B 80 16.83 -14.66 -8.87
N LYS B 81 16.11 -13.54 -8.78
CA LYS B 81 16.75 -12.24 -8.68
C LYS B 81 17.07 -11.88 -7.23
N GLY B 82 16.76 -12.79 -6.34
CA GLY B 82 17.11 -12.61 -4.94
C GLY B 82 18.53 -13.08 -4.74
N LYS B 83 19.46 -12.34 -5.29
CA LYS B 83 20.86 -12.68 -5.23
C LYS B 83 21.71 -11.45 -4.99
N LYS B 84 22.66 -11.61 -4.08
CA LYS B 84 23.71 -10.65 -3.80
C LYS B 84 23.19 -9.23 -3.57
N MET A 1 3.88 -17.68 -10.09
CA MET A 1 3.82 -17.51 -11.54
C MET A 1 5.18 -17.80 -12.17
N ASP A 2 6.25 -17.59 -11.39
CA ASP A 2 7.61 -17.95 -11.78
C ASP A 2 8.29 -18.46 -10.54
N SER A 3 9.51 -18.92 -10.67
CA SER A 3 10.32 -19.39 -9.55
C SER A 3 10.59 -18.25 -8.56
N GLU A 4 10.50 -17.04 -9.08
CA GLU A 4 10.71 -15.83 -8.33
C GLU A 4 9.54 -15.52 -7.39
N THR A 5 8.34 -15.83 -7.82
CA THR A 5 7.16 -15.54 -7.04
C THR A 5 6.74 -16.69 -6.17
N LEU A 6 7.09 -17.89 -6.58
CA LEU A 6 6.81 -19.04 -5.79
C LEU A 6 8.00 -19.31 -4.92
N PRO A 7 7.87 -19.04 -3.62
CA PRO A 7 8.96 -19.14 -2.66
C PRO A 7 9.49 -20.54 -2.51
N GLU A 8 10.64 -20.77 -3.09
CA GLU A 8 11.26 -22.07 -3.02
C GLU A 8 11.92 -22.29 -1.66
N SER A 9 12.54 -21.25 -1.12
CA SER A 9 13.20 -21.36 0.17
C SER A 9 12.19 -21.21 1.34
N GLU A 10 11.13 -20.43 1.09
CA GLU A 10 10.09 -20.16 2.08
C GLU A 10 10.65 -19.46 3.33
N LYS A 11 11.05 -18.24 3.11
CA LYS A 11 11.51 -17.35 4.16
C LYS A 11 10.31 -16.58 4.71
N TYR A 12 9.61 -15.85 3.79
CA TYR A 12 8.45 -15.04 4.12
C TYR A 12 8.83 -13.88 5.01
N ASN A 13 9.20 -12.79 4.36
CA ASN A 13 9.63 -11.59 5.04
C ASN A 13 8.47 -10.93 5.69
N PRO A 14 8.59 -10.58 6.97
CA PRO A 14 7.51 -10.00 7.73
C PRO A 14 7.05 -8.68 7.15
N GLY A 15 7.98 -7.85 6.73
CA GLY A 15 7.69 -6.50 6.21
C GLY A 15 6.49 -6.42 5.28
N PRO A 16 6.58 -6.96 4.06
CA PRO A 16 5.48 -6.92 3.10
C PRO A 16 4.28 -7.85 3.48
N GLN A 17 4.58 -8.98 4.12
CA GLN A 17 3.58 -9.97 4.52
C GLN A 17 2.65 -9.40 5.60
N ASP A 18 3.27 -8.86 6.63
CA ASP A 18 2.61 -8.21 7.75
C ASP A 18 1.89 -6.97 7.27
N PHE A 19 2.40 -6.40 6.18
CA PHE A 19 1.85 -5.18 5.62
C PHE A 19 0.45 -5.44 5.12
N LEU A 20 0.24 -6.62 4.57
CA LEU A 20 -1.07 -7.04 4.12
C LEU A 20 -2.00 -7.29 5.27
N LEU A 21 -1.58 -8.15 6.19
CA LEU A 21 -2.43 -8.59 7.33
C LEU A 21 -2.89 -7.42 8.23
N LYS A 22 -2.24 -6.27 8.13
CA LYS A 22 -2.60 -5.13 8.95
C LYS A 22 -3.59 -4.23 8.22
N MET A 23 -3.98 -4.63 7.03
CA MET A 23 -4.89 -3.84 6.26
C MET A 23 -6.32 -4.22 6.67
N PRO A 24 -7.32 -3.37 6.47
CA PRO A 24 -8.69 -3.74 6.78
C PRO A 24 -9.29 -4.54 5.65
N GLY A 25 -9.71 -5.74 5.94
CA GLY A 25 -10.32 -6.55 4.92
C GLY A 25 -9.43 -7.67 4.46
N VAL A 26 -8.64 -8.18 5.37
CA VAL A 26 -7.74 -9.25 5.03
C VAL A 26 -7.65 -10.25 6.20
N ASN A 27 -7.32 -11.48 5.89
CA ASN A 27 -7.13 -12.55 6.86
C ASN A 27 -5.94 -13.31 6.43
N ALA A 28 -5.37 -14.08 7.32
CA ALA A 28 -4.18 -14.87 7.00
C ALA A 28 -4.43 -15.85 5.87
N LYS A 29 -5.65 -16.33 5.75
CA LYS A 29 -5.97 -17.32 4.75
C LYS A 29 -5.99 -16.69 3.36
N ASN A 30 -6.58 -15.55 3.27
CA ASN A 30 -6.77 -14.95 1.99
C ASN A 30 -5.57 -14.11 1.63
N CYS A 31 -4.76 -13.84 2.61
CA CYS A 31 -3.53 -13.12 2.45
C CYS A 31 -2.52 -13.99 1.77
N ARG A 32 -2.46 -15.28 2.13
CA ARG A 32 -1.53 -16.18 1.48
C ARG A 32 -1.96 -16.42 0.04
N SER A 33 -3.25 -16.58 -0.14
CA SER A 33 -3.82 -16.70 -1.45
C SER A 33 -3.48 -15.42 -2.27
N LEU A 34 -3.62 -14.28 -1.62
CA LEU A 34 -3.39 -12.97 -2.21
C LEU A 34 -1.94 -12.84 -2.59
N MET A 35 -1.12 -13.30 -1.71
CA MET A 35 0.33 -13.24 -1.80
C MET A 35 0.83 -14.01 -3.00
N HIS A 36 0.08 -15.00 -3.37
CA HIS A 36 0.39 -15.78 -4.53
C HIS A 36 -0.24 -15.19 -5.80
N HIS A 37 -1.24 -14.32 -5.63
CA HIS A 37 -1.91 -13.69 -6.79
C HIS A 37 -1.53 -12.23 -6.98
N VAL A 38 -0.83 -11.68 -6.05
CA VAL A 38 -0.42 -10.30 -6.09
C VAL A 38 1.07 -10.22 -5.81
N LYS A 39 1.74 -9.32 -6.49
CA LYS A 39 3.16 -9.12 -6.31
C LYS A 39 3.45 -8.44 -4.98
N ASN A 40 3.02 -7.19 -4.87
CA ASN A 40 3.16 -6.42 -3.67
C ASN A 40 2.16 -5.26 -3.81
N ILE A 41 2.32 -4.22 -3.01
CA ILE A 41 1.47 -3.04 -2.91
C ILE A 41 1.03 -2.54 -4.29
N ALA A 42 1.99 -2.41 -5.21
CA ALA A 42 1.70 -1.89 -6.56
C ALA A 42 0.58 -2.65 -7.26
N GLU A 43 0.72 -3.97 -7.32
CA GLU A 43 -0.26 -4.81 -7.99
C GLU A 43 -1.52 -4.88 -7.16
N LEU A 44 -1.38 -4.87 -5.85
CA LEU A 44 -2.51 -4.89 -4.93
C LEU A 44 -3.43 -3.72 -5.18
N ALA A 45 -2.84 -2.56 -5.26
CA ALA A 45 -3.58 -1.35 -5.48
C ALA A 45 -3.96 -1.19 -6.94
N ALA A 46 -3.34 -1.99 -7.79
CA ALA A 46 -3.63 -1.93 -9.21
C ALA A 46 -4.79 -2.83 -9.55
N LEU A 47 -5.02 -3.83 -8.73
CA LEU A 47 -6.09 -4.73 -8.96
C LEU A 47 -7.45 -4.11 -8.63
N SER A 48 -8.47 -4.67 -9.21
CA SER A 48 -9.82 -4.22 -8.99
C SER A 48 -10.37 -4.91 -7.73
N GLN A 49 -11.50 -4.41 -7.22
CA GLN A 49 -12.12 -5.01 -6.06
C GLN A 49 -12.62 -6.42 -6.41
N ASP A 50 -12.99 -6.62 -7.68
CA ASP A 50 -13.43 -7.91 -8.20
C ASP A 50 -12.34 -8.95 -8.07
N GLU A 51 -11.12 -8.52 -8.32
CA GLU A 51 -9.94 -9.37 -8.22
C GLU A 51 -9.78 -9.81 -6.79
N LEU A 52 -9.99 -8.89 -5.87
CA LEU A 52 -9.91 -9.18 -4.47
C LEU A 52 -11.00 -10.17 -4.06
N THR A 53 -12.22 -9.96 -4.54
CA THR A 53 -13.32 -10.90 -4.27
C THR A 53 -12.99 -12.29 -4.88
N SER A 54 -12.26 -12.29 -5.97
CA SER A 54 -11.86 -13.50 -6.66
C SER A 54 -10.79 -14.27 -5.84
N ILE A 55 -9.99 -13.53 -5.10
CA ILE A 55 -8.92 -14.12 -4.30
C ILE A 55 -9.38 -14.46 -2.88
N LEU A 56 -9.98 -13.48 -2.23
CA LEU A 56 -10.42 -13.59 -0.84
C LEU A 56 -11.70 -14.39 -0.75
N GLY A 57 -12.52 -14.28 -1.77
CA GLY A 57 -13.79 -14.98 -1.83
C GLY A 57 -14.89 -14.24 -1.11
N ASN A 58 -14.54 -13.15 -0.48
CA ASN A 58 -15.49 -12.37 0.29
C ASN A 58 -15.51 -10.99 -0.28
N ALA A 59 -16.67 -10.50 -0.58
CA ALA A 59 -16.82 -9.15 -1.07
C ALA A 59 -16.57 -8.17 0.04
N ALA A 60 -16.75 -8.61 1.27
CA ALA A 60 -16.58 -7.75 2.43
C ALA A 60 -15.14 -7.39 2.58
N ASN A 61 -14.30 -8.41 2.57
CA ASN A 61 -12.87 -8.21 2.71
C ASN A 61 -12.34 -7.41 1.54
N ALA A 62 -12.82 -7.75 0.36
CA ALA A 62 -12.41 -7.10 -0.88
C ALA A 62 -12.80 -5.63 -0.86
N LYS A 63 -13.98 -5.35 -0.36
CA LYS A 63 -14.48 -4.02 -0.30
C LYS A 63 -13.71 -3.22 0.71
N GLN A 64 -13.47 -3.81 1.88
CA GLN A 64 -12.73 -3.14 2.95
C GLN A 64 -11.32 -2.78 2.50
N LEU A 65 -10.67 -3.73 1.87
CA LEU A 65 -9.32 -3.56 1.43
C LEU A 65 -9.23 -2.54 0.28
N TYR A 66 -10.10 -2.69 -0.74
CA TYR A 66 -10.09 -1.78 -1.88
C TYR A 66 -10.45 -0.35 -1.43
N ASP A 67 -11.36 -0.27 -0.47
CA ASP A 67 -11.81 0.98 0.14
C ASP A 67 -10.67 1.71 0.79
N PHE A 68 -9.87 1.01 1.56
CA PHE A 68 -8.75 1.61 2.27
C PHE A 68 -7.76 2.18 1.27
N ILE A 69 -7.45 1.38 0.25
CA ILE A 69 -6.53 1.74 -0.85
C ILE A 69 -6.95 3.05 -1.56
N HIS A 70 -8.26 3.28 -1.60
CA HIS A 70 -8.85 4.46 -2.23
C HIS A 70 -9.41 5.49 -1.23
N THR A 71 -8.98 5.45 -0.01
CA THR A 71 -9.42 6.43 0.96
C THR A 71 -8.28 7.38 1.31
N SER A 72 -8.29 8.58 0.75
CA SER A 72 -7.22 9.54 0.95
C SER A 72 -7.06 9.88 2.42
N PHE A 73 -5.82 10.15 2.80
CA PHE A 73 -5.45 10.50 4.15
C PHE A 73 -6.16 11.81 4.54
N ALA A 74 -6.39 12.64 3.53
CA ALA A 74 -7.02 13.91 3.72
C ALA A 74 -8.41 13.97 3.08
N GLU A 75 -9.06 12.81 2.93
CA GLU A 75 -10.45 12.78 2.46
C GLU A 75 -11.41 12.83 3.64
N VAL A 76 -11.38 11.77 4.46
CA VAL A 76 -12.32 11.56 5.59
C VAL A 76 -12.26 12.71 6.62
N VAL A 77 -11.19 13.45 6.59
CA VAL A 77 -10.95 14.54 7.44
C VAL A 77 -11.95 15.69 7.20
N SER A 78 -12.58 15.69 6.06
CA SER A 78 -13.58 16.64 5.77
C SER A 78 -14.86 16.13 6.39
N LYS A 79 -15.48 16.94 7.22
CA LYS A 79 -16.64 16.47 7.93
C LYS A 79 -17.90 16.75 7.12
N GLY A 80 -17.74 17.51 6.07
CA GLY A 80 -18.84 17.76 5.19
C GLY A 80 -19.57 19.01 5.58
N LYS A 81 -18.86 19.96 6.12
CA LYS A 81 -19.49 21.19 6.52
C LYS A 81 -19.40 22.19 5.39
N GLY A 82 -18.27 22.20 4.72
CA GLY A 82 -18.07 23.10 3.60
C GLY A 82 -18.21 22.37 2.31
N LYS A 83 -19.10 21.41 2.32
CA LYS A 83 -19.35 20.54 1.19
C LYS A 83 -20.83 20.32 1.05
N LYS A 84 -21.24 19.99 -0.13
CA LYS A 84 -22.61 19.70 -0.45
C LYS A 84 -22.69 18.23 -0.84
N MET B 1 -6.50 18.79 -7.23
CA MET B 1 -6.76 19.42 -5.94
C MET B 1 -8.15 19.96 -5.93
N ASP B 2 -9.02 19.28 -5.25
CA ASP B 2 -10.42 19.63 -5.20
C ASP B 2 -10.91 19.52 -3.78
N SER B 3 -12.22 19.58 -3.61
CA SER B 3 -12.88 19.52 -2.31
C SER B 3 -12.46 18.29 -1.48
N GLU B 4 -12.07 17.24 -2.19
CA GLU B 4 -11.67 15.95 -1.62
C GLU B 4 -10.61 16.11 -0.53
N THR B 5 -9.53 16.76 -0.90
CA THR B 5 -8.34 16.90 -0.07
C THR B 5 -8.38 18.11 0.85
N LEU B 6 -9.46 18.80 0.81
CA LEU B 6 -9.65 19.99 1.62
C LEU B 6 -10.39 19.65 2.92
N PRO B 7 -9.69 19.72 4.08
CA PRO B 7 -10.26 19.42 5.38
C PRO B 7 -10.86 20.66 6.10
N GLU B 8 -12.17 20.69 6.31
CA GLU B 8 -12.78 21.80 7.07
C GLU B 8 -12.30 21.77 8.53
N SER B 9 -12.49 20.62 9.14
CA SER B 9 -12.23 20.42 10.55
C SER B 9 -10.73 20.36 10.90
N GLU B 10 -9.90 19.97 9.93
CA GLU B 10 -8.45 19.82 10.12
C GLU B 10 -8.16 18.82 11.26
N LYS B 11 -8.47 17.59 10.99
CA LYS B 11 -8.31 16.50 11.91
C LYS B 11 -7.06 15.67 11.58
N TYR B 12 -7.05 15.17 10.35
CA TYR B 12 -6.09 14.22 9.83
C TYR B 12 -6.25 12.86 10.50
N ASN B 13 -6.85 11.96 9.76
CA ASN B 13 -7.13 10.61 10.24
C ASN B 13 -5.84 9.80 10.31
N PRO B 14 -5.50 9.33 11.52
CA PRO B 14 -4.25 8.63 11.77
C PRO B 14 -4.12 7.32 11.00
N GLY B 15 -5.22 6.62 10.80
CA GLY B 15 -5.22 5.29 10.16
C GLY B 15 -4.36 5.21 8.88
N PRO B 16 -4.74 5.87 7.80
CA PRO B 16 -3.98 5.85 6.55
C PRO B 16 -2.68 6.70 6.63
N GLN B 17 -2.68 7.70 7.51
CA GLN B 17 -1.50 8.58 7.69
C GLN B 17 -0.35 7.78 8.30
N ASP B 18 -0.69 7.06 9.34
CA ASP B 18 0.23 6.19 10.07
C ASP B 18 0.66 5.05 9.16
N PHE B 19 -0.21 4.70 8.20
CA PHE B 19 0.07 3.65 7.25
C PHE B 19 1.28 4.04 6.41
N LEU B 20 1.38 5.32 6.08
CA LEU B 20 2.53 5.85 5.35
C LEU B 20 3.77 5.83 6.22
N LEU B 21 3.70 6.44 7.37
CA LEU B 21 4.86 6.62 8.28
C LEU B 21 5.51 5.29 8.71
N LYS B 22 4.80 4.19 8.59
CA LYS B 22 5.35 2.91 8.97
C LYS B 22 6.02 2.23 7.80
N MET B 23 6.04 2.89 6.65
CA MET B 23 6.62 2.30 5.48
C MET B 23 8.12 2.59 5.50
N PRO B 24 8.96 1.73 4.94
CA PRO B 24 10.39 2.03 4.83
C PRO B 24 10.64 3.08 3.76
N GLY B 25 11.18 4.21 4.15
CA GLY B 25 11.45 5.24 3.17
C GLY B 25 10.49 6.39 3.28
N VAL B 26 10.11 6.71 4.47
CA VAL B 26 9.24 7.82 4.69
C VAL B 26 9.57 8.50 6.05
N ASN B 27 9.28 9.80 6.14
CA ASN B 27 9.41 10.61 7.37
C ASN B 27 8.17 11.39 7.41
N ALA B 28 7.86 12.00 8.51
CA ALA B 28 6.66 12.81 8.62
C ALA B 28 6.72 14.02 7.70
N LYS B 29 7.93 14.49 7.37
CA LYS B 29 8.08 15.69 6.55
C LYS B 29 7.64 15.38 5.12
N ASN B 30 8.10 14.27 4.66
CA ASN B 30 7.83 13.88 3.33
C ASN B 30 6.56 13.12 3.21
N CYS B 31 6.02 12.72 4.35
CA CYS B 31 4.73 12.08 4.43
C CYS B 31 3.65 13.11 4.20
N ARG B 32 3.73 14.27 4.88
CA ARG B 32 2.73 15.33 4.70
C ARG B 32 2.77 15.84 3.27
N SER B 33 3.97 15.97 2.76
CA SER B 33 4.18 16.37 1.40
C SER B 33 3.55 15.32 0.46
N LEU B 34 3.79 14.06 0.78
CA LEU B 34 3.30 12.93 -0.01
C LEU B 34 1.79 12.95 -0.01
N MET B 35 1.27 13.20 1.14
CA MET B 35 -0.14 13.21 1.45
C MET B 35 -0.86 14.26 0.62
N HIS B 36 -0.16 15.31 0.28
CA HIS B 36 -0.73 16.34 -0.56
C HIS B 36 -0.44 16.10 -2.03
N HIS B 37 0.44 15.17 -2.33
CA HIS B 37 0.73 14.83 -3.74
C HIS B 37 0.12 13.49 -4.15
N VAL B 38 -0.37 12.75 -3.18
CA VAL B 38 -0.87 11.40 -3.40
C VAL B 38 -2.22 11.25 -2.67
N LYS B 39 -3.17 10.57 -3.30
CA LYS B 39 -4.48 10.32 -2.70
C LYS B 39 -4.33 9.36 -1.53
N ASN B 40 -3.99 8.13 -1.84
CA ASN B 40 -3.74 7.11 -0.87
C ASN B 40 -2.83 6.06 -1.54
N ILE B 41 -2.76 4.88 -0.96
CA ILE B 41 -1.93 3.74 -1.36
C ILE B 41 -1.89 3.56 -2.87
N ALA B 42 -3.06 3.59 -3.53
CA ALA B 42 -3.14 3.39 -4.99
C ALA B 42 -2.23 4.32 -5.78
N GLU B 43 -2.30 5.60 -5.50
CA GLU B 43 -1.53 6.61 -6.20
C GLU B 43 -0.07 6.51 -5.81
N LEU B 44 0.17 6.13 -4.56
CA LEU B 44 1.52 5.93 -4.06
C LEU B 44 2.21 4.79 -4.80
N ALA B 45 1.48 3.76 -5.05
CA ALA B 45 2.01 2.63 -5.73
C ALA B 45 1.98 2.82 -7.24
N ALA B 46 1.26 3.83 -7.67
CA ALA B 46 1.12 4.12 -9.09
C ALA B 46 2.17 5.11 -9.56
N LEU B 47 2.67 5.95 -8.66
CA LEU B 47 3.65 6.93 -9.04
C LEU B 47 5.05 6.33 -9.32
N SER B 48 5.95 7.16 -9.77
CA SER B 48 7.31 6.74 -10.06
C SER B 48 8.24 7.17 -8.90
N GLN B 49 9.42 6.56 -8.82
CA GLN B 49 10.39 6.83 -7.75
C GLN B 49 10.90 8.26 -7.90
N ASP B 50 10.99 8.71 -9.15
CA ASP B 50 11.44 10.07 -9.47
C ASP B 50 10.54 11.09 -8.81
N GLU B 51 9.27 10.75 -8.76
CA GLU B 51 8.27 11.61 -8.19
C GLU B 51 8.45 11.65 -6.69
N LEU B 52 8.77 10.50 -6.12
CA LEU B 52 9.04 10.40 -4.70
C LEU B 52 10.26 11.23 -4.35
N THR B 53 11.31 11.14 -5.14
CA THR B 53 12.50 11.94 -4.91
C THR B 53 12.17 13.45 -4.96
N SER B 54 11.18 13.80 -5.76
CA SER B 54 10.73 15.17 -5.84
C SER B 54 9.95 15.55 -4.56
N ILE B 55 8.96 14.73 -4.23
CA ILE B 55 8.07 14.94 -3.08
C ILE B 55 8.83 14.85 -1.76
N LEU B 56 9.60 13.81 -1.63
CA LEU B 56 10.28 13.53 -0.39
C LEU B 56 11.53 14.36 -0.30
N GLY B 57 12.15 14.59 -1.44
CA GLY B 57 13.37 15.39 -1.52
C GLY B 57 14.58 14.62 -1.08
N ASN B 58 14.41 13.33 -0.91
CA ASN B 58 15.46 12.44 -0.53
C ASN B 58 15.30 11.13 -1.25
N ALA B 59 16.27 10.83 -2.10
CA ALA B 59 16.26 9.62 -2.93
C ALA B 59 16.33 8.37 -2.07
N ALA B 60 16.87 8.52 -0.88
CA ALA B 60 16.97 7.42 0.06
C ALA B 60 15.60 6.94 0.43
N ASN B 61 14.72 7.88 0.72
CA ASN B 61 13.35 7.53 1.06
C ASN B 61 12.63 7.03 -0.15
N ALA B 62 12.87 7.71 -1.25
CA ALA B 62 12.21 7.42 -2.51
C ALA B 62 12.51 6.01 -2.98
N LYS B 63 13.76 5.62 -2.86
CA LYS B 63 14.20 4.33 -3.27
C LYS B 63 13.64 3.28 -2.35
N GLN B 64 13.73 3.54 -1.05
CA GLN B 64 13.28 2.57 -0.07
C GLN B 64 11.79 2.27 -0.21
N LEU B 65 11.01 3.32 -0.32
CA LEU B 65 9.60 3.19 -0.42
C LEU B 65 9.17 2.55 -1.77
N TYR B 66 9.72 3.05 -2.89
CA TYR B 66 9.38 2.53 -4.21
C TYR B 66 9.80 1.05 -4.35
N ASP B 67 10.96 0.74 -3.79
CA ASP B 67 11.50 -0.61 -3.78
C ASP B 67 10.65 -1.55 -2.98
N PHE B 68 10.14 -1.08 -1.85
CA PHE B 68 9.26 -1.87 -1.01
C PHE B 68 7.97 -2.20 -1.78
N ILE B 69 7.40 -1.15 -2.38
CA ILE B 69 6.17 -1.22 -3.21
C ILE B 69 6.28 -2.28 -4.33
N HIS B 70 7.50 -2.47 -4.82
CA HIS B 70 7.76 -3.44 -5.88
C HIS B 70 8.48 -4.69 -5.41
N THR B 71 8.64 -4.87 -4.13
CA THR B 71 9.24 -6.09 -3.64
C THR B 71 8.16 -7.07 -3.29
N SER B 72 8.02 -8.07 -4.11
CA SER B 72 7.01 -9.08 -3.96
C SER B 72 7.19 -9.76 -2.59
N PHE B 73 6.06 -10.06 -1.91
CA PHE B 73 6.05 -10.62 -0.55
C PHE B 73 6.97 -11.83 -0.42
N ALA B 74 7.19 -12.53 -1.53
CA ALA B 74 7.98 -13.72 -1.49
C ALA B 74 9.15 -13.74 -2.50
N GLU B 75 9.56 -12.58 -3.02
CA GLU B 75 10.60 -12.56 -4.02
C GLU B 75 11.99 -12.81 -3.44
N VAL B 76 12.29 -12.08 -2.41
CA VAL B 76 13.58 -12.20 -1.69
C VAL B 76 13.58 -13.52 -0.91
N VAL B 77 12.39 -13.98 -0.68
CA VAL B 77 12.06 -15.11 0.07
C VAL B 77 12.31 -16.40 -0.72
N SER B 78 12.24 -16.29 -2.01
CA SER B 78 12.53 -17.40 -2.84
C SER B 78 14.05 -17.43 -3.06
N LYS B 79 14.52 -18.37 -3.81
CA LYS B 79 15.93 -18.56 -3.98
C LYS B 79 16.49 -17.61 -5.05
N GLY B 80 15.69 -17.32 -6.05
CA GLY B 80 16.13 -16.52 -7.14
C GLY B 80 16.84 -17.42 -8.10
N LYS B 81 16.14 -17.83 -9.12
CA LYS B 81 16.66 -18.85 -9.99
C LYS B 81 17.75 -18.30 -10.91
N GLY B 82 17.75 -17.00 -11.13
CA GLY B 82 18.81 -16.41 -11.91
C GLY B 82 18.45 -15.04 -12.43
N LYS B 83 17.19 -14.80 -12.60
CA LYS B 83 16.71 -13.56 -13.17
C LYS B 83 16.55 -12.42 -12.15
N LYS B 84 17.57 -12.20 -11.34
CA LYS B 84 17.60 -11.06 -10.45
C LYS B 84 18.36 -9.96 -11.14
N MET A 1 1.41 -20.20 -11.22
CA MET A 1 2.20 -19.86 -10.05
C MET A 1 3.45 -20.72 -10.02
N ASP A 2 4.58 -20.07 -9.98
CA ASP A 2 5.87 -20.74 -9.96
C ASP A 2 6.61 -20.21 -8.73
N SER A 3 7.91 -20.42 -8.64
CA SER A 3 8.73 -20.03 -7.48
C SER A 3 8.64 -18.53 -7.15
N GLU A 4 8.25 -17.75 -8.13
CA GLU A 4 8.08 -16.32 -7.99
C GLU A 4 6.95 -15.98 -7.00
N THR A 5 6.03 -16.91 -6.79
CA THR A 5 4.96 -16.75 -5.81
C THR A 5 4.92 -17.91 -4.84
N LEU A 6 5.41 -19.04 -5.30
CA LEU A 6 5.54 -20.20 -4.47
C LEU A 6 6.86 -20.12 -3.77
N PRO A 7 6.83 -19.82 -2.48
CA PRO A 7 8.03 -19.58 -1.72
C PRO A 7 8.86 -20.86 -1.55
N GLU A 8 10.02 -20.88 -2.19
CA GLU A 8 10.87 -22.05 -2.17
C GLU A 8 11.37 -22.37 -0.78
N SER A 9 11.79 -21.38 -0.05
CA SER A 9 12.28 -21.59 1.27
C SER A 9 11.18 -21.34 2.30
N GLU A 10 10.15 -20.58 1.87
CA GLU A 10 9.03 -20.17 2.71
C GLU A 10 9.57 -19.46 3.94
N LYS A 11 10.49 -18.58 3.64
CA LYS A 11 11.13 -17.73 4.60
C LYS A 11 10.10 -16.80 5.18
N TYR A 12 9.29 -16.23 4.28
CA TYR A 12 8.19 -15.34 4.63
C TYR A 12 8.65 -14.14 5.46
N ASN A 13 8.97 -13.09 4.77
CA ASN A 13 9.46 -11.89 5.41
C ASN A 13 8.31 -11.08 5.95
N PRO A 14 8.38 -10.71 7.24
CA PRO A 14 7.30 -9.99 7.93
C PRO A 14 7.11 -8.56 7.41
N GLY A 15 8.01 -8.11 6.58
CA GLY A 15 7.86 -6.80 5.99
C GLY A 15 6.61 -6.70 5.14
N PRO A 16 6.62 -7.22 3.91
CA PRO A 16 5.47 -7.17 3.01
C PRO A 16 4.31 -8.13 3.45
N GLN A 17 4.65 -9.31 3.98
CA GLN A 17 3.65 -10.32 4.41
C GLN A 17 2.74 -9.76 5.50
N ASP A 18 3.35 -9.30 6.58
CA ASP A 18 2.62 -8.73 7.72
C ASP A 18 1.94 -7.44 7.31
N PHE A 19 2.52 -6.76 6.31
CA PHE A 19 2.00 -5.50 5.82
C PHE A 19 0.58 -5.71 5.33
N LEU A 20 0.35 -6.88 4.74
CA LEU A 20 -0.97 -7.27 4.32
C LEU A 20 -1.83 -7.59 5.51
N LEU A 21 -1.33 -8.46 6.36
CA LEU A 21 -2.11 -9.00 7.50
C LEU A 21 -2.65 -7.92 8.44
N LYS A 22 -2.06 -6.76 8.41
CA LYS A 22 -2.47 -5.68 9.26
C LYS A 22 -3.53 -4.80 8.59
N MET A 23 -3.77 -5.05 7.32
CA MET A 23 -4.72 -4.25 6.58
C MET A 23 -6.13 -4.75 6.86
N PRO A 24 -7.12 -3.84 6.95
CA PRO A 24 -8.51 -4.22 7.13
C PRO A 24 -9.03 -5.00 5.92
N GLY A 25 -9.46 -6.23 6.14
CA GLY A 25 -9.95 -7.03 5.07
C GLY A 25 -9.07 -8.24 4.83
N VAL A 26 -7.88 -8.21 5.38
CA VAL A 26 -6.92 -9.26 5.17
C VAL A 26 -6.92 -10.28 6.31
N ASN A 27 -6.83 -11.52 5.91
CA ASN A 27 -6.72 -12.67 6.80
C ASN A 27 -5.63 -13.51 6.25
N ALA A 28 -5.09 -14.42 7.02
CA ALA A 28 -4.02 -15.29 6.58
C ALA A 28 -4.41 -16.06 5.32
N LYS A 29 -5.68 -16.45 5.25
CA LYS A 29 -6.15 -17.27 4.16
C LYS A 29 -6.20 -16.48 2.86
N ASN A 30 -6.58 -15.26 2.95
CA ASN A 30 -6.71 -14.48 1.77
C ASN A 30 -5.39 -13.81 1.44
N CYS A 31 -4.52 -13.72 2.42
CA CYS A 31 -3.19 -13.17 2.25
C CYS A 31 -2.35 -14.10 1.42
N ARG A 32 -2.38 -15.39 1.72
CA ARG A 32 -1.66 -16.38 0.93
C ARG A 32 -2.21 -16.44 -0.50
N SER A 33 -3.53 -16.36 -0.62
CA SER A 33 -4.19 -16.32 -1.91
C SER A 33 -3.73 -15.05 -2.66
N LEU A 34 -3.65 -13.97 -1.91
CA LEU A 34 -3.29 -12.66 -2.44
C LEU A 34 -1.86 -12.67 -2.89
N MET A 35 -1.08 -13.37 -2.14
CA MET A 35 0.35 -13.47 -2.29
C MET A 35 0.67 -14.16 -3.59
N HIS A 36 -0.23 -15.01 -3.99
CA HIS A 36 -0.08 -15.70 -5.24
C HIS A 36 -0.69 -14.93 -6.41
N HIS A 37 -1.62 -14.02 -6.12
CA HIS A 37 -2.26 -13.28 -7.21
C HIS A 37 -1.70 -11.88 -7.39
N VAL A 38 -1.03 -11.41 -6.39
CA VAL A 38 -0.51 -10.07 -6.37
C VAL A 38 0.99 -10.12 -6.12
N LYS A 39 1.72 -9.23 -6.75
CA LYS A 39 3.16 -9.15 -6.56
C LYS A 39 3.47 -8.57 -5.20
N ASN A 40 3.06 -7.33 -5.02
CA ASN A 40 3.19 -6.64 -3.77
C ASN A 40 2.27 -5.42 -3.85
N ILE A 41 2.34 -4.56 -2.84
CA ILE A 41 1.62 -3.29 -2.67
C ILE A 41 1.18 -2.64 -3.99
N ALA A 42 2.13 -2.46 -4.91
CA ALA A 42 1.86 -1.84 -6.22
C ALA A 42 0.70 -2.49 -6.95
N GLU A 43 0.75 -3.79 -7.10
CA GLU A 43 -0.27 -4.50 -7.83
C GLU A 43 -1.54 -4.57 -6.99
N LEU A 44 -1.37 -4.61 -5.68
CA LEU A 44 -2.50 -4.63 -4.75
C LEU A 44 -3.33 -3.38 -4.91
N ALA A 45 -2.67 -2.26 -4.96
CA ALA A 45 -3.30 -0.99 -5.08
C ALA A 45 -3.69 -0.70 -6.53
N ALA A 46 -3.16 -1.49 -7.44
CA ALA A 46 -3.47 -1.35 -8.85
C ALA A 46 -4.68 -2.17 -9.23
N LEU A 47 -4.95 -3.23 -8.46
CA LEU A 47 -6.06 -4.09 -8.75
C LEU A 47 -7.41 -3.46 -8.38
N SER A 48 -8.46 -4.09 -8.85
CA SER A 48 -9.80 -3.63 -8.59
C SER A 48 -10.41 -4.45 -7.44
N GLN A 49 -11.55 -4.03 -6.92
CA GLN A 49 -12.20 -4.75 -5.82
C GLN A 49 -12.71 -6.09 -6.33
N ASP A 50 -13.03 -6.15 -7.62
CA ASP A 50 -13.49 -7.39 -8.26
C ASP A 50 -12.45 -8.47 -8.07
N GLU A 51 -11.20 -8.08 -8.26
CA GLU A 51 -10.07 -8.97 -8.11
C GLU A 51 -10.00 -9.45 -6.68
N LEU A 52 -10.13 -8.50 -5.75
CA LEU A 52 -10.08 -8.81 -4.33
C LEU A 52 -11.19 -9.77 -3.93
N THR A 53 -12.39 -9.54 -4.42
CA THR A 53 -13.52 -10.40 -4.10
C THR A 53 -13.27 -11.82 -4.64
N SER A 54 -12.57 -11.90 -5.73
CA SER A 54 -12.25 -13.15 -6.36
C SER A 54 -11.14 -13.89 -5.55
N ILE A 55 -10.14 -13.14 -5.10
CA ILE A 55 -9.01 -13.67 -4.35
C ILE A 55 -9.39 -14.04 -2.91
N LEU A 56 -10.00 -13.09 -2.23
CA LEU A 56 -10.34 -13.24 -0.83
C LEU A 56 -11.61 -14.08 -0.71
N GLY A 57 -12.46 -13.96 -1.71
CA GLY A 57 -13.69 -14.73 -1.78
C GLY A 57 -14.83 -14.10 -1.04
N ASN A 58 -14.62 -12.92 -0.51
CA ASN A 58 -15.67 -12.24 0.23
C ASN A 58 -15.61 -10.80 -0.13
N ALA A 59 -16.75 -10.24 -0.47
CA ALA A 59 -16.86 -8.84 -0.85
C ALA A 59 -16.63 -7.96 0.36
N ALA A 60 -16.84 -8.51 1.55
CA ALA A 60 -16.63 -7.78 2.79
C ALA A 60 -15.17 -7.45 2.91
N ASN A 61 -14.34 -8.47 2.82
CA ASN A 61 -12.90 -8.34 2.92
C ASN A 61 -12.40 -7.47 1.79
N ALA A 62 -12.96 -7.67 0.62
CA ALA A 62 -12.57 -6.97 -0.59
C ALA A 62 -12.88 -5.50 -0.48
N LYS A 63 -14.03 -5.18 0.07
CA LYS A 63 -14.46 -3.81 0.18
C LYS A 63 -13.68 -3.11 1.26
N GLN A 64 -13.39 -3.84 2.34
CA GLN A 64 -12.59 -3.28 3.43
C GLN A 64 -11.20 -2.91 2.92
N LEU A 65 -10.62 -3.81 2.17
CA LEU A 65 -9.30 -3.61 1.63
C LEU A 65 -9.31 -2.55 0.52
N TYR A 66 -10.31 -2.62 -0.36
CA TYR A 66 -10.45 -1.67 -1.45
C TYR A 66 -10.69 -0.26 -0.91
N ASP A 67 -11.44 -0.16 0.17
CA ASP A 67 -11.71 1.12 0.83
C ASP A 67 -10.44 1.68 1.38
N PHE A 68 -9.64 0.82 1.96
CA PHE A 68 -8.38 1.21 2.53
C PHE A 68 -7.43 1.71 1.43
N ILE A 69 -7.35 0.94 0.35
CA ILE A 69 -6.54 1.27 -0.83
C ILE A 69 -7.00 2.56 -1.49
N HIS A 70 -8.32 2.77 -1.46
CA HIS A 70 -8.97 3.89 -2.12
C HIS A 70 -9.64 4.86 -1.19
N THR A 71 -8.85 5.40 -0.33
CA THR A 71 -9.22 6.50 0.50
C THR A 71 -7.98 7.29 0.76
N SER A 72 -7.97 8.54 0.34
CA SER A 72 -6.90 9.42 0.61
C SER A 72 -6.72 9.50 2.09
N PHE A 73 -5.50 9.70 2.48
CA PHE A 73 -5.08 9.66 3.86
C PHE A 73 -5.72 10.79 4.69
N ALA A 74 -6.42 11.69 4.04
CA ALA A 74 -7.10 12.75 4.72
C ALA A 74 -8.47 13.08 4.14
N GLU A 75 -9.00 12.24 3.26
CA GLU A 75 -10.21 12.60 2.55
C GLU A 75 -11.47 12.47 3.36
N VAL A 76 -11.58 11.38 4.04
CA VAL A 76 -12.73 11.12 4.93
C VAL A 76 -12.78 12.15 6.06
N VAL A 77 -11.63 12.74 6.31
CA VAL A 77 -11.46 13.71 7.28
C VAL A 77 -12.09 15.03 6.82
N SER A 78 -11.92 15.31 5.57
CA SER A 78 -12.36 16.53 4.95
C SER A 78 -13.84 16.54 4.74
N LYS A 79 -14.39 17.73 4.69
CA LYS A 79 -15.76 17.91 4.27
C LYS A 79 -15.83 17.59 2.77
N GLY A 80 -15.90 16.32 2.49
CA GLY A 80 -15.99 15.84 1.16
C GLY A 80 -17.05 14.81 1.10
N LYS A 81 -18.21 15.21 1.50
CA LYS A 81 -19.37 14.35 1.52
C LYS A 81 -20.05 14.41 0.17
N GLY A 82 -19.75 15.45 -0.57
CA GLY A 82 -20.28 15.63 -1.88
C GLY A 82 -19.34 15.13 -2.95
N LYS A 83 -19.00 13.86 -2.87
CA LYS A 83 -18.15 13.25 -3.86
C LYS A 83 -19.01 12.82 -5.02
N LYS A 84 -18.55 13.08 -6.20
CA LYS A 84 -19.33 12.84 -7.39
C LYS A 84 -18.93 11.50 -7.98
N MET B 1 -11.40 22.66 -8.05
CA MET B 1 -10.39 21.61 -7.89
C MET B 1 -10.38 21.11 -6.47
N ASP B 2 -10.06 19.84 -6.38
CA ASP B 2 -9.90 19.08 -5.13
C ASP B 2 -11.04 19.15 -4.16
N SER B 3 -12.08 18.50 -4.52
CA SER B 3 -13.14 18.16 -3.62
C SER B 3 -12.68 16.97 -2.75
N GLU B 4 -11.68 16.28 -3.29
CA GLU B 4 -11.15 15.03 -2.77
C GLU B 4 -10.34 15.09 -1.47
N THR B 5 -9.27 15.83 -1.43
CA THR B 5 -8.32 15.65 -0.35
C THR B 5 -8.33 16.71 0.75
N LEU B 6 -8.23 18.00 0.38
CA LEU B 6 -8.02 19.13 1.34
C LEU B 6 -8.88 19.07 2.62
N PRO B 7 -8.27 18.63 3.74
CA PRO B 7 -8.96 18.45 5.00
C PRO B 7 -9.14 19.73 5.79
N GLU B 8 -10.38 20.18 5.91
CA GLU B 8 -10.67 21.31 6.76
C GLU B 8 -10.56 20.89 8.22
N SER B 9 -11.00 19.66 8.49
CA SER B 9 -10.97 19.07 9.83
C SER B 9 -9.51 18.93 10.36
N GLU B 10 -8.57 18.73 9.42
CA GLU B 10 -7.11 18.63 9.72
C GLU B 10 -6.81 17.47 10.71
N LYS B 11 -7.63 16.44 10.65
CA LYS B 11 -7.50 15.31 11.55
C LYS B 11 -6.49 14.34 11.04
N TYR B 12 -6.68 13.94 9.76
CA TYR B 12 -5.84 12.97 9.09
C TYR B 12 -6.11 11.62 9.69
N ASN B 13 -7.00 10.91 9.07
CA ASN B 13 -7.44 9.64 9.56
C ASN B 13 -6.31 8.65 9.65
N PRO B 14 -6.16 8.07 10.85
CA PRO B 14 -4.98 7.30 11.23
C PRO B 14 -4.60 6.20 10.27
N GLY B 15 -5.58 5.38 9.91
CA GLY B 15 -5.36 4.20 9.08
C GLY B 15 -4.44 4.45 7.90
N PRO B 16 -4.89 5.19 6.91
CA PRO B 16 -4.07 5.50 5.73
C PRO B 16 -2.83 6.41 6.03
N GLN B 17 -2.99 7.41 6.92
CA GLN B 17 -1.86 8.32 7.23
C GLN B 17 -0.71 7.55 7.91
N ASP B 18 -1.06 6.84 8.97
CA ASP B 18 -0.11 6.02 9.74
C ASP B 18 0.48 4.94 8.87
N PHE B 19 -0.29 4.52 7.88
CA PHE B 19 0.11 3.51 6.93
C PHE B 19 1.32 4.00 6.14
N LEU B 20 1.33 5.28 5.84
CA LEU B 20 2.46 5.92 5.16
C LEU B 20 3.66 6.01 6.08
N LEU B 21 3.46 6.60 7.24
CA LEU B 21 4.55 6.88 8.19
C LEU B 21 5.24 5.61 8.72
N LYS B 22 4.60 4.47 8.56
CA LYS B 22 5.19 3.23 9.02
C LYS B 22 6.05 2.59 7.93
N MET B 23 6.06 3.20 6.77
CA MET B 23 6.78 2.67 5.65
C MET B 23 8.26 3.03 5.79
N PRO B 24 9.17 2.24 5.20
CA PRO B 24 10.57 2.59 5.22
C PRO B 24 10.87 3.63 4.14
N GLY B 25 11.44 4.74 4.54
CA GLY B 25 11.76 5.74 3.57
C GLY B 25 10.77 6.87 3.60
N VAL B 26 10.16 7.08 4.73
CA VAL B 26 9.20 8.13 4.84
C VAL B 26 9.41 8.92 6.14
N ASN B 27 8.97 10.16 6.15
CA ASN B 27 9.04 11.05 7.31
C ASN B 27 7.78 11.84 7.30
N ALA B 28 7.43 12.44 8.41
CA ALA B 28 6.21 13.25 8.48
C ALA B 28 6.28 14.45 7.53
N LYS B 29 7.50 14.95 7.29
CA LYS B 29 7.67 16.12 6.43
C LYS B 29 7.37 15.77 4.98
N ASN B 30 7.82 14.63 4.56
CA ASN B 30 7.61 14.27 3.21
C ASN B 30 6.29 13.57 3.03
N CYS B 31 5.75 13.10 4.12
CA CYS B 31 4.45 12.47 4.14
C CYS B 31 3.37 13.52 3.99
N ARG B 32 3.57 14.72 4.54
CA ARG B 32 2.61 15.80 4.35
C ARG B 32 2.68 16.28 2.90
N SER B 33 3.90 16.40 2.40
CA SER B 33 4.14 16.76 1.03
C SER B 33 3.48 15.71 0.11
N LEU B 34 3.61 14.47 0.51
CA LEU B 34 3.07 13.34 -0.21
C LEU B 34 1.56 13.35 -0.14
N MET B 35 1.06 13.75 1.00
CA MET B 35 -0.36 13.80 1.31
C MET B 35 -1.07 14.71 0.32
N HIS B 36 -0.35 15.69 -0.15
CA HIS B 36 -0.88 16.60 -1.14
C HIS B 36 -0.64 16.12 -2.56
N HIS B 37 0.44 15.39 -2.78
CA HIS B 37 0.74 14.95 -4.15
C HIS B 37 0.04 13.66 -4.50
N VAL B 38 -0.23 12.88 -3.52
CA VAL B 38 -0.78 11.57 -3.72
C VAL B 38 -2.16 11.54 -3.11
N LYS B 39 -3.04 10.79 -3.72
CA LYS B 39 -4.36 10.65 -3.20
C LYS B 39 -4.35 9.60 -2.12
N ASN B 40 -4.25 8.37 -2.50
CA ASN B 40 -4.25 7.31 -1.60
C ASN B 40 -3.22 6.28 -1.98
N ILE B 41 -3.28 5.17 -1.31
CA ILE B 41 -2.38 4.04 -1.49
C ILE B 41 -2.20 3.69 -2.98
N ALA B 42 -3.32 3.66 -3.70
CA ALA B 42 -3.29 3.40 -5.16
C ALA B 42 -2.29 4.27 -5.93
N GLU B 43 -2.36 5.58 -5.77
CA GLU B 43 -1.48 6.51 -6.50
C GLU B 43 -0.09 6.42 -5.97
N LEU B 44 0.04 6.16 -4.69
CA LEU B 44 1.33 5.99 -4.04
C LEU B 44 2.10 4.86 -4.70
N ALA B 45 1.45 3.73 -4.83
CA ALA B 45 2.04 2.57 -5.39
C ALA B 45 2.10 2.65 -6.90
N ALA B 46 1.38 3.61 -7.46
CA ALA B 46 1.36 3.84 -8.88
C ALA B 46 2.50 4.74 -9.28
N LEU B 47 3.01 5.51 -8.33
CA LEU B 47 4.10 6.41 -8.61
C LEU B 47 5.41 5.69 -8.90
N SER B 48 6.32 6.45 -9.42
CA SER B 48 7.63 6.00 -9.75
C SER B 48 8.60 6.53 -8.68
N GLN B 49 9.82 6.01 -8.65
CA GLN B 49 10.78 6.42 -7.64
C GLN B 49 11.18 7.89 -7.88
N ASP B 50 11.11 8.32 -9.12
CA ASP B 50 11.42 9.71 -9.49
C ASP B 50 10.45 10.65 -8.82
N GLU B 51 9.20 10.22 -8.76
CA GLU B 51 8.14 11.03 -8.17
C GLU B 51 8.38 11.15 -6.69
N LEU B 52 8.79 10.05 -6.09
CA LEU B 52 9.09 10.03 -4.68
C LEU B 52 10.27 10.92 -4.38
N THR B 53 11.29 10.87 -5.22
CA THR B 53 12.47 11.72 -5.03
C THR B 53 12.08 13.21 -5.17
N SER B 54 11.09 13.46 -5.99
CA SER B 54 10.59 14.81 -6.19
C SER B 54 9.83 15.27 -4.93
N ILE B 55 8.90 14.45 -4.48
CA ILE B 55 8.06 14.76 -3.34
C ILE B 55 8.84 14.76 -2.02
N LEU B 56 9.56 13.68 -1.79
CA LEU B 56 10.27 13.50 -0.54
C LEU B 56 11.51 14.36 -0.55
N GLY B 57 12.12 14.43 -1.70
CA GLY B 57 13.29 15.23 -1.89
C GLY B 57 14.57 14.45 -1.74
N ASN B 58 14.48 13.29 -1.15
CA ASN B 58 15.65 12.51 -0.87
C ASN B 58 15.53 11.18 -1.54
N ALA B 59 16.55 10.82 -2.30
CA ALA B 59 16.56 9.56 -3.03
C ALA B 59 16.62 8.38 -2.07
N ALA B 60 17.15 8.62 -0.87
CA ALA B 60 17.26 7.58 0.14
C ALA B 60 15.88 7.14 0.57
N ASN B 61 15.02 8.11 0.76
CA ASN B 61 13.66 7.84 1.18
C ASN B 61 12.89 7.24 0.03
N ALA B 62 13.11 7.80 -1.14
CA ALA B 62 12.42 7.41 -2.35
C ALA B 62 12.75 5.99 -2.73
N LYS B 63 13.99 5.58 -2.53
CA LYS B 63 14.40 4.26 -2.90
C LYS B 63 13.85 3.27 -1.92
N GLN B 64 13.93 3.62 -0.64
CA GLN B 64 13.43 2.76 0.42
C GLN B 64 11.95 2.51 0.26
N LEU B 65 11.21 3.56 0.02
CA LEU B 65 9.79 3.47 -0.16
C LEU B 65 9.45 2.72 -1.47
N TYR B 66 10.10 3.09 -2.58
CA TYR B 66 9.87 2.45 -3.89
C TYR B 66 10.13 0.94 -3.84
N ASP B 67 11.22 0.57 -3.19
CA ASP B 67 11.61 -0.82 -3.05
C ASP B 67 10.59 -1.60 -2.26
N PHE B 68 10.09 -0.98 -1.19
CA PHE B 68 9.11 -1.60 -0.34
C PHE B 68 7.79 -1.79 -1.08
N ILE B 69 7.48 -0.89 -1.97
CA ILE B 69 6.27 -0.95 -2.81
C ILE B 69 6.35 -2.11 -3.83
N HIS B 70 7.55 -2.39 -4.29
CA HIS B 70 7.72 -3.37 -5.38
C HIS B 70 8.14 -4.78 -4.99
N THR B 71 8.93 -4.93 -3.93
CA THR B 71 9.41 -6.24 -3.47
C THR B 71 8.26 -7.18 -3.16
N SER B 72 8.14 -8.21 -3.97
CA SER B 72 7.08 -9.19 -3.83
C SER B 72 7.14 -9.87 -2.46
N PHE B 73 5.96 -10.21 -1.93
CA PHE B 73 5.82 -10.83 -0.62
C PHE B 73 6.61 -12.15 -0.56
N ALA B 74 6.73 -12.79 -1.71
CA ALA B 74 7.37 -14.07 -1.79
C ALA B 74 8.62 -13.99 -2.63
N GLU B 75 9.14 -12.79 -2.78
CA GLU B 75 10.29 -12.57 -3.62
C GLU B 75 11.56 -13.10 -2.97
N VAL B 76 11.92 -12.46 -1.89
CA VAL B 76 13.16 -12.74 -1.18
C VAL B 76 13.11 -14.11 -0.50
N VAL B 77 11.90 -14.59 -0.25
CA VAL B 77 11.66 -15.74 0.46
C VAL B 77 11.92 -17.02 -0.36
N SER B 78 12.06 -16.86 -1.64
CA SER B 78 12.46 -17.94 -2.51
C SER B 78 13.96 -17.84 -2.78
N LYS B 79 14.67 -18.91 -2.51
CA LYS B 79 16.12 -18.92 -2.61
C LYS B 79 16.59 -19.15 -4.05
N GLY B 80 16.49 -20.35 -4.52
CA GLY B 80 16.97 -20.66 -5.81
C GLY B 80 17.50 -22.05 -5.88
N LYS B 81 16.73 -22.94 -6.46
CA LYS B 81 17.14 -24.32 -6.64
C LYS B 81 18.10 -24.41 -7.83
N GLY B 82 17.98 -23.48 -8.74
CA GLY B 82 18.92 -23.36 -9.81
C GLY B 82 19.87 -22.25 -9.48
N LYS B 83 20.90 -22.57 -8.73
CA LYS B 83 21.84 -21.58 -8.22
C LYS B 83 22.79 -21.10 -9.28
N LYS B 84 22.38 -20.05 -9.96
CA LYS B 84 23.15 -19.39 -10.99
C LYS B 84 22.84 -17.91 -10.92
N MET A 1 4.00 -15.10 -10.12
CA MET A 1 3.19 -16.24 -9.73
C MET A 1 3.90 -17.54 -10.05
N ASP A 2 4.89 -17.49 -10.93
CA ASP A 2 5.58 -18.70 -11.39
C ASP A 2 6.82 -18.97 -10.56
N SER A 3 7.78 -19.70 -11.15
CA SER A 3 9.01 -20.16 -10.51
C SER A 3 9.80 -19.03 -9.84
N GLU A 4 9.61 -17.81 -10.30
CA GLU A 4 10.27 -16.65 -9.75
C GLU A 4 9.68 -16.25 -8.41
N THR A 5 8.42 -16.53 -8.21
CA THR A 5 7.75 -16.17 -6.99
C THR A 5 7.75 -17.34 -6.01
N LEU A 6 8.12 -18.52 -6.51
CA LEU A 6 8.20 -19.68 -5.67
C LEU A 6 9.33 -19.50 -4.67
N PRO A 7 8.99 -19.38 -3.39
CA PRO A 7 9.94 -19.08 -2.34
C PRO A 7 10.93 -20.20 -2.09
N GLU A 8 12.02 -20.12 -2.79
CA GLU A 8 13.08 -21.12 -2.76
C GLU A 8 13.75 -21.21 -1.38
N SER A 9 13.89 -20.09 -0.71
CA SER A 9 14.57 -20.10 0.57
C SER A 9 13.56 -20.22 1.73
N GLU A 10 12.25 -20.19 1.38
CA GLU A 10 11.13 -20.31 2.37
C GLU A 10 11.28 -19.25 3.49
N LYS A 11 11.78 -18.09 3.10
CA LYS A 11 12.02 -17.00 4.02
C LYS A 11 10.72 -16.34 4.42
N TYR A 12 10.00 -15.76 3.42
CA TYR A 12 8.76 -15.02 3.65
C TYR A 12 9.06 -13.80 4.49
N ASN A 13 9.36 -12.72 3.82
CA ASN A 13 9.72 -11.49 4.51
C ASN A 13 8.55 -10.95 5.27
N PRO A 14 8.69 -10.78 6.59
CA PRO A 14 7.62 -10.32 7.46
C PRO A 14 7.15 -8.94 7.09
N GLY A 15 8.08 -8.09 6.65
CA GLY A 15 7.77 -6.71 6.28
C GLY A 15 6.55 -6.60 5.36
N PRO A 16 6.67 -7.01 4.09
CA PRO A 16 5.57 -6.92 3.13
C PRO A 16 4.39 -7.90 3.47
N GLN A 17 4.69 -9.05 4.06
CA GLN A 17 3.64 -10.03 4.42
C GLN A 17 2.74 -9.47 5.53
N ASP A 18 3.36 -8.99 6.59
CA ASP A 18 2.66 -8.37 7.71
C ASP A 18 1.98 -7.09 7.24
N PHE A 19 2.55 -6.48 6.20
CA PHE A 19 2.01 -5.26 5.64
C PHE A 19 0.62 -5.52 5.11
N LEU A 20 0.42 -6.70 4.56
CA LEU A 20 -0.90 -7.12 4.11
C LEU A 20 -1.81 -7.37 5.29
N LEU A 21 -1.32 -8.16 6.24
CA LEU A 21 -2.12 -8.61 7.40
C LEU A 21 -2.70 -7.47 8.24
N LYS A 22 -2.12 -6.30 8.13
CA LYS A 22 -2.55 -5.16 8.90
C LYS A 22 -3.55 -4.32 8.11
N MET A 23 -3.79 -4.72 6.89
CA MET A 23 -4.71 -3.97 6.05
C MET A 23 -6.13 -4.38 6.37
N PRO A 24 -7.05 -3.41 6.47
CA PRO A 24 -8.45 -3.72 6.69
C PRO A 24 -9.01 -4.51 5.52
N GLY A 25 -9.44 -5.71 5.78
CA GLY A 25 -9.93 -6.55 4.74
C GLY A 25 -9.04 -7.76 4.54
N VAL A 26 -7.96 -7.81 5.28
CA VAL A 26 -7.03 -8.90 5.15
C VAL A 26 -7.01 -9.82 6.38
N ASN A 27 -6.97 -11.11 6.10
CA ASN A 27 -6.82 -12.17 7.07
C ASN A 27 -5.69 -13.01 6.54
N ALA A 28 -5.10 -13.84 7.35
CA ALA A 28 -3.96 -14.65 6.95
C ALA A 28 -4.33 -15.64 5.84
N LYS A 29 -5.58 -16.07 5.83
CA LYS A 29 -6.04 -17.04 4.84
C LYS A 29 -6.03 -16.39 3.45
N ASN A 30 -6.55 -15.22 3.38
CA ASN A 30 -6.68 -14.55 2.13
C ASN A 30 -5.44 -13.76 1.80
N CYS A 31 -4.57 -13.66 2.77
CA CYS A 31 -3.27 -13.05 2.59
C CYS A 31 -2.38 -13.97 1.81
N ARG A 32 -2.39 -15.25 2.18
CA ARG A 32 -1.57 -16.23 1.51
C ARG A 32 -2.03 -16.39 0.06
N SER A 33 -3.33 -16.48 -0.09
CA SER A 33 -3.94 -16.55 -1.40
C SER A 33 -3.62 -15.28 -2.19
N LEU A 34 -3.65 -14.15 -1.50
CA LEU A 34 -3.36 -12.85 -2.11
C LEU A 34 -1.95 -12.85 -2.60
N MET A 35 -1.09 -13.35 -1.77
CA MET A 35 0.34 -13.40 -1.94
C MET A 35 0.71 -14.16 -3.21
N HIS A 36 -0.12 -15.09 -3.58
CA HIS A 36 0.09 -15.81 -4.82
C HIS A 36 -0.62 -15.14 -5.99
N HIS A 37 -1.57 -14.27 -5.72
CA HIS A 37 -2.29 -13.59 -6.80
C HIS A 37 -1.80 -12.17 -7.05
N VAL A 38 -0.99 -11.65 -6.16
CA VAL A 38 -0.50 -10.30 -6.31
C VAL A 38 0.98 -10.24 -5.98
N LYS A 39 1.70 -9.30 -6.58
CA LYS A 39 3.13 -9.18 -6.38
C LYS A 39 3.44 -8.52 -5.04
N ASN A 40 3.02 -7.30 -4.90
CA ASN A 40 3.17 -6.53 -3.72
C ASN A 40 2.19 -5.35 -3.85
N ILE A 41 2.35 -4.35 -3.01
CA ILE A 41 1.51 -3.15 -2.88
C ILE A 41 1.06 -2.60 -4.23
N ALA A 42 2.00 -2.40 -5.16
CA ALA A 42 1.69 -1.81 -6.48
C ALA A 42 0.57 -2.53 -7.20
N GLU A 43 0.71 -3.85 -7.35
CA GLU A 43 -0.28 -4.64 -8.07
C GLU A 43 -1.53 -4.74 -7.25
N LEU A 44 -1.37 -4.74 -5.94
CA LEU A 44 -2.50 -4.83 -5.01
C LEU A 44 -3.40 -3.63 -5.18
N ALA A 45 -2.79 -2.49 -5.29
CA ALA A 45 -3.50 -1.27 -5.45
C ALA A 45 -3.94 -1.08 -6.89
N ALA A 46 -3.38 -1.89 -7.76
CA ALA A 46 -3.75 -1.89 -9.16
C ALA A 46 -4.84 -2.94 -9.43
N LEU A 47 -5.10 -3.79 -8.45
CA LEU A 47 -6.16 -4.76 -8.57
C LEU A 47 -7.53 -4.12 -8.36
N SER A 48 -8.54 -4.76 -8.89
CA SER A 48 -9.90 -4.30 -8.75
C SER A 48 -10.57 -5.04 -7.57
N GLN A 49 -11.69 -4.51 -7.08
CA GLN A 49 -12.40 -5.09 -5.95
C GLN A 49 -12.96 -6.44 -6.34
N ASP A 50 -13.28 -6.57 -7.62
CA ASP A 50 -13.76 -7.84 -8.21
C ASP A 50 -12.70 -8.89 -7.99
N GLU A 51 -11.47 -8.52 -8.28
CA GLU A 51 -10.33 -9.42 -8.18
C GLU A 51 -10.10 -9.79 -6.74
N LEU A 52 -10.19 -8.79 -5.87
CA LEU A 52 -10.02 -9.03 -4.44
C LEU A 52 -11.09 -9.97 -3.92
N THR A 53 -12.32 -9.80 -4.37
CA THR A 53 -13.42 -10.67 -3.94
C THR A 53 -13.13 -12.10 -4.38
N SER A 54 -12.52 -12.24 -5.50
CA SER A 54 -12.20 -13.50 -6.04
C SER A 54 -11.04 -14.18 -5.28
N ILE A 55 -10.07 -13.39 -4.86
CA ILE A 55 -8.94 -13.90 -4.11
C ILE A 55 -9.34 -14.21 -2.67
N LEU A 56 -9.94 -13.23 -2.03
CA LEU A 56 -10.26 -13.31 -0.63
C LEU A 56 -11.50 -14.17 -0.42
N GLY A 57 -12.41 -14.07 -1.35
CA GLY A 57 -13.63 -14.84 -1.31
C GLY A 57 -14.74 -14.15 -0.57
N ASN A 58 -14.53 -12.91 -0.17
CA ASN A 58 -15.55 -12.15 0.52
C ASN A 58 -15.51 -10.75 0.02
N ALA A 59 -16.65 -10.22 -0.35
CA ALA A 59 -16.75 -8.85 -0.82
C ALA A 59 -16.48 -7.88 0.32
N ALA A 60 -16.67 -8.35 1.56
CA ALA A 60 -16.45 -7.55 2.74
C ALA A 60 -14.98 -7.18 2.83
N ASN A 61 -14.16 -8.20 2.71
CA ASN A 61 -12.72 -8.06 2.77
C ASN A 61 -12.22 -7.24 1.59
N ALA A 62 -12.79 -7.54 0.43
CA ALA A 62 -12.41 -6.91 -0.82
C ALA A 62 -12.72 -5.44 -0.79
N LYS A 63 -13.90 -5.08 -0.31
CA LYS A 63 -14.30 -3.72 -0.27
C LYS A 63 -13.50 -2.95 0.75
N GLN A 64 -13.28 -3.56 1.92
CA GLN A 64 -12.51 -2.90 2.96
C GLN A 64 -11.11 -2.55 2.51
N LEU A 65 -10.50 -3.46 1.80
CA LEU A 65 -9.17 -3.26 1.31
C LEU A 65 -9.15 -2.26 0.16
N TYR A 66 -10.01 -2.49 -0.82
CA TYR A 66 -10.07 -1.67 -2.02
C TYR A 66 -10.38 -0.20 -1.68
N ASP A 67 -11.26 -0.03 -0.72
CA ASP A 67 -11.65 1.28 -0.24
C ASP A 67 -10.47 1.98 0.43
N PHE A 68 -9.76 1.23 1.28
CA PHE A 68 -8.61 1.76 2.01
C PHE A 68 -7.50 2.18 1.04
N ILE A 69 -7.40 1.45 -0.05
CA ILE A 69 -6.46 1.74 -1.12
C ILE A 69 -6.82 3.06 -1.86
N HIS A 70 -8.11 3.32 -1.96
CA HIS A 70 -8.61 4.48 -2.70
C HIS A 70 -8.85 5.73 -1.86
N THR A 71 -9.41 5.55 -0.69
CA THR A 71 -9.73 6.62 0.23
C THR A 71 -8.51 7.44 0.60
N SER A 72 -8.52 8.68 0.19
CA SER A 72 -7.44 9.61 0.47
C SER A 72 -7.26 9.78 2.00
N PHE A 73 -6.02 10.01 2.45
CA PHE A 73 -5.70 10.25 3.88
C PHE A 73 -6.52 11.46 4.37
N ALA A 74 -6.80 12.37 3.43
CA ALA A 74 -7.49 13.60 3.71
C ALA A 74 -8.92 13.63 3.16
N GLU A 75 -9.52 12.47 2.94
CA GLU A 75 -10.90 12.44 2.46
C GLU A 75 -11.91 12.40 3.60
N VAL A 76 -11.80 11.39 4.45
CA VAL A 76 -12.78 11.17 5.53
C VAL A 76 -12.75 12.31 6.56
N VAL A 77 -11.63 13.01 6.61
CA VAL A 77 -11.36 14.06 7.47
C VAL A 77 -12.15 15.33 7.08
N SER A 78 -12.79 15.25 5.95
CA SER A 78 -13.61 16.27 5.44
C SER A 78 -15.05 15.85 5.68
N LYS A 79 -15.87 16.79 6.00
CA LYS A 79 -17.23 16.52 6.41
C LYS A 79 -18.19 17.65 6.02
N GLY A 80 -17.70 18.86 6.00
CA GLY A 80 -18.55 20.02 5.83
C GLY A 80 -18.78 20.38 4.39
N LYS A 81 -17.96 19.86 3.50
CA LYS A 81 -18.13 20.15 2.09
C LYS A 81 -19.16 19.20 1.47
N GLY A 82 -19.05 17.93 1.81
CA GLY A 82 -20.04 16.95 1.42
C GLY A 82 -19.80 16.27 0.09
N LYS A 83 -19.39 17.03 -0.91
CA LYS A 83 -19.25 16.55 -2.30
C LYS A 83 -20.59 16.25 -2.94
N LYS A 84 -21.09 17.21 -3.65
CA LYS A 84 -22.34 17.11 -4.35
C LYS A 84 -22.04 16.78 -5.79
N MET B 1 -4.41 19.05 -6.21
CA MET B 1 -5.18 19.19 -4.97
C MET B 1 -6.49 19.91 -5.24
N ASP B 2 -7.54 19.48 -4.60
CA ASP B 2 -8.87 20.05 -4.76
C ASP B 2 -9.21 20.71 -3.42
N SER B 3 -10.44 21.09 -3.22
CA SER B 3 -10.87 21.63 -1.97
C SER B 3 -10.96 20.46 -0.99
N GLU B 4 -11.13 19.24 -1.55
CA GLU B 4 -11.20 17.99 -0.78
C GLU B 4 -10.01 17.86 0.14
N THR B 5 -8.84 18.14 -0.41
CA THR B 5 -7.58 18.00 0.28
C THR B 5 -7.42 19.01 1.40
N LEU B 6 -8.29 20.01 1.42
CA LEU B 6 -8.29 21.02 2.44
C LEU B 6 -9.35 20.64 3.47
N PRO B 7 -8.92 20.03 4.57
CA PRO B 7 -9.81 19.49 5.58
C PRO B 7 -10.40 20.53 6.55
N GLU B 8 -11.73 20.56 6.63
CA GLU B 8 -12.43 21.46 7.53
C GLU B 8 -12.17 21.05 8.96
N SER B 9 -12.52 19.80 9.28
CA SER B 9 -12.38 19.24 10.61
C SER B 9 -10.91 19.08 10.99
N GLU B 10 -10.03 18.96 9.98
CA GLU B 10 -8.57 18.84 10.16
C GLU B 10 -8.25 17.62 11.04
N LYS B 11 -9.08 16.60 10.89
CA LYS B 11 -9.06 15.41 11.72
C LYS B 11 -7.80 14.61 11.46
N TYR B 12 -7.63 14.21 10.20
CA TYR B 12 -6.51 13.39 9.78
C TYR B 12 -6.56 12.00 10.37
N ASN B 13 -7.21 11.13 9.62
CA ASN B 13 -7.42 9.75 10.01
C ASN B 13 -6.13 9.00 10.14
N PRO B 14 -5.86 8.45 11.32
CA PRO B 14 -4.65 7.69 11.57
C PRO B 14 -4.56 6.45 10.69
N GLY B 15 -5.72 5.89 10.33
CA GLY B 15 -5.79 4.68 9.49
C GLY B 15 -4.86 4.72 8.28
N PRO B 16 -5.14 5.56 7.27
CA PRO B 16 -4.30 5.70 6.10
C PRO B 16 -2.96 6.41 6.43
N GLN B 17 -3.02 7.47 7.25
CA GLN B 17 -1.85 8.29 7.60
C GLN B 17 -0.72 7.44 8.24
N ASP B 18 -1.10 6.58 9.14
CA ASP B 18 -0.16 5.69 9.82
C ASP B 18 0.40 4.70 8.82
N PHE B 19 -0.36 4.41 7.75
CA PHE B 19 0.03 3.38 6.81
C PHE B 19 1.28 3.80 6.11
N LEU B 20 1.30 5.00 5.65
CA LEU B 20 2.45 5.49 4.90
C LEU B 20 3.62 5.70 5.83
N LEU B 21 3.35 6.26 7.01
CA LEU B 21 4.42 6.53 7.99
C LEU B 21 5.23 5.30 8.38
N LYS B 22 4.61 4.14 8.32
CA LYS B 22 5.29 2.92 8.73
C LYS B 22 6.09 2.31 7.58
N MET B 23 6.04 2.95 6.43
CA MET B 23 6.72 2.44 5.28
C MET B 23 8.20 2.88 5.32
N PRO B 24 9.13 2.00 4.92
CA PRO B 24 10.54 2.34 4.83
C PRO B 24 10.77 3.44 3.80
N GLY B 25 11.24 4.58 4.24
CA GLY B 25 11.46 5.66 3.35
C GLY B 25 10.58 6.84 3.71
N VAL B 26 9.58 6.59 4.50
CA VAL B 26 8.63 7.61 4.85
C VAL B 26 8.93 8.20 6.24
N ASN B 27 8.76 9.50 6.32
CA ASN B 27 8.92 10.28 7.54
C ASN B 27 7.74 11.19 7.60
N ALA B 28 7.46 11.77 8.74
CA ALA B 28 6.33 12.67 8.89
C ALA B 28 6.44 13.87 7.96
N LYS B 29 7.67 14.30 7.70
CA LYS B 29 7.92 15.46 6.87
C LYS B 29 7.55 15.18 5.42
N ASN B 30 7.94 14.02 4.97
CA ASN B 30 7.72 13.71 3.62
C ASN B 30 6.35 13.13 3.41
N CYS B 31 5.79 12.57 4.47
CA CYS B 31 4.48 12.00 4.44
C CYS B 31 3.44 13.08 4.39
N ARG B 32 3.67 14.19 5.07
CA ARG B 32 2.72 15.29 5.03
C ARG B 32 2.70 15.90 3.64
N SER B 33 3.88 16.08 3.07
CA SER B 33 3.98 16.57 1.74
C SER B 33 3.40 15.55 0.73
N LEU B 34 3.64 14.28 1.03
CA LEU B 34 3.13 13.18 0.22
C LEU B 34 1.64 13.19 0.26
N MET B 35 1.13 13.40 1.42
CA MET B 35 -0.29 13.39 1.72
C MET B 35 -1.02 14.44 0.93
N HIS B 36 -0.31 15.50 0.60
CA HIS B 36 -0.86 16.52 -0.23
C HIS B 36 -0.50 16.36 -1.70
N HIS B 37 0.38 15.43 -2.01
CA HIS B 37 0.77 15.15 -3.40
C HIS B 37 0.14 13.89 -3.96
N VAL B 38 -0.31 13.03 -3.10
CA VAL B 38 -0.85 11.75 -3.51
C VAL B 38 -2.23 11.54 -2.86
N LYS B 39 -2.99 10.57 -3.33
CA LYS B 39 -4.29 10.29 -2.78
C LYS B 39 -4.18 9.32 -1.61
N ASN B 40 -3.67 8.14 -1.90
CA ASN B 40 -3.37 7.14 -0.93
C ASN B 40 -2.58 6.06 -1.67
N ILE B 41 -2.50 4.88 -1.08
CA ILE B 41 -1.80 3.67 -1.54
C ILE B 41 -1.77 3.52 -3.06
N ALA B 42 -2.94 3.57 -3.69
CA ALA B 42 -3.04 3.36 -5.13
C ALA B 42 -2.14 4.26 -5.93
N GLU B 43 -2.26 5.53 -5.70
CA GLU B 43 -1.50 6.50 -6.44
C GLU B 43 -0.08 6.49 -5.95
N LEU B 44 0.10 6.25 -4.65
CA LEU B 44 1.43 6.20 -4.06
C LEU B 44 2.27 5.11 -4.73
N ALA B 45 1.67 3.96 -4.91
CA ALA B 45 2.31 2.85 -5.52
C ALA B 45 2.38 3.03 -7.02
N ALA B 46 1.54 3.90 -7.53
CA ALA B 46 1.52 4.19 -8.94
C ALA B 46 2.60 5.22 -9.29
N LEU B 47 3.01 5.98 -8.29
CA LEU B 47 4.04 6.97 -8.46
C LEU B 47 5.41 6.34 -8.71
N SER B 48 6.17 6.94 -9.58
CA SER B 48 7.50 6.47 -9.87
C SER B 48 8.46 6.95 -8.77
N GLN B 49 9.66 6.36 -8.71
CA GLN B 49 10.66 6.71 -7.70
C GLN B 49 11.05 8.18 -7.84
N ASP B 50 11.01 8.67 -9.08
CA ASP B 50 11.29 10.09 -9.36
C ASP B 50 10.32 10.98 -8.66
N GLU B 51 9.06 10.58 -8.66
CA GLU B 51 8.00 11.36 -8.07
C GLU B 51 8.18 11.37 -6.58
N LEU B 52 8.57 10.22 -6.04
CA LEU B 52 8.85 10.11 -4.63
C LEU B 52 10.02 11.00 -4.26
N THR B 53 11.04 11.00 -5.09
CA THR B 53 12.22 11.84 -4.86
C THR B 53 11.82 13.33 -4.93
N SER B 54 10.85 13.65 -5.74
CA SER B 54 10.37 15.02 -5.87
C SER B 54 9.61 15.42 -4.58
N ILE B 55 8.75 14.53 -4.12
CA ILE B 55 7.94 14.76 -2.92
C ILE B 55 8.77 14.67 -1.64
N LEU B 56 9.49 13.58 -1.49
CA LEU B 56 10.25 13.34 -0.27
C LEU B 56 11.52 14.17 -0.27
N GLY B 57 12.05 14.38 -1.45
CA GLY B 57 13.23 15.20 -1.63
C GLY B 57 14.52 14.42 -1.54
N ASN B 58 14.43 13.17 -1.16
CA ASN B 58 15.64 12.39 -0.98
C ASN B 58 15.48 11.07 -1.67
N ALA B 59 16.45 10.73 -2.47
CA ALA B 59 16.48 9.48 -3.21
C ALA B 59 16.55 8.30 -2.27
N ALA B 60 17.08 8.52 -1.08
CA ALA B 60 17.19 7.47 -0.08
C ALA B 60 15.82 7.03 0.32
N ASN B 61 14.99 8.00 0.60
CA ASN B 61 13.63 7.75 1.04
C ASN B 61 12.81 7.17 -0.11
N ALA B 62 13.02 7.73 -1.29
CA ALA B 62 12.30 7.34 -2.49
C ALA B 62 12.65 5.94 -2.93
N LYS B 63 13.90 5.57 -2.78
CA LYS B 63 14.36 4.28 -3.24
C LYS B 63 13.88 3.23 -2.30
N GLN B 64 13.93 3.55 -1.01
CA GLN B 64 13.44 2.64 0.03
C GLN B 64 11.98 2.33 -0.18
N LEU B 65 11.22 3.36 -0.47
CA LEU B 65 9.80 3.21 -0.65
C LEU B 65 9.47 2.49 -1.96
N TYR B 66 10.04 2.96 -3.07
CA TYR B 66 9.77 2.38 -4.40
C TYR B 66 10.12 0.90 -4.42
N ASP B 67 11.23 0.56 -3.79
CA ASP B 67 11.73 -0.80 -3.69
C ASP B 67 10.74 -1.65 -2.93
N PHE B 68 10.27 -1.14 -1.80
CA PHE B 68 9.34 -1.87 -0.95
C PHE B 68 8.02 -2.13 -1.70
N ILE B 69 7.52 -1.10 -2.37
CA ILE B 69 6.28 -1.14 -3.18
C ILE B 69 6.32 -2.23 -4.27
N HIS B 70 7.50 -2.47 -4.78
CA HIS B 70 7.69 -3.44 -5.85
C HIS B 70 8.27 -4.79 -5.40
N THR B 71 8.66 -4.90 -4.16
CA THR B 71 9.25 -6.14 -3.68
C THR B 71 8.19 -7.14 -3.28
N SER B 72 7.96 -8.14 -4.12
CA SER B 72 7.02 -9.22 -3.82
C SER B 72 7.31 -9.80 -2.43
N PHE B 73 6.26 -10.24 -1.76
CA PHE B 73 6.33 -10.79 -0.40
C PHE B 73 7.28 -12.01 -0.36
N ALA B 74 7.42 -12.68 -1.50
CA ALA B 74 8.25 -13.86 -1.62
C ALA B 74 9.39 -13.65 -2.61
N GLU B 75 9.58 -12.42 -3.04
CA GLU B 75 10.55 -12.06 -4.10
C GLU B 75 11.98 -12.41 -3.70
N VAL B 76 12.47 -11.73 -2.68
CA VAL B 76 13.85 -11.89 -2.19
C VAL B 76 13.97 -13.23 -1.43
N VAL B 77 12.83 -13.76 -1.13
CA VAL B 77 12.67 -14.98 -0.45
C VAL B 77 13.05 -16.16 -1.38
N SER B 78 12.90 -15.95 -2.64
CA SER B 78 13.42 -16.86 -3.62
C SER B 78 14.90 -16.52 -3.84
N LYS B 79 15.69 -17.48 -4.27
CA LYS B 79 17.10 -17.36 -4.43
C LYS B 79 17.50 -16.30 -5.47
N GLY B 80 17.97 -15.15 -4.99
CA GLY B 80 18.32 -14.05 -5.86
C GLY B 80 19.74 -14.09 -6.34
N LYS B 81 20.26 -15.27 -6.58
CA LYS B 81 21.61 -15.41 -7.08
C LYS B 81 21.58 -15.83 -8.55
N GLY B 82 20.39 -15.90 -9.10
CA GLY B 82 20.22 -16.26 -10.47
C GLY B 82 19.59 -15.13 -11.22
N LYS B 83 19.34 -15.36 -12.52
CA LYS B 83 18.71 -14.37 -13.42
C LYS B 83 19.66 -13.23 -13.80
N LYS B 84 19.53 -12.76 -15.01
CA LYS B 84 20.29 -11.63 -15.50
C LYS B 84 19.37 -10.77 -16.31
N MET A 1 3.39 -13.19 -9.11
CA MET A 1 3.41 -14.65 -9.25
C MET A 1 4.43 -15.06 -10.32
N ASP A 2 5.53 -15.62 -9.85
CA ASP A 2 6.67 -15.97 -10.69
C ASP A 2 7.25 -17.27 -10.14
N SER A 3 8.36 -17.72 -10.64
CA SER A 3 9.06 -18.83 -10.07
C SER A 3 9.73 -18.36 -8.76
N GLU A 4 9.97 -17.05 -8.68
CA GLU A 4 10.58 -16.42 -7.50
C GLU A 4 9.71 -16.59 -6.28
N THR A 5 8.40 -16.45 -6.47
CA THR A 5 7.43 -16.50 -5.38
C THR A 5 7.25 -17.88 -4.79
N LEU A 6 7.87 -18.84 -5.40
CA LEU A 6 7.99 -20.16 -4.86
C LEU A 6 9.21 -20.13 -3.95
N PRO A 7 9.00 -20.04 -2.63
CA PRO A 7 10.07 -19.79 -1.70
C PRO A 7 11.04 -20.94 -1.53
N GLU A 8 12.24 -20.73 -2.01
CA GLU A 8 13.30 -21.72 -1.90
C GLU A 8 13.88 -21.75 -0.50
N SER A 9 14.15 -20.58 0.06
CA SER A 9 14.68 -20.50 1.40
C SER A 9 13.54 -20.47 2.40
N GLU A 10 12.39 -19.98 1.92
CA GLU A 10 11.16 -19.82 2.69
C GLU A 10 11.45 -18.92 3.89
N LYS A 11 12.12 -17.83 3.58
CA LYS A 11 12.48 -16.81 4.52
C LYS A 11 11.23 -16.19 5.08
N TYR A 12 10.41 -15.70 4.15
CA TYR A 12 9.17 -15.02 4.43
C TYR A 12 9.36 -13.71 5.13
N ASN A 13 9.59 -12.70 4.31
CA ASN A 13 9.87 -11.34 4.74
C ASN A 13 8.67 -10.77 5.48
N PRO A 14 8.85 -10.39 6.73
CA PRO A 14 7.76 -9.86 7.56
C PRO A 14 7.23 -8.55 7.03
N GLY A 15 8.12 -7.76 6.42
CA GLY A 15 7.80 -6.43 5.94
C GLY A 15 6.55 -6.39 5.07
N PRO A 16 6.57 -6.96 3.87
CA PRO A 16 5.42 -6.96 2.97
C PRO A 16 4.29 -7.94 3.41
N GLN A 17 4.65 -9.08 4.04
CA GLN A 17 3.64 -10.06 4.48
C GLN A 17 2.76 -9.49 5.58
N ASP A 18 3.40 -8.95 6.61
CA ASP A 18 2.69 -8.33 7.73
C ASP A 18 1.98 -7.09 7.24
N PHE A 19 2.54 -6.48 6.20
CA PHE A 19 2.00 -5.25 5.64
C PHE A 19 0.61 -5.51 5.11
N LEU A 20 0.39 -6.71 4.60
CA LEU A 20 -0.93 -7.13 4.19
C LEU A 20 -1.81 -7.36 5.38
N LEU A 21 -1.30 -8.13 6.32
CA LEU A 21 -2.08 -8.57 7.48
C LEU A 21 -2.56 -7.43 8.36
N LYS A 22 -1.99 -6.27 8.20
CA LYS A 22 -2.36 -5.13 8.98
C LYS A 22 -3.37 -4.27 8.24
N MET A 23 -3.64 -4.63 7.01
CA MET A 23 -4.57 -3.89 6.20
C MET A 23 -5.99 -4.36 6.53
N PRO A 24 -6.97 -3.45 6.57
CA PRO A 24 -8.36 -3.82 6.79
C PRO A 24 -8.92 -4.62 5.61
N GLY A 25 -9.39 -5.82 5.88
CA GLY A 25 -9.93 -6.66 4.84
C GLY A 25 -9.04 -7.86 4.61
N VAL A 26 -7.87 -7.82 5.19
CA VAL A 26 -6.93 -8.89 5.04
C VAL A 26 -6.93 -9.79 6.26
N ASN A 27 -6.82 -11.08 6.00
CA ASN A 27 -6.71 -12.11 7.01
C ASN A 27 -5.62 -13.03 6.53
N ALA A 28 -5.11 -13.87 7.39
CA ALA A 28 -4.01 -14.75 7.05
C ALA A 28 -4.36 -15.70 5.90
N LYS A 29 -5.63 -16.01 5.76
CA LYS A 29 -6.05 -16.94 4.73
C LYS A 29 -6.12 -16.25 3.37
N ASN A 30 -6.58 -15.05 3.37
CA ASN A 30 -6.74 -14.37 2.12
C ASN A 30 -5.42 -13.75 1.70
N CYS A 31 -4.56 -13.56 2.67
CA CYS A 31 -3.21 -13.05 2.48
C CYS A 31 -2.38 -14.06 1.72
N ARG A 32 -2.46 -15.33 2.10
CA ARG A 32 -1.70 -16.36 1.40
C ARG A 32 -2.16 -16.48 -0.02
N SER A 33 -3.47 -16.47 -0.20
CA SER A 33 -4.04 -16.53 -1.51
C SER A 33 -3.71 -15.26 -2.30
N LEU A 34 -3.64 -14.16 -1.60
CA LEU A 34 -3.34 -12.87 -2.20
C LEU A 34 -1.94 -12.89 -2.69
N MET A 35 -1.09 -13.43 -1.87
CA MET A 35 0.32 -13.54 -2.07
C MET A 35 0.60 -14.35 -3.31
N HIS A 36 -0.31 -15.25 -3.61
CA HIS A 36 -0.22 -16.06 -4.81
C HIS A 36 -0.88 -15.40 -6.02
N HIS A 37 -1.74 -14.41 -5.79
CA HIS A 37 -2.43 -13.75 -6.91
C HIS A 37 -1.96 -12.32 -7.16
N VAL A 38 -1.09 -11.82 -6.33
CA VAL A 38 -0.60 -10.46 -6.50
C VAL A 38 0.90 -10.42 -6.18
N LYS A 39 1.61 -9.48 -6.79
CA LYS A 39 3.05 -9.36 -6.57
C LYS A 39 3.33 -8.77 -5.22
N ASN A 40 2.89 -7.55 -5.04
CA ASN A 40 3.04 -6.81 -3.83
C ASN A 40 2.12 -5.61 -3.94
N ILE A 41 2.24 -4.70 -2.98
CA ILE A 41 1.56 -3.41 -2.86
C ILE A 41 1.15 -2.80 -4.20
N ALA A 42 2.12 -2.61 -5.11
CA ALA A 42 1.83 -1.99 -6.41
C ALA A 42 0.70 -2.66 -7.17
N GLU A 43 0.79 -3.97 -7.34
CA GLU A 43 -0.20 -4.70 -8.10
C GLU A 43 -1.48 -4.80 -7.29
N LEU A 44 -1.35 -4.88 -5.98
CA LEU A 44 -2.48 -4.93 -5.06
C LEU A 44 -3.31 -3.66 -5.16
N ALA A 45 -2.67 -2.54 -5.28
CA ALA A 45 -3.35 -1.29 -5.38
C ALA A 45 -3.76 -1.01 -6.82
N ALA A 46 -3.19 -1.77 -7.73
CA ALA A 46 -3.47 -1.64 -9.15
C ALA A 46 -4.66 -2.48 -9.54
N LEU A 47 -4.91 -3.54 -8.80
CA LEU A 47 -6.01 -4.42 -9.10
C LEU A 47 -7.39 -3.80 -8.76
N SER A 48 -8.46 -4.43 -9.17
CA SER A 48 -9.80 -3.94 -8.91
C SER A 48 -10.43 -4.69 -7.73
N GLN A 49 -11.51 -4.15 -7.18
CA GLN A 49 -12.20 -4.75 -6.04
C GLN A 49 -12.78 -6.11 -6.43
N ASP A 50 -13.15 -6.25 -7.70
CA ASP A 50 -13.69 -7.51 -8.24
C ASP A 50 -12.65 -8.61 -8.09
N GLU A 51 -11.39 -8.24 -8.27
CA GLU A 51 -10.27 -9.14 -8.19
C GLU A 51 -10.09 -9.59 -6.76
N LEU A 52 -10.30 -8.68 -5.83
CA LEU A 52 -10.16 -8.99 -4.43
C LEU A 52 -11.21 -9.98 -3.99
N THR A 53 -12.43 -9.84 -4.48
CA THR A 53 -13.47 -10.79 -4.13
C THR A 53 -13.10 -12.18 -4.70
N SER A 54 -12.41 -12.18 -5.82
CA SER A 54 -11.97 -13.41 -6.47
C SER A 54 -10.88 -14.10 -5.63
N ILE A 55 -10.02 -13.30 -5.04
CA ILE A 55 -8.89 -13.80 -4.25
C ILE A 55 -9.31 -14.14 -2.81
N LEU A 56 -9.90 -13.18 -2.14
CA LEU A 56 -10.22 -13.29 -0.74
C LEU A 56 -11.45 -14.17 -0.58
N GLY A 57 -12.34 -14.10 -1.54
CA GLY A 57 -13.53 -14.90 -1.55
C GLY A 57 -14.71 -14.22 -0.92
N ASN A 58 -14.48 -13.09 -0.26
CA ASN A 58 -15.57 -12.40 0.43
C ASN A 58 -15.62 -10.99 -0.04
N ALA A 59 -16.82 -10.51 -0.28
CA ALA A 59 -17.03 -9.16 -0.75
C ALA A 59 -16.67 -8.15 0.31
N ALA A 60 -16.81 -8.56 1.59
CA ALA A 60 -16.51 -7.67 2.70
C ALA A 60 -15.07 -7.32 2.65
N ASN A 61 -14.24 -8.34 2.69
CA ASN A 61 -12.81 -8.19 2.73
C ASN A 61 -12.32 -7.43 1.53
N ALA A 62 -12.94 -7.69 0.39
CA ALA A 62 -12.60 -7.05 -0.85
C ALA A 62 -12.93 -5.58 -0.82
N LYS A 63 -14.05 -5.24 -0.24
CA LYS A 63 -14.49 -3.89 -0.20
C LYS A 63 -13.68 -3.12 0.81
N GLN A 64 -13.49 -3.74 1.95
CA GLN A 64 -12.75 -3.17 3.07
C GLN A 64 -11.34 -2.77 2.64
N LEU A 65 -10.71 -3.65 1.91
CA LEU A 65 -9.38 -3.42 1.43
C LEU A 65 -9.34 -2.38 0.30
N TYR A 66 -10.16 -2.59 -0.74
CA TYR A 66 -10.16 -1.69 -1.90
C TYR A 66 -10.52 -0.26 -1.50
N ASP A 67 -11.47 -0.15 -0.58
CA ASP A 67 -11.94 1.13 -0.07
C ASP A 67 -10.81 1.83 0.63
N PHE A 68 -10.05 1.08 1.44
CA PHE A 68 -8.91 1.65 2.16
C PHE A 68 -7.87 2.18 1.17
N ILE A 69 -7.52 1.34 0.18
CA ILE A 69 -6.55 1.65 -0.90
C ILE A 69 -6.87 2.97 -1.62
N HIS A 70 -8.16 3.27 -1.69
CA HIS A 70 -8.63 4.48 -2.35
C HIS A 70 -9.19 5.54 -1.41
N THR A 71 -8.97 5.44 -0.15
CA THR A 71 -9.44 6.47 0.77
C THR A 71 -8.28 7.36 1.17
N SER A 72 -8.22 8.57 0.59
CA SER A 72 -7.14 9.50 0.87
C SER A 72 -6.98 9.77 2.37
N PHE A 73 -5.74 10.04 2.73
CA PHE A 73 -5.34 10.31 4.12
C PHE A 73 -6.10 11.55 4.63
N ALA A 74 -6.50 12.40 3.69
CA ALA A 74 -7.21 13.60 4.00
C ALA A 74 -8.57 13.67 3.28
N GLU A 75 -9.17 12.51 3.02
CA GLU A 75 -10.49 12.50 2.37
C GLU A 75 -11.62 12.53 3.38
N VAL A 76 -11.63 11.59 4.30
CA VAL A 76 -12.74 11.46 5.28
C VAL A 76 -12.78 12.67 6.23
N VAL A 77 -11.63 13.30 6.40
CA VAL A 77 -11.44 14.41 7.22
C VAL A 77 -12.14 15.71 6.64
N SER A 78 -12.66 15.60 5.42
CA SER A 78 -13.46 16.68 4.84
C SER A 78 -14.73 16.83 5.65
N LYS A 79 -15.22 18.03 5.78
CA LYS A 79 -16.36 18.21 6.63
C LYS A 79 -17.20 19.37 6.15
N GLY A 80 -18.05 19.10 5.20
CA GLY A 80 -18.96 20.11 4.69
C GLY A 80 -20.37 19.82 5.14
N LYS A 81 -20.54 18.67 5.76
CA LYS A 81 -21.83 18.23 6.25
C LYS A 81 -22.07 18.70 7.69
N GLY A 82 -21.07 19.33 8.26
CA GLY A 82 -21.15 19.70 9.65
C GLY A 82 -20.74 18.53 10.50
N LYS A 83 -21.19 18.52 11.76
CA LYS A 83 -20.90 17.44 12.72
C LYS A 83 -19.43 17.40 13.13
N LYS A 84 -19.13 16.58 14.10
CA LYS A 84 -17.81 16.46 14.62
C LYS A 84 -17.30 15.07 14.41
N MET B 1 -11.37 18.63 -5.48
CA MET B 1 -12.20 18.41 -4.30
C MET B 1 -11.53 17.44 -3.35
N ASP B 2 -10.78 18.02 -2.42
CA ASP B 2 -9.98 17.32 -1.40
C ASP B 2 -8.71 16.78 -1.96
N SER B 3 -8.52 17.15 -3.18
CA SER B 3 -7.30 16.95 -3.91
C SER B 3 -6.31 17.97 -3.35
N GLU B 4 -6.91 19.00 -2.79
CA GLU B 4 -6.30 20.17 -2.20
C GLU B 4 -5.62 19.77 -0.92
N THR B 5 -6.21 18.79 -0.29
CA THR B 5 -5.84 18.29 0.98
C THR B 5 -5.74 19.35 2.05
N LEU B 6 -6.87 19.83 2.37
CA LEU B 6 -7.10 20.85 3.34
C LEU B 6 -8.33 20.43 4.12
N PRO B 7 -8.12 19.82 5.27
CA PRO B 7 -9.21 19.26 6.05
C PRO B 7 -10.05 20.29 6.79
N GLU B 8 -11.34 20.26 6.54
CA GLU B 8 -12.25 21.13 7.24
C GLU B 8 -12.38 20.70 8.70
N SER B 9 -12.22 19.41 8.96
CA SER B 9 -12.29 18.89 10.30
C SER B 9 -10.92 18.99 11.00
N GLU B 10 -9.84 18.98 10.18
CA GLU B 10 -8.43 19.02 10.67
C GLU B 10 -8.18 17.91 11.74
N LYS B 11 -8.69 16.75 11.45
CA LYS B 11 -8.59 15.62 12.34
C LYS B 11 -7.37 14.77 12.00
N TYR B 12 -7.24 14.43 10.70
CA TYR B 12 -6.17 13.57 10.21
C TYR B 12 -6.37 12.16 10.69
N ASN B 13 -7.01 11.39 9.87
CA ASN B 13 -7.39 10.03 10.18
C ASN B 13 -6.15 9.13 10.19
N PRO B 14 -5.83 8.56 11.36
CA PRO B 14 -4.61 7.79 11.58
C PRO B 14 -4.48 6.58 10.67
N GLY B 15 -5.59 5.93 10.37
CA GLY B 15 -5.59 4.69 9.56
C GLY B 15 -4.68 4.74 8.33
N PRO B 16 -5.03 5.53 7.32
CA PRO B 16 -4.21 5.66 6.11
C PRO B 16 -2.90 6.52 6.35
N GLN B 17 -2.99 7.50 7.25
CA GLN B 17 -1.87 8.43 7.53
C GLN B 17 -0.69 7.65 8.14
N ASP B 18 -0.99 6.93 9.18
CA ASP B 18 -0.04 6.08 9.89
C ASP B 18 0.47 4.97 9.00
N PHE B 19 -0.38 4.59 8.03
CA PHE B 19 -0.04 3.55 7.08
C PHE B 19 1.17 3.97 6.26
N LEU B 20 1.24 5.26 5.96
CA LEU B 20 2.40 5.82 5.28
C LEU B 20 3.60 5.82 6.19
N LEU B 21 3.43 6.36 7.38
CA LEU B 21 4.52 6.56 8.34
C LEU B 21 5.25 5.27 8.74
N LYS B 22 4.61 4.15 8.55
CA LYS B 22 5.21 2.87 8.89
C LYS B 22 5.99 2.29 7.70
N MET B 23 5.91 2.95 6.58
CA MET B 23 6.59 2.49 5.39
C MET B 23 8.04 2.97 5.42
N PRO B 24 9.00 2.12 5.02
CA PRO B 24 10.41 2.51 4.95
C PRO B 24 10.63 3.58 3.87
N GLY B 25 11.19 4.70 4.27
CA GLY B 25 11.40 5.78 3.37
C GLY B 25 10.55 6.96 3.77
N VAL B 26 9.51 6.68 4.51
CA VAL B 26 8.56 7.69 4.89
C VAL B 26 8.90 8.26 6.27
N ASN B 27 8.77 9.55 6.36
CA ASN B 27 8.96 10.32 7.58
C ASN B 27 7.80 11.27 7.64
N ALA B 28 7.50 11.83 8.78
CA ALA B 28 6.34 12.72 8.94
C ALA B 28 6.42 13.93 8.01
N LYS B 29 7.63 14.33 7.69
CA LYS B 29 7.85 15.49 6.85
C LYS B 29 7.49 15.19 5.38
N ASN B 30 7.92 14.04 4.94
CA ASN B 30 7.72 13.72 3.57
C ASN B 30 6.33 13.13 3.36
N CYS B 31 5.76 12.68 4.45
CA CYS B 31 4.42 12.12 4.48
C CYS B 31 3.40 13.21 4.29
N ARG B 32 3.62 14.37 4.88
CA ARG B 32 2.69 15.48 4.72
C ARG B 32 2.75 15.98 3.28
N SER B 33 3.95 16.11 2.77
CA SER B 33 4.13 16.50 1.39
C SER B 33 3.50 15.44 0.46
N LEU B 34 3.68 14.18 0.84
CA LEU B 34 3.16 13.05 0.09
C LEU B 34 1.67 13.09 0.09
N MET B 35 1.13 13.44 1.21
CA MET B 35 -0.29 13.51 1.48
C MET B 35 -0.95 14.50 0.56
N HIS B 36 -0.20 15.51 0.17
CA HIS B 36 -0.68 16.49 -0.78
C HIS B 36 -0.47 16.04 -2.22
N HIS B 37 0.49 15.15 -2.47
CA HIS B 37 0.79 14.74 -3.85
C HIS B 37 0.24 13.35 -4.19
N VAL B 38 -0.25 12.66 -3.20
CA VAL B 38 -0.71 11.28 -3.35
C VAL B 38 -2.05 11.13 -2.65
N LYS B 39 -3.00 10.49 -3.32
CA LYS B 39 -4.31 10.22 -2.76
C LYS B 39 -4.22 9.25 -1.58
N ASN B 40 -3.89 8.02 -1.89
CA ASN B 40 -3.71 6.99 -0.92
C ASN B 40 -2.78 5.95 -1.57
N ILE B 41 -2.73 4.75 -1.03
CA ILE B 41 -1.87 3.63 -1.45
C ILE B 41 -1.80 3.50 -2.97
N ALA B 42 -2.97 3.52 -3.62
CA ALA B 42 -3.04 3.36 -5.09
C ALA B 42 -2.13 4.32 -5.85
N GLU B 43 -2.24 5.60 -5.55
CA GLU B 43 -1.42 6.62 -6.21
C GLU B 43 0.03 6.49 -5.80
N LEU B 44 0.25 6.13 -4.56
CA LEU B 44 1.60 5.96 -4.04
C LEU B 44 2.33 4.89 -4.80
N ALA B 45 1.67 3.77 -5.00
CA ALA B 45 2.25 2.67 -5.68
C ALA B 45 2.20 2.85 -7.19
N ALA B 46 1.43 3.82 -7.62
CA ALA B 46 1.32 4.13 -9.03
C ALA B 46 2.38 5.13 -9.44
N LEU B 47 2.89 5.86 -8.47
CA LEU B 47 3.93 6.80 -8.74
C LEU B 47 5.27 6.10 -8.83
N SER B 48 6.20 6.71 -9.54
CA SER B 48 7.52 6.17 -9.68
C SER B 48 8.47 6.77 -8.61
N GLN B 49 9.71 6.29 -8.55
CA GLN B 49 10.69 6.75 -7.57
C GLN B 49 11.05 8.18 -7.87
N ASP B 50 10.96 8.55 -9.14
CA ASP B 50 11.23 9.92 -9.59
C ASP B 50 10.27 10.88 -8.92
N GLU B 51 9.02 10.46 -8.81
CA GLU B 51 7.98 11.22 -8.19
C GLU B 51 8.25 11.32 -6.71
N LEU B 52 8.65 10.20 -6.13
CA LEU B 52 8.93 10.15 -4.71
C LEU B 52 10.10 11.06 -4.34
N THR B 53 11.14 11.05 -5.15
CA THR B 53 12.29 11.90 -4.90
C THR B 53 11.89 13.38 -4.99
N SER B 54 10.94 13.67 -5.84
CA SER B 54 10.45 15.00 -6.01
C SER B 54 9.61 15.45 -4.80
N ILE B 55 8.89 14.51 -4.20
CA ILE B 55 8.05 14.79 -3.06
C ILE B 55 8.86 14.80 -1.77
N LEU B 56 9.59 13.72 -1.54
CA LEU B 56 10.31 13.53 -0.31
C LEU B 56 11.56 14.40 -0.30
N GLY B 57 12.13 14.56 -1.47
CA GLY B 57 13.31 15.39 -1.65
C GLY B 57 14.60 14.65 -1.45
N ASN B 58 14.52 13.36 -1.21
CA ASN B 58 15.73 12.57 -1.02
C ASN B 58 15.54 11.27 -1.73
N ALA B 59 16.52 10.92 -2.55
CA ALA B 59 16.49 9.68 -3.31
C ALA B 59 16.54 8.47 -2.39
N ALA B 60 17.10 8.65 -1.20
CA ALA B 60 17.22 7.59 -0.22
C ALA B 60 15.83 7.13 0.20
N ASN B 61 15.03 8.10 0.62
CA ASN B 61 13.68 7.87 1.09
C ASN B 61 12.86 7.30 -0.05
N ALA B 62 13.04 7.90 -1.22
CA ALA B 62 12.29 7.54 -2.41
C ALA B 62 12.59 6.11 -2.83
N LYS B 63 13.86 5.75 -2.79
CA LYS B 63 14.31 4.44 -3.18
C LYS B 63 13.81 3.41 -2.20
N GLN B 64 13.90 3.73 -0.91
CA GLN B 64 13.45 2.81 0.12
C GLN B 64 11.98 2.47 -0.03
N LEU B 65 11.19 3.48 -0.30
CA LEU B 65 9.78 3.31 -0.46
C LEU B 65 9.47 2.58 -1.76
N TYR B 66 10.07 3.04 -2.86
CA TYR B 66 9.88 2.44 -4.20
C TYR B 66 10.19 0.94 -4.19
N ASP B 67 11.29 0.61 -3.54
CA ASP B 67 11.74 -0.76 -3.40
C ASP B 67 10.72 -1.57 -2.61
N PHE B 68 10.23 -1.00 -1.54
CA PHE B 68 9.26 -1.66 -0.69
C PHE B 68 7.95 -1.91 -1.45
N ILE B 69 7.55 -0.94 -2.28
CA ILE B 69 6.35 -1.00 -3.11
C ILE B 69 6.41 -2.16 -4.13
N HIS B 70 7.61 -2.43 -4.63
CA HIS B 70 7.78 -3.44 -5.71
C HIS B 70 8.40 -4.77 -5.26
N THR B 71 8.64 -4.94 -3.99
CA THR B 71 9.22 -6.19 -3.52
C THR B 71 8.12 -7.21 -3.20
N SER B 72 7.98 -8.23 -4.05
CA SER B 72 6.98 -9.26 -3.83
C SER B 72 7.25 -9.97 -2.50
N PHE B 73 6.17 -10.30 -1.80
CA PHE B 73 6.20 -10.90 -0.45
C PHE B 73 7.09 -12.14 -0.42
N ALA B 74 7.10 -12.87 -1.50
CA ALA B 74 7.83 -14.10 -1.58
C ALA B 74 8.92 -14.04 -2.67
N GLU B 75 9.41 -12.87 -3.00
CA GLU B 75 10.50 -12.77 -4.00
C GLU B 75 11.87 -12.97 -3.36
N VAL B 76 12.16 -12.18 -2.35
CA VAL B 76 13.48 -12.16 -1.69
C VAL B 76 13.68 -13.42 -0.85
N VAL B 77 12.59 -14.06 -0.51
CA VAL B 77 12.56 -15.18 0.30
C VAL B 77 13.13 -16.43 -0.40
N SER B 78 13.34 -16.32 -1.67
CA SER B 78 13.94 -17.35 -2.43
C SER B 78 15.33 -16.95 -2.81
N LYS B 79 16.28 -17.62 -2.25
CA LYS B 79 17.67 -17.35 -2.56
C LYS B 79 18.10 -18.22 -3.71
N GLY B 80 17.96 -19.48 -3.52
CA GLY B 80 18.41 -20.42 -4.46
C GLY B 80 19.46 -21.26 -3.81
N LYS B 81 19.47 -22.50 -4.14
CA LYS B 81 20.38 -23.42 -3.52
C LYS B 81 21.50 -23.84 -4.46
N GLY B 82 21.68 -23.10 -5.54
CA GLY B 82 22.73 -23.43 -6.52
C GLY B 82 22.26 -24.50 -7.47
N LYS B 83 21.77 -25.57 -6.89
CA LYS B 83 21.16 -26.68 -7.61
C LYS B 83 19.71 -26.37 -8.00
N LYS B 84 19.37 -25.11 -7.82
CA LYS B 84 18.17 -24.46 -8.25
C LYS B 84 18.38 -23.01 -7.96
N MET A 1 2.68 -10.94 -12.38
CA MET A 1 3.23 -11.81 -11.34
C MET A 1 4.10 -12.84 -12.03
N ASP A 2 5.25 -13.12 -11.46
CA ASP A 2 6.21 -14.03 -12.09
C ASP A 2 6.90 -14.85 -11.05
N SER A 3 7.97 -15.53 -11.47
CA SER A 3 8.79 -16.35 -10.59
C SER A 3 9.37 -15.54 -9.42
N GLU A 4 9.44 -14.23 -9.61
CA GLU A 4 9.88 -13.28 -8.60
C GLU A 4 9.04 -13.42 -7.31
N THR A 5 7.76 -13.68 -7.50
CA THR A 5 6.83 -13.82 -6.42
C THR A 5 6.78 -15.28 -5.96
N LEU A 6 7.32 -16.17 -6.78
CA LEU A 6 7.28 -17.59 -6.51
C LEU A 6 8.47 -18.00 -5.67
N PRO A 7 8.24 -18.21 -4.38
CA PRO A 7 9.29 -18.42 -3.41
C PRO A 7 10.02 -19.75 -3.56
N GLU A 8 11.29 -19.66 -3.88
CA GLU A 8 12.14 -20.84 -3.98
C GLU A 8 12.56 -21.28 -2.58
N SER A 9 12.88 -20.31 -1.76
CA SER A 9 13.26 -20.58 -0.38
C SER A 9 12.00 -20.74 0.51
N GLU A 10 10.94 -20.03 0.13
CA GLU A 10 9.66 -19.99 0.85
C GLU A 10 9.81 -19.68 2.34
N LYS A 11 10.29 -18.51 2.60
CA LYS A 11 10.36 -17.98 3.92
C LYS A 11 9.24 -17.00 4.12
N TYR A 12 8.98 -16.18 3.07
CA TYR A 12 8.05 -15.07 3.13
C TYR A 12 8.58 -13.99 4.02
N ASN A 13 9.16 -12.98 3.40
CA ASN A 13 9.67 -11.80 4.10
C ASN A 13 8.54 -11.20 4.94
N PRO A 14 8.73 -11.13 6.27
CA PRO A 14 7.69 -10.70 7.21
C PRO A 14 7.19 -9.29 6.98
N GLY A 15 8.05 -8.42 6.46
CA GLY A 15 7.70 -7.01 6.23
C GLY A 15 6.43 -6.84 5.41
N PRO A 16 6.47 -7.17 4.12
CA PRO A 16 5.32 -7.03 3.22
C PRO A 16 4.18 -8.03 3.58
N GLN A 17 4.56 -9.21 4.10
CA GLN A 17 3.60 -10.25 4.53
C GLN A 17 2.69 -9.69 5.64
N ASP A 18 3.33 -9.20 6.68
CA ASP A 18 2.65 -8.62 7.83
C ASP A 18 1.93 -7.35 7.42
N PHE A 19 2.45 -6.70 6.38
CA PHE A 19 1.88 -5.47 5.88
C PHE A 19 0.46 -5.72 5.39
N LEU A 20 0.25 -6.90 4.82
CA LEU A 20 -1.05 -7.31 4.35
C LEU A 20 -1.96 -7.59 5.51
N LEU A 21 -1.48 -8.43 6.42
CA LEU A 21 -2.31 -8.91 7.55
C LEU A 21 -2.88 -7.79 8.44
N LYS A 22 -2.30 -6.60 8.36
CA LYS A 22 -2.76 -5.48 9.16
C LYS A 22 -3.72 -4.60 8.37
N MET A 23 -4.02 -4.99 7.16
CA MET A 23 -4.93 -4.23 6.34
C MET A 23 -6.36 -4.71 6.62
N PRO A 24 -7.35 -3.81 6.60
CA PRO A 24 -8.75 -4.21 6.80
C PRO A 24 -9.26 -5.05 5.62
N GLY A 25 -9.75 -6.24 5.92
CA GLY A 25 -10.24 -7.11 4.88
C GLY A 25 -9.35 -8.33 4.74
N VAL A 26 -8.14 -8.21 5.24
CA VAL A 26 -7.17 -9.26 5.11
C VAL A 26 -7.20 -10.23 6.29
N ASN A 27 -7.12 -11.48 5.94
CA ASN A 27 -7.06 -12.59 6.88
C ASN A 27 -5.94 -13.46 6.38
N ALA A 28 -5.39 -14.31 7.22
CA ALA A 28 -4.27 -15.17 6.82
C ALA A 28 -4.61 -16.07 5.63
N LYS A 29 -5.89 -16.43 5.51
CA LYS A 29 -6.30 -17.33 4.44
C LYS A 29 -6.35 -16.60 3.11
N ASN A 30 -6.79 -15.38 3.13
CA ASN A 30 -6.90 -14.67 1.91
C ASN A 30 -5.59 -14.03 1.57
N CYS A 31 -4.74 -13.90 2.56
CA CYS A 31 -3.41 -13.38 2.43
C CYS A 31 -2.53 -14.37 1.66
N ARG A 32 -2.62 -15.66 2.02
CA ARG A 32 -1.85 -16.70 1.28
C ARG A 32 -2.32 -16.79 -0.16
N SER A 33 -3.61 -16.69 -0.31
CA SER A 33 -4.22 -16.67 -1.62
C SER A 33 -3.77 -15.43 -2.39
N LEU A 34 -3.67 -14.34 -1.66
CA LEU A 34 -3.28 -13.07 -2.20
C LEU A 34 -1.85 -13.15 -2.67
N MET A 35 -1.02 -13.86 -1.90
CA MET A 35 0.42 -14.05 -2.26
C MET A 35 0.51 -14.63 -3.63
N HIS A 36 -0.36 -15.56 -3.88
CA HIS A 36 -0.40 -16.24 -5.16
C HIS A 36 -1.14 -15.46 -6.23
N HIS A 37 -1.85 -14.42 -5.86
CA HIS A 37 -2.57 -13.64 -6.86
C HIS A 37 -2.06 -12.21 -7.02
N VAL A 38 -1.11 -11.81 -6.23
CA VAL A 38 -0.60 -10.46 -6.33
C VAL A 38 0.89 -10.46 -6.07
N LYS A 39 1.57 -9.41 -6.50
CA LYS A 39 3.00 -9.32 -6.31
C LYS A 39 3.31 -8.71 -4.95
N ASN A 40 2.85 -7.50 -4.78
CA ASN A 40 2.96 -6.77 -3.55
C ASN A 40 2.01 -5.57 -3.68
N ILE A 41 2.06 -4.68 -2.70
CA ILE A 41 1.31 -3.41 -2.57
C ILE A 41 0.90 -2.80 -3.91
N ALA A 42 1.88 -2.57 -4.79
CA ALA A 42 1.64 -1.96 -6.11
C ALA A 42 0.56 -2.66 -6.92
N GLU A 43 0.68 -3.95 -7.05
CA GLU A 43 -0.27 -4.72 -7.83
C GLU A 43 -1.56 -4.84 -7.06
N LEU A 44 -1.46 -4.91 -5.74
CA LEU A 44 -2.62 -5.00 -4.85
C LEU A 44 -3.51 -3.77 -5.02
N ALA A 45 -2.88 -2.63 -5.08
CA ALA A 45 -3.57 -1.39 -5.23
C ALA A 45 -3.94 -1.13 -6.69
N ALA A 46 -3.33 -1.91 -7.58
CA ALA A 46 -3.62 -1.82 -9.00
C ALA A 46 -4.77 -2.74 -9.36
N LEU A 47 -5.02 -3.71 -8.51
CA LEU A 47 -6.10 -4.63 -8.73
C LEU A 47 -7.45 -3.98 -8.41
N SER A 48 -8.47 -4.38 -9.12
CA SER A 48 -9.81 -3.89 -8.88
C SER A 48 -10.39 -4.62 -7.65
N GLN A 49 -11.49 -4.11 -7.12
CA GLN A 49 -12.17 -4.73 -5.99
C GLN A 49 -12.63 -6.11 -6.37
N ASP A 50 -13.06 -6.24 -7.61
CA ASP A 50 -13.60 -7.49 -8.17
C ASP A 50 -12.56 -8.59 -8.05
N GLU A 51 -11.32 -8.21 -8.28
CA GLU A 51 -10.20 -9.11 -8.22
C GLU A 51 -10.00 -9.57 -6.79
N LEU A 52 -10.21 -8.66 -5.87
CA LEU A 52 -10.08 -8.96 -4.45
C LEU A 52 -11.18 -9.91 -4.03
N THR A 53 -12.39 -9.71 -4.55
CA THR A 53 -13.51 -10.59 -4.26
C THR A 53 -13.18 -12.00 -4.74
N SER A 54 -12.49 -12.09 -5.84
CA SER A 54 -12.11 -13.32 -6.40
C SER A 54 -10.97 -14.00 -5.60
N ILE A 55 -10.04 -13.20 -5.09
CA ILE A 55 -8.90 -13.72 -4.33
C ILE A 55 -9.31 -14.11 -2.92
N LEU A 56 -9.96 -13.19 -2.27
CA LEU A 56 -10.33 -13.36 -0.88
C LEU A 56 -11.56 -14.24 -0.80
N GLY A 57 -12.38 -14.16 -1.83
CA GLY A 57 -13.56 -14.96 -1.94
C GLY A 57 -14.76 -14.36 -1.27
N ASN A 58 -14.60 -13.16 -0.73
CA ASN A 58 -15.71 -12.51 -0.05
C ASN A 58 -15.69 -11.05 -0.40
N ALA A 59 -16.84 -10.54 -0.77
CA ALA A 59 -16.98 -9.13 -1.15
C ALA A 59 -16.77 -8.22 0.05
N ALA A 60 -17.01 -8.73 1.23
CA ALA A 60 -16.84 -7.97 2.47
C ALA A 60 -15.40 -7.60 2.63
N ASN A 61 -14.56 -8.61 2.54
CA ASN A 61 -13.12 -8.44 2.68
C ASN A 61 -12.59 -7.56 1.56
N ALA A 62 -13.10 -7.82 0.35
CA ALA A 62 -12.70 -7.13 -0.87
C ALA A 62 -13.03 -5.67 -0.79
N LYS A 63 -14.20 -5.35 -0.26
CA LYS A 63 -14.61 -3.99 -0.15
C LYS A 63 -13.81 -3.28 0.90
N GLN A 64 -13.60 -3.95 2.03
CA GLN A 64 -12.83 -3.36 3.12
C GLN A 64 -11.42 -3.01 2.69
N LEU A 65 -10.82 -3.89 1.92
CA LEU A 65 -9.49 -3.70 1.44
C LEU A 65 -9.45 -2.63 0.35
N TYR A 66 -10.33 -2.75 -0.66
CA TYR A 66 -10.37 -1.78 -1.76
C TYR A 66 -10.63 -0.36 -1.24
N ASP A 67 -11.52 -0.29 -0.27
CA ASP A 67 -11.89 0.96 0.41
C ASP A 67 -10.67 1.62 1.03
N PHE A 68 -9.89 0.84 1.74
CA PHE A 68 -8.72 1.33 2.42
C PHE A 68 -7.65 1.80 1.42
N ILE A 69 -7.51 1.05 0.34
CA ILE A 69 -6.55 1.36 -0.74
C ILE A 69 -6.89 2.68 -1.46
N HIS A 70 -8.18 2.97 -1.52
CA HIS A 70 -8.67 4.15 -2.23
C HIS A 70 -9.12 5.31 -1.32
N THR A 71 -8.99 5.15 -0.02
CA THR A 71 -9.34 6.25 0.89
C THR A 71 -8.14 7.16 1.12
N SER A 72 -8.09 8.28 0.39
CA SER A 72 -7.05 9.28 0.53
C SER A 72 -6.91 9.70 1.99
N PHE A 73 -5.73 10.13 2.35
CA PHE A 73 -5.38 10.48 3.74
C PHE A 73 -6.22 11.67 4.27
N ALA A 74 -6.99 12.25 3.38
CA ALA A 74 -7.82 13.38 3.66
C ALA A 74 -9.08 13.22 2.91
N GLU A 75 -9.41 12.02 2.57
CA GLU A 75 -10.53 11.80 1.74
C GLU A 75 -11.83 12.02 2.48
N VAL A 76 -12.20 11.07 3.35
CA VAL A 76 -13.43 11.19 4.13
C VAL A 76 -13.19 12.23 5.26
N VAL A 77 -11.92 12.50 5.43
CA VAL A 77 -11.40 13.44 6.29
C VAL A 77 -11.69 14.88 5.77
N SER A 78 -11.14 15.30 4.64
CA SER A 78 -11.26 16.72 4.23
C SER A 78 -12.65 17.14 3.79
N LYS A 79 -13.01 18.35 4.15
CA LYS A 79 -14.30 18.89 3.88
C LYS A 79 -14.29 19.45 2.47
N GLY A 80 -14.86 18.69 1.58
CA GLY A 80 -14.88 19.04 0.19
C GLY A 80 -14.64 17.81 -0.63
N LYS A 81 -13.85 16.92 -0.07
CA LYS A 81 -13.58 15.65 -0.68
C LYS A 81 -14.48 14.61 -0.05
N GLY A 82 -14.59 14.68 1.26
CA GLY A 82 -15.40 13.76 1.99
C GLY A 82 -16.86 14.07 1.85
N LYS A 83 -17.61 13.09 1.48
CA LYS A 83 -19.03 13.24 1.32
C LYS A 83 -19.70 13.11 2.68
N LYS A 84 -20.19 14.19 3.19
CA LYS A 84 -20.90 14.17 4.43
C LYS A 84 -22.36 14.36 4.10
N MET B 1 -10.15 19.48 13.20
CA MET B 1 -9.24 20.22 14.10
C MET B 1 -10.12 20.89 15.12
N ASP B 2 -11.12 20.17 15.57
CA ASP B 2 -12.20 20.74 16.33
C ASP B 2 -13.16 19.62 16.68
N SER B 3 -14.36 19.97 17.10
CA SER B 3 -15.37 19.01 17.50
C SER B 3 -15.92 18.21 16.31
N GLU B 4 -15.82 18.75 15.10
CA GLU B 4 -16.24 18.00 13.91
C GLU B 4 -15.17 17.02 13.55
N THR B 5 -13.94 17.44 13.81
CA THR B 5 -12.68 16.77 13.59
C THR B 5 -12.19 16.92 12.18
N LEU B 6 -13.14 16.90 11.32
CA LEU B 6 -13.01 16.99 9.89
C LEU B 6 -12.01 18.05 9.43
N PRO B 7 -11.00 17.63 8.69
CA PRO B 7 -10.14 18.50 7.96
C PRO B 7 -10.94 19.22 6.94
N GLU B 8 -10.53 20.35 6.57
CA GLU B 8 -11.08 20.91 5.39
C GLU B 8 -10.16 20.48 4.30
N SER B 9 -8.92 20.18 4.71
CA SER B 9 -7.92 19.68 3.84
C SER B 9 -6.75 18.98 4.61
N GLU B 10 -6.75 19.01 5.99
CA GLU B 10 -5.62 18.43 6.70
C GLU B 10 -5.84 18.11 8.22
N LYS B 11 -6.60 17.03 8.54
CA LYS B 11 -6.49 16.45 9.87
C LYS B 11 -5.67 15.23 9.68
N TYR B 12 -6.22 14.42 8.74
CA TYR B 12 -5.69 13.18 8.34
C TYR B 12 -5.93 12.12 9.39
N ASN B 13 -6.76 11.21 9.04
CA ASN B 13 -7.05 10.08 9.86
C ASN B 13 -5.86 9.15 9.92
N PRO B 14 -5.56 8.63 11.12
CA PRO B 14 -4.37 7.82 11.37
C PRO B 14 -4.25 6.60 10.46
N GLY B 15 -5.38 6.03 10.06
CA GLY B 15 -5.40 4.80 9.24
C GLY B 15 -4.39 4.81 8.06
N PRO B 16 -4.66 5.58 7.01
CA PRO B 16 -3.76 5.66 5.86
C PRO B 16 -2.47 6.51 6.16
N GLN B 17 -2.57 7.50 7.05
CA GLN B 17 -1.44 8.39 7.35
C GLN B 17 -0.33 7.63 8.07
N ASP B 18 -0.70 6.89 9.09
CA ASP B 18 0.22 6.08 9.87
C ASP B 18 0.77 4.97 9.00
N PHE B 19 -0.04 4.58 8.01
CA PHE B 19 0.29 3.50 7.11
C PHE B 19 1.53 3.87 6.32
N LEU B 20 1.62 5.14 5.97
CA LEU B 20 2.78 5.66 5.26
C LEU B 20 3.98 5.74 6.16
N LEU B 21 3.81 6.39 7.29
CA LEU B 21 4.92 6.67 8.25
C LEU B 21 5.62 5.40 8.76
N LYS B 22 4.98 4.26 8.59
CA LYS B 22 5.57 3.01 9.02
C LYS B 22 6.32 2.32 7.90
N MET B 23 6.34 2.96 6.75
CA MET B 23 7.00 2.39 5.62
C MET B 23 8.48 2.82 5.68
N PRO B 24 9.40 2.16 4.98
CA PRO B 24 10.78 2.61 4.92
C PRO B 24 10.93 3.72 3.89
N GLY B 25 11.64 4.76 4.24
CA GLY B 25 11.88 5.81 3.28
C GLY B 25 10.90 6.94 3.43
N VAL B 26 10.34 7.06 4.59
CA VAL B 26 9.39 8.09 4.82
C VAL B 26 9.66 8.78 6.18
N ASN B 27 9.28 10.03 6.28
CA ASN B 27 9.37 10.84 7.49
C ASN B 27 8.17 11.70 7.44
N ALA B 28 7.75 12.23 8.56
CA ALA B 28 6.53 13.01 8.62
C ALA B 28 6.57 14.23 7.73
N LYS B 29 7.74 14.80 7.51
CA LYS B 29 7.85 16.01 6.73
C LYS B 29 7.55 15.73 5.25
N ASN B 30 8.06 14.64 4.80
CA ASN B 30 7.89 14.29 3.43
C ASN B 30 6.64 13.47 3.24
N CYS B 31 6.12 12.94 4.31
CA CYS B 31 4.88 12.22 4.32
C CYS B 31 3.74 13.20 4.16
N ARG B 32 3.79 14.32 4.89
CA ARG B 32 2.75 15.32 4.82
C ARG B 32 2.76 15.97 3.43
N SER B 33 3.93 16.22 2.95
CA SER B 33 4.10 16.72 1.61
C SER B 33 3.63 15.67 0.59
N LEU B 34 3.82 14.41 0.93
CA LEU B 34 3.37 13.31 0.09
C LEU B 34 1.86 13.33 0.01
N MET B 35 1.21 13.67 1.12
CA MET B 35 -0.27 13.77 1.19
C MET B 35 -0.74 14.79 0.20
N HIS B 36 0.05 15.82 0.08
CA HIS B 36 -0.25 16.89 -0.82
C HIS B 36 0.07 16.55 -2.27
N HIS B 37 0.88 15.53 -2.49
CA HIS B 37 1.19 15.13 -3.87
C HIS B 37 0.53 13.81 -4.29
N VAL B 38 -0.02 13.09 -3.34
CA VAL B 38 -0.57 11.75 -3.61
C VAL B 38 -2.00 11.66 -3.09
N LYS B 39 -2.78 10.75 -3.62
CA LYS B 39 -4.14 10.53 -3.15
C LYS B 39 -4.11 9.57 -1.99
N ASN B 40 -3.75 8.33 -2.27
CA ASN B 40 -3.63 7.35 -1.24
C ASN B 40 -2.68 6.28 -1.73
N ILE B 41 -2.57 5.20 -0.97
CA ILE B 41 -1.84 3.96 -1.23
C ILE B 41 -1.79 3.65 -2.73
N ALA B 42 -2.97 3.62 -3.37
CA ALA B 42 -3.06 3.33 -4.81
C ALA B 42 -2.14 4.19 -5.66
N GLU B 43 -2.21 5.50 -5.47
CA GLU B 43 -1.43 6.42 -6.26
C GLU B 43 0.01 6.41 -5.82
N LEU B 44 0.22 6.16 -4.54
CA LEU B 44 1.58 6.02 -4.00
C LEU B 44 2.27 4.84 -4.67
N ALA B 45 1.52 3.81 -4.90
CA ALA B 45 2.04 2.65 -5.53
C ALA B 45 2.02 2.78 -7.06
N ALA B 46 1.31 3.78 -7.54
CA ALA B 46 1.20 4.02 -8.95
C ALA B 46 2.31 4.93 -9.44
N LEU B 47 2.73 5.86 -8.61
CA LEU B 47 3.74 6.80 -8.98
C LEU B 47 5.15 6.18 -9.19
N SER B 48 6.05 6.96 -9.70
CA SER B 48 7.40 6.52 -9.94
C SER B 48 8.31 6.93 -8.78
N GLN B 49 9.49 6.33 -8.71
CA GLN B 49 10.45 6.63 -7.66
C GLN B 49 10.89 8.07 -7.74
N ASP B 50 11.03 8.56 -8.95
CA ASP B 50 11.48 9.93 -9.17
C ASP B 50 10.46 10.92 -8.66
N GLU B 51 9.20 10.52 -8.73
CA GLU B 51 8.11 11.32 -8.20
C GLU B 51 8.33 11.51 -6.72
N LEU B 52 8.72 10.43 -6.06
CA LEU B 52 9.01 10.45 -4.65
C LEU B 52 10.20 11.35 -4.38
N THR B 53 11.24 11.27 -5.19
CA THR B 53 12.42 12.13 -5.05
C THR B 53 12.02 13.61 -5.21
N SER B 54 11.03 13.84 -6.03
CA SER B 54 10.51 15.14 -6.28
C SER B 54 9.67 15.66 -5.09
N ILE B 55 9.08 14.74 -4.34
CA ILE B 55 8.24 15.09 -3.21
C ILE B 55 9.06 15.16 -1.92
N LEU B 56 9.80 14.10 -1.68
CA LEU B 56 10.54 13.94 -0.44
C LEU B 56 11.82 14.73 -0.52
N GLY B 57 12.34 14.87 -1.72
CA GLY B 57 13.56 15.62 -1.96
C GLY B 57 14.78 14.77 -1.76
N ASN B 58 14.56 13.54 -1.39
CA ASN B 58 15.65 12.62 -1.10
C ASN B 58 15.49 11.43 -1.98
N ALA B 59 16.55 11.02 -2.60
CA ALA B 59 16.54 9.82 -3.41
C ALA B 59 16.58 8.60 -2.49
N ALA B 60 17.09 8.81 -1.27
CA ALA B 60 17.24 7.73 -0.32
C ALA B 60 15.89 7.31 0.17
N ASN B 61 15.07 8.28 0.49
CA ASN B 61 13.72 8.01 0.96
C ASN B 61 12.90 7.44 -0.17
N ALA B 62 13.06 8.06 -1.33
CA ALA B 62 12.31 7.70 -2.52
C ALA B 62 12.56 6.26 -2.91
N LYS B 63 13.81 5.86 -2.86
CA LYS B 63 14.18 4.54 -3.27
C LYS B 63 13.70 3.53 -2.26
N GLN B 64 13.81 3.86 -0.99
CA GLN B 64 13.39 2.94 0.07
C GLN B 64 11.89 2.71 0.05
N LEU B 65 11.15 3.78 -0.16
CA LEU B 65 9.71 3.72 -0.20
C LEU B 65 9.24 2.98 -1.46
N TYR B 66 9.80 3.34 -2.62
CA TYR B 66 9.45 2.69 -3.90
C TYR B 66 9.77 1.20 -3.85
N ASP B 67 10.88 0.89 -3.21
CA ASP B 67 11.35 -0.49 -3.01
C ASP B 67 10.33 -1.31 -2.24
N PHE B 68 9.85 -0.75 -1.15
CA PHE B 68 8.90 -1.44 -0.28
C PHE B 68 7.58 -1.68 -1.01
N ILE B 69 7.21 -0.76 -1.86
CA ILE B 69 6.00 -0.83 -2.66
C ILE B 69 6.07 -1.95 -3.71
N HIS B 70 7.25 -2.19 -4.22
CA HIS B 70 7.41 -3.16 -5.30
C HIS B 70 7.87 -4.56 -4.89
N THR B 71 8.64 -4.64 -3.82
CA THR B 71 9.19 -5.92 -3.32
C THR B 71 8.10 -6.95 -2.96
N SER B 72 7.96 -7.97 -3.80
CA SER B 72 7.02 -9.08 -3.60
C SER B 72 7.22 -9.68 -2.18
N PHE B 73 6.16 -10.26 -1.62
CA PHE B 73 6.21 -10.85 -0.25
C PHE B 73 7.20 -12.01 -0.17
N ALA B 74 7.64 -12.47 -1.31
CA ALA B 74 8.55 -13.56 -1.39
C ALA B 74 9.69 -13.21 -2.30
N GLU B 75 9.86 -11.94 -2.59
CA GLU B 75 10.82 -11.51 -3.62
C GLU B 75 12.26 -11.77 -3.20
N VAL B 76 12.55 -11.56 -1.94
CA VAL B 76 13.88 -11.77 -1.44
C VAL B 76 14.07 -13.27 -1.14
N VAL B 77 12.97 -13.94 -1.08
CA VAL B 77 12.88 -15.30 -0.80
C VAL B 77 13.05 -16.15 -2.10
N SER B 78 12.75 -15.56 -3.21
CA SER B 78 12.97 -16.16 -4.50
C SER B 78 14.46 -16.12 -4.91
N LYS B 79 14.93 -17.23 -5.47
CA LYS B 79 16.32 -17.37 -5.91
C LYS B 79 16.50 -16.79 -7.34
N GLY B 80 15.47 -16.14 -7.83
CA GLY B 80 15.49 -15.58 -9.17
C GLY B 80 16.06 -14.18 -9.21
N LYS B 81 16.75 -13.79 -8.16
CA LYS B 81 17.35 -12.46 -8.13
C LYS B 81 18.86 -12.61 -8.30
N GLY B 82 19.29 -13.83 -8.27
CA GLY B 82 20.67 -14.15 -8.21
C GLY B 82 20.89 -14.92 -6.95
N LYS B 83 22.08 -14.91 -6.42
CA LYS B 83 22.32 -15.66 -5.22
C LYS B 83 22.40 -14.81 -3.97
N LYS B 84 21.27 -14.57 -3.38
CA LYS B 84 21.17 -13.90 -2.10
C LYS B 84 20.11 -14.62 -1.31
N MET A 1 3.32 -12.70 -10.42
CA MET A 1 3.61 -14.14 -10.39
C MET A 1 4.80 -14.37 -11.26
N ASP A 2 5.96 -14.32 -10.68
CA ASP A 2 7.18 -14.42 -11.43
C ASP A 2 8.07 -15.42 -10.78
N SER A 3 9.15 -15.78 -11.43
CA SER A 3 10.10 -16.71 -10.86
C SER A 3 10.80 -16.08 -9.65
N GLU A 4 10.92 -14.78 -9.69
CA GLU A 4 11.49 -13.97 -8.64
C GLU A 4 10.63 -14.04 -7.37
N THR A 5 9.35 -14.28 -7.55
CA THR A 5 8.40 -14.32 -6.49
C THR A 5 8.35 -15.72 -5.84
N LEU A 6 9.10 -16.65 -6.39
CA LEU A 6 9.07 -18.02 -5.91
C LEU A 6 9.96 -18.19 -4.68
N PRO A 7 9.35 -18.41 -3.50
CA PRO A 7 10.05 -18.51 -2.25
C PRO A 7 10.76 -19.85 -2.05
N GLU A 8 12.00 -19.87 -2.45
CA GLU A 8 12.84 -21.05 -2.30
C GLU A 8 13.09 -21.35 -0.83
N SER A 9 13.44 -20.31 -0.10
CA SER A 9 13.79 -20.44 1.29
C SER A 9 12.51 -20.50 2.13
N GLU A 10 11.43 -19.92 1.58
CA GLU A 10 10.12 -19.84 2.26
C GLU A 10 10.29 -19.08 3.59
N LYS A 11 11.14 -18.09 3.52
CA LYS A 11 11.52 -17.25 4.62
C LYS A 11 10.35 -16.39 5.04
N TYR A 12 9.79 -15.64 4.06
CA TYR A 12 8.65 -14.78 4.28
C TYR A 12 8.97 -13.62 5.20
N ASN A 13 9.45 -12.58 4.57
CA ASN A 13 9.84 -11.33 5.23
C ASN A 13 8.63 -10.63 5.78
N PRO A 14 8.65 -10.32 7.09
CA PRO A 14 7.53 -9.69 7.78
C PRO A 14 7.17 -8.33 7.21
N GLY A 15 8.17 -7.60 6.70
CA GLY A 15 7.97 -6.26 6.14
C GLY A 15 6.76 -6.16 5.21
N PRO A 16 6.82 -6.76 4.02
CA PRO A 16 5.70 -6.75 3.07
C PRO A 16 4.51 -7.71 3.50
N GLN A 17 4.85 -8.86 4.10
CA GLN A 17 3.83 -9.86 4.48
C GLN A 17 2.88 -9.34 5.57
N ASP A 18 3.46 -8.84 6.62
CA ASP A 18 2.73 -8.28 7.76
C ASP A 18 2.01 -7.03 7.32
N PHE A 19 2.56 -6.38 6.29
CA PHE A 19 1.98 -5.16 5.75
C PHE A 19 0.59 -5.46 5.20
N LEU A 20 0.45 -6.64 4.63
CA LEU A 20 -0.86 -7.09 4.16
C LEU A 20 -1.78 -7.38 5.31
N LEU A 21 -1.32 -8.19 6.25
CA LEU A 21 -2.16 -8.66 7.38
C LEU A 21 -2.78 -7.54 8.21
N LYS A 22 -2.21 -6.36 8.13
CA LYS A 22 -2.71 -5.24 8.90
C LYS A 22 -3.68 -4.39 8.11
N MET A 23 -3.91 -4.75 6.89
CA MET A 23 -4.81 -4.00 6.06
C MET A 23 -6.25 -4.46 6.36
N PRO A 24 -7.22 -3.53 6.36
CA PRO A 24 -8.62 -3.90 6.56
C PRO A 24 -9.14 -4.71 5.38
N GLY A 25 -9.65 -5.88 5.66
CA GLY A 25 -10.12 -6.76 4.62
C GLY A 25 -9.10 -7.87 4.37
N VAL A 26 -8.09 -7.93 5.19
CA VAL A 26 -7.10 -8.94 5.06
C VAL A 26 -7.12 -9.89 6.26
N ASN A 27 -7.04 -11.16 5.95
CA ASN A 27 -6.95 -12.24 6.91
C ASN A 27 -5.84 -13.09 6.40
N ALA A 28 -5.26 -13.90 7.25
CA ALA A 28 -4.12 -14.74 6.88
C ALA A 28 -4.45 -15.67 5.72
N LYS A 29 -5.69 -16.13 5.66
CA LYS A 29 -6.08 -17.08 4.63
C LYS A 29 -6.07 -16.40 3.25
N ASN A 30 -6.59 -15.22 3.21
CA ASN A 30 -6.69 -14.54 1.96
C ASN A 30 -5.46 -13.74 1.67
N CYS A 31 -4.60 -13.60 2.66
CA CYS A 31 -3.32 -12.95 2.51
C CYS A 31 -2.39 -13.84 1.74
N ARG A 32 -2.38 -15.13 2.08
CA ARG A 32 -1.52 -16.08 1.40
C ARG A 32 -1.99 -16.27 -0.03
N SER A 33 -3.29 -16.33 -0.19
CA SER A 33 -3.88 -16.43 -1.49
C SER A 33 -3.58 -15.14 -2.29
N LEU A 34 -3.63 -14.02 -1.60
CA LEU A 34 -3.37 -12.71 -2.18
C LEU A 34 -1.94 -12.65 -2.65
N MET A 35 -1.09 -13.19 -1.84
CA MET A 35 0.34 -13.18 -2.03
C MET A 35 0.71 -13.97 -3.26
N HIS A 36 -0.11 -14.95 -3.57
CA HIS A 36 0.08 -15.74 -4.76
C HIS A 36 -0.53 -15.03 -5.98
N HIS A 37 -1.44 -14.10 -5.75
CA HIS A 37 -2.06 -13.34 -6.84
C HIS A 37 -1.38 -11.99 -7.07
N VAL A 38 -0.70 -11.52 -6.08
CA VAL A 38 -0.12 -10.19 -6.09
C VAL A 38 1.40 -10.27 -5.92
N LYS A 39 2.09 -9.42 -6.65
CA LYS A 39 3.53 -9.28 -6.54
C LYS A 39 3.85 -8.63 -5.22
N ASN A 40 3.37 -7.41 -5.07
CA ASN A 40 3.48 -6.65 -3.88
C ASN A 40 2.51 -5.49 -4.02
N ILE A 41 2.47 -4.62 -3.00
CA ILE A 41 1.65 -3.40 -2.87
C ILE A 41 1.11 -2.85 -4.20
N ALA A 42 2.01 -2.59 -5.16
CA ALA A 42 1.63 -2.03 -6.47
C ALA A 42 0.50 -2.80 -7.16
N GLU A 43 0.64 -4.11 -7.25
CA GLU A 43 -0.35 -4.94 -7.94
C GLU A 43 -1.60 -5.03 -7.11
N LEU A 44 -1.44 -4.99 -5.81
CA LEU A 44 -2.58 -5.03 -4.90
C LEU A 44 -3.45 -3.81 -5.10
N ALA A 45 -2.81 -2.66 -5.18
CA ALA A 45 -3.50 -1.43 -5.38
C ALA A 45 -3.93 -1.27 -6.83
N ALA A 46 -3.40 -2.11 -7.69
CA ALA A 46 -3.77 -2.10 -9.09
C ALA A 46 -4.98 -2.97 -9.30
N LEU A 47 -5.16 -3.95 -8.44
CA LEU A 47 -6.26 -4.85 -8.54
C LEU A 47 -7.59 -4.18 -8.25
N SER A 48 -8.60 -4.65 -8.91
CA SER A 48 -9.92 -4.17 -8.73
C SER A 48 -10.59 -4.94 -7.56
N GLN A 49 -11.66 -4.38 -7.02
CA GLN A 49 -12.38 -4.97 -5.87
C GLN A 49 -12.96 -6.31 -6.27
N ASP A 50 -13.33 -6.43 -7.53
CA ASP A 50 -13.88 -7.68 -8.06
C ASP A 50 -12.81 -8.77 -8.04
N GLU A 51 -11.57 -8.37 -8.26
CA GLU A 51 -10.46 -9.28 -8.24
C GLU A 51 -10.17 -9.68 -6.82
N LEU A 52 -10.29 -8.72 -5.92
CA LEU A 52 -10.11 -8.98 -4.50
C LEU A 52 -11.20 -9.92 -4.02
N THR A 53 -12.39 -9.83 -4.59
CA THR A 53 -13.47 -10.72 -4.20
C THR A 53 -13.14 -12.15 -4.67
N SER A 54 -12.43 -12.25 -5.76
CA SER A 54 -12.01 -13.53 -6.30
C SER A 54 -10.93 -14.17 -5.41
N ILE A 55 -10.05 -13.34 -4.91
CA ILE A 55 -8.95 -13.78 -4.09
C ILE A 55 -9.41 -14.06 -2.65
N LEU A 56 -10.06 -13.10 -2.06
CA LEU A 56 -10.43 -13.17 -0.66
C LEU A 56 -11.69 -14.01 -0.49
N GLY A 57 -12.53 -13.99 -1.49
CA GLY A 57 -13.75 -14.77 -1.48
C GLY A 57 -14.89 -14.08 -0.74
N ASN A 58 -14.67 -12.85 -0.33
CA ASN A 58 -15.72 -12.10 0.37
C ASN A 58 -15.71 -10.73 -0.16
N ALA A 59 -16.88 -10.22 -0.49
CA ALA A 59 -17.02 -8.86 -0.98
C ALA A 59 -16.72 -7.90 0.15
N ALA A 60 -16.89 -8.37 1.38
CA ALA A 60 -16.65 -7.56 2.55
C ALA A 60 -15.22 -7.15 2.60
N ASN A 61 -14.36 -8.15 2.60
CA ASN A 61 -12.93 -7.94 2.70
C ASN A 61 -12.40 -7.25 1.47
N ALA A 62 -12.99 -7.59 0.32
CA ALA A 62 -12.61 -6.98 -0.94
C ALA A 62 -12.93 -5.51 -0.92
N LYS A 63 -14.08 -5.16 -0.35
CA LYS A 63 -14.52 -3.81 -0.28
C LYS A 63 -13.70 -3.06 0.73
N GLN A 64 -13.51 -3.67 1.91
CA GLN A 64 -12.71 -3.07 2.99
C GLN A 64 -11.34 -2.66 2.51
N LEU A 65 -10.72 -3.54 1.75
CA LEU A 65 -9.41 -3.31 1.26
C LEU A 65 -9.41 -2.28 0.12
N TYR A 66 -10.26 -2.49 -0.89
CA TYR A 66 -10.32 -1.59 -2.05
C TYR A 66 -10.64 -0.15 -1.61
N ASP A 67 -11.57 -0.04 -0.69
CA ASP A 67 -12.01 1.23 -0.09
C ASP A 67 -10.85 1.92 0.59
N PHE A 68 -10.08 1.17 1.35
CA PHE A 68 -8.95 1.70 2.08
C PHE A 68 -7.91 2.24 1.10
N ILE A 69 -7.58 1.40 0.12
CA ILE A 69 -6.59 1.69 -0.95
C ILE A 69 -6.91 3.02 -1.70
N HIS A 70 -8.17 3.34 -1.79
CA HIS A 70 -8.60 4.53 -2.51
C HIS A 70 -9.06 5.70 -1.61
N THR A 71 -9.09 5.52 -0.30
CA THR A 71 -9.51 6.57 0.61
C THR A 71 -8.34 7.50 0.91
N SER A 72 -8.40 8.73 0.46
CA SER A 72 -7.36 9.73 0.70
C SER A 72 -7.04 9.81 2.21
N PHE A 73 -5.77 10.03 2.52
CA PHE A 73 -5.30 10.12 3.91
C PHE A 73 -6.06 11.22 4.68
N ALA A 74 -6.53 12.21 3.94
CA ALA A 74 -7.25 13.34 4.50
C ALA A 74 -8.73 13.37 4.05
N GLU A 75 -9.22 12.25 3.53
CA GLU A 75 -10.61 12.15 2.99
C GLU A 75 -11.65 12.29 4.11
N VAL A 76 -11.64 11.29 4.98
CA VAL A 76 -12.58 11.14 6.10
C VAL A 76 -12.21 12.13 7.24
N VAL A 77 -11.13 12.79 6.99
CA VAL A 77 -10.54 13.74 7.83
C VAL A 77 -11.23 15.10 7.68
N SER A 78 -11.77 15.31 6.53
CA SER A 78 -12.61 16.42 6.24
C SER A 78 -14.03 15.99 6.49
N LYS A 79 -14.98 16.71 5.97
CA LYS A 79 -16.37 16.33 6.09
C LYS A 79 -16.64 15.04 5.28
N GLY A 80 -16.31 13.92 5.88
CA GLY A 80 -16.47 12.65 5.26
C GLY A 80 -17.24 11.73 6.15
N LYS A 81 -18.52 11.97 6.25
CA LYS A 81 -19.40 11.15 7.04
C LYS A 81 -20.26 10.30 6.12
N GLY A 82 -20.69 10.90 5.04
CA GLY A 82 -21.57 10.26 4.10
C GLY A 82 -22.81 11.07 3.93
N LYS A 83 -22.70 12.13 3.20
CA LYS A 83 -23.80 13.04 3.01
C LYS A 83 -24.39 12.90 1.61
N LYS A 84 -25.33 13.75 1.31
CA LYS A 84 -25.91 13.86 0.03
C LYS A 84 -25.66 15.27 -0.45
N MET B 1 -9.38 19.89 -7.47
CA MET B 1 -7.98 19.46 -7.40
C MET B 1 -7.61 19.00 -6.01
N ASP B 2 -7.38 19.93 -5.11
CA ASP B 2 -6.91 19.56 -3.78
C ASP B 2 -7.83 19.95 -2.70
N SER B 3 -9.07 20.19 -3.06
CA SER B 3 -10.13 20.35 -2.08
C SER B 3 -10.29 18.98 -1.37
N GLU B 4 -9.82 17.97 -2.08
CA GLU B 4 -9.79 16.60 -1.67
C GLU B 4 -8.81 16.37 -0.52
N THR B 5 -7.62 16.92 -0.62
CA THR B 5 -6.57 16.67 0.35
C THR B 5 -6.58 17.67 1.50
N LEU B 6 -7.08 18.86 1.25
CA LEU B 6 -7.18 19.89 2.28
C LEU B 6 -8.19 19.50 3.36
N PRO B 7 -7.73 19.18 4.58
CA PRO B 7 -8.60 18.77 5.66
C PRO B 7 -9.40 19.94 6.24
N GLU B 8 -10.70 19.78 6.28
CA GLU B 8 -11.55 20.83 6.86
C GLU B 8 -11.52 20.73 8.38
N SER B 9 -11.89 19.58 8.87
CA SER B 9 -11.97 19.34 10.27
C SER B 9 -10.58 19.06 10.82
N GLU B 10 -9.74 18.49 9.97
CA GLU B 10 -8.39 18.11 10.29
C GLU B 10 -8.37 17.08 11.40
N LYS B 11 -8.94 15.98 11.07
CA LYS B 11 -9.01 14.83 11.93
C LYS B 11 -7.73 14.05 11.78
N TYR B 12 -7.46 13.62 10.52
CA TYR B 12 -6.33 12.80 10.21
C TYR B 12 -6.49 11.40 10.77
N ASN B 13 -7.13 10.60 9.95
CA ASN B 13 -7.46 9.24 10.25
C ASN B 13 -6.17 8.44 10.35
N PRO B 14 -5.95 7.76 11.47
CA PRO B 14 -4.70 7.03 11.71
C PRO B 14 -4.56 5.78 10.86
N GLY B 15 -5.58 5.41 10.15
CA GLY B 15 -5.49 4.28 9.26
C GLY B 15 -4.51 4.55 8.12
N PRO B 16 -4.93 5.33 7.11
CA PRO B 16 -4.11 5.63 5.93
C PRO B 16 -2.87 6.51 6.25
N GLN B 17 -3.00 7.45 7.19
CA GLN B 17 -1.91 8.38 7.55
C GLN B 17 -0.74 7.60 8.14
N ASP B 18 -1.03 6.84 9.18
CA ASP B 18 -0.06 6.02 9.87
C ASP B 18 0.46 4.93 8.94
N PHE B 19 -0.37 4.53 7.98
CA PHE B 19 -0.03 3.49 7.02
C PHE B 19 1.21 3.90 6.25
N LEU B 20 1.29 5.19 5.93
CA LEU B 20 2.45 5.74 5.26
C LEU B 20 3.63 5.77 6.20
N LEU B 21 3.43 6.34 7.38
CA LEU B 21 4.51 6.54 8.36
C LEU B 21 5.19 5.24 8.81
N LYS B 22 4.57 4.12 8.56
CA LYS B 22 5.15 2.84 8.94
C LYS B 22 5.92 2.22 7.77
N MET B 23 5.93 2.90 6.65
CA MET B 23 6.61 2.42 5.48
C MET B 23 8.06 2.93 5.51
N PRO B 24 9.03 2.12 5.04
CA PRO B 24 10.43 2.54 4.96
C PRO B 24 10.60 3.66 3.94
N GLY B 25 11.27 4.71 4.32
CA GLY B 25 11.47 5.83 3.45
C GLY B 25 10.58 6.97 3.85
N VAL B 26 9.60 6.66 4.65
CA VAL B 26 8.64 7.63 5.07
C VAL B 26 8.94 8.19 6.45
N ASN B 27 8.92 9.50 6.52
CA ASN B 27 9.07 10.27 7.74
C ASN B 27 7.99 11.26 7.66
N ALA B 28 7.56 11.82 8.75
CA ALA B 28 6.42 12.73 8.78
C ALA B 28 6.58 13.92 7.86
N LYS B 29 7.82 14.33 7.67
CA LYS B 29 8.15 15.47 6.84
C LYS B 29 7.78 15.19 5.38
N ASN B 30 8.22 14.08 4.91
CA ASN B 30 8.04 13.74 3.56
C ASN B 30 6.74 12.99 3.34
N CYS B 31 6.17 12.55 4.43
CA CYS B 31 4.91 11.90 4.45
C CYS B 31 3.82 12.91 4.24
N ARG B 32 3.94 14.06 4.89
CA ARG B 32 2.94 15.10 4.75
C ARG B 32 2.96 15.64 3.34
N SER B 33 4.16 15.84 2.83
CA SER B 33 4.33 16.25 1.47
C SER B 33 3.71 15.19 0.53
N LEU B 34 3.97 13.93 0.84
CA LEU B 34 3.46 12.81 0.07
C LEU B 34 1.95 12.81 0.10
N MET B 35 1.44 13.07 1.26
CA MET B 35 0.02 13.08 1.59
C MET B 35 -0.73 14.10 0.78
N HIS B 36 -0.05 15.15 0.42
CA HIS B 36 -0.65 16.18 -0.41
C HIS B 36 -0.40 15.93 -1.89
N HIS B 37 0.51 15.00 -2.20
CA HIS B 37 0.77 14.65 -3.61
C HIS B 37 0.09 13.33 -4.01
N VAL B 38 -0.28 12.57 -3.02
CA VAL B 38 -0.82 11.24 -3.20
C VAL B 38 -2.18 11.13 -2.51
N LYS B 39 -3.08 10.36 -3.11
CA LYS B 39 -4.39 10.14 -2.52
C LYS B 39 -4.30 9.08 -1.41
N ASN B 40 -3.93 7.88 -1.79
CA ASN B 40 -3.73 6.80 -0.87
C ASN B 40 -2.82 5.81 -1.59
N ILE B 41 -2.74 4.58 -1.08
CA ILE B 41 -1.90 3.49 -1.55
C ILE B 41 -1.86 3.39 -3.08
N ALA B 42 -3.04 3.44 -3.72
CA ALA B 42 -3.14 3.31 -5.18
C ALA B 42 -2.29 4.32 -5.93
N GLU B 43 -2.34 5.55 -5.51
CA GLU B 43 -1.59 6.62 -6.13
C GLU B 43 -0.13 6.52 -5.77
N LEU B 44 0.14 6.11 -4.54
CA LEU B 44 1.51 5.92 -4.07
C LEU B 44 2.20 4.85 -4.89
N ALA B 45 1.53 3.76 -5.10
CA ALA B 45 2.06 2.66 -5.82
C ALA B 45 1.98 2.89 -7.31
N ALA B 46 1.20 3.88 -7.71
CA ALA B 46 1.10 4.23 -9.10
C ALA B 46 2.22 5.16 -9.47
N LEU B 47 2.68 5.92 -8.50
CA LEU B 47 3.75 6.85 -8.72
C LEU B 47 5.11 6.12 -8.80
N SER B 48 6.06 6.77 -9.39
CA SER B 48 7.38 6.22 -9.56
C SER B 48 8.36 6.76 -8.51
N GLN B 49 9.58 6.23 -8.53
CA GLN B 49 10.63 6.66 -7.62
C GLN B 49 11.02 8.07 -7.97
N ASP B 50 10.83 8.41 -9.24
CA ASP B 50 11.13 9.73 -9.77
C ASP B 50 10.23 10.74 -9.07
N GLU B 51 8.95 10.39 -8.98
CA GLU B 51 7.97 11.22 -8.32
C GLU B 51 8.28 11.32 -6.84
N LEU B 52 8.63 10.18 -6.25
CA LEU B 52 8.95 10.14 -4.83
C LEU B 52 10.14 11.02 -4.50
N THR B 53 11.14 11.03 -5.35
CA THR B 53 12.32 11.84 -5.10
C THR B 53 11.93 13.33 -5.18
N SER B 54 10.99 13.62 -6.04
CA SER B 54 10.52 14.93 -6.24
C SER B 54 9.65 15.42 -5.07
N ILE B 55 8.99 14.49 -4.42
CA ILE B 55 8.17 14.81 -3.25
C ILE B 55 9.03 14.86 -2.00
N LEU B 56 9.71 13.77 -1.74
CA LEU B 56 10.45 13.62 -0.50
C LEU B 56 11.71 14.49 -0.53
N GLY B 57 12.33 14.55 -1.69
CA GLY B 57 13.54 15.32 -1.87
C GLY B 57 14.78 14.52 -1.58
N ASN B 58 14.61 13.25 -1.29
CA ASN B 58 15.73 12.41 -1.02
C ASN B 58 15.56 11.16 -1.77
N ALA B 59 16.52 10.84 -2.60
CA ALA B 59 16.54 9.58 -3.33
C ALA B 59 16.57 8.42 -2.37
N ALA B 60 17.07 8.67 -1.17
CA ALA B 60 17.16 7.64 -0.15
C ALA B 60 15.78 7.20 0.25
N ASN B 61 14.99 8.17 0.65
CA ASN B 61 13.63 7.93 1.09
C ASN B 61 12.79 7.40 -0.06
N ALA B 62 13.05 7.93 -1.25
CA ALA B 62 12.31 7.59 -2.45
C ALA B 62 12.58 6.17 -2.86
N LYS B 63 13.82 5.75 -2.76
CA LYS B 63 14.21 4.45 -3.21
C LYS B 63 13.75 3.41 -2.22
N GLN B 64 13.81 3.74 -0.93
CA GLN B 64 13.37 2.83 0.11
C GLN B 64 11.88 2.55 -0.01
N LEU B 65 11.14 3.60 -0.31
CA LEU B 65 9.72 3.50 -0.47
C LEU B 65 9.37 2.79 -1.77
N TYR B 66 10.01 3.20 -2.88
CA TYR B 66 9.79 2.59 -4.19
C TYR B 66 10.05 1.08 -4.16
N ASP B 67 11.14 0.71 -3.50
CA ASP B 67 11.52 -0.69 -3.31
C ASP B 67 10.43 -1.42 -2.57
N PHE B 68 9.97 -0.80 -1.48
CA PHE B 68 8.94 -1.38 -0.63
C PHE B 68 7.63 -1.59 -1.40
N ILE B 69 7.36 -0.72 -2.35
CA ILE B 69 6.17 -0.81 -3.22
C ILE B 69 6.29 -1.99 -4.24
N HIS B 70 7.51 -2.27 -4.68
CA HIS B 70 7.74 -3.27 -5.74
C HIS B 70 8.22 -4.65 -5.27
N THR B 71 9.07 -4.70 -4.27
CA THR B 71 9.63 -5.94 -3.75
C THR B 71 8.55 -6.93 -3.29
N SER B 72 8.43 -8.00 -4.04
CA SER B 72 7.43 -9.03 -3.81
C SER B 72 7.54 -9.61 -2.37
N PHE B 73 6.39 -9.99 -1.81
CA PHE B 73 6.31 -10.49 -0.41
C PHE B 73 7.23 -11.70 -0.21
N ALA B 74 7.46 -12.44 -1.27
CA ALA B 74 8.25 -13.63 -1.20
C ALA B 74 9.49 -13.51 -2.08
N GLU B 75 9.87 -12.28 -2.43
CA GLU B 75 10.97 -12.06 -3.36
C GLU B 75 12.32 -12.36 -2.71
N VAL B 76 12.68 -11.59 -1.70
CA VAL B 76 13.97 -11.73 -0.98
C VAL B 76 13.93 -13.01 -0.10
N VAL B 77 12.78 -13.60 -0.10
CA VAL B 77 12.47 -14.79 0.55
C VAL B 77 12.94 -16.02 -0.26
N SER B 78 13.18 -15.81 -1.52
CA SER B 78 13.84 -16.81 -2.34
C SER B 78 15.33 -16.78 -1.99
N LYS B 79 16.09 -17.65 -2.58
CA LYS B 79 17.49 -17.63 -2.33
C LYS B 79 18.12 -16.80 -3.43
N GLY B 80 17.47 -16.82 -4.57
CA GLY B 80 17.89 -16.02 -5.67
C GLY B 80 18.01 -16.81 -6.94
N LYS B 81 17.08 -17.72 -7.17
CA LYS B 81 17.08 -18.48 -8.41
C LYS B 81 16.55 -17.59 -9.52
N GLY B 82 15.45 -16.90 -9.20
CA GLY B 82 14.82 -15.95 -10.12
C GLY B 82 14.66 -16.50 -11.51
N LYS B 83 15.04 -15.71 -12.49
CA LYS B 83 15.05 -16.13 -13.86
C LYS B 83 16.48 -16.19 -14.35
N LYS B 84 17.22 -15.12 -14.08
CA LYS B 84 18.62 -14.97 -14.38
C LYS B 84 19.06 -13.63 -13.88
#